data_8JVJ
#
_entry.id   8JVJ
#
_cell.length_a   1.00
_cell.length_b   1.00
_cell.length_c   1.00
_cell.angle_alpha   90.00
_cell.angle_beta   90.00
_cell.angle_gamma   90.00
#
_symmetry.space_group_name_H-M   'P 1'
#
loop_
_entity.id
_entity.type
_entity.pdbx_description
1 polymer 'Transient receptor potential cation channel subfamily V member 4,3C-GFP'
2 polymer 'Transforming protein RhoA'
3 non-polymer [6-[[4-(2,4-dimethyl-1,3-thiazol-5-yl)-1,3-thiazol-2-yl]amino]pyridin-3-yl]-[(1~{S},5~{R})-3-[5-(trifluoromethyl)pyrimidin-2-yl]-3,8-diazabicyclo[3.2.1]octan-8-yl]methanone
#
loop_
_entity_poly.entity_id
_entity_poly.type
_entity_poly.pdbx_seq_one_letter_code
_entity_poly.pdbx_strand_id
1 'polypeptide(L)'
;MADSSEGPRAGPGEVAELPGDESGTPGGEAFPLSSLANLFEGEDGSLSPSPADASRPAGPGDGRPNLRMKFQGAFRKGVP
NPIDLLESTLYESSVVPGPKKAPMDSLFDYGTYRHHSSDNKRWRKKIIEKQPQSPKAPAPQPPPILKVFNRPILFDIVSR
GSTADLDGLLPFLLTHKKRLTDEEFREPSTGKTCLPKALLNLSNGRNDTIPVLLDIAERTGNMREFINSPFRDIYYRGQT
ALHIAIERRCKHYVELLVAQGADVHAQARGRFFQPKDEGGYFYFGELPLSLAACTNQPHIVNYLTENPHKKADMRRQDSR
GNTVLHALVAIADNTRENTKFVTKMYDLLLLKCARLFPDSNLEAVLNNDGLSPLMMAAKTGKIGIFQHIIRREVTDEDTR
HLSRKFKDWAYGPVYSSLYDLSSLDTCGEEASVLEILVYNSKIENRHEMLAVEPINELLRDKWRKFGAVSFYINVVSYLC
AMVIFTLTAYYQPLEGTPPYPYRTTVDYLRLAGEVITLFTGVLFFFTNIKDLFMKKCPGVNSLFIDGSFQLLYFIYSVLV
IVSAALYLAGIEAYLAVMVFALVLGWMNALYFTRGLKLTGTYSIMIQKILFKDLFRFLLVYLLFMIGYASALVSLLNPCA
NMKVCNEDQTNCTVPTYPSCRDSETFSTFLLDLFKLTIGMGDLEMLSSTKYPVVFIILLVTYIILTFVLLLNMLIALMGE
TVGQVSKESKHIWKLQWATTILDIERSFPVFLRKAFRSGEMVTVGKSSDGTPDRRWCFRVDEVNWSHWNQNLGIINEDPG
KNETYQYYGFSHTVGRLRRDRWSSVVPRVVELNKNSNPDEVVVPLDSMGNPRCDGHQQGYPRKWRTDDAPLAAALEVLFQ
GPSKGEELFTGVVPILVELDGDVNGHKFSVRGEGEGDATNGKLTLKFICTTGKLPVPWPTLVTTLTYGVQCFSRYPDHMK
RHDFFKSAMPEGYVQERTISFKDDGTYKTRAEVKFEGDTLVNRIELKGIDFKEDGNILGHKLEYNFNSHNVYITADKQKN
GIKANFKIRHNVEDGSVQLADHYQQNTPIGDGPVLLPDNHYLSTQSVLSKDPNEKRDHMVLLEFVTAAGITHGMDEWSHP
QFEKGGGSGGGSGGSAWSHPQFEK
;
A,B,C,D
2 'polypeptide(L)'
;MAAIRKKLVIVGDGACGKTCLLIVFSKDQFPEVYVPTVFENYVADIEVDGKQVELALWDTAGQEDYDRLRPLSYPDTDVI
LMCFSIDSPDSLENIPEKWTPEVKHFCPNVPIILVGNKKDLRNDEHTRRELAKMKQEPVKPEEGRDMANRIGAFGYMECS
AKTKDGVREVFEMATRAALQARRGKKKSGCLVL
;
E,F,G,H
#
# COMPACT_ATOMS: atom_id res chain seq x y z
N LEU A 146 -2.97 73.03 -1.79
CA LEU A 146 -3.85 74.11 -2.20
C LEU A 146 -3.29 74.86 -3.41
N LYS A 147 -2.73 76.04 -3.16
CA LYS A 147 -2.15 76.86 -4.21
C LYS A 147 -0.73 76.44 -4.58
N VAL A 148 -0.12 75.54 -3.83
CA VAL A 148 1.20 75.01 -4.12
C VAL A 148 1.12 73.49 -4.10
N PHE A 149 1.56 72.85 -5.18
CA PHE A 149 1.49 71.41 -5.33
C PHE A 149 2.89 70.85 -5.54
N ASN A 150 3.25 69.86 -4.74
CA ASN A 150 4.51 69.14 -4.86
C ASN A 150 4.24 67.64 -4.97
N ARG A 151 5.32 66.87 -5.07
CA ARG A 151 5.17 65.42 -5.18
C ARG A 151 4.50 64.79 -3.97
N PRO A 152 4.96 64.99 -2.73
CA PRO A 152 4.30 64.30 -1.60
C PRO A 152 2.84 64.67 -1.47
N ILE A 153 2.49 65.93 -1.70
CA ILE A 153 1.09 66.35 -1.57
C ILE A 153 0.25 65.65 -2.62
N LEU A 154 0.71 65.64 -3.87
CA LEU A 154 -0.06 65.01 -4.94
C LEU A 154 -0.23 63.51 -4.70
N PHE A 155 0.85 62.84 -4.30
CA PHE A 155 0.76 61.40 -4.06
C PHE A 155 -0.15 61.09 -2.88
N ASP A 156 -0.08 61.89 -1.81
CA ASP A 156 -0.97 61.69 -0.67
C ASP A 156 -2.42 61.89 -1.06
N ILE A 157 -2.71 62.91 -1.87
CA ILE A 157 -4.08 63.14 -2.31
C ILE A 157 -4.57 61.98 -3.17
N VAL A 158 -3.75 61.52 -4.11
CA VAL A 158 -4.23 60.55 -5.08
C VAL A 158 -4.28 59.15 -4.49
N SER A 159 -3.46 58.87 -3.48
CA SER A 159 -3.48 57.55 -2.84
C SER A 159 -4.80 57.30 -2.14
N ARG A 160 -5.34 58.31 -1.48
CA ARG A 160 -6.61 58.18 -0.76
C ARG A 160 -7.82 58.31 -1.67
N GLY A 161 -7.63 58.68 -2.94
CA GLY A 161 -8.75 58.87 -3.83
C GLY A 161 -9.54 60.14 -3.59
N SER A 162 -8.92 61.14 -2.95
CA SER A 162 -9.60 62.40 -2.66
C SER A 162 -9.72 63.20 -3.96
N THR A 163 -10.91 63.19 -4.55
CA THR A 163 -11.13 63.89 -5.81
C THR A 163 -11.29 65.40 -5.63
N ALA A 164 -11.63 65.86 -4.43
CA ALA A 164 -11.92 67.27 -4.23
C ALA A 164 -10.68 68.11 -3.95
N ASP A 165 -9.54 67.47 -3.70
CA ASP A 165 -8.32 68.22 -3.36
C ASP A 165 -7.52 68.64 -4.58
N LEU A 166 -7.92 68.22 -5.78
CA LEU A 166 -7.21 68.57 -7.00
C LEU A 166 -7.91 69.67 -7.80
N ASP A 167 -8.89 70.35 -7.20
CA ASP A 167 -9.64 71.38 -7.93
C ASP A 167 -8.72 72.50 -8.40
N GLY A 168 -7.80 72.93 -7.54
CA GLY A 168 -6.81 73.92 -7.94
C GLY A 168 -5.62 73.36 -8.67
N LEU A 169 -5.56 72.04 -8.87
CA LEU A 169 -4.43 71.43 -9.55
C LEU A 169 -4.38 71.86 -11.01
N LEU A 170 -5.53 71.86 -11.69
CA LEU A 170 -5.55 72.22 -13.10
C LEU A 170 -5.07 73.65 -13.36
N PRO A 171 -5.57 74.68 -12.65
CA PRO A 171 -4.99 76.02 -12.88
C PRO A 171 -3.52 76.10 -12.53
N PHE A 172 -3.09 75.40 -11.47
CA PHE A 172 -1.72 75.51 -11.00
C PHE A 172 -0.72 75.17 -12.10
N LEU A 173 -0.99 74.10 -12.86
CA LEU A 173 -0.15 73.80 -14.02
C LEU A 173 -0.27 74.90 -15.07
N LEU A 174 -1.50 75.26 -15.42
CA LEU A 174 -1.72 76.21 -16.51
C LEU A 174 -1.13 77.57 -16.18
N THR A 175 -1.23 77.99 -14.91
CA THR A 175 -0.62 79.25 -14.51
C THR A 175 0.90 79.19 -14.63
N HIS A 176 1.49 78.03 -14.33
CA HIS A 176 2.95 77.89 -14.32
C HIS A 176 3.51 77.26 -15.59
N LYS A 177 2.66 76.98 -16.58
CA LYS A 177 3.09 76.44 -17.87
C LYS A 177 3.90 75.16 -17.69
N LYS A 178 3.46 74.31 -16.77
CA LYS A 178 4.11 73.04 -16.50
C LYS A 178 3.20 71.89 -16.93
N ARG A 179 3.80 70.71 -17.06
CA ARG A 179 3.08 69.50 -17.42
C ARG A 179 3.20 68.48 -16.30
N LEU A 180 2.20 67.61 -16.20
CA LEU A 180 2.16 66.65 -15.11
C LEU A 180 3.26 65.60 -15.23
N THR A 181 3.67 65.27 -16.46
CA THR A 181 4.66 64.23 -16.70
C THR A 181 6.10 64.72 -16.53
N ASP A 182 6.29 65.93 -16.02
CA ASP A 182 7.64 66.46 -15.85
C ASP A 182 8.36 65.74 -14.71
N GLU A 183 9.67 65.99 -14.63
CA GLU A 183 10.49 65.39 -13.57
C GLU A 183 10.04 65.85 -12.19
N GLU A 184 9.46 67.05 -12.10
CA GLU A 184 9.07 67.60 -10.81
C GLU A 184 7.94 66.84 -10.16
N PHE A 185 7.11 66.15 -10.93
CA PHE A 185 5.91 65.50 -10.41
C PHE A 185 5.96 63.97 -10.52
N ARG A 186 7.12 63.39 -10.77
CA ARG A 186 7.27 61.94 -10.90
C ARG A 186 8.22 61.43 -9.83
N GLU A 187 8.04 60.16 -9.48
CA GLU A 187 8.87 59.55 -8.45
C GLU A 187 10.33 59.58 -8.86
N PRO A 188 11.25 59.88 -7.94
CA PRO A 188 12.67 59.94 -8.33
C PRO A 188 13.35 58.58 -8.41
N SER A 189 12.81 57.56 -7.76
CA SER A 189 13.45 56.25 -7.76
C SER A 189 13.10 55.45 -9.01
N THR A 190 11.80 55.23 -9.23
CA THR A 190 11.34 54.39 -10.33
C THR A 190 10.80 55.18 -11.52
N GLY A 191 10.63 56.49 -11.39
CA GLY A 191 10.02 57.25 -12.46
C GLY A 191 8.53 57.10 -12.57
N LYS A 192 7.90 56.44 -11.59
CA LYS A 192 6.46 56.26 -11.61
C LYS A 192 5.74 57.61 -11.54
N THR A 193 4.75 57.79 -12.41
CA THR A 193 3.97 59.01 -12.42
C THR A 193 2.75 58.83 -11.52
N CYS A 194 1.84 59.81 -11.54
CA CYS A 194 0.70 59.78 -10.63
C CYS A 194 -0.28 58.68 -11.00
N LEU A 195 -0.45 58.40 -12.29
CA LEU A 195 -1.41 57.40 -12.71
C LEU A 195 -1.08 55.99 -12.22
N PRO A 196 0.15 55.48 -12.35
CA PRO A 196 0.45 54.17 -11.76
C PRO A 196 0.27 54.14 -10.25
N LYS A 197 0.58 55.24 -9.56
CA LYS A 197 0.37 55.29 -8.12
C LYS A 197 -1.11 55.19 -7.78
N ALA A 198 -1.96 55.89 -8.55
CA ALA A 198 -3.40 55.80 -8.33
C ALA A 198 -3.91 54.39 -8.62
N LEU A 199 -3.41 53.77 -9.70
CA LEU A 199 -3.90 52.44 -10.07
C LEU A 199 -3.44 51.38 -9.06
N LEU A 200 -2.26 51.56 -8.47
CA LEU A 200 -1.78 50.61 -7.48
C LEU A 200 -2.67 50.61 -6.24
N ASN A 201 -3.09 51.79 -5.80
CA ASN A 201 -3.90 51.94 -4.59
C ASN A 201 -5.36 52.08 -5.01
N LEU A 202 -6.05 50.94 -5.06
CA LEU A 202 -7.46 50.90 -5.45
C LEU A 202 -8.33 50.61 -4.24
N SER A 203 -9.37 51.42 -4.05
CA SER A 203 -10.36 51.17 -3.02
C SER A 203 -11.53 50.41 -3.63
N ASN A 204 -11.82 49.23 -3.08
CA ASN A 204 -12.86 48.32 -3.58
C ASN A 204 -12.79 48.14 -5.10
N GLY A 205 -11.59 48.29 -5.66
CA GLY A 205 -11.38 48.11 -7.08
C GLY A 205 -11.69 49.31 -7.94
N ARG A 206 -12.14 50.42 -7.35
CA ARG A 206 -12.51 51.61 -8.11
C ARG A 206 -11.86 52.83 -7.48
N ASN A 207 -11.08 53.57 -8.27
CA ASN A 207 -10.50 54.84 -7.86
C ASN A 207 -11.13 55.92 -8.73
N ASP A 208 -11.93 56.79 -8.11
CA ASP A 208 -12.68 57.78 -8.86
C ASP A 208 -11.81 58.86 -9.49
N THR A 209 -10.53 58.93 -9.15
CA THR A 209 -9.67 60.00 -9.63
C THR A 209 -9.11 59.73 -11.03
N ILE A 210 -9.22 58.52 -11.56
CA ILE A 210 -8.63 58.22 -12.87
C ILE A 210 -9.23 59.06 -13.98
N PRO A 211 -10.56 59.13 -14.15
CA PRO A 211 -11.09 59.98 -15.23
C PRO A 211 -10.75 61.45 -15.06
N VAL A 212 -10.72 61.94 -13.82
CA VAL A 212 -10.42 63.35 -13.59
C VAL A 212 -8.98 63.65 -13.93
N LEU A 213 -8.07 62.76 -13.54
CA LEU A 213 -6.66 62.93 -13.91
C LEU A 213 -6.48 62.89 -15.43
N LEU A 214 -7.19 61.97 -16.10
CA LEU A 214 -7.09 61.93 -17.55
C LEU A 214 -7.60 63.21 -18.19
N ASP A 215 -8.70 63.76 -17.66
CA ASP A 215 -9.22 65.01 -18.17
C ASP A 215 -8.23 66.16 -17.95
N ILE A 216 -7.62 66.22 -16.77
CA ILE A 216 -6.62 67.24 -16.49
C ILE A 216 -5.46 67.11 -17.47
N ALA A 217 -5.02 65.88 -17.72
CA ALA A 217 -3.92 65.66 -18.67
C ALA A 217 -4.29 66.10 -20.07
N GLU A 218 -5.52 65.80 -20.51
CA GLU A 218 -5.90 66.16 -21.87
C GLU A 218 -6.11 67.66 -22.03
N ARG A 219 -6.49 68.35 -20.95
CA ARG A 219 -6.45 69.82 -21.00
C ARG A 219 -5.01 70.33 -21.02
N THR A 220 -4.10 69.66 -20.30
CA THR A 220 -2.71 70.10 -20.25
C THR A 220 -2.03 69.97 -21.60
N GLY A 221 -2.31 68.90 -22.33
CA GLY A 221 -1.67 68.67 -23.61
C GLY A 221 -0.62 67.58 -23.63
N ASN A 222 -0.51 66.79 -22.55
CA ASN A 222 0.44 65.69 -22.49
C ASN A 222 -0.25 64.39 -22.15
N MET A 223 -1.53 64.28 -22.51
CA MET A 223 -2.34 63.11 -22.16
C MET A 223 -1.76 61.84 -22.78
N ARG A 224 -1.38 61.91 -24.06
CA ARG A 224 -0.77 60.76 -24.71
C ARG A 224 0.54 60.38 -24.04
N GLU A 225 1.36 61.38 -23.70
CA GLU A 225 2.59 61.12 -22.95
C GLU A 225 2.31 60.74 -21.50
N PHE A 226 1.08 60.93 -21.02
CA PHE A 226 0.73 60.64 -19.64
C PHE A 226 0.26 59.21 -19.43
N ILE A 227 -0.55 58.69 -20.35
CA ILE A 227 -1.14 57.36 -20.14
C ILE A 227 -0.04 56.30 -20.03
N ASN A 228 0.88 56.28 -20.98
CA ASN A 228 1.93 55.25 -21.02
C ASN A 228 3.21 55.88 -20.49
N SER A 229 3.35 55.89 -19.17
CA SER A 229 4.57 56.37 -18.51
C SER A 229 5.36 55.17 -18.01
N PRO A 230 6.45 54.78 -18.66
CA PRO A 230 7.16 53.57 -18.26
C PRO A 230 8.04 53.81 -17.04
N PHE A 231 8.05 52.83 -16.15
CA PHE A 231 8.95 52.89 -15.00
C PHE A 231 10.39 52.83 -15.47
N ARG A 232 11.26 53.61 -14.85
CA ARG A 232 12.67 53.66 -15.21
C ARG A 232 13.56 52.94 -14.21
N ASP A 233 13.00 52.34 -13.16
CA ASP A 233 13.80 51.55 -12.23
C ASP A 233 14.25 50.25 -12.90
N ILE A 234 15.43 49.78 -12.49
CA ILE A 234 15.99 48.57 -13.07
C ILE A 234 15.12 47.36 -12.80
N TYR A 235 14.33 47.38 -11.74
CA TYR A 235 13.47 46.25 -11.40
C TYR A 235 12.07 46.36 -12.01
N TYR A 236 11.75 47.45 -12.69
CA TYR A 236 10.41 47.59 -13.26
C TYR A 236 10.42 48.24 -14.64
N ARG A 237 11.52 48.15 -15.39
CA ARG A 237 11.62 48.84 -16.66
C ARG A 237 10.51 48.39 -17.61
N GLY A 238 9.92 49.36 -18.31
CA GLY A 238 8.94 49.11 -19.34
C GLY A 238 7.51 49.08 -18.87
N GLN A 239 7.27 48.70 -17.61
CA GLN A 239 5.90 48.57 -17.12
C GLN A 239 5.18 49.90 -17.17
N THR A 240 3.96 49.89 -17.70
CA THR A 240 3.13 51.08 -17.82
C THR A 240 1.86 50.89 -17.00
N ALA A 241 1.02 51.93 -16.98
CA ALA A 241 -0.23 51.87 -16.25
C ALA A 241 -1.16 50.81 -16.81
N LEU A 242 -1.03 50.51 -18.11
CA LEU A 242 -1.85 49.47 -18.72
C LEU A 242 -1.56 48.11 -18.09
N HIS A 243 -0.28 47.82 -17.83
CA HIS A 243 0.08 46.56 -17.18
C HIS A 243 -0.52 46.47 -15.78
N ILE A 244 -0.47 47.57 -15.03
CA ILE A 244 -1.03 47.57 -13.69
C ILE A 244 -2.54 47.36 -13.74
N ALA A 245 -3.22 48.03 -14.68
CA ALA A 245 -4.66 47.85 -14.82
C ALA A 245 -5.01 46.42 -15.18
N ILE A 246 -4.25 45.81 -16.10
CA ILE A 246 -4.50 44.42 -16.47
C ILE A 246 -4.27 43.48 -15.30
N GLU A 247 -3.17 43.68 -14.57
CA GLU A 247 -2.86 42.81 -13.44
C GLU A 247 -3.86 42.97 -12.31
N ARG A 248 -4.46 44.16 -12.18
CA ARG A 248 -5.45 44.38 -11.13
C ARG A 248 -6.80 43.77 -11.46
N ARG A 249 -6.96 43.15 -12.64
CA ARG A 249 -8.21 42.53 -13.05
C ARG A 249 -9.37 43.53 -13.08
N CYS A 250 -9.08 44.74 -13.55
CA CYS A 250 -10.09 45.79 -13.69
C CYS A 250 -10.33 46.03 -15.17
N LYS A 251 -11.37 45.39 -15.72
CA LYS A 251 -11.67 45.53 -17.14
C LYS A 251 -12.08 46.96 -17.47
N HIS A 252 -12.86 47.61 -16.59
CA HIS A 252 -13.31 48.95 -16.87
C HIS A 252 -12.15 49.93 -16.98
N TYR A 253 -11.15 49.80 -16.09
CA TYR A 253 -10.03 50.73 -16.13
C TYR A 253 -9.12 50.48 -17.32
N VAL A 254 -8.89 49.23 -17.72
CA VAL A 254 -8.08 49.00 -18.91
C VAL A 254 -8.81 49.50 -20.15
N GLU A 255 -10.14 49.33 -20.20
CA GLU A 255 -10.91 49.90 -21.30
C GLU A 255 -10.75 51.41 -21.34
N LEU A 256 -10.96 52.08 -20.21
CA LEU A 256 -10.90 53.54 -20.16
C LEU A 256 -9.49 54.05 -20.40
N LEU A 257 -8.46 53.23 -20.14
CA LEU A 257 -7.08 53.63 -20.38
C LEU A 257 -6.69 53.46 -21.84
N VAL A 258 -7.12 52.38 -22.49
CA VAL A 258 -6.81 52.19 -23.89
C VAL A 258 -7.70 53.04 -24.79
N ALA A 259 -8.81 53.56 -24.25
CA ALA A 259 -9.70 54.38 -25.06
C ALA A 259 -9.00 55.63 -25.58
N GLN A 260 -8.18 56.27 -24.76
CA GLN A 260 -7.46 57.47 -25.15
C GLN A 260 -6.07 57.19 -25.71
N GLY A 261 -5.73 55.93 -25.96
CA GLY A 261 -4.50 55.64 -26.67
C GLY A 261 -3.39 55.01 -25.85
N ALA A 262 -3.73 54.11 -24.94
CA ALA A 262 -2.71 53.36 -24.22
C ALA A 262 -2.00 52.41 -25.17
N ASP A 263 -0.67 52.40 -25.12
CA ASP A 263 0.11 51.50 -25.97
C ASP A 263 -0.10 50.06 -25.50
N VAL A 264 -0.69 49.24 -26.35
CA VAL A 264 -1.03 47.86 -25.99
C VAL A 264 0.13 46.94 -26.36
N HIS A 265 1.28 47.52 -26.69
CA HIS A 265 2.47 46.74 -27.02
C HIS A 265 3.66 47.12 -26.14
N ALA A 266 3.45 47.89 -25.09
CA ALA A 266 4.55 48.26 -24.20
C ALA A 266 5.08 47.05 -23.47
N GLN A 267 6.37 46.77 -23.63
CA GLN A 267 6.99 45.56 -23.13
C GLN A 267 7.50 45.80 -21.71
N ALA A 268 6.92 45.10 -20.74
CA ALA A 268 7.37 45.16 -19.36
C ALA A 268 8.57 44.22 -19.21
N ARG A 269 9.73 44.72 -19.64
CA ARG A 269 10.95 43.92 -19.68
C ARG A 269 11.89 44.26 -18.53
N GLY A 270 11.33 44.60 -17.37
CA GLY A 270 12.14 44.87 -16.19
C GLY A 270 12.67 43.59 -15.58
N ARG A 271 13.51 43.76 -14.55
CA ARG A 271 14.12 42.62 -13.89
C ARG A 271 13.13 41.83 -13.06
N PHE A 272 12.05 42.46 -12.59
CA PHE A 272 11.01 41.72 -11.88
C PHE A 272 10.23 40.82 -12.83
N PHE A 273 10.11 41.22 -14.10
CA PHE A 273 9.39 40.44 -15.10
C PHE A 273 10.36 39.58 -15.90
N GLN A 274 11.00 38.65 -15.20
CA GLN A 274 11.96 37.72 -15.79
C GLN A 274 11.65 36.32 -15.29
N PRO A 275 12.06 35.29 -16.03
CA PRO A 275 11.82 33.93 -15.57
C PRO A 275 12.51 33.67 -14.24
N LYS A 276 11.91 32.77 -13.45
CA LYS A 276 12.40 32.51 -12.10
C LYS A 276 13.84 32.00 -12.11
N ASP A 277 14.27 31.40 -13.21
CA ASP A 277 15.65 30.92 -13.33
C ASP A 277 16.63 32.03 -13.70
N GLU A 278 16.15 33.23 -14.01
CA GLU A 278 17.00 34.35 -14.40
C GLU A 278 16.85 35.53 -13.44
N GLY A 279 16.60 35.25 -12.16
CA GLY A 279 16.48 36.30 -11.16
C GLY A 279 15.24 37.14 -11.34
N GLY A 280 14.07 36.53 -11.17
CA GLY A 280 12.82 37.23 -11.31
C GLY A 280 11.73 36.49 -10.57
N TYR A 281 10.52 37.05 -10.63
CA TYR A 281 9.39 36.48 -9.94
C TYR A 281 8.24 36.06 -10.84
N PHE A 282 8.02 36.77 -11.95
CA PHE A 282 6.86 36.49 -12.79
C PHE A 282 7.20 36.86 -14.23
N TYR A 283 7.24 35.87 -15.11
CA TYR A 283 7.44 36.08 -16.54
C TYR A 283 6.13 35.78 -17.25
N PHE A 284 5.42 36.82 -17.67
CA PHE A 284 4.13 36.69 -18.33
C PHE A 284 4.23 36.85 -19.84
N GLY A 285 5.42 37.04 -20.39
CA GLY A 285 5.60 37.23 -21.82
C GLY A 285 5.92 38.64 -22.24
N GLU A 286 6.11 39.57 -21.30
CA GLU A 286 6.60 40.91 -21.59
C GLU A 286 5.67 41.67 -22.54
N LEU A 287 4.37 41.53 -22.34
CA LEU A 287 3.42 42.17 -23.25
C LEU A 287 2.06 42.27 -22.57
N PRO A 288 1.31 43.37 -22.78
CA PRO A 288 0.00 43.48 -22.12
C PRO A 288 -0.96 42.36 -22.46
N LEU A 289 -1.06 41.99 -23.74
CA LEU A 289 -1.92 40.87 -24.12
C LEU A 289 -1.42 39.57 -23.52
N SER A 290 -0.10 39.36 -23.54
CA SER A 290 0.46 38.17 -22.92
C SER A 290 0.19 38.14 -21.43
N LEU A 291 0.29 39.30 -20.77
CA LEU A 291 -0.01 39.37 -19.34
C LEU A 291 -1.47 39.03 -19.07
N ALA A 292 -2.39 39.57 -19.88
CA ALA A 292 -3.80 39.26 -19.70
C ALA A 292 -4.07 37.78 -19.92
N ALA A 293 -3.40 37.17 -20.90
CA ALA A 293 -3.58 35.75 -21.12
C ALA A 293 -2.98 34.93 -19.98
N CYS A 294 -1.89 35.42 -19.38
CA CYS A 294 -1.19 34.67 -18.35
C CYS A 294 -1.78 34.85 -16.96
N THR A 295 -2.67 35.83 -16.77
CA THR A 295 -3.38 35.98 -15.50
C THR A 295 -4.80 35.42 -15.57
N ASN A 296 -5.11 34.65 -16.61
CA ASN A 296 -6.41 34.01 -16.78
C ASN A 296 -7.55 35.03 -16.76
N GLN A 297 -7.54 35.90 -17.76
CA GLN A 297 -8.52 36.97 -17.90
C GLN A 297 -9.08 36.94 -19.32
N PRO A 298 -9.97 35.99 -19.61
CA PRO A 298 -10.48 35.88 -20.99
C PRO A 298 -11.21 37.11 -21.48
N HIS A 299 -11.93 37.81 -20.59
CA HIS A 299 -12.67 38.99 -21.03
C HIS A 299 -11.74 40.12 -21.45
N ILE A 300 -10.66 40.35 -20.70
CA ILE A 300 -9.71 41.38 -21.09
C ILE A 300 -8.98 40.99 -22.36
N VAL A 301 -8.69 39.70 -22.55
CA VAL A 301 -8.08 39.26 -23.80
C VAL A 301 -9.01 39.53 -24.97
N ASN A 302 -10.30 39.21 -24.80
CA ASN A 302 -11.27 39.47 -25.86
C ASN A 302 -11.36 40.95 -26.17
N TYR A 303 -11.37 41.79 -25.14
CA TYR A 303 -11.44 43.23 -25.37
C TYR A 303 -10.19 43.76 -26.07
N LEU A 304 -9.02 43.30 -25.64
CA LEU A 304 -7.77 43.77 -26.24
C LEU A 304 -7.67 43.33 -27.70
N THR A 305 -8.07 42.10 -28.00
CA THR A 305 -8.00 41.61 -29.37
C THR A 305 -9.13 42.12 -30.25
N GLU A 306 -10.20 42.67 -29.66
CA GLU A 306 -11.34 43.17 -30.41
C GLU A 306 -11.85 44.44 -29.73
N ASN A 307 -11.38 45.60 -30.21
CA ASN A 307 -11.83 46.89 -29.73
C ASN A 307 -11.63 47.90 -30.84
N PRO A 308 -12.59 48.80 -31.05
CA PRO A 308 -12.44 49.78 -32.15
C PRO A 308 -11.26 50.72 -31.97
N HIS A 309 -10.77 50.92 -30.74
CA HIS A 309 -9.72 51.90 -30.51
C HIS A 309 -8.39 51.42 -31.06
N LYS A 310 -7.87 50.31 -30.52
CA LYS A 310 -6.58 49.78 -30.95
C LYS A 310 -6.49 48.31 -30.57
N LYS A 311 -6.19 47.47 -31.55
CA LYS A 311 -6.13 46.02 -31.35
C LYS A 311 -4.68 45.58 -31.32
N ALA A 312 -4.33 44.78 -30.31
CA ALA A 312 -3.01 44.20 -30.19
C ALA A 312 -3.03 42.81 -30.81
N ASP A 313 -2.33 42.65 -31.94
CA ASP A 313 -2.33 41.38 -32.64
C ASP A 313 -1.63 40.31 -31.81
N MET A 314 -2.24 39.12 -31.77
CA MET A 314 -1.74 38.02 -30.97
C MET A 314 -0.45 37.42 -31.52
N ARG A 315 -0.07 37.76 -32.75
CA ARG A 315 1.14 37.22 -33.36
C ARG A 315 2.38 38.02 -32.99
N ARG A 316 2.24 39.11 -32.22
CA ARG A 316 3.39 39.91 -31.86
C ARG A 316 4.28 39.16 -30.88
N GLN A 317 5.60 39.38 -31.01
CA GLN A 317 6.58 38.74 -30.17
C GLN A 317 7.27 39.75 -29.27
N ASP A 318 7.66 39.32 -28.09
CA ASP A 318 8.34 40.17 -27.13
C ASP A 318 9.83 40.26 -27.47
N SER A 319 10.62 40.78 -26.54
CA SER A 319 12.06 40.86 -26.75
C SER A 319 12.67 39.47 -26.87
N ARG A 320 12.21 38.52 -26.07
CA ARG A 320 12.68 37.14 -26.16
C ARG A 320 12.19 36.44 -27.42
N GLY A 321 11.24 37.03 -28.14
CA GLY A 321 10.63 36.38 -29.28
C GLY A 321 9.44 35.52 -28.93
N ASN A 322 9.16 35.32 -27.64
CA ASN A 322 8.03 34.50 -27.22
C ASN A 322 6.73 35.21 -27.57
N THR A 323 5.83 34.49 -28.24
CA THR A 323 4.51 35.04 -28.54
C THR A 323 3.59 34.79 -27.35
N VAL A 324 2.28 35.01 -27.55
CA VAL A 324 1.33 34.80 -26.47
C VAL A 324 1.27 33.32 -26.09
N LEU A 325 1.29 32.44 -27.09
CA LEU A 325 1.27 31.01 -26.81
C LEU A 325 2.53 30.56 -26.08
N HIS A 326 3.69 31.10 -26.48
CA HIS A 326 4.93 30.75 -25.78
C HIS A 326 4.88 31.19 -24.32
N ALA A 327 4.38 32.39 -24.06
CA ALA A 327 4.26 32.86 -22.68
C ALA A 327 3.29 31.99 -21.89
N LEU A 328 2.16 31.63 -22.51
CA LEU A 328 1.18 30.79 -21.83
C LEU A 328 1.74 29.41 -21.53
N VAL A 329 2.61 28.90 -22.40
CA VAL A 329 3.33 27.66 -22.10
C VAL A 329 4.31 27.89 -20.96
N ALA A 330 5.00 29.02 -20.96
CA ALA A 330 6.02 29.29 -19.94
C ALA A 330 5.41 29.35 -18.55
N ILE A 331 4.28 30.03 -18.40
CA ILE A 331 3.64 30.10 -17.09
C ILE A 331 2.92 28.82 -16.71
N ALA A 332 2.73 27.90 -17.64
CA ALA A 332 1.98 26.69 -17.35
C ALA A 332 2.70 25.84 -16.32
N ASP A 333 1.94 25.23 -15.43
CA ASP A 333 2.45 24.29 -14.45
C ASP A 333 1.87 22.91 -14.70
N ASN A 334 2.41 21.92 -14.01
CA ASN A 334 1.92 20.55 -14.13
C ASN A 334 0.70 20.28 -13.26
N THR A 335 0.29 21.24 -12.43
CA THR A 335 -0.88 21.05 -11.59
C THR A 335 -2.15 21.02 -12.44
N ARG A 336 -3.18 20.34 -11.90
CA ARG A 336 -4.41 20.16 -12.67
C ARG A 336 -5.12 21.48 -12.90
N GLU A 337 -5.23 22.32 -11.87
CA GLU A 337 -6.03 23.53 -11.99
C GLU A 337 -5.38 24.55 -12.92
N ASN A 338 -4.05 24.64 -12.88
CA ASN A 338 -3.35 25.55 -13.78
C ASN A 338 -3.55 25.14 -15.23
N THR A 339 -3.26 23.87 -15.53
CA THR A 339 -3.47 23.35 -16.88
C THR A 339 -4.90 23.53 -17.32
N LYS A 340 -5.85 23.45 -16.38
CA LYS A 340 -7.27 23.56 -16.70
C LYS A 340 -7.58 24.82 -17.50
N PHE A 341 -7.01 25.96 -17.11
CA PHE A 341 -7.25 27.16 -17.88
C PHE A 341 -6.15 27.46 -18.89
N VAL A 342 -4.93 26.95 -18.68
CA VAL A 342 -3.89 27.17 -19.68
C VAL A 342 -4.27 26.56 -21.02
N THR A 343 -4.75 25.31 -21.00
CA THR A 343 -5.16 24.67 -22.25
C THR A 343 -6.37 25.37 -22.85
N LYS A 344 -7.33 25.77 -22.01
CA LYS A 344 -8.52 26.45 -22.49
C LYS A 344 -8.16 27.75 -23.20
N MET A 345 -7.31 28.56 -22.58
CA MET A 345 -6.97 29.84 -23.16
C MET A 345 -6.02 29.68 -24.35
N TYR A 346 -5.19 28.63 -24.35
CA TYR A 346 -4.38 28.33 -25.52
C TYR A 346 -5.28 28.04 -26.72
N ASP A 347 -6.28 27.18 -26.52
CA ASP A 347 -7.22 26.89 -27.60
C ASP A 347 -7.97 28.15 -28.04
N LEU A 348 -8.41 28.95 -27.07
CA LEU A 348 -9.13 30.19 -27.38
C LEU A 348 -8.28 31.11 -28.25
N LEU A 349 -7.03 31.35 -27.84
CA LEU A 349 -6.15 32.25 -28.58
C LEU A 349 -5.84 31.71 -29.97
N LEU A 350 -5.56 30.40 -30.07
CA LEU A 350 -5.24 29.83 -31.37
C LEU A 350 -6.41 29.93 -32.33
N LEU A 351 -7.62 29.60 -31.86
CA LEU A 351 -8.79 29.68 -32.72
C LEU A 351 -9.09 31.12 -33.10
N LYS A 352 -8.92 32.06 -32.16
CA LYS A 352 -9.16 33.47 -32.47
C LYS A 352 -8.17 33.97 -33.52
N CYS A 353 -6.90 33.59 -33.41
CA CYS A 353 -5.92 34.00 -34.40
C CYS A 353 -6.20 33.37 -35.75
N ALA A 354 -6.66 32.12 -35.76
CA ALA A 354 -7.02 31.48 -37.02
C ALA A 354 -8.18 32.20 -37.70
N ARG A 355 -9.22 32.53 -36.92
CA ARG A 355 -10.37 33.21 -37.49
C ARG A 355 -9.99 34.61 -37.98
N LEU A 356 -9.13 35.30 -37.23
CA LEU A 356 -8.73 36.65 -37.64
C LEU A 356 -7.73 36.59 -38.80
N PHE A 357 -6.81 35.63 -38.78
CA PHE A 357 -5.77 35.51 -39.80
C PHE A 357 -5.74 34.08 -40.32
N PRO A 358 -6.67 33.74 -41.22
CA PRO A 358 -6.67 32.38 -41.79
C PRO A 358 -5.45 32.05 -42.62
N ASP A 359 -4.72 33.06 -43.10
CA ASP A 359 -3.55 32.79 -43.95
C ASP A 359 -2.45 32.05 -43.19
N SER A 360 -2.19 32.45 -41.94
CA SER A 360 -1.11 31.88 -41.16
C SER A 360 -1.65 31.19 -39.92
N ASN A 361 -0.78 30.40 -39.29
CA ASN A 361 -1.09 29.70 -38.05
C ASN A 361 -0.24 30.29 -36.93
N LEU A 362 -0.89 30.58 -35.79
CA LEU A 362 -0.18 31.22 -34.69
C LEU A 362 0.89 30.32 -34.09
N GLU A 363 0.68 29.00 -34.14
CA GLU A 363 1.65 28.08 -33.56
C GLU A 363 2.93 28.00 -34.38
N ALA A 364 2.87 28.30 -35.68
CA ALA A 364 4.01 28.11 -36.56
C ALA A 364 5.13 29.12 -36.34
N VAL A 365 4.90 30.18 -35.58
CA VAL A 365 5.92 31.20 -35.36
C VAL A 365 6.95 30.66 -34.39
N LEU A 366 8.21 31.04 -34.61
CA LEU A 366 9.33 30.57 -33.80
C LEU A 366 9.93 31.75 -33.04
N ASN A 367 10.23 31.55 -31.77
CA ASN A 367 10.86 32.59 -30.97
C ASN A 367 12.33 32.72 -31.34
N ASN A 368 13.04 33.59 -30.63
CA ASN A 368 14.46 33.80 -30.91
C ASN A 368 15.32 32.58 -30.59
N ASP A 369 14.79 31.63 -29.83
CA ASP A 369 15.48 30.39 -29.54
C ASP A 369 15.23 29.32 -30.59
N GLY A 370 14.38 29.60 -31.57
CA GLY A 370 14.08 28.63 -32.61
C GLY A 370 13.02 27.61 -32.24
N LEU A 371 12.38 27.74 -31.09
CA LEU A 371 11.39 26.79 -30.64
C LEU A 371 9.98 27.21 -31.05
N SER A 372 9.03 26.34 -30.77
CA SER A 372 7.60 26.57 -30.98
C SER A 372 6.90 26.22 -29.67
N PRO A 373 5.65 26.64 -29.50
CA PRO A 373 4.94 26.30 -28.25
C PRO A 373 4.96 24.82 -27.92
N LEU A 374 4.78 23.96 -28.94
CA LEU A 374 4.85 22.53 -28.69
C LEU A 374 6.25 22.10 -28.28
N MET A 375 7.27 22.50 -29.05
CA MET A 375 8.64 22.11 -28.70
C MET A 375 9.07 22.72 -27.37
N MET A 376 8.71 23.99 -27.14
CA MET A 376 9.09 24.63 -25.88
C MET A 376 8.41 23.97 -24.69
N ALA A 377 7.14 23.57 -24.84
CA ALA A 377 6.50 22.82 -23.78
C ALA A 377 7.12 21.44 -23.61
N ALA A 378 7.68 20.88 -24.67
CA ALA A 378 8.30 19.55 -24.58
C ALA A 378 9.56 19.59 -23.75
N LYS A 379 10.43 20.58 -23.98
CA LYS A 379 11.73 20.63 -23.34
C LYS A 379 11.73 21.42 -22.03
N THR A 380 10.58 21.91 -21.58
CA THR A 380 10.50 22.62 -20.32
C THR A 380 9.93 21.76 -19.20
N GLY A 381 9.15 20.74 -19.53
CA GLY A 381 8.58 19.86 -18.53
C GLY A 381 7.15 20.19 -18.16
N LYS A 382 6.30 20.38 -19.17
CA LYS A 382 4.89 20.70 -18.97
C LYS A 382 4.05 19.61 -19.64
N ILE A 383 3.65 18.60 -18.85
CA ILE A 383 2.80 17.54 -19.39
C ILE A 383 1.46 18.10 -19.84
N GLY A 384 0.87 18.97 -19.02
CA GLY A 384 -0.53 19.34 -19.19
C GLY A 384 -0.82 19.97 -20.55
N ILE A 385 0.04 20.90 -20.97
CA ILE A 385 -0.19 21.53 -22.27
C ILE A 385 0.47 20.75 -23.41
N PHE A 386 1.52 19.98 -23.13
CA PHE A 386 2.12 19.16 -24.18
C PHE A 386 1.14 18.13 -24.70
N GLN A 387 0.52 17.37 -23.79
CA GLN A 387 -0.43 16.35 -24.24
C GLN A 387 -1.65 16.99 -24.90
N HIS A 388 -2.09 18.14 -24.38
CA HIS A 388 -3.25 18.81 -24.97
C HIS A 388 -2.95 19.28 -26.38
N ILE A 389 -1.76 19.85 -26.60
CA ILE A 389 -1.36 20.28 -27.94
C ILE A 389 -1.27 19.08 -28.87
N ILE A 390 -0.68 17.99 -28.39
CA ILE A 390 -0.50 16.81 -29.24
C ILE A 390 -1.84 16.22 -29.65
N ARG A 391 -2.78 16.11 -28.71
CA ARG A 391 -4.03 15.40 -28.93
C ARG A 391 -5.21 16.32 -29.21
N ARG A 392 -4.97 17.60 -29.47
CA ARG A 392 -6.08 18.51 -29.69
C ARG A 392 -6.80 18.21 -31.00
N GLU A 393 -8.10 18.45 -31.01
CA GLU A 393 -8.93 18.29 -32.19
C GLU A 393 -9.95 19.40 -32.23
N VAL A 394 -10.11 20.03 -33.39
CA VAL A 394 -11.04 21.13 -33.57
C VAL A 394 -12.22 20.59 -34.38
N THR A 395 -13.37 20.45 -33.71
CA THR A 395 -14.54 19.92 -34.39
C THR A 395 -15.16 20.93 -35.34
N ASP A 396 -14.92 22.22 -35.11
CA ASP A 396 -15.47 23.25 -35.99
C ASP A 396 -14.90 23.11 -37.39
N GLU A 397 -15.77 23.17 -38.39
CA GLU A 397 -15.34 23.06 -39.77
C GLU A 397 -14.66 24.33 -40.27
N ASP A 398 -14.81 25.44 -39.54
CA ASP A 398 -14.20 26.69 -39.98
C ASP A 398 -12.68 26.62 -39.91
N THR A 399 -12.15 26.10 -38.80
CA THR A 399 -10.71 26.02 -38.55
C THR A 399 -10.32 24.63 -38.09
N ARG A 400 -10.81 23.61 -38.79
CA ARG A 400 -10.46 22.23 -38.42
C ARG A 400 -9.05 21.86 -38.81
N HIS A 401 -8.39 22.68 -39.63
CA HIS A 401 -7.07 22.31 -40.15
C HIS A 401 -6.01 22.31 -39.05
N LEU A 402 -6.19 23.12 -38.01
CA LEU A 402 -5.20 23.21 -36.93
C LEU A 402 -5.53 22.23 -35.80
N SER A 403 -5.73 20.97 -36.18
CA SER A 403 -5.87 19.89 -35.23
C SER A 403 -4.87 18.79 -35.57
N ARG A 404 -4.39 18.12 -34.53
CA ARG A 404 -3.36 17.10 -34.68
C ARG A 404 -3.88 15.69 -34.43
N LYS A 405 -5.20 15.51 -34.35
CA LYS A 405 -5.77 14.18 -34.12
C LYS A 405 -7.10 14.10 -34.85
N PHE A 406 -7.14 13.36 -35.94
CA PHE A 406 -8.34 13.17 -36.73
C PHE A 406 -8.89 11.77 -36.51
N LYS A 407 -10.10 11.53 -37.00
CA LYS A 407 -10.73 10.21 -36.95
C LYS A 407 -10.91 9.73 -38.37
N ASP A 408 -10.08 8.77 -38.80
CA ASP A 408 -10.09 8.36 -40.19
C ASP A 408 -11.36 7.58 -40.52
N TRP A 409 -11.57 6.45 -39.85
CA TRP A 409 -12.72 5.60 -40.10
C TRP A 409 -13.13 4.89 -38.83
N ALA A 410 -14.34 4.37 -38.83
CA ALA A 410 -14.87 3.61 -37.71
C ALA A 410 -15.76 2.49 -38.22
N TYR A 411 -15.57 1.30 -37.68
CA TYR A 411 -16.40 0.14 -38.00
C TYR A 411 -16.79 -0.53 -36.69
N GLY A 412 -18.02 -0.27 -36.24
CA GLY A 412 -18.46 -0.74 -34.95
C GLY A 412 -17.58 -0.17 -33.86
N PRO A 413 -17.16 -1.01 -32.92
CA PRO A 413 -16.27 -0.59 -31.84
C PRO A 413 -14.78 -0.68 -32.22
N VAL A 414 -14.44 -0.15 -33.39
CA VAL A 414 -13.05 -0.09 -33.86
C VAL A 414 -12.87 1.30 -34.46
N TYR A 415 -12.20 2.19 -33.73
CA TYR A 415 -12.00 3.57 -34.15
C TYR A 415 -10.53 3.77 -34.48
N SER A 416 -10.27 4.35 -35.65
CA SER A 416 -8.90 4.62 -36.10
C SER A 416 -8.66 6.12 -36.00
N SER A 417 -8.24 6.56 -34.82
CA SER A 417 -7.83 7.94 -34.63
C SER A 417 -6.37 8.09 -35.04
N LEU A 418 -6.10 8.98 -35.98
CA LEU A 418 -4.77 9.17 -36.53
C LEU A 418 -4.21 10.52 -36.09
N TYR A 419 -2.98 10.49 -35.56
CA TYR A 419 -2.31 11.67 -35.05
C TYR A 419 -1.41 12.27 -36.13
N ASP A 420 -1.10 13.55 -35.96
CA ASP A 420 -0.24 14.28 -36.88
C ASP A 420 1.14 14.43 -36.27
N LEU A 421 2.16 13.99 -37.01
CA LEU A 421 3.55 14.05 -36.59
C LEU A 421 4.36 14.99 -37.49
N SER A 422 3.72 16.07 -37.94
CA SER A 422 4.40 17.02 -38.82
C SER A 422 5.64 17.59 -38.16
N SER A 423 5.68 17.64 -36.82
CA SER A 423 6.86 18.09 -36.11
C SER A 423 7.42 17.04 -35.15
N LEU A 424 6.74 15.93 -34.94
CA LEU A 424 7.24 14.88 -34.06
C LEU A 424 8.34 14.05 -34.72
N ASP A 425 8.27 13.86 -36.03
CA ASP A 425 9.28 13.07 -36.74
C ASP A 425 9.43 13.69 -38.14
N THR A 426 10.44 14.57 -38.27
CA THR A 426 10.68 15.27 -39.51
C THR A 426 12.00 14.86 -40.18
N CYS A 427 12.64 13.79 -39.69
CA CYS A 427 13.88 13.27 -40.26
C CYS A 427 14.97 14.34 -40.31
N GLY A 428 15.14 15.03 -39.19
CA GLY A 428 16.21 16.02 -39.07
C GLY A 428 16.08 17.20 -39.99
N GLU A 429 14.88 17.74 -40.13
CA GLU A 429 14.63 18.89 -41.00
C GLU A 429 14.08 20.09 -40.25
N GLU A 430 13.21 19.87 -39.26
CA GLU A 430 12.57 20.97 -38.54
C GLU A 430 12.68 20.77 -37.03
N ALA A 431 13.80 20.21 -36.55
CA ALA A 431 14.08 20.05 -35.13
C ALA A 431 12.95 19.27 -34.44
N SER A 432 12.85 17.99 -34.83
CA SER A 432 11.77 17.13 -34.39
C SER A 432 11.61 17.17 -32.87
N VAL A 433 10.35 17.06 -32.43
CA VAL A 433 10.04 17.12 -31.00
C VAL A 433 10.64 15.94 -30.26
N LEU A 434 10.72 14.77 -30.90
CA LEU A 434 11.19 13.58 -30.22
C LEU A 434 12.63 13.72 -29.76
N GLU A 435 13.51 14.22 -30.62
CA GLU A 435 14.91 14.40 -30.24
C GLU A 435 15.05 15.43 -29.13
N ILE A 436 14.30 16.52 -29.21
CA ILE A 436 14.32 17.53 -28.15
C ILE A 436 13.86 16.93 -26.83
N LEU A 437 12.85 16.06 -26.89
CA LEU A 437 12.25 15.50 -25.70
C LEU A 437 13.14 14.46 -25.03
N VAL A 438 13.80 13.63 -25.82
CA VAL A 438 14.64 12.58 -25.23
C VAL A 438 15.92 13.17 -24.64
N TYR A 439 16.46 14.24 -25.23
CA TYR A 439 17.73 14.79 -24.81
C TYR A 439 17.58 16.07 -23.99
N ASN A 440 16.87 17.07 -24.53
CA ASN A 440 16.89 18.41 -23.98
C ASN A 440 15.83 18.67 -22.93
N SER A 441 14.94 17.71 -22.68
CA SER A 441 13.93 17.89 -21.64
C SER A 441 14.61 17.77 -20.28
N LYS A 442 13.93 18.22 -19.24
CA LYS A 442 14.48 18.17 -17.88
C LYS A 442 14.17 16.80 -17.28
N ILE A 443 15.10 16.32 -16.46
CA ILE A 443 15.24 14.89 -16.21
C ILE A 443 13.98 14.31 -15.56
N GLU A 444 13.37 15.04 -14.63
CA GLU A 444 12.33 14.47 -13.78
C GLU A 444 11.11 14.04 -14.60
N ASN A 445 10.69 14.82 -15.58
CA ASN A 445 9.42 14.59 -16.27
C ASN A 445 9.59 14.00 -17.66
N ARG A 446 10.80 13.56 -18.03
CA ARG A 446 11.01 13.02 -19.37
C ARG A 446 10.24 11.72 -19.58
N HIS A 447 10.15 10.89 -18.54
CA HIS A 447 9.48 9.60 -18.68
C HIS A 447 8.00 9.74 -18.99
N GLU A 448 7.33 10.72 -18.38
CA GLU A 448 5.91 10.91 -18.65
C GLU A 448 5.68 11.49 -20.04
N MET A 449 6.60 12.33 -20.52
CA MET A 449 6.55 12.76 -21.91
C MET A 449 6.72 11.59 -22.86
N LEU A 450 7.60 10.66 -22.53
CA LEU A 450 7.79 9.53 -23.44
C LEU A 450 6.64 8.53 -23.40
N ALA A 451 5.53 8.82 -22.72
CA ALA A 451 4.37 7.94 -22.70
C ALA A 451 3.14 8.56 -23.33
N VAL A 452 3.29 9.68 -24.04
CA VAL A 452 2.14 10.34 -24.66
C VAL A 452 1.59 9.46 -25.79
N GLU A 453 0.31 9.67 -26.09
CA GLU A 453 -0.47 8.72 -26.89
C GLU A 453 0.17 8.34 -28.22
N PRO A 454 0.74 9.25 -29.03
CA PRO A 454 1.37 8.83 -30.28
C PRO A 454 2.87 8.54 -30.22
N ILE A 455 3.59 9.09 -29.23
CA ILE A 455 5.05 8.99 -29.18
C ILE A 455 5.53 7.56 -28.95
N ASN A 456 4.88 6.83 -28.04
CA ASN A 456 5.32 5.46 -27.75
C ASN A 456 5.17 4.57 -28.98
N GLU A 457 4.04 4.67 -29.67
CA GLU A 457 3.84 3.90 -30.89
C GLU A 457 4.76 4.37 -32.02
N LEU A 458 5.07 5.67 -32.07
CA LEU A 458 6.04 6.12 -33.07
C LEU A 458 7.41 5.48 -32.82
N LEU A 459 7.85 5.46 -31.56
CA LEU A 459 9.13 4.84 -31.23
C LEU A 459 9.11 3.35 -31.53
N ARG A 460 8.03 2.66 -31.17
CA ARG A 460 7.96 1.23 -31.40
C ARG A 460 7.90 0.90 -32.89
N ASP A 461 7.22 1.75 -33.67
CA ASP A 461 7.17 1.55 -35.11
C ASP A 461 8.55 1.76 -35.73
N LYS A 462 9.27 2.79 -35.29
CA LYS A 462 10.63 2.97 -35.79
C LYS A 462 11.51 1.79 -35.40
N TRP A 463 11.31 1.26 -34.20
CA TRP A 463 12.00 0.04 -33.79
C TRP A 463 11.72 -1.09 -34.78
N ARG A 464 10.46 -1.50 -34.89
CA ARG A 464 10.10 -2.63 -35.75
C ARG A 464 10.50 -2.41 -37.19
N LYS A 465 10.62 -1.15 -37.63
CA LYS A 465 10.99 -0.90 -39.01
C LYS A 465 12.49 -1.02 -39.24
N PHE A 466 13.29 -0.35 -38.41
CA PHE A 466 14.76 -0.47 -38.61
C PHE A 466 15.49 -0.38 -37.27
N GLY A 467 14.82 0.11 -36.24
CA GLY A 467 15.47 0.24 -34.92
C GLY A 467 15.86 -1.09 -34.31
N ALA A 468 14.94 -2.07 -34.32
CA ALA A 468 15.25 -3.38 -33.69
C ALA A 468 16.38 -4.10 -34.44
N VAL A 469 16.32 -4.15 -35.76
CA VAL A 469 17.37 -4.88 -36.54
C VAL A 469 18.74 -4.19 -36.46
N SER A 470 18.76 -2.86 -36.42
CA SER A 470 20.07 -2.14 -36.34
C SER A 470 20.77 -2.52 -35.04
N PHE A 471 20.04 -2.63 -33.94
CA PHE A 471 20.66 -3.01 -32.64
C PHE A 471 21.25 -4.40 -32.75
N TYR A 472 20.52 -5.35 -33.35
CA TYR A 472 21.02 -6.74 -33.50
C TYR A 472 22.24 -6.77 -34.43
N ILE A 473 22.19 -6.05 -35.55
CA ILE A 473 23.33 -6.01 -36.52
C ILE A 473 24.57 -5.41 -35.85
N ASN A 474 24.38 -4.41 -34.99
CA ASN A 474 25.52 -3.79 -34.29
C ASN A 474 26.20 -4.86 -33.43
N VAL A 475 25.39 -5.67 -32.74
CA VAL A 475 25.90 -6.75 -31.84
C VAL A 475 26.78 -7.74 -32.61
N VAL A 476 26.37 -8.18 -33.81
CA VAL A 476 27.14 -9.25 -34.44
C VAL A 476 28.44 -8.69 -35.02
N SER A 477 28.41 -7.49 -35.59
CA SER A 477 29.63 -6.90 -36.12
C SER A 477 30.63 -6.61 -35.00
N TYR A 478 30.14 -6.11 -33.87
CA TYR A 478 31.01 -5.84 -32.73
C TYR A 478 31.64 -7.12 -32.20
N LEU A 479 30.84 -8.19 -32.08
CA LEU A 479 31.39 -9.45 -31.61
C LEU A 479 32.41 -10.03 -32.58
N CYS A 480 32.14 -9.92 -33.89
CA CYS A 480 33.09 -10.43 -34.87
C CYS A 480 34.40 -9.64 -34.85
N ALA A 481 34.29 -8.31 -34.81
CA ALA A 481 35.49 -7.49 -34.70
C ALA A 481 36.25 -7.78 -33.42
N MET A 482 35.53 -8.13 -32.35
CA MET A 482 36.19 -8.37 -31.07
C MET A 482 36.89 -9.72 -31.06
N VAL A 483 36.30 -10.75 -31.67
CA VAL A 483 37.01 -12.02 -31.76
C VAL A 483 38.22 -11.88 -32.68
N ILE A 484 38.12 -11.06 -33.74
CA ILE A 484 39.30 -10.78 -34.55
C ILE A 484 40.37 -10.08 -33.73
N PHE A 485 39.95 -9.12 -32.88
CA PHE A 485 40.89 -8.41 -32.02
C PHE A 485 41.58 -9.37 -31.07
N THR A 486 40.83 -10.30 -30.47
CA THR A 486 41.43 -11.27 -29.56
C THR A 486 42.41 -12.19 -30.29
N LEU A 487 42.05 -12.62 -31.50
CA LEU A 487 42.96 -13.45 -32.28
C LEU A 487 44.24 -12.70 -32.60
N THR A 488 44.14 -11.42 -32.97
CA THR A 488 45.33 -10.63 -33.26
C THR A 488 46.19 -10.45 -32.02
N ALA A 489 45.55 -10.17 -30.88
CA ALA A 489 46.31 -9.97 -29.64
C ALA A 489 47.02 -11.24 -29.20
N TYR A 490 46.35 -12.39 -29.31
CA TYR A 490 46.92 -13.65 -28.86
C TYR A 490 48.13 -14.06 -29.70
N TYR A 491 48.10 -13.77 -31.00
CA TYR A 491 49.13 -14.25 -31.92
C TYR A 491 50.36 -13.35 -31.97
N GLN A 492 50.35 -12.23 -31.25
CA GLN A 492 51.46 -11.30 -31.31
C GLN A 492 52.71 -11.93 -30.71
N PRO A 493 53.87 -11.84 -31.39
CA PRO A 493 55.06 -12.53 -30.89
C PRO A 493 55.79 -11.70 -29.85
N LEU A 494 56.36 -12.40 -28.86
CA LEU A 494 57.06 -11.76 -27.76
C LEU A 494 58.52 -11.44 -28.06
N GLU A 495 59.07 -11.93 -29.17
CA GLU A 495 60.47 -11.73 -29.52
C GLU A 495 60.54 -10.79 -30.72
N GLY A 496 61.31 -9.71 -30.58
CA GLY A 496 61.48 -8.75 -31.64
C GLY A 496 60.94 -7.37 -31.32
N THR A 497 61.53 -6.34 -31.92
CA THR A 497 61.05 -4.97 -31.74
C THR A 497 60.24 -4.54 -32.95
N PRO A 498 59.09 -3.91 -32.76
CA PRO A 498 58.25 -3.52 -33.90
C PRO A 498 58.84 -2.33 -34.62
N PRO A 499 58.51 -2.14 -35.90
CA PRO A 499 57.62 -2.99 -36.71
C PRO A 499 58.26 -4.32 -37.10
N TYR A 500 57.47 -5.38 -37.07
CA TYR A 500 57.97 -6.71 -37.40
C TYR A 500 58.02 -6.90 -38.91
N PRO A 501 58.97 -7.71 -39.41
CA PRO A 501 59.04 -7.96 -40.86
C PRO A 501 57.85 -8.78 -41.31
N TYR A 502 57.06 -8.21 -42.22
CA TYR A 502 55.85 -8.86 -42.73
C TYR A 502 56.21 -9.52 -44.06
N ARG A 503 56.41 -10.83 -44.04
CA ARG A 503 56.75 -11.57 -45.25
C ARG A 503 55.81 -12.75 -45.50
N THR A 504 55.41 -13.46 -44.46
CA THR A 504 54.55 -14.63 -44.62
C THR A 504 53.08 -14.24 -44.47
N THR A 505 52.21 -15.17 -44.87
CA THR A 505 50.77 -14.91 -44.82
C THR A 505 50.29 -14.68 -43.39
N VAL A 506 50.97 -15.26 -42.40
CA VAL A 506 50.61 -15.04 -41.01
C VAL A 506 50.79 -13.57 -40.64
N ASP A 507 51.89 -12.97 -41.09
CA ASP A 507 52.12 -11.55 -40.82
C ASP A 507 51.08 -10.68 -41.50
N TYR A 508 50.67 -11.03 -42.72
CA TYR A 508 49.62 -10.28 -43.39
C TYR A 508 48.29 -10.41 -42.65
N LEU A 509 47.99 -11.60 -42.11
CA LEU A 509 46.79 -11.77 -41.31
C LEU A 509 46.86 -10.91 -40.05
N ARG A 510 48.03 -10.87 -39.40
CA ARG A 510 48.20 -10.03 -38.22
C ARG A 510 47.98 -8.56 -38.56
N LEU A 511 48.53 -8.12 -39.69
CA LEU A 511 48.37 -6.74 -40.12
C LEU A 511 46.91 -6.43 -40.43
N ALA A 512 46.20 -7.36 -41.07
CA ALA A 512 44.78 -7.16 -41.36
C ALA A 512 43.98 -7.04 -40.07
N GLY A 513 44.27 -7.90 -39.09
CA GLY A 513 43.61 -7.79 -37.80
C GLY A 513 43.88 -6.47 -37.13
N GLU A 514 45.15 -6.01 -37.16
CA GLU A 514 45.49 -4.74 -36.54
C GLU A 514 44.79 -3.58 -37.22
N VAL A 515 44.74 -3.58 -38.56
CA VAL A 515 44.12 -2.46 -39.25
C VAL A 515 42.61 -2.46 -39.08
N ILE A 516 41.97 -3.63 -39.02
CA ILE A 516 40.53 -3.65 -38.76
C ILE A 516 40.24 -3.21 -37.32
N THR A 517 41.11 -3.60 -36.37
CA THR A 517 40.99 -3.11 -35.01
C THR A 517 41.05 -1.59 -34.96
N LEU A 518 42.05 -1.01 -35.63
CA LEU A 518 42.17 0.45 -35.63
C LEU A 518 41.03 1.11 -36.40
N PHE A 519 40.47 0.44 -37.41
CA PHE A 519 39.31 0.97 -38.10
C PHE A 519 38.12 1.08 -37.15
N THR A 520 37.87 0.02 -36.38
CA THR A 520 36.80 0.09 -35.38
C THR A 520 37.11 1.15 -34.32
N GLY A 521 38.36 1.22 -33.87
CA GLY A 521 38.71 2.19 -32.85
C GLY A 521 38.52 3.62 -33.32
N VAL A 522 38.95 3.93 -34.55
CA VAL A 522 38.80 5.28 -35.07
C VAL A 522 37.34 5.58 -35.36
N LEU A 523 36.55 4.56 -35.75
CA LEU A 523 35.12 4.78 -35.93
C LEU A 523 34.46 5.18 -34.61
N PHE A 524 34.76 4.44 -33.55
CA PHE A 524 34.22 4.79 -32.24
C PHE A 524 34.69 6.16 -31.78
N PHE A 525 35.97 6.47 -32.01
CA PHE A 525 36.53 7.75 -31.61
C PHE A 525 35.87 8.91 -32.35
N PHE A 526 35.67 8.77 -33.65
CA PHE A 526 34.99 9.81 -34.42
C PHE A 526 33.55 9.97 -33.97
N THR A 527 32.87 8.84 -33.70
CA THR A 527 31.49 8.93 -33.23
C THR A 527 31.40 9.67 -31.91
N ASN A 528 32.29 9.37 -30.96
CA ASN A 528 32.29 10.07 -29.69
C ASN A 528 32.64 11.54 -29.86
N ILE A 529 33.58 11.86 -30.75
CA ILE A 529 33.91 13.27 -31.00
C ILE A 529 32.68 14.02 -31.51
N LYS A 530 31.99 13.44 -32.50
CA LYS A 530 30.83 14.11 -33.07
C LYS A 530 29.72 14.26 -32.03
N ASP A 531 29.50 13.22 -31.22
CA ASP A 531 28.43 13.29 -30.22
C ASP A 531 28.75 14.33 -29.15
N LEU A 532 30.01 14.40 -28.72
CA LEU A 532 30.38 15.37 -27.69
C LEU A 532 30.41 16.79 -28.24
N PHE A 533 30.68 16.95 -29.55
CA PHE A 533 30.69 18.27 -30.15
C PHE A 533 29.28 18.77 -30.43
N MET A 534 28.34 17.87 -30.73
CA MET A 534 26.98 18.29 -31.07
C MET A 534 26.29 18.97 -29.90
N LYS A 535 26.46 18.44 -28.69
CA LYS A 535 25.79 18.98 -27.51
C LYS A 535 26.77 19.02 -26.35
N LYS A 536 26.45 19.88 -25.38
CA LYS A 536 27.30 20.04 -24.21
C LYS A 536 27.31 18.77 -23.36
N CYS A 537 28.42 18.54 -22.67
CA CYS A 537 28.56 17.34 -21.87
C CYS A 537 27.66 17.42 -20.63
N PRO A 538 26.79 16.44 -20.41
CA PRO A 538 25.92 16.46 -19.23
C PRO A 538 26.70 16.05 -17.97
N GLY A 539 26.06 16.27 -16.83
CA GLY A 539 26.66 15.94 -15.55
C GLY A 539 25.96 14.82 -14.82
N VAL A 540 25.13 15.18 -13.83
CA VAL A 540 24.42 14.21 -13.00
C VAL A 540 23.02 14.03 -13.57
N ASN A 541 22.44 12.85 -13.33
CA ASN A 541 21.10 12.43 -13.73
C ASN A 541 20.98 12.18 -15.23
N SER A 542 22.03 12.44 -16.01
CA SER A 542 22.04 12.13 -17.43
C SER A 542 23.26 11.31 -17.85
N LEU A 543 24.27 11.19 -16.99
CA LEU A 543 25.45 10.39 -17.34
C LEU A 543 25.10 8.92 -17.48
N PHE A 544 24.26 8.40 -16.59
CA PHE A 544 23.96 6.97 -16.59
C PHE A 544 23.15 6.54 -17.80
N ILE A 545 22.54 7.48 -18.52
CA ILE A 545 21.75 7.11 -19.70
C ILE A 545 22.65 6.57 -20.80
N ASP A 546 23.53 7.41 -21.33
CA ASP A 546 24.53 6.96 -22.29
C ASP A 546 25.91 7.56 -22.06
N GLY A 547 26.04 8.61 -21.23
CA GLY A 547 27.32 9.29 -21.11
C GLY A 547 28.40 8.44 -20.47
N SER A 548 28.04 7.60 -19.50
CA SER A 548 29.04 6.74 -18.87
C SER A 548 29.63 5.77 -19.87
N PHE A 549 28.79 5.05 -20.61
CA PHE A 549 29.30 4.13 -21.62
C PHE A 549 29.99 4.88 -22.75
N GLN A 550 29.57 6.10 -23.05
CA GLN A 550 30.30 6.92 -24.01
C GLN A 550 31.71 7.20 -23.52
N LEU A 551 31.85 7.47 -22.22
CA LEU A 551 33.17 7.69 -21.64
C LEU A 551 34.02 6.42 -21.75
N LEU A 552 33.44 5.26 -21.44
CA LEU A 552 34.19 4.01 -21.55
C LEU A 552 34.63 3.75 -22.98
N TYR A 553 33.74 3.95 -23.96
CA TYR A 553 34.12 3.69 -25.34
C TYR A 553 35.09 4.74 -25.86
N PHE A 554 35.02 5.96 -25.36
CA PHE A 554 36.02 6.97 -25.69
C PHE A 554 37.38 6.57 -25.16
N ILE A 555 37.45 6.08 -23.93
CA ILE A 555 38.70 5.58 -23.38
C ILE A 555 39.21 4.42 -24.22
N TYR A 556 38.30 3.51 -24.60
CA TYR A 556 38.65 2.38 -25.46
C TYR A 556 39.29 2.85 -26.76
N SER A 557 38.64 3.78 -27.46
CA SER A 557 39.14 4.22 -28.75
C SER A 557 40.46 4.97 -28.62
N VAL A 558 40.56 5.88 -27.64
CA VAL A 558 41.80 6.63 -27.45
C VAL A 558 42.94 5.67 -27.11
N LEU A 559 42.66 4.67 -26.28
CA LEU A 559 43.72 3.79 -25.84
C LEU A 559 44.13 2.82 -26.95
N VAL A 560 43.20 2.44 -27.82
CA VAL A 560 43.57 1.65 -28.99
C VAL A 560 44.41 2.48 -29.94
N ILE A 561 44.07 3.77 -30.09
CA ILE A 561 44.87 4.64 -30.95
C ILE A 561 46.29 4.76 -30.42
N VAL A 562 46.43 5.01 -29.12
CA VAL A 562 47.77 5.13 -28.56
C VAL A 562 48.47 3.77 -28.56
N SER A 563 47.70 2.68 -28.52
CA SER A 563 48.29 1.35 -28.66
C SER A 563 48.92 1.17 -30.02
N ALA A 564 48.23 1.59 -31.08
CA ALA A 564 48.80 1.52 -32.42
C ALA A 564 50.01 2.44 -32.53
N ALA A 565 49.93 3.62 -31.94
CA ALA A 565 51.06 4.56 -31.98
C ALA A 565 52.29 3.96 -31.30
N LEU A 566 52.10 3.35 -30.14
CA LEU A 566 53.23 2.76 -29.42
C LEU A 566 53.75 1.52 -30.14
N TYR A 567 52.86 0.73 -30.74
CA TYR A 567 53.30 -0.40 -31.54
C TYR A 567 54.16 0.06 -32.71
N LEU A 568 53.80 1.19 -33.32
CA LEU A 568 54.63 1.77 -34.37
C LEU A 568 55.96 2.28 -33.82
N ALA A 569 55.94 2.87 -32.62
CA ALA A 569 57.11 3.56 -32.07
C ALA A 569 57.70 2.84 -30.86
N GLY A 570 56.91 2.60 -29.81
CA GLY A 570 57.45 2.05 -28.60
C GLY A 570 57.89 0.61 -28.75
N ILE A 571 58.65 0.13 -27.77
CA ILE A 571 59.26 -1.19 -27.81
C ILE A 571 58.82 -2.08 -26.67
N GLU A 572 58.10 -1.56 -25.68
CA GLU A 572 57.70 -2.38 -24.54
C GLU A 572 56.20 -2.31 -24.24
N ALA A 573 55.60 -1.14 -24.42
CA ALA A 573 54.28 -0.91 -23.84
C ALA A 573 53.13 -1.40 -24.72
N TYR A 574 53.41 -1.86 -25.95
CA TYR A 574 52.33 -2.24 -26.86
C TYR A 574 51.52 -3.40 -26.31
N LEU A 575 52.18 -4.40 -25.73
CA LEU A 575 51.47 -5.53 -25.14
C LEU A 575 50.53 -5.05 -24.03
N ALA A 576 51.02 -4.19 -23.15
CA ALA A 576 50.21 -3.73 -22.02
C ALA A 576 49.01 -2.92 -22.50
N VAL A 577 49.22 -2.00 -23.43
CA VAL A 577 48.10 -1.17 -23.88
C VAL A 577 47.08 -2.03 -24.63
N MET A 578 47.54 -2.93 -25.50
CA MET A 578 46.60 -3.78 -26.22
C MET A 578 45.81 -4.68 -25.28
N VAL A 579 46.48 -5.24 -24.27
CA VAL A 579 45.80 -6.15 -23.36
C VAL A 579 44.79 -5.39 -22.50
N PHE A 580 45.13 -4.17 -22.08
CA PHE A 580 44.17 -3.42 -21.27
C PHE A 580 43.01 -2.94 -22.12
N ALA A 581 43.26 -2.66 -23.41
CA ALA A 581 42.16 -2.39 -24.34
C ALA A 581 41.24 -3.58 -24.47
N LEU A 582 41.82 -4.79 -24.56
CA LEU A 582 41.02 -6.01 -24.60
C LEU A 582 40.16 -6.15 -23.34
N VAL A 583 40.76 -5.89 -22.17
CA VAL A 583 40.04 -5.99 -20.92
C VAL A 583 38.87 -5.00 -20.89
N LEU A 584 39.16 -3.74 -21.26
CA LEU A 584 38.12 -2.71 -21.25
C LEU A 584 37.00 -3.05 -22.22
N GLY A 585 37.35 -3.54 -23.40
CA GLY A 585 36.34 -3.87 -24.38
C GLY A 585 35.45 -5.01 -23.94
N TRP A 586 36.04 -6.07 -23.39
CA TRP A 586 35.23 -7.17 -22.92
C TRP A 586 34.41 -6.82 -21.68
N MET A 587 34.84 -5.82 -20.90
CA MET A 587 34.01 -5.45 -19.76
C MET A 587 32.89 -4.49 -20.16
N ASN A 588 33.12 -3.62 -21.15
CA ASN A 588 32.07 -2.69 -21.58
C ASN A 588 31.26 -3.24 -22.73
N ALA A 589 31.50 -4.49 -23.14
CA ALA A 589 30.59 -5.16 -24.08
C ALA A 589 29.21 -5.38 -23.50
N LEU A 590 28.98 -4.99 -22.24
CA LEU A 590 27.66 -5.08 -21.63
C LEU A 590 26.69 -4.04 -22.19
N TYR A 591 27.19 -3.10 -23.01
CA TYR A 591 26.32 -2.13 -23.64
C TYR A 591 25.21 -2.80 -24.44
N PHE A 592 25.59 -3.70 -25.33
CA PHE A 592 24.68 -4.35 -26.27
C PHE A 592 23.73 -5.31 -25.61
N THR A 593 23.76 -5.35 -24.28
CA THR A 593 22.75 -6.06 -23.50
C THR A 593 21.46 -5.25 -23.35
N ARG A 594 21.46 -3.98 -23.78
CA ARG A 594 20.28 -3.14 -23.64
C ARG A 594 19.08 -3.61 -24.46
N GLY A 595 19.21 -4.72 -25.20
CA GLY A 595 18.10 -5.18 -26.01
C GLY A 595 16.90 -5.64 -25.19
N LEU A 596 17.16 -6.36 -24.09
CA LEU A 596 16.11 -6.92 -23.26
C LEU A 596 16.30 -6.47 -21.82
N LYS A 597 15.22 -6.60 -21.04
CA LYS A 597 15.24 -6.13 -19.66
C LYS A 597 16.29 -6.87 -18.83
N LEU A 598 16.37 -8.19 -18.98
CA LEU A 598 17.21 -9.00 -18.10
C LEU A 598 18.68 -8.60 -18.20
N THR A 599 19.27 -8.81 -19.38
CA THR A 599 20.68 -8.53 -19.58
C THR A 599 20.96 -7.04 -19.45
N GLY A 600 20.07 -6.19 -19.98
CA GLY A 600 20.30 -4.75 -19.89
C GLY A 600 20.34 -4.25 -18.46
N THR A 601 19.36 -4.67 -17.64
CA THR A 601 19.35 -4.26 -16.25
C THR A 601 20.53 -4.84 -15.49
N TYR A 602 20.88 -6.10 -15.76
CA TYR A 602 22.04 -6.68 -15.11
C TYR A 602 23.30 -5.88 -15.41
N SER A 603 23.51 -5.53 -16.67
CA SER A 603 24.66 -4.70 -17.03
C SER A 603 24.57 -3.34 -16.38
N ILE A 604 23.36 -2.77 -16.29
CA ILE A 604 23.20 -1.44 -15.72
C ILE A 604 23.63 -1.44 -14.25
N MET A 605 23.13 -2.40 -13.46
CA MET A 605 23.51 -2.39 -12.04
C MET A 605 24.97 -2.78 -11.86
N ILE A 606 25.49 -3.68 -12.69
CA ILE A 606 26.90 -4.03 -12.59
C ILE A 606 27.77 -2.81 -12.86
N GLN A 607 27.42 -2.02 -13.87
CA GLN A 607 28.17 -0.79 -14.16
C GLN A 607 28.00 0.23 -13.05
N LYS A 608 26.82 0.31 -12.45
CA LYS A 608 26.64 1.23 -11.34
C LYS A 608 27.51 0.84 -10.15
N ILE A 609 27.65 -0.46 -9.90
CA ILE A 609 28.57 -0.93 -8.86
C ILE A 609 30.01 -0.60 -9.25
N LEU A 610 30.36 -0.80 -10.51
CA LEU A 610 31.76 -0.67 -10.93
C LEU A 610 32.21 0.78 -11.02
N PHE A 611 31.30 1.72 -11.26
CA PHE A 611 31.69 3.10 -11.48
C PHE A 611 31.01 4.08 -10.53
N LYS A 612 29.70 3.97 -10.34
CA LYS A 612 28.97 5.01 -9.61
C LYS A 612 29.37 5.06 -8.14
N ASP A 613 29.35 3.91 -7.46
CA ASP A 613 29.65 3.86 -6.04
C ASP A 613 30.98 3.19 -5.73
N LEU A 614 31.69 2.67 -6.74
CA LEU A 614 32.98 2.06 -6.50
C LEU A 614 33.98 3.07 -5.98
N PHE A 615 33.92 4.31 -6.47
CA PHE A 615 34.82 5.35 -6.00
C PHE A 615 34.66 5.57 -4.50
N ARG A 616 33.41 5.69 -4.03
CA ARG A 616 33.17 5.91 -2.61
C ARG A 616 33.71 4.77 -1.77
N PHE A 617 33.39 3.53 -2.14
CA PHE A 617 33.80 2.37 -1.35
C PHE A 617 35.32 2.25 -1.32
N LEU A 618 35.97 2.41 -2.47
CA LEU A 618 37.42 2.29 -2.51
C LEU A 618 38.11 3.44 -1.80
N LEU A 619 37.58 4.66 -1.88
CA LEU A 619 38.18 5.76 -1.14
C LEU A 619 38.06 5.56 0.36
N VAL A 620 36.89 5.12 0.85
CA VAL A 620 36.73 4.87 2.27
C VAL A 620 37.66 3.75 2.74
N TYR A 621 37.71 2.66 1.96
CA TYR A 621 38.52 1.51 2.34
C TYR A 621 40.01 1.84 2.26
N LEU A 622 40.41 2.66 1.30
CA LEU A 622 41.79 3.14 1.23
C LEU A 622 42.13 4.05 2.40
N LEU A 623 41.21 4.94 2.79
CA LEU A 623 41.45 5.79 3.95
C LEU A 623 41.64 4.94 5.20
N PHE A 624 40.78 3.93 5.38
CA PHE A 624 40.90 3.07 6.55
C PHE A 624 42.22 2.30 6.53
N MET A 625 42.61 1.72 5.38
CA MET A 625 43.84 0.95 5.34
C MET A 625 45.04 1.85 5.59
N ILE A 626 45.03 3.07 5.04
CA ILE A 626 46.19 3.93 5.17
C ILE A 626 46.31 4.42 6.62
N GLY A 627 45.18 4.74 7.25
CA GLY A 627 45.25 5.12 8.66
C GLY A 627 45.76 4.00 9.54
N TYR A 628 45.21 2.79 9.36
CA TYR A 628 45.64 1.66 10.18
C TYR A 628 47.10 1.31 9.93
N ALA A 629 47.52 1.30 8.66
CA ALA A 629 48.88 0.93 8.32
C ALA A 629 49.87 1.96 8.83
N SER A 630 49.55 3.25 8.70
CA SER A 630 50.42 4.29 9.23
C SER A 630 50.55 4.16 10.75
N ALA A 631 49.43 3.89 11.42
CA ALA A 631 49.46 3.72 12.87
C ALA A 631 50.35 2.54 13.26
N LEU A 632 50.17 1.40 12.60
CA LEU A 632 50.97 0.21 12.92
C LEU A 632 52.44 0.44 12.64
N VAL A 633 52.77 1.03 11.49
CA VAL A 633 54.17 1.25 11.14
C VAL A 633 54.82 2.22 12.10
N SER A 634 54.06 3.24 12.54
CA SER A 634 54.58 4.15 13.57
C SER A 634 54.83 3.40 14.87
N LEU A 635 53.92 2.51 15.25
CA LEU A 635 54.14 1.73 16.48
C LEU A 635 55.30 0.75 16.31
N LEU A 636 55.41 0.13 15.14
CA LEU A 636 56.48 -0.84 14.92
C LEU A 636 57.84 -0.14 14.82
N ASN A 637 58.88 -0.87 15.22
CA ASN A 637 60.24 -0.38 15.18
C ASN A 637 61.16 -1.39 14.52
N PRO A 638 62.23 -0.93 13.84
CA PRO A 638 63.16 -1.84 13.18
C PRO A 638 64.28 -2.32 14.10
N ASP A 662 64.21 4.18 6.82
CA ASP A 662 63.17 3.35 7.41
C ASP A 662 61.96 3.25 6.48
N SER A 663 62.09 3.83 5.28
CA SER A 663 61.00 3.82 4.32
C SER A 663 60.78 2.45 3.71
N GLU A 664 61.83 1.63 3.66
CA GLU A 664 61.71 0.31 3.03
C GLU A 664 60.74 -0.58 3.80
N THR A 665 60.81 -0.56 5.14
CA THR A 665 59.94 -1.41 5.94
C THR A 665 58.48 -1.01 5.85
N PHE A 666 58.20 0.24 5.47
CA PHE A 666 56.82 0.70 5.35
C PHE A 666 56.06 -0.10 4.30
N SER A 667 56.68 -0.31 3.14
CA SER A 667 56.03 -1.09 2.09
C SER A 667 55.84 -2.54 2.51
N THR A 668 56.85 -3.12 3.17
CA THR A 668 56.73 -4.50 3.62
C THR A 668 55.57 -4.66 4.59
N PHE A 669 55.45 -3.75 5.56
CA PHE A 669 54.34 -3.81 6.49
C PHE A 669 53.01 -3.52 5.80
N LEU A 670 53.00 -2.66 4.78
CA LEU A 670 51.78 -2.40 4.04
C LEU A 670 51.27 -3.65 3.35
N LEU A 671 52.14 -4.34 2.61
CA LEU A 671 51.73 -5.59 1.98
C LEU A 671 51.39 -6.67 3.00
N ASP A 672 52.08 -6.67 4.15
CA ASP A 672 51.70 -7.59 5.21
C ASP A 672 50.29 -7.31 5.72
N LEU A 673 49.89 -6.03 5.71
CA LEU A 673 48.52 -5.69 6.10
C LEU A 673 47.50 -6.32 5.16
N PHE A 674 47.74 -6.23 3.85
CA PHE A 674 46.86 -6.88 2.89
C PHE A 674 46.86 -8.40 3.07
N LYS A 675 48.04 -8.98 3.31
CA LYS A 675 48.12 -10.43 3.50
C LYS A 675 47.29 -10.86 4.71
N LEU A 676 47.39 -10.12 5.82
CA LEU A 676 46.57 -10.43 6.99
C LEU A 676 45.10 -10.17 6.73
N THR A 677 44.78 -9.18 5.89
CA THR A 677 43.39 -8.93 5.52
C THR A 677 42.81 -10.12 4.78
N ILE A 678 43.57 -10.70 3.86
CA ILE A 678 43.11 -11.90 3.17
C ILE A 678 42.94 -13.05 4.16
N GLY A 679 43.88 -13.20 5.08
CA GLY A 679 43.83 -14.23 6.11
C GLY A 679 45.13 -14.99 6.30
N MET A 680 45.87 -15.23 5.23
CA MET A 680 47.17 -15.90 5.34
C MET A 680 48.19 -14.92 5.88
N GLY A 681 48.77 -15.24 7.03
CA GLY A 681 49.74 -14.34 7.64
C GLY A 681 50.67 -15.09 8.56
N ASP A 682 51.49 -14.31 9.27
CA ASP A 682 52.50 -14.86 10.17
C ASP A 682 52.15 -14.45 11.59
N LEU A 683 52.04 -15.43 12.48
CA LEU A 683 51.79 -15.14 13.88
C LEU A 683 53.00 -14.52 14.56
N GLU A 684 54.21 -14.90 14.14
CA GLU A 684 55.41 -14.31 14.70
C GLU A 684 55.49 -12.82 14.42
N MET A 685 55.13 -12.41 13.21
CA MET A 685 55.15 -10.99 12.87
C MET A 685 54.13 -10.20 13.67
N LEU A 686 53.04 -10.84 14.09
CA LEU A 686 52.03 -10.15 14.89
C LEU A 686 52.61 -9.70 16.23
N SER A 687 53.38 -10.58 16.88
CA SER A 687 54.05 -10.27 18.14
C SER A 687 55.55 -10.07 17.95
N SER A 688 55.96 -9.52 16.81
CA SER A 688 57.39 -9.34 16.54
C SER A 688 58.01 -8.34 17.51
N THR A 689 57.33 -7.23 17.78
CA THR A 689 57.88 -6.16 18.62
C THR A 689 56.89 -5.82 19.74
N LYS A 690 56.96 -6.59 20.82
CA LYS A 690 56.27 -6.28 22.08
C LYS A 690 54.78 -6.05 21.91
N TYR A 691 54.17 -5.42 22.92
CA TYR A 691 52.78 -4.98 22.98
C TYR A 691 51.82 -5.99 22.35
N PRO A 692 51.88 -7.27 22.75
CA PRO A 692 51.14 -8.29 22.00
C PRO A 692 49.63 -8.07 22.01
N VAL A 693 49.09 -7.51 23.09
CA VAL A 693 47.64 -7.36 23.21
C VAL A 693 47.12 -6.32 22.21
N VAL A 694 47.82 -5.19 22.08
CA VAL A 694 47.26 -4.08 21.31
C VAL A 694 47.25 -4.40 19.81
N PHE A 695 48.31 -5.03 19.30
CA PHE A 695 48.28 -5.44 17.89
C PHE A 695 47.17 -6.45 17.63
N ILE A 696 47.00 -7.42 18.53
CA ILE A 696 45.95 -8.41 18.34
C ILE A 696 44.59 -7.72 18.28
N ILE A 697 44.30 -6.87 19.25
CA ILE A 697 42.98 -6.22 19.31
C ILE A 697 42.78 -5.33 18.09
N LEU A 698 43.80 -4.55 17.73
CA LEU A 698 43.63 -3.56 16.68
C LEU A 698 43.55 -4.21 15.31
N LEU A 699 44.34 -5.28 15.09
CA LEU A 699 44.21 -6.03 13.84
C LEU A 699 42.85 -6.70 13.73
N VAL A 700 42.35 -7.25 14.85
CA VAL A 700 41.01 -7.84 14.84
C VAL A 700 39.98 -6.78 14.47
N THR A 701 40.10 -5.59 15.06
CA THR A 701 39.15 -4.53 14.74
C THR A 701 39.27 -4.10 13.28
N TYR A 702 40.49 -4.04 12.75
CA TYR A 702 40.68 -3.66 11.35
C TYR A 702 39.99 -4.67 10.43
N ILE A 703 40.16 -5.96 10.72
CA ILE A 703 39.48 -6.99 9.94
C ILE A 703 37.97 -6.84 10.07
N ILE A 704 37.49 -6.54 11.29
CA ILE A 704 36.07 -6.37 11.52
C ILE A 704 35.52 -5.22 10.68
N LEU A 705 36.22 -4.08 10.68
CA LEU A 705 35.74 -2.93 9.91
C LEU A 705 35.82 -3.17 8.41
N THR A 706 36.82 -3.93 7.95
CA THR A 706 36.83 -4.31 6.53
C THR A 706 35.61 -5.16 6.20
N PHE A 707 35.30 -6.12 7.06
CA PHE A 707 34.11 -6.93 6.86
C PHE A 707 32.84 -6.07 6.96
N VAL A 708 32.89 -5.01 7.77
CA VAL A 708 31.75 -4.11 7.91
C VAL A 708 31.58 -3.27 6.64
N LEU A 709 32.67 -2.93 5.97
CA LEU A 709 32.57 -2.27 4.67
C LEU A 709 31.91 -3.18 3.65
N LEU A 710 32.41 -4.41 3.54
CA LEU A 710 31.76 -5.39 2.66
C LEU A 710 30.33 -5.67 3.11
N LEU A 711 30.04 -5.45 4.40
CA LEU A 711 28.71 -5.63 4.95
C LEU A 711 27.77 -4.53 4.47
N ASN A 712 28.16 -3.28 4.68
CA ASN A 712 27.38 -2.13 4.25
C ASN A 712 27.19 -2.12 2.75
N MET A 713 28.08 -2.78 2.00
CA MET A 713 27.79 -3.04 0.60
C MET A 713 26.45 -3.76 0.44
N LEU A 714 26.19 -4.76 1.29
CA LEU A 714 24.99 -5.58 1.15
C LEU A 714 23.71 -4.80 1.45
N ILE A 715 23.72 -3.95 2.48
CA ILE A 715 22.52 -3.16 2.79
C ILE A 715 22.19 -2.25 1.62
N ALA A 716 23.20 -1.62 1.04
CA ALA A 716 22.98 -0.76 -0.12
C ALA A 716 22.46 -1.55 -1.32
N LEU A 717 23.02 -2.74 -1.56
CA LEU A 717 22.68 -3.47 -2.77
C LEU A 717 21.51 -4.43 -2.60
N MET A 718 20.89 -4.48 -1.43
CA MET A 718 19.81 -5.44 -1.19
C MET A 718 18.44 -4.83 -1.50
N GLY A 719 18.08 -3.77 -0.79
CA GLY A 719 16.75 -3.21 -0.92
C GLY A 719 16.70 -1.92 -1.72
N GLU A 720 17.68 -1.03 -1.49
CA GLU A 720 17.70 0.22 -2.22
C GLU A 720 17.94 0.01 -3.71
N THR A 721 18.83 -0.93 -4.06
CA THR A 721 19.07 -1.25 -5.46
C THR A 721 17.85 -1.92 -6.09
N VAL A 722 17.29 -2.91 -5.41
CA VAL A 722 16.07 -3.54 -5.92
C VAL A 722 14.91 -2.56 -5.90
N GLY A 723 14.87 -1.66 -4.91
CA GLY A 723 13.86 -0.61 -4.91
C GLY A 723 13.97 0.28 -6.12
N GLN A 724 15.20 0.63 -6.53
CA GLN A 724 15.39 1.36 -7.77
C GLN A 724 14.94 0.55 -8.97
N VAL A 725 15.29 -0.74 -8.99
CA VAL A 725 14.90 -1.60 -10.11
C VAL A 725 13.38 -1.69 -10.24
N SER A 726 12.67 -1.59 -9.11
CA SER A 726 11.21 -1.75 -9.13
C SER A 726 10.55 -0.69 -10.01
N LYS A 727 10.96 0.57 -9.87
CA LYS A 727 10.30 1.67 -10.57
C LYS A 727 11.21 2.40 -11.53
N GLU A 728 12.38 2.87 -11.07
CA GLU A 728 13.19 3.76 -11.89
C GLU A 728 13.83 3.02 -13.06
N SER A 729 14.11 1.73 -12.90
CA SER A 729 14.83 1.00 -13.95
C SER A 729 13.99 0.81 -15.20
N LYS A 730 12.67 0.78 -15.08
CA LYS A 730 11.83 0.73 -16.27
C LYS A 730 12.00 1.98 -17.12
N HIS A 731 12.01 3.15 -16.47
CA HIS A 731 12.25 4.40 -17.18
C HIS A 731 13.68 4.45 -17.72
N ILE A 732 14.64 3.91 -16.95
CA ILE A 732 16.01 3.86 -17.44
C ILE A 732 16.09 3.03 -18.71
N TRP A 733 15.42 1.87 -18.74
CA TRP A 733 15.24 1.15 -19.99
C TRP A 733 14.71 2.07 -21.06
N LYS A 734 13.49 2.57 -20.88
CA LYS A 734 12.81 3.29 -21.97
C LYS A 734 13.69 4.38 -22.55
N LEU A 735 14.38 5.14 -21.70
CA LEU A 735 15.30 6.16 -22.18
C LEU A 735 16.48 5.54 -22.94
N GLN A 736 17.07 4.48 -22.39
CA GLN A 736 18.23 3.84 -23.01
C GLN A 736 17.88 3.25 -24.36
N TRP A 737 16.68 2.67 -24.48
CA TRP A 737 16.25 2.05 -25.72
C TRP A 737 15.84 3.11 -26.76
N ALA A 738 15.22 4.20 -26.30
CA ALA A 738 14.81 5.25 -27.23
C ALA A 738 16.02 5.99 -27.78
N THR A 739 17.02 6.26 -26.95
CA THR A 739 18.17 7.01 -27.43
C THR A 739 18.98 6.22 -28.45
N THR A 740 19.04 4.90 -28.32
CA THR A 740 19.70 4.09 -29.34
C THR A 740 18.98 4.19 -30.67
N ILE A 741 17.64 4.12 -30.65
CA ILE A 741 16.86 4.27 -31.88
C ILE A 741 17.12 5.62 -32.52
N LEU A 742 17.10 6.68 -31.71
CA LEU A 742 17.29 8.01 -32.25
C LEU A 742 18.68 8.20 -32.82
N ASP A 743 19.71 7.67 -32.14
CA ASP A 743 21.07 7.77 -32.66
C ASP A 743 21.21 6.99 -33.96
N ILE A 744 20.63 5.79 -34.02
CA ILE A 744 20.67 5.00 -35.24
C ILE A 744 19.99 5.73 -36.38
N GLU A 745 18.85 6.38 -36.10
CA GLU A 745 18.18 7.17 -37.12
C GLU A 745 19.04 8.34 -37.58
N ARG A 746 19.70 9.02 -36.64
CA ARG A 746 20.51 10.17 -37.01
C ARG A 746 21.73 9.77 -37.83
N SER A 747 22.27 8.57 -37.60
CA SER A 747 23.45 8.15 -38.34
C SER A 747 23.17 8.03 -39.83
N PHE A 748 21.94 7.68 -40.21
CA PHE A 748 21.60 7.61 -41.62
C PHE A 748 21.53 8.99 -42.23
N PRO A 749 21.76 9.11 -43.54
CA PRO A 749 21.57 10.39 -44.21
C PRO A 749 20.10 10.75 -44.31
N VAL A 750 19.84 11.93 -44.88
CA VAL A 750 18.49 12.48 -44.88
C VAL A 750 17.56 11.61 -45.72
N PHE A 751 17.99 11.23 -46.93
CA PHE A 751 17.09 10.51 -47.83
C PHE A 751 16.81 9.10 -47.32
N LEU A 752 17.79 8.47 -46.67
CA LEU A 752 17.55 7.16 -46.08
C LEU A 752 16.50 7.24 -44.98
N ARG A 753 16.57 8.29 -44.15
CA ARG A 753 15.53 8.49 -43.15
C ARG A 753 14.18 8.77 -43.79
N LYS A 754 14.17 9.51 -44.90
CA LYS A 754 12.92 9.76 -45.61
C LYS A 754 12.31 8.46 -46.12
N ALA A 755 13.14 7.55 -46.65
CA ALA A 755 12.63 6.25 -47.09
C ALA A 755 12.10 5.45 -45.90
N PHE A 756 12.84 5.43 -44.80
CA PHE A 756 12.41 4.71 -43.60
C PHE A 756 11.71 5.65 -42.62
N ARG A 757 10.69 6.35 -43.10
CA ARG A 757 10.02 7.37 -42.29
C ARG A 757 8.61 6.88 -41.95
N SER A 758 8.32 6.82 -40.65
CA SER A 758 7.08 6.25 -40.17
C SER A 758 5.89 7.14 -40.51
N GLY A 759 4.70 6.54 -40.48
CA GLY A 759 3.49 7.25 -40.78
C GLY A 759 3.11 7.16 -42.25
N GLU A 760 1.81 7.33 -42.52
CA GLU A 760 1.29 7.27 -43.87
C GLU A 760 1.33 8.66 -44.50
N MET A 761 0.85 8.77 -45.73
CA MET A 761 0.86 10.01 -46.48
C MET A 761 -0.58 10.43 -46.76
N VAL A 762 -1.43 10.32 -45.74
CA VAL A 762 -2.86 10.55 -45.92
C VAL A 762 -3.13 12.03 -46.08
N THR A 763 -4.16 12.35 -46.87
CA THR A 763 -4.65 13.71 -47.02
C THR A 763 -5.84 13.91 -46.09
N VAL A 764 -5.90 15.06 -45.43
CA VAL A 764 -6.92 15.31 -44.42
C VAL A 764 -8.14 16.00 -45.03
N GLY A 765 -7.94 17.11 -45.72
CA GLY A 765 -9.06 17.83 -46.28
C GLY A 765 -8.59 19.05 -47.05
N LYS A 766 -9.57 19.82 -47.52
CA LYS A 766 -9.27 21.02 -48.29
C LYS A 766 -8.73 22.12 -47.39
N SER A 767 -7.74 22.86 -47.89
CA SER A 767 -7.16 23.98 -47.17
C SER A 767 -8.06 25.21 -47.34
N SER A 768 -7.54 26.39 -46.96
CA SER A 768 -8.30 27.62 -47.13
C SER A 768 -8.58 27.89 -48.61
N ASP A 769 -7.61 27.60 -49.47
CA ASP A 769 -7.76 27.78 -50.91
C ASP A 769 -8.34 26.55 -51.60
N GLY A 770 -8.71 25.52 -50.84
CA GLY A 770 -9.26 24.30 -51.39
C GLY A 770 -8.24 23.22 -51.69
N THR A 771 -6.95 23.51 -51.53
CA THR A 771 -5.93 22.50 -51.77
C THR A 771 -5.96 21.44 -50.67
N PRO A 772 -5.61 20.20 -51.00
CA PRO A 772 -5.60 19.15 -49.97
C PRO A 772 -4.52 19.40 -48.93
N ASP A 773 -4.79 18.88 -47.72
CA ASP A 773 -3.85 19.06 -46.61
C ASP A 773 -2.55 18.32 -46.86
N ARG A 774 -2.64 17.00 -47.10
CA ARG A 774 -1.49 16.16 -47.41
C ARG A 774 -0.43 16.22 -46.29
N ARG A 775 -0.85 15.73 -45.13
CA ARG A 775 -0.02 15.73 -43.93
C ARG A 775 0.38 14.30 -43.57
N TRP A 776 1.64 14.12 -43.20
CA TRP A 776 2.17 12.80 -42.85
C TRP A 776 1.67 12.43 -41.46
N CYS A 777 0.47 11.84 -41.40
CA CYS A 777 -0.14 11.47 -40.14
C CYS A 777 0.32 10.08 -39.71
N PHE A 778 -0.29 9.57 -38.64
CA PHE A 778 0.09 8.28 -38.07
C PHE A 778 -1.11 7.76 -37.29
N ARG A 779 -1.68 6.65 -37.75
CA ARG A 779 -2.90 6.13 -37.14
C ARG A 779 -2.59 5.18 -36.00
N VAL A 780 -3.43 5.23 -34.97
CA VAL A 780 -3.42 4.24 -33.89
C VAL A 780 -4.84 3.73 -33.72
N ASP A 781 -4.99 2.41 -33.64
CA ASP A 781 -6.30 1.77 -33.59
C ASP A 781 -6.67 1.41 -32.16
N GLU A 782 -7.89 1.76 -31.77
CA GLU A 782 -8.40 1.48 -30.44
C GLU A 782 -9.75 0.80 -30.54
N VAL A 783 -10.12 0.09 -29.48
CA VAL A 783 -11.40 -0.58 -29.38
C VAL A 783 -12.14 -0.02 -28.18
N ASN A 784 -13.25 0.66 -28.42
CA ASN A 784 -14.03 1.31 -27.37
C ASN A 784 -15.48 0.88 -27.49
N TRP A 785 -16.00 0.26 -26.43
CA TRP A 785 -17.39 -0.20 -26.39
C TRP A 785 -18.31 0.78 -25.67
N SER A 786 -17.80 1.93 -25.25
CA SER A 786 -18.61 2.89 -24.48
C SER A 786 -19.49 3.73 -25.40
N HIS A 787 -18.88 4.50 -26.30
CA HIS A 787 -19.62 5.39 -27.18
C HIS A 787 -19.91 4.70 -28.50
N TRP A 788 -21.14 4.87 -28.99
CA TRP A 788 -21.57 4.22 -30.22
C TRP A 788 -21.88 5.24 -31.30
N LEU B 146 -36.30 17.21 60.91
CA LEU B 146 -37.26 18.29 61.10
C LEU B 146 -36.75 19.33 62.08
N LYS B 147 -37.06 19.13 63.36
CA LYS B 147 -36.63 20.05 64.40
C LYS B 147 -35.15 19.91 64.76
N VAL B 148 -34.50 18.84 64.32
CA VAL B 148 -33.07 18.64 64.52
C VAL B 148 -32.43 18.39 63.16
N PHE B 149 -31.42 19.19 62.84
CA PHE B 149 -30.73 19.12 61.54
C PHE B 149 -29.28 18.73 61.79
N ASN B 150 -28.96 17.45 61.58
CA ASN B 150 -27.60 16.98 61.66
C ASN B 150 -26.97 16.89 60.27
N ARG B 151 -25.66 16.63 60.25
CA ARG B 151 -24.93 16.58 59.00
C ARG B 151 -25.42 15.50 58.04
N PRO B 152 -25.53 14.22 58.43
CA PRO B 152 -26.01 13.22 57.46
C PRO B 152 -27.40 13.51 56.96
N ILE B 153 -28.28 14.02 57.83
CA ILE B 153 -29.64 14.35 57.41
C ILE B 153 -29.61 15.50 56.40
N LEU B 154 -28.78 16.52 56.67
CA LEU B 154 -28.70 17.65 55.75
C LEU B 154 -28.21 17.22 54.39
N PHE B 155 -27.17 16.39 54.34
CA PHE B 155 -26.68 15.90 53.05
C PHE B 155 -27.70 14.99 52.37
N ASP B 156 -28.44 14.20 53.15
CA ASP B 156 -29.48 13.35 52.56
C ASP B 156 -30.56 14.20 51.91
N ILE B 157 -30.97 15.29 52.56
CA ILE B 157 -31.95 16.19 51.95
C ILE B 157 -31.38 16.85 50.70
N VAL B 158 -30.16 17.38 50.81
CA VAL B 158 -29.65 18.21 49.72
C VAL B 158 -29.26 17.38 48.51
N SER B 159 -28.94 16.10 48.69
CA SER B 159 -28.63 15.24 47.55
C SER B 159 -29.84 15.08 46.63
N ARG B 160 -31.03 14.90 47.22
CA ARG B 160 -32.24 14.72 46.44
C ARG B 160 -32.84 16.03 45.96
N GLY B 161 -32.37 17.16 46.46
CA GLY B 161 -32.92 18.44 46.06
C GLY B 161 -34.30 18.75 46.60
N SER B 162 -34.69 18.11 47.71
CA SER B 162 -35.99 18.35 48.32
C SER B 162 -35.97 19.70 49.03
N THR B 163 -36.53 20.72 48.38
CA THR B 163 -36.49 22.06 48.94
C THR B 163 -37.39 22.21 50.17
N ALA B 164 -38.51 21.49 50.20
CA ALA B 164 -39.48 21.68 51.27
C ALA B 164 -38.88 21.39 52.65
N ASP B 165 -38.00 20.39 52.74
CA ASP B 165 -37.38 20.05 54.01
C ASP B 165 -36.48 21.16 54.54
N LEU B 166 -36.13 22.14 53.71
CA LEU B 166 -35.37 23.29 54.19
C LEU B 166 -36.25 24.34 54.85
N ASP B 167 -37.57 24.14 54.87
CA ASP B 167 -38.46 25.11 55.50
C ASP B 167 -38.14 25.27 56.99
N GLY B 168 -37.79 24.17 57.65
CA GLY B 168 -37.37 24.21 59.03
C GLY B 168 -35.92 24.55 59.24
N LEU B 169 -35.18 24.85 58.17
CA LEU B 169 -33.77 25.17 58.30
C LEU B 169 -33.56 26.56 58.91
N LEU B 170 -34.50 27.48 58.67
CA LEU B 170 -34.39 28.83 59.22
C LEU B 170 -34.37 28.86 60.75
N PRO B 171 -35.31 28.23 61.47
CA PRO B 171 -35.28 28.37 62.93
C PRO B 171 -34.11 27.66 63.59
N PHE B 172 -33.83 26.42 63.18
CA PHE B 172 -32.87 25.58 63.89
C PHE B 172 -31.51 26.26 64.02
N LEU B 173 -31.03 26.87 62.92
CA LEU B 173 -29.80 27.62 63.00
C LEU B 173 -29.97 28.86 63.88
N LEU B 174 -31.01 29.65 63.61
CA LEU B 174 -31.19 30.91 64.33
C LEU B 174 -31.49 30.67 65.81
N THR B 175 -32.09 29.53 66.14
CA THR B 175 -32.31 29.22 67.55
C THR B 175 -31.01 28.82 68.24
N HIS B 176 -30.06 28.26 67.49
CA HIS B 176 -28.86 27.68 68.08
C HIS B 176 -27.59 28.48 67.79
N LYS B 177 -27.69 29.60 67.06
CA LYS B 177 -26.53 30.44 66.76
C LYS B 177 -25.41 29.65 66.10
N LYS B 178 -25.78 28.75 65.19
CA LYS B 178 -24.82 27.98 64.42
C LYS B 178 -24.77 28.49 62.98
N ARG B 179 -23.75 28.05 62.26
CA ARG B 179 -23.50 28.51 60.90
C ARG B 179 -23.35 27.31 59.97
N LEU B 180 -23.58 27.56 58.68
CA LEU B 180 -23.43 26.48 57.70
C LEU B 180 -21.98 26.11 57.48
N THR B 181 -21.06 27.00 57.83
CA THR B 181 -19.63 26.78 57.62
C THR B 181 -18.94 26.11 58.79
N ASP B 182 -19.68 25.74 59.84
CA ASP B 182 -19.07 25.12 61.00
C ASP B 182 -18.65 23.68 60.67
N GLU B 183 -17.80 23.13 61.54
CA GLU B 183 -17.33 21.76 61.35
C GLU B 183 -18.45 20.74 61.48
N GLU B 184 -19.55 21.09 62.14
CA GLU B 184 -20.66 20.16 62.30
C GLU B 184 -21.30 19.82 60.96
N PHE B 185 -21.44 20.81 60.07
CA PHE B 185 -22.23 20.67 58.86
C PHE B 185 -21.39 20.42 57.61
N ARG B 186 -20.09 20.18 57.77
CA ARG B 186 -19.21 19.94 56.63
C ARG B 186 -18.61 18.53 56.72
N GLU B 187 -18.34 17.96 55.55
CA GLU B 187 -17.77 16.62 55.51
C GLU B 187 -16.40 16.62 56.20
N PRO B 188 -16.12 15.65 57.06
CA PRO B 188 -14.84 15.64 57.79
C PRO B 188 -13.68 15.17 56.92
N SER B 189 -13.98 14.39 55.88
CA SER B 189 -12.92 13.81 55.06
C SER B 189 -12.22 14.88 54.23
N THR B 190 -12.99 15.74 53.57
CA THR B 190 -12.43 16.73 52.65
C THR B 190 -12.75 18.17 53.02
N GLY B 191 -13.57 18.42 54.03
CA GLY B 191 -14.01 19.76 54.31
C GLY B 191 -15.09 20.29 53.40
N LYS B 192 -15.68 19.42 52.58
CA LYS B 192 -16.75 19.84 51.68
C LYS B 192 -17.96 20.32 52.46
N THR B 193 -18.55 21.42 52.01
CA THR B 193 -19.75 21.97 52.63
C THR B 193 -20.98 21.56 51.82
N CYS B 194 -22.14 22.10 52.20
CA CYS B 194 -23.38 21.67 51.59
C CYS B 194 -23.49 22.12 50.14
N LEU B 195 -22.97 23.31 49.82
CA LEU B 195 -23.09 23.83 48.46
C LEU B 195 -22.36 22.97 47.43
N PRO B 196 -21.11 22.55 47.64
CA PRO B 196 -20.50 21.62 46.67
C PRO B 196 -21.25 20.30 46.55
N LYS B 197 -21.82 19.79 47.65
CA LYS B 197 -22.61 18.57 47.55
C LYS B 197 -23.85 18.79 46.70
N ALA B 198 -24.51 19.93 46.85
CA ALA B 198 -25.67 20.24 46.04
C ALA B 198 -25.30 20.38 44.57
N LEU B 199 -24.18 21.04 44.29
CA LEU B 199 -23.76 21.23 42.90
C LEU B 199 -23.28 19.94 42.28
N LEU B 200 -22.77 19.01 43.08
CA LEU B 200 -22.31 17.73 42.54
C LEU B 200 -23.49 16.87 42.10
N ASN B 201 -24.57 16.88 42.88
CA ASN B 201 -25.75 16.06 42.60
C ASN B 201 -26.79 16.95 41.92
N LEU B 202 -26.76 16.97 40.58
CA LEU B 202 -27.66 17.77 39.78
C LEU B 202 -28.65 16.87 39.06
N SER B 203 -29.92 17.22 39.13
CA SER B 203 -30.98 16.53 38.40
C SER B 203 -31.28 17.34 37.14
N ASN B 204 -31.12 16.71 35.97
CA ASN B 204 -31.29 17.31 34.66
C ASN B 204 -30.66 18.71 34.56
N GLY B 205 -29.57 18.91 35.29
CA GLY B 205 -28.87 20.18 35.29
C GLY B 205 -29.48 21.26 36.16
N ARG B 206 -30.52 20.95 36.93
CA ARG B 206 -31.23 21.93 37.73
C ARG B 206 -31.42 21.39 39.14
N ASN B 207 -30.93 22.11 40.13
CA ASN B 207 -31.12 21.78 41.54
C ASN B 207 -31.81 22.96 42.21
N ASP B 208 -33.09 22.80 42.53
CA ASP B 208 -33.88 23.91 43.04
C ASP B 208 -33.49 24.34 44.45
N THR B 209 -32.68 23.55 45.15
CA THR B 209 -32.29 23.89 46.51
C THR B 209 -31.13 24.88 46.56
N ILE B 210 -30.49 25.16 45.43
CA ILE B 210 -29.37 26.11 45.42
C ILE B 210 -29.80 27.51 45.85
N PRO B 211 -30.83 28.13 45.26
CA PRO B 211 -31.21 29.47 45.72
C PRO B 211 -31.66 29.51 47.17
N VAL B 212 -32.38 28.48 47.63
CA VAL B 212 -32.84 28.45 49.02
C VAL B 212 -31.65 28.33 49.97
N LEU B 213 -30.69 27.48 49.64
CA LEU B 213 -29.49 27.35 50.46
C LEU B 213 -28.71 28.66 50.50
N LEU B 214 -28.60 29.33 49.35
CA LEU B 214 -27.85 30.58 49.33
C LEU B 214 -28.56 31.66 50.12
N ASP B 215 -29.90 31.69 50.04
CA ASP B 215 -30.67 32.67 50.80
C ASP B 215 -30.55 32.42 52.31
N ILE B 216 -30.63 31.15 52.73
CA ILE B 216 -30.48 30.87 54.15
C ILE B 216 -29.07 31.19 54.61
N ALA B 217 -28.07 30.98 53.75
CA ALA B 217 -26.70 31.36 54.11
C ALA B 217 -26.56 32.86 54.28
N GLU B 218 -27.17 33.64 53.37
CA GLU B 218 -27.06 35.09 53.47
C GLU B 218 -27.85 35.65 54.66
N ARG B 219 -28.98 35.02 55.01
CA ARG B 219 -29.69 35.42 56.21
C ARG B 219 -28.94 35.00 57.48
N THR B 220 -28.16 33.92 57.40
CA THR B 220 -27.36 33.50 58.54
C THR B 220 -26.28 34.53 58.88
N GLY B 221 -25.71 35.18 57.88
CA GLY B 221 -24.68 36.17 58.08
C GLY B 221 -23.28 35.76 57.66
N ASN B 222 -23.13 34.62 57.00
CA ASN B 222 -21.83 34.14 56.53
C ASN B 222 -21.92 33.77 55.05
N MET B 223 -22.59 34.63 54.28
CA MET B 223 -22.76 34.37 52.85
C MET B 223 -21.43 34.29 52.14
N ARG B 224 -20.55 35.25 52.41
CA ARG B 224 -19.23 35.26 51.77
C ARG B 224 -18.44 34.02 52.14
N GLU B 225 -18.43 33.66 53.42
CA GLU B 225 -17.69 32.48 53.85
C GLU B 225 -18.30 31.19 53.34
N PHE B 226 -19.58 31.21 52.94
CA PHE B 226 -20.24 30.01 52.46
C PHE B 226 -20.07 29.82 50.96
N ILE B 227 -20.05 30.90 50.18
CA ILE B 227 -20.02 30.76 48.73
C ILE B 227 -18.76 30.04 48.28
N ASN B 228 -17.60 30.47 48.77
CA ASN B 228 -16.32 29.88 48.39
C ASN B 228 -15.75 29.12 49.59
N SER B 229 -16.13 27.85 49.70
CA SER B 229 -15.61 26.99 50.75
C SER B 229 -14.62 26.01 50.14
N PRO B 230 -13.31 26.23 50.32
CA PRO B 230 -12.34 25.36 49.66
C PRO B 230 -12.28 23.99 50.30
N PHE B 231 -11.99 22.99 49.47
CA PHE B 231 -11.79 21.65 49.97
C PHE B 231 -10.49 21.58 50.77
N ARG B 232 -10.43 20.63 51.69
CA ARG B 232 -9.30 20.52 52.60
C ARG B 232 -8.42 19.30 52.37
N ASP B 233 -8.96 18.23 51.79
CA ASP B 233 -8.17 17.03 51.57
C ASP B 233 -7.07 17.29 50.55
N ILE B 234 -5.97 16.55 50.68
CA ILE B 234 -4.83 16.72 49.78
C ILE B 234 -5.17 16.31 48.35
N TYR B 235 -6.23 15.52 48.18
CA TYR B 235 -6.59 14.98 46.87
C TYR B 235 -7.49 15.92 46.08
N TYR B 236 -8.10 16.92 46.71
CA TYR B 236 -8.94 17.89 46.02
C TYR B 236 -8.73 19.30 46.55
N ARG B 237 -7.53 19.61 47.03
CA ARG B 237 -7.29 20.88 47.70
C ARG B 237 -7.56 22.07 46.78
N GLY B 238 -8.21 23.09 47.33
CA GLY B 238 -8.41 24.34 46.65
C GLY B 238 -9.67 24.42 45.81
N GLN B 239 -10.30 23.29 45.50
CA GLN B 239 -11.50 23.31 44.67
C GLN B 239 -12.60 24.11 45.36
N THR B 240 -13.32 24.90 44.58
CA THR B 240 -14.37 25.78 45.06
C THR B 240 -15.67 25.43 44.35
N ALA B 241 -16.79 25.79 44.99
CA ALA B 241 -18.10 25.55 44.38
C ALA B 241 -18.19 26.18 43.01
N LEU B 242 -17.47 27.29 42.78
CA LEU B 242 -17.40 27.87 41.44
C LEU B 242 -16.75 26.91 40.46
N HIS B 243 -15.69 26.22 40.89
CA HIS B 243 -15.05 25.24 40.02
C HIS B 243 -16.00 24.10 39.68
N ILE B 244 -16.77 23.64 40.65
CA ILE B 244 -17.72 22.56 40.40
C ILE B 244 -18.81 23.02 39.45
N ALA B 245 -19.28 24.26 39.62
CA ALA B 245 -20.30 24.79 38.71
C ALA B 245 -19.77 24.90 37.30
N ILE B 246 -18.52 25.36 37.13
CA ILE B 246 -17.94 25.47 35.80
C ILE B 246 -17.73 24.09 35.19
N GLU B 247 -17.23 23.15 35.98
CA GLU B 247 -16.94 21.80 35.48
C GLU B 247 -18.21 21.06 35.09
N ARG B 248 -19.38 21.51 35.54
CA ARG B 248 -20.65 20.89 35.20
C ARG B 248 -21.33 21.53 34.01
N ARG B 249 -20.69 22.52 33.38
CA ARG B 249 -21.24 23.20 32.21
C ARG B 249 -22.62 23.78 32.49
N CYS B 250 -22.75 24.44 33.64
CA CYS B 250 -23.99 25.08 34.06
C CYS B 250 -23.75 26.58 34.15
N LYS B 251 -24.12 27.31 33.08
CA LYS B 251 -23.88 28.75 33.05
C LYS B 251 -24.73 29.48 34.07
N HIS B 252 -25.98 29.05 34.26
CA HIS B 252 -26.88 29.77 35.15
C HIS B 252 -26.36 29.75 36.59
N TYR B 253 -25.84 28.62 37.05
CA TYR B 253 -25.40 28.51 38.42
C TYR B 253 -24.13 29.32 38.67
N VAL B 254 -23.18 29.30 37.73
CA VAL B 254 -21.99 30.13 37.92
C VAL B 254 -22.35 31.61 37.85
N GLU B 255 -23.30 31.97 36.98
CA GLU B 255 -23.78 33.35 36.95
C GLU B 255 -24.36 33.77 38.29
N LEU B 256 -25.25 32.94 38.84
CA LEU B 256 -25.89 33.29 40.10
C LEU B 256 -24.93 33.23 41.28
N LEU B 257 -23.84 32.47 41.16
CA LEU B 257 -22.87 32.35 42.23
C LEU B 257 -21.87 33.50 42.25
N VAL B 258 -21.32 33.87 41.10
CA VAL B 258 -20.33 34.94 41.06
C VAL B 258 -20.96 36.28 41.39
N ALA B 259 -22.21 36.51 40.97
CA ALA B 259 -22.84 37.82 41.14
C ALA B 259 -23.03 38.18 42.60
N GLN B 260 -22.94 37.21 43.51
CA GLN B 260 -23.20 37.44 44.93
C GLN B 260 -21.96 37.25 45.80
N GLY B 261 -20.78 37.12 45.20
CA GLY B 261 -19.56 37.12 45.98
C GLY B 261 -18.65 35.91 45.84
N ALA B 262 -18.73 35.20 44.72
CA ALA B 262 -17.86 34.06 44.49
C ALA B 262 -16.51 34.53 43.97
N ASP B 263 -15.44 34.04 44.60
CA ASP B 263 -14.10 34.41 44.18
C ASP B 263 -13.76 33.71 42.87
N VAL B 264 -13.38 34.50 41.87
CA VAL B 264 -13.07 33.97 40.55
C VAL B 264 -11.57 33.71 40.37
N HIS B 265 -10.81 33.75 41.46
CA HIS B 265 -9.37 33.48 41.39
C HIS B 265 -8.94 32.37 42.33
N ALA B 266 -9.88 31.62 42.89
CA ALA B 266 -9.53 30.50 43.77
C ALA B 266 -8.81 29.42 42.97
N GLN B 267 -7.61 29.08 43.40
CA GLN B 267 -6.75 28.17 42.65
C GLN B 267 -6.99 26.73 43.11
N ALA B 268 -7.54 25.91 42.22
CA ALA B 268 -7.74 24.49 42.49
C ALA B 268 -6.41 23.79 42.27
N ARG B 269 -5.57 23.77 43.31
CA ARG B 269 -4.23 23.23 43.23
C ARG B 269 -4.08 21.91 43.97
N GLY B 270 -5.14 21.12 44.04
CA GLY B 270 -5.07 19.83 44.67
C GLY B 270 -4.32 18.82 43.82
N ARG B 271 -4.05 17.66 44.42
CA ARG B 271 -3.31 16.62 43.70
C ARG B 271 -4.10 16.04 42.54
N PHE B 272 -5.42 16.17 42.55
CA PHE B 272 -6.21 15.74 41.39
C PHE B 272 -6.05 16.70 40.22
N PHE B 273 -5.84 17.99 40.51
CA PHE B 273 -5.67 19.01 39.48
C PHE B 273 -4.19 19.25 39.21
N GLN B 274 -3.52 18.21 38.74
CA GLN B 274 -2.10 18.25 38.43
C GLN B 274 -1.88 17.60 37.07
N PRO B 275 -0.78 17.93 36.39
CA PRO B 275 -0.51 17.30 35.10
C PRO B 275 -0.36 15.79 35.24
N LYS B 276 -0.75 15.08 34.19
CA LYS B 276 -0.77 13.62 34.22
C LYS B 276 0.62 13.02 34.47
N ASP B 277 1.68 13.79 34.20
CA ASP B 277 3.04 13.32 34.48
C ASP B 277 3.48 13.59 35.91
N GLU B 278 2.63 14.22 36.73
CA GLU B 278 2.96 14.54 38.11
C GLU B 278 1.93 13.97 39.08
N GLY B 279 1.39 12.81 38.78
CA GLY B 279 0.42 12.18 39.65
C GLY B 279 -0.89 12.92 39.72
N GLY B 280 -1.58 13.01 38.58
CA GLY B 280 -2.85 13.72 38.52
C GLY B 280 -3.64 13.25 37.32
N TYR B 281 -4.85 13.80 37.19
CA TYR B 281 -5.75 13.40 36.11
C TYR B 281 -6.08 14.52 35.15
N PHE B 282 -6.23 15.75 35.63
CA PHE B 282 -6.68 16.86 34.78
C PHE B 282 -6.04 18.15 35.28
N TYR B 283 -5.19 18.74 34.45
CA TYR B 283 -4.60 20.04 34.74
C TYR B 283 -5.22 21.06 33.79
N PHE B 284 -6.03 21.96 34.33
CA PHE B 284 -6.72 22.97 33.53
C PHE B 284 -6.17 24.36 33.71
N GLY B 285 -5.13 24.54 34.52
CA GLY B 285 -4.56 25.84 34.77
C GLY B 285 -4.80 26.40 36.15
N GLU B 286 -5.44 25.65 37.05
CA GLU B 286 -5.60 26.03 38.45
C GLU B 286 -6.33 27.36 38.60
N LEU B 287 -7.34 27.58 37.79
CA LEU B 287 -8.07 28.85 37.85
C LEU B 287 -9.44 28.70 37.23
N PRO B 288 -10.47 29.34 37.77
CA PRO B 288 -11.83 29.20 37.19
C PRO B 288 -11.91 29.61 35.74
N LEU B 289 -11.29 30.74 35.37
CA LEU B 289 -11.30 31.15 33.97
C LEU B 289 -10.52 30.17 33.11
N SER B 290 -9.37 29.71 33.60
CA SER B 290 -8.61 28.71 32.87
C SER B 290 -9.41 27.43 32.71
N LEU B 291 -10.12 27.01 33.76
CA LEU B 291 -10.96 25.81 33.66
C LEU B 291 -12.07 25.99 32.62
N ALA B 292 -12.73 27.14 32.63
CA ALA B 292 -13.80 27.39 31.67
C ALA B 292 -13.26 27.40 30.25
N ALA B 293 -12.08 27.98 30.05
CA ALA B 293 -11.48 27.96 28.72
C ALA B 293 -11.04 26.56 28.32
N CYS B 294 -10.60 25.75 29.27
CA CYS B 294 -10.08 24.43 28.98
C CYS B 294 -11.16 23.37 28.83
N THR B 295 -12.41 23.64 29.24
CA THR B 295 -13.51 22.72 29.01
C THR B 295 -14.37 23.11 27.83
N ASN B 296 -13.89 24.03 26.99
CA ASN B 296 -14.57 24.47 25.78
C ASN B 296 -15.97 25.00 26.09
N GLN B 297 -15.99 26.08 26.86
CA GLN B 297 -17.22 26.74 27.30
C GLN B 297 -17.07 28.23 27.01
N PRO B 298 -17.15 28.64 25.75
CA PRO B 298 -16.92 30.04 25.41
C PRO B 298 -17.90 31.01 26.07
N HIS B 299 -19.16 30.61 26.25
CA HIS B 299 -20.14 31.51 26.83
C HIS B 299 -19.79 31.85 28.28
N ILE B 300 -19.39 30.86 29.06
CA ILE B 300 -19.01 31.12 30.45
C ILE B 300 -17.72 31.93 30.51
N VAL B 301 -16.80 31.71 29.56
CA VAL B 301 -15.61 32.54 29.51
C VAL B 301 -15.98 33.99 29.25
N ASN B 302 -16.89 34.22 28.29
CA ASN B 302 -17.34 35.59 28.00
C ASN B 302 -18.00 36.22 29.21
N TYR B 303 -18.83 35.44 29.92
CA TYR B 303 -19.50 35.99 31.10
C TYR B 303 -18.50 36.30 32.20
N LEU B 304 -17.53 35.42 32.44
CA LEU B 304 -16.53 35.66 33.49
C LEU B 304 -15.68 36.88 33.17
N THR B 305 -15.27 37.03 31.91
CA THR B 305 -14.46 38.18 31.54
C THR B 305 -15.27 39.47 31.57
N GLU B 306 -16.54 39.42 31.13
CA GLU B 306 -17.40 40.59 31.04
C GLU B 306 -18.63 40.37 31.91
N ASN B 307 -18.59 40.88 33.13
CA ASN B 307 -19.72 40.85 34.04
C ASN B 307 -19.62 42.05 34.98
N PRO B 308 -20.72 42.74 35.25
CA PRO B 308 -20.65 43.92 36.12
C PRO B 308 -20.20 43.60 37.54
N HIS B 309 -20.34 42.37 38.00
CA HIS B 309 -20.10 42.06 39.40
C HIS B 309 -18.61 41.91 39.68
N LYS B 310 -17.95 40.94 39.06
CA LYS B 310 -16.54 40.71 39.28
C LYS B 310 -15.94 40.02 38.07
N LYS B 311 -14.90 40.61 37.50
CA LYS B 311 -14.25 40.10 36.31
C LYS B 311 -12.89 39.50 36.67
N ALA B 312 -12.60 38.33 36.09
CA ALA B 312 -11.31 37.67 36.26
C ALA B 312 -10.44 38.02 35.07
N ASP B 313 -9.39 38.82 35.31
CA ASP B 313 -8.51 39.23 34.24
C ASP B 313 -7.77 38.03 33.66
N MET B 314 -7.73 37.94 32.33
CA MET B 314 -7.12 36.82 31.66
C MET B 314 -5.60 36.78 31.79
N ARG B 315 -4.99 37.86 32.27
CA ARG B 315 -3.55 37.92 32.44
C ARG B 315 -3.09 37.33 33.76
N ARG B 316 -4.01 36.88 34.61
CA ARG B 316 -3.63 36.32 35.90
C ARG B 316 -2.94 34.97 35.71
N GLN B 317 -1.97 34.70 36.58
CA GLN B 317 -1.19 33.47 36.53
C GLN B 317 -1.47 32.62 37.77
N ASP B 318 -1.43 31.30 37.57
CA ASP B 318 -1.69 30.36 38.65
C ASP B 318 -0.42 30.17 39.48
N SER B 319 -0.41 29.14 40.33
CA SER B 319 0.78 28.85 41.13
C SER B 319 1.97 28.51 40.25
N ARG B 320 1.74 27.74 39.19
CA ARG B 320 2.82 27.41 38.25
C ARG B 320 3.23 28.60 37.40
N GLY B 321 2.48 29.70 37.44
CA GLY B 321 2.74 30.84 36.58
C GLY B 321 2.07 30.75 35.22
N ASN B 322 1.44 29.61 34.91
CA ASN B 322 0.78 29.45 33.62
C ASN B 322 -0.45 30.35 33.54
N THR B 323 -0.55 31.11 32.46
CA THR B 323 -1.73 31.94 32.24
C THR B 323 -2.82 31.09 31.57
N VAL B 324 -3.88 31.74 31.10
CA VAL B 324 -4.97 31.02 30.46
C VAL B 324 -4.48 30.39 29.16
N LEU B 325 -3.67 31.11 28.40
CA LEU B 325 -3.12 30.57 27.16
C LEU B 325 -2.20 29.38 27.43
N HIS B 326 -1.38 29.47 28.49
CA HIS B 326 -0.51 28.35 28.81
C HIS B 326 -1.32 27.10 29.17
N ALA B 327 -2.39 27.28 29.95
CA ALA B 327 -3.24 26.14 30.28
C ALA B 327 -3.91 25.57 29.04
N LEU B 328 -4.40 26.45 28.16
CA LEU B 328 -5.04 26.00 26.93
C LEU B 328 -4.07 25.24 26.04
N VAL B 329 -2.79 25.63 26.04
CA VAL B 329 -1.78 24.85 25.36
C VAL B 329 -1.56 23.52 26.07
N ALA B 330 -1.57 23.53 27.41
CA ALA B 330 -1.28 22.33 28.17
C ALA B 330 -2.31 21.24 27.92
N ILE B 331 -3.60 21.60 27.87
CA ILE B 331 -4.63 20.60 27.64
C ILE B 331 -4.65 20.09 26.21
N ALA B 332 -4.03 20.81 25.28
CA ALA B 332 -4.18 20.50 23.86
C ALA B 332 -3.57 19.14 23.54
N ASP B 333 -4.18 18.47 22.58
CA ASP B 333 -3.67 17.24 22.01
C ASP B 333 -3.27 17.49 20.56
N ASN B 334 -2.82 16.44 19.89
CA ASN B 334 -2.52 16.53 18.47
C ASN B 334 -3.70 16.13 17.59
N THR B 335 -4.80 15.69 18.19
CA THR B 335 -5.98 15.31 17.42
C THR B 335 -6.61 16.54 16.77
N ARG B 336 -7.27 16.31 15.62
CA ARG B 336 -7.86 17.41 14.88
C ARG B 336 -8.99 18.07 15.66
N GLU B 337 -9.83 17.27 16.32
CA GLU B 337 -11.02 17.82 16.96
C GLU B 337 -10.66 18.65 18.19
N ASN B 338 -9.65 18.21 18.95
CA ASN B 338 -9.23 18.98 20.12
C ASN B 338 -8.66 20.33 19.71
N THR B 339 -7.71 20.32 18.77
CA THR B 339 -7.14 21.58 18.29
C THR B 339 -8.21 22.46 17.65
N LYS B 340 -9.26 21.85 17.10
CA LYS B 340 -10.32 22.61 16.43
C LYS B 340 -10.90 23.68 17.35
N PHE B 341 -11.12 23.35 18.63
CA PHE B 341 -11.59 24.38 19.55
C PHE B 341 -10.48 24.98 20.39
N VAL B 342 -9.34 24.30 20.55
CA VAL B 342 -8.24 24.88 21.31
C VAL B 342 -7.72 26.13 20.62
N THR B 343 -7.51 26.06 19.30
CA THR B 343 -7.05 27.24 18.56
C THR B 343 -8.11 28.34 18.57
N LYS B 344 -9.39 27.96 18.45
CA LYS B 344 -10.45 28.94 18.46
C LYS B 344 -10.49 29.69 19.79
N MET B 345 -10.41 28.96 20.90
CA MET B 345 -10.41 29.60 22.21
C MET B 345 -9.16 30.43 22.42
N TYR B 346 -8.01 29.96 21.91
CA TYR B 346 -6.78 30.72 22.02
C TYR B 346 -6.90 32.06 21.32
N ASP B 347 -7.40 32.06 20.08
CA ASP B 347 -7.59 33.30 19.35
C ASP B 347 -8.60 34.20 20.03
N LEU B 348 -9.70 33.62 20.52
CA LEU B 348 -10.72 34.41 21.20
C LEU B 348 -10.14 35.11 22.43
N LEU B 349 -9.42 34.36 23.26
CA LEU B 349 -8.85 34.94 24.47
C LEU B 349 -7.80 35.99 24.15
N LEU B 350 -6.95 35.73 23.16
CA LEU B 350 -5.91 36.70 22.82
C LEU B 350 -6.53 38.00 22.31
N LEU B 351 -7.52 37.91 21.42
CA LEU B 351 -8.17 39.10 20.90
C LEU B 351 -8.91 39.86 21.99
N LYS B 352 -9.59 39.12 22.89
CA LYS B 352 -10.30 39.79 23.98
C LYS B 352 -9.33 40.51 24.91
N CYS B 353 -8.21 39.88 25.23
CA CYS B 353 -7.23 40.55 26.10
C CYS B 353 -6.63 41.76 25.41
N ALA B 354 -6.37 41.68 24.11
CA ALA B 354 -5.86 42.83 23.39
C ALA B 354 -6.85 43.99 23.41
N ARG B 355 -8.12 43.69 23.15
CA ARG B 355 -9.14 44.74 23.16
C ARG B 355 -9.30 45.35 24.55
N LEU B 356 -9.25 44.51 25.59
CA LEU B 356 -9.38 45.04 26.94
C LEU B 356 -8.10 45.75 27.39
N PHE B 357 -6.94 45.21 27.03
CA PHE B 357 -5.65 45.74 27.46
C PHE B 357 -4.75 45.94 26.25
N PRO B 358 -4.96 47.01 25.49
CA PRO B 358 -4.11 47.25 24.32
C PRO B 358 -2.66 47.55 24.66
N ASP B 359 -2.37 47.94 25.90
CA ASP B 359 -0.99 48.28 26.27
C ASP B 359 -0.07 47.06 26.19
N SER B 360 -0.54 45.91 26.66
CA SER B 360 0.26 44.70 26.72
C SER B 360 -0.33 43.61 25.84
N ASN B 361 0.44 42.56 25.63
CA ASN B 361 0.03 41.39 24.86
C ASN B 361 -0.01 40.19 25.79
N LEU B 362 -1.11 39.43 25.71
CA LEU B 362 -1.28 38.29 26.62
C LEU B 362 -0.25 37.20 26.35
N GLU B 363 0.26 37.11 25.12
CA GLU B 363 1.25 36.09 24.80
C GLU B 363 2.62 36.42 25.37
N ALA B 364 2.89 37.69 25.68
CA ALA B 364 4.22 38.12 26.09
C ALA B 364 4.54 37.78 27.54
N VAL B 365 3.58 37.35 28.33
CA VAL B 365 3.81 37.03 29.74
C VAL B 365 4.38 35.62 29.84
N LEU B 366 5.33 35.45 30.75
CA LEU B 366 6.04 34.18 30.91
C LEU B 366 5.70 33.54 32.24
N ASN B 367 5.59 32.22 32.24
CA ASN B 367 5.35 31.48 33.47
C ASN B 367 6.62 31.41 34.31
N ASN B 368 6.55 30.69 35.43
CA ASN B 368 7.71 30.55 36.30
C ASN B 368 8.84 29.77 35.64
N ASP B 369 8.54 29.02 34.58
CA ASP B 369 9.58 28.31 33.83
C ASP B 369 10.25 29.17 32.78
N GLY B 370 9.80 30.41 32.60
CA GLY B 370 10.36 31.30 31.60
C GLY B 370 9.84 31.10 30.19
N LEU B 371 8.85 30.22 30.00
CA LEU B 371 8.33 29.92 28.69
C LEU B 371 7.22 30.88 28.31
N SER B 372 6.75 30.76 27.08
CA SER B 372 5.60 31.47 26.55
C SER B 372 4.72 30.45 25.85
N PRO B 373 3.45 30.78 25.58
CA PRO B 373 2.57 29.78 24.96
C PRO B 373 3.12 29.16 23.70
N LEU B 374 3.78 29.95 22.84
CA LEU B 374 4.37 29.40 21.63
C LEU B 374 5.54 28.47 21.96
N MET B 375 6.46 28.94 22.80
CA MET B 375 7.61 28.11 23.16
C MET B 375 7.17 26.87 23.93
N MET B 376 6.22 27.02 24.86
CA MET B 376 5.79 25.87 25.62
C MET B 376 5.05 24.88 24.75
N ALA B 377 4.33 25.36 23.74
CA ALA B 377 3.75 24.44 22.76
C ALA B 377 4.84 23.78 21.92
N ALA B 378 5.98 24.46 21.75
CA ALA B 378 7.07 23.89 20.96
C ALA B 378 7.69 22.70 21.64
N LYS B 379 8.02 22.82 22.94
CA LYS B 379 8.75 21.78 23.65
C LYS B 379 7.87 20.75 24.32
N THR B 380 6.55 20.92 24.29
CA THR B 380 5.65 19.94 24.88
C THR B 380 5.17 18.90 23.87
N GLY B 381 5.06 19.26 22.60
CA GLY B 381 4.66 18.31 21.59
C GLY B 381 3.25 18.53 21.07
N LYS B 382 2.87 19.80 20.91
CA LYS B 382 1.54 20.16 20.41
C LYS B 382 1.70 20.88 19.08
N ILE B 383 1.74 20.10 17.99
CA ILE B 383 1.86 20.68 16.66
C ILE B 383 0.62 21.49 16.30
N GLY B 384 -0.56 21.03 16.76
CA GLY B 384 -1.80 21.63 16.29
C GLY B 384 -1.91 23.10 16.65
N ILE B 385 -1.54 23.47 17.87
CA ILE B 385 -1.54 24.87 18.25
C ILE B 385 -0.24 25.56 17.91
N PHE B 386 0.87 24.82 17.78
CA PHE B 386 2.14 25.43 17.38
C PHE B 386 2.03 26.06 16.00
N GLN B 387 1.54 25.29 15.02
CA GLN B 387 1.41 25.82 13.67
C GLN B 387 0.40 26.96 13.63
N HIS B 388 -0.68 26.85 14.41
CA HIS B 388 -1.68 27.91 14.42
C HIS B 388 -1.11 29.21 14.97
N ILE B 389 -0.35 29.14 16.05
CA ILE B 389 0.26 30.34 16.61
C ILE B 389 1.25 30.93 15.63
N ILE B 390 2.07 30.09 14.99
CA ILE B 390 3.07 30.62 14.06
C ILE B 390 2.40 31.30 12.86
N ARG B 391 1.37 30.67 12.30
CA ARG B 391 0.79 31.12 11.04
C ARG B 391 -0.47 31.94 11.22
N ARG B 392 -0.78 32.37 12.44
CA ARG B 392 -2.02 33.12 12.65
C ARG B 392 -1.92 34.51 12.02
N GLU B 393 -3.06 35.00 11.55
CA GLU B 393 -3.16 36.34 10.98
C GLU B 393 -4.49 36.94 11.41
N VAL B 394 -4.46 38.20 11.84
CA VAL B 394 -5.64 38.91 12.30
C VAL B 394 -6.01 39.93 11.23
N THR B 395 -7.15 39.71 10.56
CA THR B 395 -7.57 40.62 9.50
C THR B 395 -8.11 41.92 10.06
N ASP B 396 -8.60 41.91 11.31
CA ASP B 396 -9.15 43.12 11.91
C ASP B 396 -8.08 44.20 12.04
N GLU B 397 -8.42 45.42 11.64
CA GLU B 397 -7.48 46.53 11.75
C GLU B 397 -7.30 46.98 13.19
N ASP B 398 -8.24 46.65 14.08
CA ASP B 398 -8.15 47.09 15.46
C ASP B 398 -6.96 46.47 16.17
N THR B 399 -6.76 45.16 15.99
CA THR B 399 -5.71 44.41 16.67
C THR B 399 -4.94 43.54 15.69
N ARG B 400 -4.53 44.14 14.57
CA ARG B 400 -3.75 43.41 13.59
C ARG B 400 -2.31 43.19 14.03
N HIS B 401 -1.85 43.92 15.05
CA HIS B 401 -0.45 43.84 15.45
C HIS B 401 -0.07 42.48 16.01
N LEU B 402 -1.02 41.74 16.58
CA LEU B 402 -0.73 40.41 17.13
C LEU B 402 -0.92 39.30 16.11
N SER B 403 -0.30 39.46 14.94
CA SER B 403 -0.26 38.41 13.94
C SER B 403 1.18 38.18 13.52
N ARG B 404 1.49 36.93 13.19
CA ARG B 404 2.83 36.54 12.82
C ARG B 404 2.97 36.19 11.34
N LYS B 405 1.99 36.53 10.52
CA LYS B 405 2.06 36.24 9.08
C LYS B 405 1.29 37.33 8.35
N PHE B 406 2.00 38.16 7.60
CA PHE B 406 1.40 39.25 6.84
C PHE B 406 1.55 38.96 5.35
N LYS B 407 0.74 39.65 4.54
CA LYS B 407 0.84 39.58 3.10
C LYS B 407 1.41 40.90 2.59
N ASP B 408 2.67 40.89 2.16
CA ASP B 408 3.34 42.14 1.83
C ASP B 408 2.88 42.67 0.48
N TRP B 409 3.10 41.90 -0.58
CA TRP B 409 2.76 42.36 -1.93
C TRP B 409 2.33 41.17 -2.76
N ALA B 410 1.60 41.47 -3.84
CA ALA B 410 1.12 40.45 -4.75
C ALA B 410 1.15 41.00 -6.17
N TYR B 411 1.65 40.20 -7.11
CA TYR B 411 1.67 40.55 -8.53
C TYR B 411 1.16 39.33 -9.28
N GLY B 412 -0.10 39.36 -9.69
CA GLY B 412 -0.73 38.21 -10.27
C GLY B 412 -0.72 37.03 -9.31
N PRO B 413 -0.35 35.86 -9.81
CA PRO B 413 -0.26 34.67 -8.96
C PRO B 413 1.12 34.50 -8.29
N VAL B 414 1.61 35.59 -7.70
CA VAL B 414 2.86 35.57 -6.94
C VAL B 414 2.59 36.34 -5.65
N TYR B 415 2.43 35.61 -4.55
CA TYR B 415 2.08 36.20 -3.26
C TYR B 415 3.28 36.09 -2.33
N SER B 416 3.64 37.19 -1.69
CA SER B 416 4.76 37.24 -0.76
C SER B 416 4.19 37.37 0.65
N SER B 417 3.94 36.23 1.28
CA SER B 417 3.55 36.20 2.68
C SER B 417 4.80 36.12 3.53
N LEU B 418 4.97 37.11 4.39
CA LEU B 418 6.15 37.20 5.25
C LEU B 418 5.77 36.86 6.69
N TYR B 419 6.53 35.96 7.29
CA TYR B 419 6.28 35.51 8.65
C TYR B 419 7.09 36.35 9.64
N ASP B 420 6.74 36.23 10.91
CA ASP B 420 7.43 36.92 11.99
C ASP B 420 8.27 35.91 12.76
N LEU B 421 9.54 36.24 12.97
CA LEU B 421 10.47 35.39 13.70
C LEU B 421 11.05 36.13 14.91
N SER B 422 10.22 36.99 15.53
CA SER B 422 10.68 37.74 16.69
C SER B 422 11.13 36.82 17.82
N SER B 423 10.56 35.62 17.90
CA SER B 423 10.98 34.63 18.88
C SER B 423 11.55 33.36 18.26
N LEU B 424 11.44 33.18 16.95
CA LEU B 424 11.98 32.00 16.30
C LEU B 424 13.49 32.07 16.14
N ASP B 425 14.05 33.27 15.96
CA ASP B 425 15.49 33.43 15.80
C ASP B 425 15.86 34.77 16.42
N THR B 426 16.31 34.74 17.68
CA THR B 426 16.67 35.95 18.40
C THR B 426 18.15 36.02 18.74
N CYS B 427 18.97 35.07 18.27
CA CYS B 427 20.41 35.08 18.48
C CYS B 427 20.76 35.06 19.98
N GLY B 428 20.19 34.10 20.69
CA GLY B 428 20.52 33.91 22.10
C GLY B 428 20.18 35.08 22.99
N GLU B 429 18.99 35.66 22.82
CA GLU B 429 18.59 36.80 23.62
C GLU B 429 17.27 36.53 24.34
N GLU B 430 16.37 35.81 23.68
CA GLU B 430 15.03 35.56 24.20
C GLU B 430 14.65 34.09 24.11
N ALA B 431 15.62 33.19 24.21
CA ALA B 431 15.37 31.74 24.23
C ALA B 431 14.59 31.31 22.98
N SER B 432 15.27 31.45 21.83
CA SER B 432 14.67 31.22 20.53
C SER B 432 13.95 29.88 20.48
N VAL B 433 12.80 29.87 19.79
CA VAL B 433 11.99 28.67 19.69
C VAL B 433 12.72 27.58 18.92
N LEU B 434 13.57 27.95 17.98
CA LEU B 434 14.23 26.95 17.15
C LEU B 434 15.14 26.05 17.98
N GLU B 435 15.94 26.63 18.88
CA GLU B 435 16.81 25.82 19.71
C GLU B 435 16.01 24.92 20.64
N ILE B 436 14.94 25.45 21.23
CA ILE B 436 14.09 24.65 22.10
C ILE B 436 13.49 23.48 21.35
N LEU B 437 13.02 23.72 20.12
CA LEU B 437 12.41 22.68 19.32
C LEU B 437 13.43 21.62 18.91
N VAL B 438 14.64 22.03 18.53
CA VAL B 438 15.63 21.06 18.09
C VAL B 438 16.14 20.23 19.26
N TYR B 439 16.32 20.85 20.43
CA TYR B 439 16.90 20.17 21.57
C TYR B 439 15.85 19.64 22.55
N ASN B 440 14.98 20.51 23.06
CA ASN B 440 14.15 20.19 24.21
C ASN B 440 12.77 19.65 23.85
N SER B 441 12.44 19.52 22.57
CA SER B 441 11.11 19.08 22.20
C SER B 441 10.93 17.60 22.50
N LYS B 442 9.68 17.14 22.42
CA LYS B 442 9.36 15.74 22.66
C LYS B 442 9.73 14.95 21.41
N ILE B 443 10.38 13.81 21.61
CA ILE B 443 11.15 13.17 20.54
C ILE B 443 10.27 12.73 19.39
N GLU B 444 9.11 12.13 19.68
CA GLU B 444 8.29 11.52 18.64
C GLU B 444 7.59 12.53 17.75
N ASN B 445 7.64 13.83 18.05
CA ASN B 445 7.01 14.84 17.20
C ASN B 445 7.98 15.85 16.62
N ARG B 446 9.23 15.87 17.06
CA ARG B 446 10.18 16.89 16.63
C ARG B 446 10.26 16.96 15.11
N HIS B 447 10.37 15.80 14.45
CA HIS B 447 10.53 15.75 13.01
C HIS B 447 9.39 16.47 12.30
N GLU B 448 8.18 16.43 12.87
CA GLU B 448 7.06 17.15 12.26
C GLU B 448 7.17 18.65 12.46
N MET B 449 7.56 19.07 13.66
CA MET B 449 7.58 20.50 13.97
C MET B 449 8.68 21.24 13.23
N LEU B 450 9.64 20.54 12.66
CA LEU B 450 10.65 21.17 11.82
C LEU B 450 10.18 21.34 10.39
N ALA B 451 8.96 20.91 10.07
CA ALA B 451 8.37 21.08 8.75
C ALA B 451 7.43 22.27 8.67
N VAL B 452 7.34 23.08 9.73
CA VAL B 452 6.47 24.24 9.69
C VAL B 452 6.99 25.26 8.67
N GLU B 453 6.07 26.05 8.13
CA GLU B 453 6.37 26.87 6.95
C GLU B 453 7.57 27.80 7.12
N PRO B 454 7.69 28.58 8.18
CA PRO B 454 8.84 29.51 8.29
C PRO B 454 10.04 28.95 9.05
N ILE B 455 10.03 27.67 9.44
CA ILE B 455 11.14 27.07 10.15
C ILE B 455 12.10 26.36 9.19
N ASN B 456 11.56 25.56 8.26
CA ASN B 456 12.41 24.92 7.27
C ASN B 456 13.11 25.96 6.39
N GLU B 457 12.36 26.98 5.96
CA GLU B 457 12.95 28.04 5.16
C GLU B 457 14.00 28.80 5.96
N LEU B 458 13.74 29.06 7.24
CA LEU B 458 14.72 29.74 8.07
C LEU B 458 15.99 28.91 8.20
N LEU B 459 15.85 27.60 8.41
CA LEU B 459 17.03 26.75 8.54
C LEU B 459 17.83 26.71 7.24
N ARG B 460 17.14 26.58 6.11
CA ARG B 460 17.85 26.55 4.82
C ARG B 460 18.53 27.88 4.52
N ASP B 461 17.88 28.99 4.85
CA ASP B 461 18.49 30.30 4.65
C ASP B 461 19.72 30.48 5.53
N LYS B 462 19.62 30.04 6.80
CA LYS B 462 20.77 30.13 7.70
C LYS B 462 21.92 29.26 7.21
N TRP B 463 21.59 28.09 6.68
CA TRP B 463 22.56 27.24 5.99
C TRP B 463 23.25 28.02 4.88
N ARG B 464 22.48 28.45 3.88
CA ARG B 464 23.06 29.14 2.72
C ARG B 464 23.84 30.39 3.13
N LYS B 465 23.50 30.97 4.28
CA LYS B 465 24.22 32.16 4.72
C LYS B 465 25.58 31.81 5.32
N PHE B 466 25.62 30.98 6.36
CA PHE B 466 26.89 30.72 7.01
C PHE B 466 27.13 29.30 7.50
N GLY B 467 26.29 28.34 7.15
CA GLY B 467 26.46 26.99 7.67
C GLY B 467 27.31 26.12 6.79
N ALA B 468 27.07 26.17 5.48
CA ALA B 468 27.82 25.34 4.55
C ALA B 468 29.30 25.68 4.56
N VAL B 469 29.63 26.96 4.49
CA VAL B 469 31.03 27.37 4.46
C VAL B 469 31.72 27.03 5.77
N SER B 470 31.04 27.24 6.90
CA SER B 470 31.63 26.88 8.18
C SER B 470 31.84 25.38 8.31
N PHE B 471 30.89 24.58 7.83
CA PHE B 471 31.04 23.13 7.86
C PHE B 471 32.23 22.68 7.01
N TYR B 472 32.39 23.28 5.83
CA TYR B 472 33.51 22.91 4.97
C TYR B 472 34.85 23.34 5.56
N ILE B 473 34.90 24.51 6.20
CA ILE B 473 36.11 24.92 6.91
C ILE B 473 36.42 23.93 8.02
N ASN B 474 35.39 23.48 8.75
CA ASN B 474 35.60 22.46 9.78
C ASN B 474 36.18 21.20 9.17
N VAL B 475 35.63 20.75 8.03
CA VAL B 475 36.10 19.53 7.40
C VAL B 475 37.57 19.65 7.01
N VAL B 476 37.93 20.74 6.34
CA VAL B 476 39.30 20.88 5.85
C VAL B 476 40.28 21.04 7.01
N SER B 477 39.89 21.81 8.04
CA SER B 477 40.77 21.97 9.20
C SER B 477 40.96 20.65 9.93
N TYR B 478 39.89 19.86 10.03
CA TYR B 478 40.00 18.56 10.68
C TYR B 478 40.93 17.64 9.90
N LEU B 479 40.81 17.63 8.57
CA LEU B 479 41.69 16.78 7.77
C LEU B 479 43.14 17.23 7.87
N CYS B 480 43.39 18.54 7.86
CA CYS B 480 44.76 19.03 8.00
C CYS B 480 45.33 18.67 9.37
N ALA B 481 44.56 18.88 10.43
CA ALA B 481 45.03 18.51 11.76
C ALA B 481 45.27 17.00 11.84
N MET B 482 44.47 16.22 11.12
CA MET B 482 44.60 14.78 11.18
C MET B 482 45.87 14.30 10.48
N VAL B 483 46.17 14.88 9.31
CA VAL B 483 47.40 14.50 8.64
C VAL B 483 48.61 14.96 9.44
N ILE B 484 48.51 16.13 10.09
CA ILE B 484 49.59 16.58 10.97
C ILE B 484 49.76 15.58 12.11
N PHE B 485 48.66 15.11 12.68
CA PHE B 485 48.71 14.13 13.76
C PHE B 485 49.38 12.84 13.30
N THR B 486 49.03 12.37 12.11
CA THR B 486 49.62 11.13 11.59
C THR B 486 51.11 11.28 11.35
N LEU B 487 51.54 12.39 10.75
CA LEU B 487 52.96 12.61 10.54
C LEU B 487 53.71 12.73 11.85
N THR B 488 53.11 13.41 12.85
CA THR B 488 53.76 13.52 14.15
C THR B 488 53.91 12.17 14.82
N ALA B 489 52.87 11.32 14.73
CA ALA B 489 52.96 9.98 15.31
C ALA B 489 54.00 9.14 14.59
N TYR B 490 54.09 9.28 13.26
CA TYR B 490 55.01 8.45 12.49
C TYR B 490 56.47 8.77 12.78
N TYR B 491 56.77 10.02 13.09
CA TYR B 491 58.16 10.47 13.22
C TYR B 491 58.69 10.34 14.64
N GLN B 492 57.92 9.79 15.57
CA GLN B 492 58.40 9.62 16.92
C GLN B 492 59.45 8.51 16.99
N PRO B 493 60.64 8.77 17.53
CA PRO B 493 61.64 7.70 17.61
C PRO B 493 61.28 6.67 18.67
N LEU B 494 61.59 5.41 18.37
CA LEU B 494 61.25 4.32 19.26
C LEU B 494 62.36 3.94 20.23
N GLU B 495 63.52 4.59 20.15
CA GLU B 495 64.64 4.29 21.03
C GLU B 495 64.79 5.40 22.08
N GLY B 496 64.87 5.00 23.33
CA GLY B 496 65.04 5.94 24.42
C GLY B 496 63.75 6.14 25.19
N THR B 497 63.89 6.53 26.45
CA THR B 497 62.73 6.81 27.29
C THR B 497 62.41 8.30 27.27
N PRO B 498 61.13 8.68 27.28
CA PRO B 498 60.77 10.09 27.25
C PRO B 498 61.05 10.76 28.59
N PRO B 499 61.28 12.08 28.62
CA PRO B 499 61.28 12.98 27.45
C PRO B 499 62.56 12.86 26.61
N TYR B 500 62.43 13.11 25.31
CA TYR B 500 63.52 13.03 24.36
C TYR B 500 64.27 14.36 24.30
N PRO B 501 65.53 14.34 23.84
CA PRO B 501 66.22 15.61 23.59
C PRO B 501 65.67 16.29 22.35
N TYR B 502 65.59 17.62 22.42
CA TYR B 502 65.09 18.45 21.32
C TYR B 502 66.22 19.36 20.84
N ARG B 503 67.03 18.85 19.92
CA ARG B 503 68.10 19.64 19.33
C ARG B 503 68.07 19.65 17.81
N THR B 504 67.70 18.54 17.17
CA THR B 504 67.59 18.49 15.72
C THR B 504 66.32 19.20 15.26
N THR B 505 66.37 19.72 14.03
CA THR B 505 65.19 20.37 13.47
C THR B 505 63.99 19.43 13.44
N VAL B 506 64.23 18.14 13.20
CA VAL B 506 63.16 17.14 13.27
C VAL B 506 62.56 17.11 14.67
N ASP B 507 63.38 17.30 15.69
CA ASP B 507 62.87 17.32 17.06
C ASP B 507 61.92 18.49 17.28
N TYR B 508 62.28 19.69 16.79
CA TYR B 508 61.37 20.82 16.91
C TYR B 508 60.08 20.59 16.11
N LEU B 509 60.19 19.99 14.93
CA LEU B 509 58.99 19.69 14.15
C LEU B 509 58.09 18.72 14.89
N ARG B 510 58.67 17.68 15.50
CA ARG B 510 57.89 16.72 16.27
C ARG B 510 57.24 17.38 17.48
N LEU B 511 57.98 18.26 18.16
CA LEU B 511 57.42 18.97 19.31
C LEU B 511 56.27 19.86 18.89
N ALA B 512 56.40 20.56 17.75
CA ALA B 512 55.31 21.39 17.26
C ALA B 512 54.09 20.56 16.92
N GLY B 513 54.29 19.41 16.27
CA GLY B 513 53.17 18.53 16.00
C GLY B 513 52.49 18.03 17.27
N GLU B 514 53.30 17.66 18.27
CA GLU B 514 52.74 17.19 19.53
C GLU B 514 51.92 18.28 20.21
N VAL B 515 52.46 19.51 20.25
CA VAL B 515 51.74 20.57 20.95
C VAL B 515 50.48 20.97 20.19
N ILE B 516 50.51 20.95 18.85
CA ILE B 516 49.28 21.27 18.12
C ILE B 516 48.24 20.17 18.32
N THR B 517 48.68 18.91 18.41
CA THR B 517 47.76 17.82 18.69
C THR B 517 47.12 17.99 20.07
N LEU B 518 47.92 18.32 21.08
CA LEU B 518 47.36 18.57 22.41
C LEU B 518 46.43 19.76 22.41
N PHE B 519 46.76 20.82 21.67
CA PHE B 519 45.86 21.98 21.61
C PHE B 519 44.53 21.61 20.98
N THR B 520 44.54 20.85 19.89
CA THR B 520 43.28 20.40 19.28
C THR B 520 42.50 19.50 20.24
N GLY B 521 43.19 18.58 20.91
CA GLY B 521 42.51 17.69 21.83
C GLY B 521 41.88 18.42 23.00
N VAL B 522 42.60 19.39 23.57
CA VAL B 522 42.06 20.14 24.70
C VAL B 522 40.94 21.06 24.25
N LEU B 523 41.00 21.59 23.02
CA LEU B 523 39.87 22.36 22.51
C LEU B 523 38.64 21.50 22.36
N PHE B 524 38.80 20.30 21.80
CA PHE B 524 37.66 19.38 21.68
C PHE B 524 37.11 19.01 23.06
N PHE B 525 38.00 18.74 24.01
CA PHE B 525 37.56 18.40 25.36
C PHE B 525 36.79 19.55 26.01
N PHE B 526 37.30 20.78 25.87
CA PHE B 526 36.64 21.92 26.47
C PHE B 526 35.27 22.16 25.84
N THR B 527 35.19 22.05 24.51
CA THR B 527 33.90 22.21 23.85
C THR B 527 32.91 21.15 24.28
N ASN B 528 33.36 19.89 24.37
CA ASN B 528 32.47 18.81 24.79
C ASN B 528 32.01 19.00 26.23
N ILE B 529 32.92 19.43 27.12
CA ILE B 529 32.55 19.65 28.51
C ILE B 529 31.54 20.78 28.63
N LYS B 530 31.77 21.88 27.91
CA LYS B 530 30.81 22.98 27.95
C LYS B 530 29.46 22.55 27.41
N ASP B 531 29.44 21.78 26.32
CA ASP B 531 28.18 21.32 25.76
C ASP B 531 27.44 20.41 26.72
N LEU B 532 28.17 19.49 27.38
CA LEU B 532 27.54 18.59 28.33
C LEU B 532 27.08 19.32 29.59
N PHE B 533 27.73 20.44 29.93
CA PHE B 533 27.27 21.23 31.06
C PHE B 533 26.02 22.03 30.72
N MET B 534 25.95 22.58 29.50
CA MET B 534 24.81 23.39 29.11
C MET B 534 23.52 22.58 29.05
N LYS B 535 23.58 21.38 28.49
CA LYS B 535 22.41 20.55 28.29
C LYS B 535 22.53 19.26 29.11
N LYS B 536 21.39 18.79 29.61
CA LYS B 536 21.37 17.56 30.39
C LYS B 536 21.73 16.36 29.52
N CYS B 537 22.24 15.32 30.17
CA CYS B 537 22.69 14.13 29.45
C CYS B 537 21.48 13.39 28.88
N PRO B 538 21.46 13.14 27.57
CA PRO B 538 20.33 12.42 26.98
C PRO B 538 20.49 10.91 27.13
N GLY B 539 19.46 10.19 26.69
CA GLY B 539 19.45 8.74 26.77
C GLY B 539 18.98 8.07 25.49
N VAL B 540 17.94 7.22 25.62
CA VAL B 540 17.41 6.52 24.47
C VAL B 540 16.70 7.51 23.54
N ASN B 541 16.73 7.22 22.24
CA ASN B 541 16.08 7.96 21.17
C ASN B 541 16.70 9.34 20.94
N SER B 542 17.73 9.72 21.69
CA SER B 542 18.42 10.97 21.47
C SER B 542 19.94 10.84 21.42
N LEU B 543 20.49 9.70 21.85
CA LEU B 543 21.94 9.51 21.80
C LEU B 543 22.46 9.50 20.36
N PHE B 544 21.73 8.83 19.47
CA PHE B 544 22.22 8.63 18.11
C PHE B 544 22.29 9.93 17.31
N ILE B 545 21.64 10.99 17.76
CA ILE B 545 21.67 12.25 17.02
C ILE B 545 23.07 12.85 17.05
N ASP B 546 23.52 13.26 18.24
CA ASP B 546 24.89 13.73 18.42
C ASP B 546 25.55 13.20 19.68
N GLY B 547 24.81 12.60 20.61
CA GLY B 547 25.41 12.19 21.87
C GLY B 547 26.42 11.07 21.71
N SER B 548 26.14 10.11 20.81
CA SER B 548 27.09 9.03 20.58
C SER B 548 28.41 9.55 20.03
N PHE B 549 28.35 10.38 18.99
CA PHE B 549 29.57 10.93 18.42
C PHE B 549 30.28 11.85 19.41
N GLN B 550 29.52 12.57 20.25
CA GLN B 550 30.14 13.36 21.30
C GLN B 550 30.86 12.46 22.30
N LEU B 551 30.28 11.30 22.60
CA LEU B 551 30.95 10.34 23.48
C LEU B 551 32.27 9.86 22.88
N LEU B 552 32.25 9.51 21.58
CA LEU B 552 33.48 9.08 20.94
C LEU B 552 34.53 10.19 20.89
N TYR B 553 34.11 11.43 20.64
CA TYR B 553 35.07 12.53 20.64
C TYR B 553 35.59 12.83 22.04
N PHE B 554 34.75 12.67 23.06
CA PHE B 554 35.22 12.80 24.44
C PHE B 554 36.25 11.71 24.76
N ILE B 555 36.01 10.49 24.30
CA ILE B 555 36.98 9.42 24.50
C ILE B 555 38.28 9.74 23.75
N TYR B 556 38.16 10.35 22.57
CA TYR B 556 39.34 10.78 21.82
C TYR B 556 40.15 11.81 22.60
N SER B 557 39.47 12.80 23.17
CA SER B 557 40.17 13.82 23.96
C SER B 557 40.81 13.21 25.19
N VAL B 558 40.11 12.30 25.86
CA VAL B 558 40.68 11.62 27.03
C VAL B 558 41.89 10.80 26.62
N LEU B 559 41.83 10.15 25.46
CA LEU B 559 42.96 9.39 24.96
C LEU B 559 44.16 10.28 24.72
N VAL B 560 43.96 11.44 24.11
CA VAL B 560 45.07 12.36 23.87
C VAL B 560 45.65 12.85 25.19
N ILE B 561 44.78 13.19 26.15
CA ILE B 561 45.24 13.69 27.45
C ILE B 561 46.08 12.62 28.16
N VAL B 562 45.57 11.38 28.20
CA VAL B 562 46.29 10.32 28.91
C VAL B 562 47.56 9.95 28.16
N SER B 563 47.56 10.03 26.84
CA SER B 563 48.77 9.76 26.07
C SER B 563 49.84 10.79 26.41
N ALA B 564 49.46 12.08 26.50
CA ALA B 564 50.42 13.09 26.90
C ALA B 564 50.90 12.87 28.34
N ALA B 565 49.99 12.51 29.24
CA ALA B 565 50.36 12.31 30.64
C ALA B 565 51.37 11.16 30.77
N LEU B 566 51.14 10.07 30.05
CA LEU B 566 52.10 8.96 30.08
C LEU B 566 53.36 9.29 29.29
N TYR B 567 53.26 10.18 28.30
CA TYR B 567 54.45 10.63 27.59
C TYR B 567 55.35 11.47 28.49
N LEU B 568 54.77 12.17 29.47
CA LEU B 568 55.57 12.96 30.39
C LEU B 568 56.47 12.07 31.24
N ALA B 569 55.93 10.99 31.80
CA ALA B 569 56.67 10.14 32.73
C ALA B 569 56.80 8.70 32.25
N GLY B 570 55.71 8.08 31.82
CA GLY B 570 55.77 6.66 31.48
C GLY B 570 56.64 6.42 30.26
N ILE B 571 57.20 5.22 30.18
CA ILE B 571 58.10 4.86 29.09
C ILE B 571 57.54 3.78 28.19
N GLU B 572 56.44 3.12 28.56
CA GLU B 572 55.87 2.05 27.76
C GLU B 572 54.38 2.20 27.46
N ALA B 573 53.62 2.84 28.36
CA ALA B 573 52.17 2.83 28.21
C ALA B 573 51.69 3.80 27.12
N TYR B 574 52.39 4.92 26.94
CA TYR B 574 51.92 5.96 26.03
C TYR B 574 51.92 5.48 24.59
N LEU B 575 52.86 4.61 24.22
CA LEU B 575 52.91 4.11 22.84
C LEU B 575 51.65 3.30 22.51
N ALA B 576 51.18 2.49 23.47
CA ALA B 576 50.04 1.63 23.22
C ALA B 576 48.72 2.38 23.22
N VAL B 577 48.70 3.63 23.66
CA VAL B 577 47.45 4.39 23.72
C VAL B 577 47.43 5.44 22.60
N MET B 578 48.61 5.90 22.18
CA MET B 578 48.66 6.86 21.09
C MET B 578 48.11 6.27 19.80
N VAL B 579 48.48 5.04 19.48
CA VAL B 579 48.00 4.38 18.27
C VAL B 579 46.50 4.19 18.33
N PHE B 580 45.98 3.77 19.49
CA PHE B 580 44.54 3.63 19.65
C PHE B 580 43.85 4.98 19.50
N ALA B 581 44.52 6.06 19.93
CA ALA B 581 43.96 7.39 19.72
C ALA B 581 43.87 7.74 18.24
N LEU B 582 44.92 7.46 17.47
CA LEU B 582 44.84 7.70 16.02
C LEU B 582 43.73 6.88 15.39
N VAL B 583 43.59 5.61 15.81
CA VAL B 583 42.56 4.76 15.22
C VAL B 583 41.17 5.29 15.55
N LEU B 584 40.95 5.70 16.80
CA LEU B 584 39.66 6.27 17.18
C LEU B 584 39.39 7.55 16.42
N GLY B 585 40.42 8.38 16.21
CA GLY B 585 40.23 9.61 15.46
C GLY B 585 39.85 9.34 14.02
N TRP B 586 40.52 8.39 13.39
CA TRP B 586 40.17 8.06 12.00
C TRP B 586 38.78 7.45 11.92
N MET B 587 38.35 6.72 12.95
CA MET B 587 36.96 6.26 13.01
C MET B 587 36.00 7.45 13.11
N ASN B 588 36.34 8.42 13.97
CA ASN B 588 35.50 9.59 14.18
C ASN B 588 35.54 10.56 13.01
N ALA B 589 36.45 10.37 12.06
CA ALA B 589 36.47 11.23 10.87
C ALA B 589 35.18 11.15 10.06
N LEU B 590 34.36 10.13 10.28
CA LEU B 590 33.05 10.04 9.64
C LEU B 590 32.06 11.05 10.20
N TYR B 591 32.40 11.74 11.30
CA TYR B 591 31.48 12.70 11.90
C TYR B 591 31.13 13.84 10.95
N PHE B 592 32.05 14.21 10.05
CA PHE B 592 31.83 15.29 9.11
C PHE B 592 31.26 14.82 7.78
N THR B 593 30.50 13.74 7.77
CA THR B 593 29.74 13.34 6.61
C THR B 593 28.30 13.83 6.65
N ARG B 594 27.89 14.48 7.73
CA ARG B 594 26.50 14.92 7.88
C ARG B 594 26.09 15.92 6.81
N GLY B 595 27.03 16.69 6.26
CA GLY B 595 26.69 17.63 5.21
C GLY B 595 26.22 16.93 3.94
N LEU B 596 26.87 15.83 3.58
CA LEU B 596 26.51 15.08 2.38
C LEU B 596 25.46 14.04 2.71
N LYS B 597 24.54 13.82 1.77
CA LYS B 597 23.44 12.89 1.99
C LYS B 597 23.93 11.45 2.10
N LEU B 598 24.54 10.95 1.03
CA LEU B 598 24.85 9.53 0.94
C LEU B 598 25.93 9.14 1.93
N THR B 599 27.04 9.90 1.97
CA THR B 599 28.11 9.59 2.90
C THR B 599 27.63 9.71 4.34
N GLY B 600 26.80 10.71 4.63
CA GLY B 600 26.26 10.85 5.97
C GLY B 600 25.40 9.66 6.38
N THR B 601 24.52 9.21 5.49
CA THR B 601 23.68 8.06 5.80
C THR B 601 24.52 6.80 5.97
N TYR B 602 25.51 6.59 5.10
CA TYR B 602 26.35 5.41 5.21
C TYR B 602 27.13 5.42 6.52
N SER B 603 27.67 6.58 6.89
CA SER B 603 28.41 6.68 8.15
C SER B 603 27.50 6.46 9.35
N ILE B 604 26.26 6.97 9.29
CA ILE B 604 25.32 6.76 10.38
C ILE B 604 25.02 5.28 10.55
N MET B 605 24.75 4.58 9.44
CA MET B 605 24.50 3.15 9.54
C MET B 605 25.71 2.39 10.06
N ILE B 606 26.90 2.75 9.60
CA ILE B 606 28.11 2.08 10.09
C ILE B 606 28.31 2.32 11.58
N GLN B 607 28.06 3.56 12.03
CA GLN B 607 28.17 3.87 13.44
C GLN B 607 27.18 3.07 14.27
N LYS B 608 25.93 2.97 13.79
CA LYS B 608 24.93 2.20 14.52
C LYS B 608 25.30 0.72 14.58
N ILE B 609 25.81 0.18 13.49
CA ILE B 609 26.23 -1.22 13.50
C ILE B 609 27.43 -1.41 14.41
N LEU B 610 28.33 -0.43 14.49
CA LEU B 610 29.54 -0.57 15.30
C LEU B 610 29.25 -0.43 16.79
N PHE B 611 28.26 0.37 17.18
CA PHE B 611 28.03 0.60 18.59
C PHE B 611 26.63 0.24 19.06
N LYS B 612 25.59 0.62 18.31
CA LYS B 612 24.22 0.44 18.80
C LYS B 612 23.88 -1.02 19.01
N ASP B 613 24.11 -1.87 18.01
CA ASP B 613 23.74 -3.27 18.10
C ASP B 613 24.92 -4.20 18.32
N LEU B 614 26.15 -3.69 18.36
CA LEU B 614 27.31 -4.54 18.59
C LEU B 614 27.30 -5.13 19.99
N PHE B 615 26.64 -4.47 20.94
CA PHE B 615 26.54 -5.02 22.29
C PHE B 615 25.80 -6.36 22.29
N ARG B 616 24.71 -6.45 21.54
CA ARG B 616 23.94 -7.69 21.46
C ARG B 616 24.77 -8.80 20.82
N PHE B 617 25.42 -8.50 19.70
CA PHE B 617 26.24 -9.50 19.01
C PHE B 617 27.36 -9.98 19.91
N LEU B 618 28.04 -9.04 20.59
CA LEU B 618 29.12 -9.41 21.49
C LEU B 618 28.62 -10.25 22.65
N LEU B 619 27.47 -9.90 23.23
CA LEU B 619 26.93 -10.67 24.34
C LEU B 619 26.60 -12.09 23.91
N VAL B 620 25.91 -12.24 22.76
CA VAL B 620 25.52 -13.58 22.30
C VAL B 620 26.77 -14.41 21.98
N TYR B 621 27.72 -13.81 21.26
CA TYR B 621 28.93 -14.54 20.90
C TYR B 621 29.73 -14.92 22.14
N LEU B 622 29.86 -14.01 23.10
CA LEU B 622 30.59 -14.32 24.32
C LEU B 622 29.92 -15.43 25.10
N LEU B 623 28.58 -15.39 25.22
CA LEU B 623 27.88 -16.44 25.94
C LEU B 623 28.09 -17.79 25.28
N PHE B 624 27.88 -17.87 23.97
CA PHE B 624 28.03 -19.15 23.28
C PHE B 624 29.47 -19.64 23.34
N MET B 625 30.43 -18.74 23.15
CA MET B 625 31.84 -19.11 23.16
C MET B 625 32.26 -19.61 24.53
N ILE B 626 31.86 -18.91 25.60
CA ILE B 626 32.27 -19.33 26.93
C ILE B 626 31.61 -20.66 27.29
N GLY B 627 30.34 -20.85 26.92
CA GLY B 627 29.69 -22.11 27.19
C GLY B 627 30.37 -23.28 26.49
N TYR B 628 30.64 -23.13 25.20
CA TYR B 628 31.25 -24.21 24.44
C TYR B 628 32.68 -24.47 24.91
N ALA B 629 33.44 -23.40 25.16
CA ALA B 629 34.81 -23.57 25.60
C ALA B 629 34.87 -24.25 26.97
N SER B 630 34.01 -23.82 27.88
CA SER B 630 33.96 -24.45 29.20
C SER B 630 33.63 -25.93 29.08
N ALA B 631 32.61 -26.26 28.27
CA ALA B 631 32.24 -27.66 28.10
C ALA B 631 33.39 -28.47 27.53
N LEU B 632 33.98 -27.99 26.43
CA LEU B 632 35.04 -28.74 25.76
C LEU B 632 36.24 -28.94 26.68
N VAL B 633 36.80 -27.85 27.20
CA VAL B 633 37.98 -27.96 28.04
C VAL B 633 37.69 -28.70 29.33
N SER B 634 36.43 -28.73 29.78
CA SER B 634 36.10 -29.52 30.95
C SER B 634 36.05 -31.01 30.63
N LEU B 635 35.66 -31.37 29.41
CA LEU B 635 35.64 -32.78 29.06
C LEU B 635 37.06 -33.34 28.90
N LEU B 636 38.05 -32.48 28.66
CA LEU B 636 39.42 -32.94 28.51
C LEU B 636 39.92 -33.64 29.76
N ASN B 637 40.99 -34.42 29.59
CA ASN B 637 41.72 -35.16 30.58
C ASN B 637 43.04 -34.46 30.90
N PRO B 638 43.55 -34.58 32.15
CA PRO B 638 44.80 -33.92 32.53
C PRO B 638 46.01 -34.50 31.81
N ASP B 662 46.49 -26.10 36.66
CA ASP B 662 46.24 -26.34 35.25
C ASP B 662 45.77 -25.07 34.56
N SER B 663 46.09 -23.92 35.15
CA SER B 663 45.66 -22.65 34.59
C SER B 663 46.39 -22.34 33.28
N GLU B 664 47.66 -22.75 33.17
CA GLU B 664 48.43 -22.45 31.97
C GLU B 664 47.85 -23.14 30.74
N THR B 665 47.42 -24.39 30.88
CA THR B 665 46.84 -25.11 29.75
C THR B 665 45.51 -24.50 29.33
N PHE B 666 44.82 -23.83 30.25
CA PHE B 666 43.51 -23.25 29.94
C PHE B 666 43.62 -22.21 28.84
N SER B 667 44.62 -21.33 28.93
CA SER B 667 44.77 -20.27 27.93
C SER B 667 45.08 -20.87 26.56
N THR B 668 45.99 -21.83 26.51
CA THR B 668 46.33 -22.45 25.23
C THR B 668 45.12 -23.14 24.61
N PHE B 669 44.38 -23.90 25.40
CA PHE B 669 43.21 -24.59 24.88
C PHE B 669 42.09 -23.62 24.52
N LEU B 670 42.02 -22.47 25.19
CA LEU B 670 41.01 -21.47 24.84
C LEU B 670 41.34 -20.81 23.50
N LEU B 671 42.57 -20.35 23.33
CA LEU B 671 42.96 -19.78 22.03
C LEU B 671 42.91 -20.81 20.93
N ASP B 672 43.07 -22.10 21.25
CA ASP B 672 42.84 -23.13 20.23
C ASP B 672 41.41 -23.08 19.71
N LEU B 673 40.45 -22.72 20.57
CA LEU B 673 39.07 -22.63 20.13
C LEU B 673 38.88 -21.54 19.08
N PHE B 674 39.45 -20.35 19.31
CA PHE B 674 39.36 -19.30 18.30
C PHE B 674 40.14 -19.66 17.05
N LYS B 675 41.30 -20.32 17.20
CA LYS B 675 42.05 -20.74 16.03
C LYS B 675 41.25 -21.69 15.15
N LEU B 676 40.57 -22.66 15.78
CA LEU B 676 39.67 -23.55 15.04
C LEU B 676 38.46 -22.81 14.48
N THR B 677 37.98 -21.78 15.18
CA THR B 677 36.87 -20.98 14.68
C THR B 677 37.25 -20.27 13.38
N ILE B 678 38.48 -19.76 13.31
CA ILE B 678 38.95 -19.13 12.08
C ILE B 678 38.96 -20.15 10.94
N GLY B 679 39.41 -21.37 11.21
CA GLY B 679 39.40 -22.43 10.22
C GLY B 679 40.66 -23.26 10.21
N MET B 680 41.79 -22.64 10.52
CA MET B 680 43.06 -23.35 10.59
C MET B 680 43.14 -24.11 11.92
N GLY B 681 43.33 -25.42 11.84
CA GLY B 681 43.38 -26.23 13.04
C GLY B 681 44.27 -27.44 12.85
N ASP B 682 44.42 -28.20 13.94
CA ASP B 682 45.26 -29.39 13.97
C ASP B 682 44.45 -30.59 14.39
N LEU B 683 44.60 -31.69 13.66
CA LEU B 683 43.89 -32.92 13.98
C LEU B 683 44.50 -33.64 15.17
N GLU B 684 45.82 -33.54 15.33
CA GLU B 684 46.49 -34.27 16.40
C GLU B 684 46.01 -33.81 17.78
N MET B 685 45.94 -32.49 17.98
CA MET B 685 45.47 -31.98 19.26
C MET B 685 43.99 -32.26 19.48
N LEU B 686 43.19 -32.20 18.41
CA LEU B 686 41.77 -32.51 18.52
C LEU B 686 41.55 -33.96 18.94
N SER B 687 42.31 -34.89 18.36
CA SER B 687 42.18 -36.30 18.71
C SER B 687 42.82 -36.64 20.05
N SER B 688 43.82 -35.87 20.48
CA SER B 688 44.50 -36.17 21.73
C SER B 688 43.66 -35.84 22.96
N THR B 689 42.53 -35.14 22.78
CA THR B 689 41.68 -34.75 23.90
C THR B 689 40.71 -35.84 24.31
N LYS B 690 40.70 -36.99 23.63
CA LYS B 690 39.83 -38.13 23.90
C LYS B 690 38.36 -37.79 23.69
N TYR B 691 37.52 -38.81 23.55
CA TYR B 691 36.13 -38.66 23.16
C TYR B 691 36.00 -37.85 21.87
N PRO B 692 36.57 -38.35 20.77
CA PRO B 692 36.59 -37.55 19.53
C PRO B 692 35.21 -37.24 18.97
N VAL B 693 34.25 -38.15 19.12
CA VAL B 693 32.95 -37.97 18.46
C VAL B 693 32.22 -36.75 19.01
N VAL B 694 32.21 -36.60 20.33
CA VAL B 694 31.48 -35.48 20.93
C VAL B 694 32.17 -34.16 20.61
N PHE B 695 33.51 -34.16 20.59
CA PHE B 695 34.22 -32.93 20.21
C PHE B 695 33.93 -32.55 18.76
N ILE B 696 33.91 -33.54 17.87
CA ILE B 696 33.61 -33.27 16.47
C ILE B 696 32.21 -32.69 16.34
N ILE B 697 31.24 -33.30 17.02
CA ILE B 697 29.86 -32.82 16.94
C ILE B 697 29.75 -31.41 17.50
N LEU B 698 30.40 -31.16 18.64
CA LEU B 698 30.28 -29.85 19.27
C LEU B 698 30.96 -28.76 18.44
N LEU B 699 32.11 -29.07 17.84
CA LEU B 699 32.77 -28.09 16.98
C LEU B 699 31.94 -27.83 15.72
N VAL B 700 31.32 -28.87 15.17
CA VAL B 700 30.44 -28.68 14.02
C VAL B 700 29.28 -27.77 14.39
N THR B 701 28.68 -28.00 15.57
CA THR B 701 27.60 -27.13 16.02
C THR B 701 28.07 -25.70 16.24
N TYR B 702 29.28 -25.51 16.78
CA TYR B 702 29.80 -24.16 16.96
C TYR B 702 29.97 -23.46 15.61
N ILE B 703 30.50 -24.17 14.61
CA ILE B 703 30.67 -23.57 13.29
C ILE B 703 29.31 -23.22 12.69
N ILE B 704 28.34 -24.13 12.81
CA ILE B 704 27.00 -23.85 12.29
C ILE B 704 26.39 -22.64 12.99
N LEU B 705 26.59 -22.54 14.31
CA LEU B 705 26.01 -21.43 15.06
C LEU B 705 26.68 -20.11 14.71
N THR B 706 28.00 -20.13 14.48
CA THR B 706 28.69 -18.94 14.03
C THR B 706 28.17 -18.48 12.67
N PHE B 707 27.97 -19.42 11.76
CA PHE B 707 27.38 -19.08 10.47
C PHE B 707 25.96 -18.58 10.63
N VAL B 708 25.23 -19.13 11.61
CA VAL B 708 23.88 -18.69 11.89
C VAL B 708 23.88 -17.24 12.35
N LEU B 709 24.85 -16.84 13.17
CA LEU B 709 24.96 -15.44 13.57
C LEU B 709 25.36 -14.55 12.39
N LEU B 710 26.31 -15.03 11.57
CA LEU B 710 26.74 -14.26 10.41
C LEU B 710 25.62 -14.10 9.40
N LEU B 711 24.59 -14.93 9.50
CA LEU B 711 23.36 -14.67 8.75
C LEU B 711 22.35 -13.87 9.57
N ASN B 712 22.40 -14.02 10.90
CA ASN B 712 21.42 -13.39 11.77
C ASN B 712 21.57 -11.88 11.77
N MET B 713 22.76 -11.39 11.43
CA MET B 713 22.90 -9.97 11.13
C MET B 713 21.88 -9.51 10.08
N LEU B 714 21.86 -10.17 8.92
CA LEU B 714 20.92 -9.80 7.86
C LEU B 714 19.50 -10.20 8.24
N ILE B 715 19.36 -11.23 9.06
CA ILE B 715 18.05 -11.68 9.53
C ILE B 715 17.42 -10.62 10.42
N ALA B 716 18.23 -9.91 11.20
CA ALA B 716 17.72 -8.78 11.97
C ALA B 716 17.51 -7.56 11.08
N LEU B 717 18.37 -7.38 10.07
CA LEU B 717 18.21 -6.24 9.17
C LEU B 717 16.93 -6.34 8.32
N MET B 718 16.52 -7.55 7.96
CA MET B 718 15.49 -7.73 6.94
C MET B 718 14.14 -7.16 7.37
N GLY B 719 13.74 -7.40 8.62
CA GLY B 719 12.41 -7.01 9.03
C GLY B 719 12.35 -6.00 10.17
N GLU B 720 13.37 -6.00 11.02
CA GLU B 720 13.33 -5.15 12.21
C GLU B 720 14.05 -3.82 11.96
N THR B 721 15.15 -3.84 11.22
CA THR B 721 15.99 -2.65 11.07
C THR B 721 15.65 -1.83 9.84
N VAL B 722 15.79 -2.43 8.65
CA VAL B 722 15.71 -1.64 7.41
C VAL B 722 14.31 -1.08 7.20
N GLY B 723 13.27 -1.83 7.56
CA GLY B 723 11.91 -1.36 7.35
C GLY B 723 11.62 -0.05 8.05
N GLN B 724 12.16 0.13 9.25
CA GLN B 724 12.00 1.40 9.98
C GLN B 724 13.10 2.40 9.66
N VAL B 725 14.32 1.92 9.38
CA VAL B 725 15.42 2.82 9.05
C VAL B 725 15.15 3.57 7.76
N SER B 726 14.51 2.93 6.79
CA SER B 726 14.23 3.59 5.50
C SER B 726 13.44 4.88 5.70
N LYS B 727 12.54 4.90 6.68
CA LYS B 727 11.77 6.11 6.95
C LYS B 727 12.49 7.01 7.95
N GLU B 728 13.17 6.42 8.94
CA GLU B 728 13.76 7.22 10.01
C GLU B 728 15.02 7.94 9.57
N SER B 729 15.66 7.50 8.48
CA SER B 729 16.95 8.06 8.08
C SER B 729 16.82 9.53 7.68
N LYS B 730 15.75 9.88 6.97
CA LYS B 730 15.56 11.27 6.57
C LYS B 730 15.40 12.18 7.79
N HIS B 731 14.62 11.74 8.77
CA HIS B 731 14.45 12.53 9.99
C HIS B 731 15.75 12.63 10.77
N ILE B 732 16.53 11.54 10.82
CA ILE B 732 17.82 11.59 11.49
C ILE B 732 18.75 12.58 10.81
N TRP B 733 18.77 12.58 9.46
CA TRP B 733 19.56 13.57 8.74
C TRP B 733 19.10 14.98 9.09
N LYS B 734 17.79 15.20 9.09
CA LYS B 734 17.29 16.56 9.30
C LYS B 734 17.66 17.07 10.68
N LEU B 735 17.49 16.23 11.71
CA LEU B 735 17.89 16.63 13.05
C LEU B 735 19.40 16.83 13.15
N GLN B 736 20.19 15.93 12.54
CA GLN B 736 21.65 16.03 12.58
C GLN B 736 22.15 17.30 11.91
N TRP B 737 21.51 17.69 10.82
CA TRP B 737 21.91 18.90 10.09
C TRP B 737 21.45 20.15 10.82
N ALA B 738 20.23 20.14 11.37
CA ALA B 738 19.75 21.29 12.12
C ALA B 738 20.60 21.53 13.37
N THR B 739 20.96 20.45 14.08
CA THR B 739 21.72 20.65 15.31
C THR B 739 23.13 21.17 15.04
N THR B 740 23.75 20.74 13.94
CA THR B 740 25.07 21.29 13.63
C THR B 740 24.98 22.73 13.15
N ILE B 741 23.92 23.08 12.41
CA ILE B 741 23.73 24.49 12.07
C ILE B 741 23.57 25.34 13.33
N LEU B 742 22.76 24.85 14.28
CA LEU B 742 22.52 25.64 15.49
C LEU B 742 23.77 25.72 16.36
N ASP B 743 24.56 24.65 16.41
CA ASP B 743 25.82 24.70 17.16
C ASP B 743 26.78 25.69 16.52
N ILE B 744 26.86 25.69 15.18
CA ILE B 744 27.71 26.65 14.49
C ILE B 744 27.26 28.07 14.80
N GLU B 745 25.95 28.30 14.82
CA GLU B 745 25.44 29.61 15.18
C GLU B 745 25.81 29.97 16.61
N ARG B 746 25.64 29.03 17.55
CA ARG B 746 25.88 29.31 18.96
C ARG B 746 27.34 29.60 19.27
N SER B 747 28.27 28.96 18.55
CA SER B 747 29.68 29.19 18.84
C SER B 747 30.08 30.64 18.54
N PHE B 748 29.35 31.31 17.65
CA PHE B 748 29.66 32.68 17.32
C PHE B 748 29.27 33.61 18.47
N PRO B 749 29.91 34.78 18.57
CA PRO B 749 29.48 35.78 19.57
C PRO B 749 28.12 36.37 19.23
N VAL B 750 27.61 37.22 20.11
CA VAL B 750 26.25 37.75 19.93
C VAL B 750 26.20 38.70 18.75
N PHE B 751 27.17 39.61 18.64
CA PHE B 751 27.13 40.61 17.59
C PHE B 751 27.34 39.99 16.21
N LEU B 752 28.18 38.96 16.13
CA LEU B 752 28.37 38.26 14.86
C LEU B 752 27.07 37.58 14.42
N ARG B 753 26.36 36.97 15.37
CA ARG B 753 25.06 36.38 15.04
C ARG B 753 24.06 37.44 14.62
N LYS B 754 24.09 38.61 15.27
CA LYS B 754 23.21 39.69 14.87
C LYS B 754 23.51 40.16 13.45
N ALA B 755 24.79 40.25 13.10
CA ALA B 755 25.16 40.61 11.74
C ALA B 755 24.68 39.57 10.75
N PHE B 756 24.82 38.28 11.08
CA PHE B 756 24.35 37.19 10.24
C PHE B 756 22.94 36.76 10.63
N ARG B 757 22.03 37.71 10.70
CA ARG B 757 20.64 37.43 11.10
C ARG B 757 19.80 37.23 9.85
N SER B 758 19.15 36.07 9.75
CA SER B 758 18.27 35.80 8.62
C SER B 758 16.99 36.62 8.75
N GLY B 759 16.38 36.89 7.61
CA GLY B 759 15.16 37.68 7.57
C GLY B 759 15.42 39.16 7.38
N GLU B 760 14.40 39.85 6.91
CA GLU B 760 14.50 41.28 6.61
C GLU B 760 14.10 42.09 7.85
N MET B 761 13.93 43.39 7.68
CA MET B 761 13.59 44.30 8.77
C MET B 761 12.35 45.10 8.37
N VAL B 762 11.33 44.37 7.91
CA VAL B 762 10.15 45.00 7.33
C VAL B 762 9.36 45.75 8.40
N THR B 763 8.91 46.96 8.05
CA THR B 763 8.04 47.76 8.90
C THR B 763 6.60 47.32 8.65
N VAL B 764 6.01 46.62 9.62
CA VAL B 764 4.68 46.04 9.42
C VAL B 764 3.63 47.15 9.32
N GLY B 765 3.65 48.09 10.25
CA GLY B 765 2.67 49.15 10.23
C GLY B 765 2.71 49.96 11.53
N LYS B 766 1.70 50.80 11.68
CA LYS B 766 1.60 51.65 12.86
C LYS B 766 1.16 50.85 14.08
N SER B 767 1.68 51.23 15.24
CA SER B 767 1.32 50.60 16.50
C SER B 767 0.05 51.24 17.04
N SER B 768 -0.27 50.95 18.32
CA SER B 768 -1.43 51.56 18.94
C SER B 768 -1.30 53.07 19.03
N ASP B 769 -0.08 53.57 19.23
CA ASP B 769 0.19 55.00 19.30
C ASP B 769 0.65 55.58 17.96
N GLY B 770 0.57 54.80 16.89
CA GLY B 770 1.00 55.24 15.57
C GLY B 770 2.46 55.02 15.26
N THR B 771 3.24 54.54 16.23
CA THR B 771 4.65 54.27 15.98
C THR B 771 4.81 53.06 15.07
N PRO B 772 5.87 53.00 14.28
CA PRO B 772 6.11 51.84 13.42
C PRO B 772 6.41 50.59 14.23
N ASP B 773 6.07 49.44 13.66
CA ASP B 773 6.27 48.17 14.33
C ASP B 773 7.75 47.78 14.34
N ARG B 774 8.37 47.72 13.16
CA ARG B 774 9.79 47.41 13.00
C ARG B 774 10.12 46.04 13.59
N ARG B 775 9.53 45.02 12.98
CA ARG B 775 9.71 43.63 13.39
C ARG B 775 10.53 42.89 12.36
N TRP B 776 11.46 42.07 12.84
CA TRP B 776 12.34 41.31 11.95
C TRP B 776 11.59 40.15 11.33
N CYS B 777 10.96 40.39 10.19
CA CYS B 777 10.12 39.40 9.53
C CYS B 777 10.95 38.53 8.60
N PHE B 778 10.29 37.72 7.77
CA PHE B 778 10.98 36.78 6.88
C PHE B 778 10.02 36.42 5.77
N ARG B 779 10.37 36.77 4.53
CA ARG B 779 9.49 36.54 3.39
C ARG B 779 9.64 35.12 2.87
N VAL B 780 8.51 34.51 2.52
CA VAL B 780 8.47 33.29 1.72
C VAL B 780 7.50 33.53 0.57
N ASP B 781 7.92 33.16 -0.64
CA ASP B 781 7.14 33.45 -1.85
C ASP B 781 6.48 32.18 -2.34
N GLU B 782 5.19 32.27 -2.63
CA GLU B 782 4.41 31.17 -3.15
C GLU B 782 3.71 31.58 -4.44
N VAL B 783 3.38 30.59 -5.26
CA VAL B 783 2.67 30.78 -6.52
C VAL B 783 1.36 30.03 -6.40
N ASN B 784 0.25 30.76 -6.38
CA ASN B 784 -1.07 30.18 -6.18
C ASN B 784 -1.99 30.67 -7.28
N TRP B 785 -2.47 29.75 -8.11
CA TRP B 785 -3.40 30.06 -9.18
C TRP B 785 -4.86 29.83 -8.80
N SER B 786 -5.13 29.41 -7.56
CA SER B 786 -6.49 29.04 -7.20
C SER B 786 -7.37 30.27 -6.98
N HIS B 787 -7.01 31.11 -6.01
CA HIS B 787 -7.85 32.25 -5.67
C HIS B 787 -7.49 33.45 -6.53
N TRP B 788 -8.50 34.12 -7.06
CA TRP B 788 -8.31 35.29 -7.90
C TRP B 788 -9.06 36.49 -7.34
N LEU C 146 -60.56 -41.07 -3.21
CA LEU C 146 -61.99 -40.95 -2.94
C LEU C 146 -62.39 -41.77 -1.71
N LYS C 147 -63.05 -42.91 -1.96
CA LYS C 147 -63.50 -43.76 -0.87
C LYS C 147 -62.38 -44.58 -0.25
N VAL C 148 -61.22 -44.64 -0.89
CA VAL C 148 -60.04 -45.33 -0.35
C VAL C 148 -58.91 -44.32 -0.30
N PHE C 149 -58.32 -44.14 0.88
CA PHE C 149 -57.26 -43.16 1.10
C PHE C 149 -55.98 -43.90 1.49
N ASN C 150 -54.97 -43.85 0.61
CA ASN C 150 -53.68 -44.44 0.87
C ASN C 150 -52.66 -43.36 1.24
N ARG C 151 -51.51 -43.80 1.72
CA ARG C 151 -50.45 -42.86 2.08
C ARG C 151 -49.91 -42.07 0.90
N PRO C 152 -49.50 -42.67 -0.23
CA PRO C 152 -48.95 -41.85 -1.31
C PRO C 152 -49.94 -40.86 -1.89
N ILE C 153 -51.21 -41.26 -2.03
CA ILE C 153 -52.19 -40.34 -2.58
C ILE C 153 -52.47 -39.20 -1.61
N LEU C 154 -52.49 -39.50 -0.30
CA LEU C 154 -52.68 -38.43 0.68
C LEU C 154 -51.52 -37.44 0.64
N PHE C 155 -50.29 -37.95 0.54
CA PHE C 155 -49.14 -37.05 0.46
C PHE C 155 -49.17 -36.23 -0.82
N ASP C 156 -49.58 -36.83 -1.94
CA ASP C 156 -49.70 -36.08 -3.18
C ASP C 156 -50.75 -34.98 -3.07
N ILE C 157 -51.88 -35.28 -2.44
CA ILE C 157 -52.92 -34.27 -2.27
C ILE C 157 -52.44 -33.14 -1.37
N VAL C 158 -51.83 -33.49 -0.24
CA VAL C 158 -51.47 -32.45 0.73
C VAL C 158 -50.29 -31.63 0.24
N SER C 159 -49.46 -32.20 -0.64
CA SER C 159 -48.35 -31.43 -1.20
C SER C 159 -48.88 -30.25 -2.03
N ARG C 160 -49.94 -30.47 -2.80
CA ARG C 160 -50.54 -29.41 -3.59
C ARG C 160 -51.45 -28.50 -2.78
N GLY C 161 -51.78 -28.88 -1.55
CA GLY C 161 -52.70 -28.08 -0.75
C GLY C 161 -54.14 -28.16 -1.17
N SER C 162 -54.53 -29.24 -1.86
CA SER C 162 -55.91 -29.42 -2.32
C SER C 162 -56.78 -29.77 -1.13
N THR C 163 -57.42 -28.76 -0.54
CA THR C 163 -58.27 -28.99 0.62
C THR C 163 -59.54 -29.73 0.25
N ALA C 164 -60.08 -29.50 -0.95
CA ALA C 164 -61.35 -30.09 -1.34
C ALA C 164 -61.31 -31.61 -1.38
N ASP C 165 -60.13 -32.20 -1.54
CA ASP C 165 -59.99 -33.65 -1.56
C ASP C 165 -60.00 -34.27 -0.17
N LEU C 166 -59.98 -33.44 0.88
CA LEU C 166 -59.95 -33.95 2.26
C LEU C 166 -61.33 -34.21 2.83
N ASP C 167 -62.39 -33.81 2.12
CA ASP C 167 -63.74 -33.93 2.67
C ASP C 167 -64.09 -35.38 2.98
N GLY C 168 -63.72 -36.30 2.10
CA GLY C 168 -63.94 -37.71 2.36
C GLY C 168 -62.92 -38.37 3.26
N LEU C 169 -61.88 -37.64 3.68
CA LEU C 169 -60.86 -38.24 4.52
C LEU C 169 -61.39 -38.52 5.92
N LEU C 170 -62.15 -37.59 6.48
CA LEU C 170 -62.65 -37.76 7.85
C LEU C 170 -63.53 -38.99 8.02
N PRO C 171 -64.55 -39.23 7.17
CA PRO C 171 -65.33 -40.48 7.35
C PRO C 171 -64.49 -41.73 7.20
N PHE C 172 -63.52 -41.72 6.27
CA PHE C 172 -62.75 -42.92 5.97
C PHE C 172 -62.07 -43.48 7.22
N LEU C 173 -61.50 -42.60 8.04
CA LEU C 173 -60.93 -43.03 9.30
C LEU C 173 -62.02 -43.56 10.22
N LEU C 174 -63.09 -42.78 10.41
CA LEU C 174 -64.13 -43.13 11.36
C LEU C 174 -64.82 -44.43 10.96
N THR C 175 -65.00 -44.65 9.66
CA THR C 175 -65.57 -45.92 9.20
C THR C 175 -64.64 -47.09 9.53
N HIS C 176 -63.34 -46.88 9.41
CA HIS C 176 -62.37 -47.95 9.59
C HIS C 176 -61.72 -47.94 10.96
N LYS C 177 -62.11 -47.01 11.84
CA LYS C 177 -61.61 -46.95 13.21
C LYS C 177 -60.09 -46.87 13.25
N LYS C 178 -59.50 -46.13 12.33
CA LYS C 178 -58.07 -45.92 12.27
C LYS C 178 -57.73 -44.49 12.69
N ARG C 179 -56.44 -44.23 12.82
CA ARG C 179 -55.94 -42.91 13.20
C ARG C 179 -54.94 -42.43 12.17
N LEU C 180 -54.84 -41.10 12.03
CA LEU C 180 -53.95 -40.53 11.02
C LEU C 180 -52.49 -40.79 11.35
N THR C 181 -52.16 -40.95 12.64
CA THR C 181 -50.79 -41.17 13.07
C THR C 181 -50.36 -42.63 12.97
N ASP C 182 -51.19 -43.49 12.38
CA ASP C 182 -50.85 -44.90 12.25
C ASP C 182 -49.66 -45.08 11.31
N GLU C 183 -48.93 -46.18 11.49
CA GLU C 183 -47.73 -46.43 10.71
C GLU C 183 -48.01 -46.48 9.22
N GLU C 184 -49.20 -46.95 8.83
CA GLU C 184 -49.56 -47.00 7.42
C GLU C 184 -49.53 -45.60 6.79
N PHE C 185 -49.78 -44.56 7.58
CA PHE C 185 -49.94 -43.22 7.05
C PHE C 185 -48.70 -42.35 7.23
N ARG C 186 -47.58 -42.93 7.63
CA ARG C 186 -46.34 -42.21 7.86
C ARG C 186 -45.27 -42.67 6.88
N GLU C 187 -44.36 -41.77 6.55
CA GLU C 187 -43.25 -42.08 5.66
C GLU C 187 -42.39 -43.18 6.27
N PRO C 188 -42.17 -44.30 5.55
CA PRO C 188 -41.35 -45.37 6.13
C PRO C 188 -39.91 -44.97 6.39
N SER C 189 -39.35 -44.07 5.59
CA SER C 189 -37.93 -43.75 5.70
C SER C 189 -37.64 -42.97 6.97
N THR C 190 -38.42 -41.93 7.25
CA THR C 190 -38.13 -41.02 8.35
C THR C 190 -39.22 -40.94 9.41
N GLY C 191 -40.38 -41.54 9.18
CA GLY C 191 -41.48 -41.38 10.12
C GLY C 191 -42.23 -40.07 10.00
N LYS C 192 -41.95 -39.28 8.98
CA LYS C 192 -42.63 -38.01 8.78
C LYS C 192 -44.12 -38.24 8.55
N THR C 193 -44.94 -37.45 9.25
CA THR C 193 -46.39 -37.53 9.11
C THR C 193 -46.86 -36.49 8.09
N CYS C 194 -48.18 -36.34 8.00
CA CYS C 194 -48.75 -35.44 6.98
C CYS C 194 -48.43 -33.98 7.30
N LEU C 195 -48.43 -33.61 8.57
CA LEU C 195 -48.20 -32.21 8.94
C LEU C 195 -46.82 -31.69 8.53
N PRO C 196 -45.72 -32.40 8.81
CA PRO C 196 -44.43 -31.92 8.29
C PRO C 196 -44.38 -31.85 6.78
N LYS C 197 -45.03 -32.79 6.08
CA LYS C 197 -45.07 -32.73 4.62
C LYS C 197 -45.80 -31.49 4.14
N ALA C 198 -46.92 -31.15 4.77
CA ALA C 198 -47.66 -29.94 4.41
C ALA C 198 -46.84 -28.70 4.71
N LEU C 199 -46.16 -28.67 5.85
CA LEU C 199 -45.39 -27.49 6.23
C LEU C 199 -44.17 -27.29 5.35
N LEU C 200 -43.54 -28.38 4.91
CA LEU C 200 -42.38 -28.26 4.04
C LEU C 200 -42.77 -27.66 2.69
N ASN C 201 -43.90 -28.09 2.13
CA ASN C 201 -44.37 -27.62 0.83
C ASN C 201 -45.39 -26.51 1.06
N LEU C 202 -44.89 -25.28 1.12
CA LEU C 202 -45.72 -24.10 1.37
C LEU C 202 -45.89 -23.31 0.07
N SER C 203 -47.13 -23.03 -0.29
CA SER C 203 -47.43 -22.15 -1.40
C SER C 203 -47.53 -20.72 -0.87
N ASN C 204 -46.75 -19.82 -1.49
CA ASN C 204 -46.67 -18.39 -1.17
C ASN C 204 -46.78 -18.10 0.32
N GLY C 205 -46.16 -18.95 1.15
CA GLY C 205 -46.14 -18.78 2.58
C GLY C 205 -47.38 -19.25 3.31
N ARG C 206 -48.35 -19.85 2.61
CA ARG C 206 -49.60 -20.29 3.25
C ARG C 206 -50.08 -21.58 2.61
N ASN C 207 -50.22 -22.62 3.42
CA ASN C 207 -50.83 -23.88 3.01
C ASN C 207 -52.16 -24.00 3.73
N ASP C 208 -53.26 -23.94 2.97
CA ASP C 208 -54.60 -23.90 3.55
C ASP C 208 -55.01 -25.22 4.19
N THR C 209 -54.26 -26.30 3.98
CA THR C 209 -54.67 -27.61 4.47
C THR C 209 -54.38 -27.81 5.95
N ILE C 210 -53.56 -26.95 6.56
CA ILE C 210 -53.18 -27.15 7.96
C ILE C 210 -54.38 -27.11 8.91
N PRO C 211 -55.24 -26.09 8.87
CA PRO C 211 -56.40 -26.11 9.79
C PRO C 211 -57.32 -27.30 9.57
N VAL C 212 -57.51 -27.71 8.31
CA VAL C 212 -58.37 -28.86 8.03
C VAL C 212 -57.76 -30.13 8.61
N LEU C 213 -56.45 -30.32 8.43
CA LEU C 213 -55.78 -31.49 9.00
C LEU C 213 -55.88 -31.50 10.52
N LEU C 214 -55.68 -30.34 11.15
CA LEU C 214 -55.77 -30.29 12.60
C LEU C 214 -57.19 -30.57 13.09
N ASP C 215 -58.19 -30.06 12.36
CA ASP C 215 -59.58 -30.33 12.72
C ASP C 215 -59.90 -31.82 12.59
N ILE C 216 -59.42 -32.46 11.52
CA ILE C 216 -59.62 -33.89 11.37
C ILE C 216 -58.95 -34.65 12.51
N ALA C 217 -57.74 -34.23 12.88
CA ALA C 217 -57.03 -34.88 13.97
C ALA C 217 -57.78 -34.76 15.29
N GLU C 218 -58.33 -33.57 15.59
CA GLU C 218 -59.05 -33.42 16.84
C GLU C 218 -60.42 -34.09 16.80
N ARG C 219 -60.99 -34.33 15.62
CA ARG C 219 -62.18 -35.17 15.53
C ARG C 219 -61.85 -36.63 15.78
N THR C 220 -60.73 -37.12 15.25
CA THR C 220 -60.40 -38.53 15.36
C THR C 220 -59.67 -38.88 16.65
N GLY C 221 -59.35 -37.90 17.48
CA GLY C 221 -58.86 -38.18 18.82
C GLY C 221 -57.37 -38.43 18.95
N ASN C 222 -56.55 -37.96 18.00
CA ASN C 222 -55.10 -38.06 18.12
C ASN C 222 -54.46 -36.72 17.80
N MET C 223 -55.15 -35.64 18.16
CA MET C 223 -54.67 -34.29 17.86
C MET C 223 -53.31 -34.04 18.53
N ARG C 224 -53.21 -34.35 19.82
CA ARG C 224 -51.94 -34.19 20.52
C ARG C 224 -50.86 -35.09 19.92
N GLU C 225 -51.23 -36.32 19.57
CA GLU C 225 -50.29 -37.22 18.91
C GLU C 225 -49.88 -36.68 17.54
N PHE C 226 -50.78 -36.01 16.85
CA PHE C 226 -50.54 -35.51 15.50
C PHE C 226 -49.66 -34.28 15.47
N ILE C 227 -49.78 -33.40 16.47
CA ILE C 227 -48.99 -32.15 16.45
C ILE C 227 -47.50 -32.46 16.49
N ASN C 228 -47.04 -33.08 17.56
CA ASN C 228 -45.62 -33.34 17.79
C ASN C 228 -45.25 -34.76 17.33
N SER C 229 -44.99 -34.89 16.04
CA SER C 229 -44.59 -36.17 15.46
C SER C 229 -43.09 -36.11 15.14
N PRO C 230 -42.23 -36.70 15.96
CA PRO C 230 -40.79 -36.59 15.71
C PRO C 230 -40.34 -37.48 14.57
N PHE C 231 -39.38 -36.99 13.80
CA PHE C 231 -38.80 -37.79 12.73
C PHE C 231 -38.01 -38.96 13.32
N ARG C 232 -38.08 -40.10 12.64
CA ARG C 232 -37.49 -41.33 13.15
C ARG C 232 -36.13 -41.66 12.56
N ASP C 233 -35.76 -41.06 11.43
CA ASP C 233 -34.50 -41.40 10.78
C ASP C 233 -33.32 -40.83 11.57
N ILE C 234 -32.16 -41.47 11.37
CA ILE C 234 -30.94 -41.02 12.05
C ILE C 234 -30.54 -39.62 11.59
N TYR C 235 -30.86 -39.27 10.36
CA TYR C 235 -30.40 -38.02 9.76
C TYR C 235 -31.26 -36.82 10.13
N TYR C 236 -32.46 -37.04 10.70
CA TYR C 236 -33.32 -35.92 11.09
C TYR C 236 -34.02 -36.17 12.41
N ARG C 237 -33.48 -37.00 13.29
CA ARG C 237 -34.20 -37.42 14.48
C ARG C 237 -34.52 -36.23 15.39
N GLY C 238 -35.72 -36.24 15.97
CA GLY C 238 -36.14 -35.28 16.94
C GLY C 238 -36.93 -34.11 16.37
N GLN C 239 -36.65 -33.72 15.14
CA GLN C 239 -37.31 -32.57 14.55
C GLN C 239 -38.82 -32.79 14.49
N THR C 240 -39.58 -31.77 14.90
CA THR C 240 -41.03 -31.82 14.89
C THR C 240 -41.56 -30.76 13.93
N ALA C 241 -42.89 -30.74 13.79
CA ALA C 241 -43.53 -29.76 12.93
C ALA C 241 -43.30 -28.33 13.43
N LEU C 242 -43.13 -28.17 14.74
CA LEU C 242 -42.85 -26.84 15.29
C LEU C 242 -41.52 -26.31 14.77
N HIS C 243 -40.51 -27.17 14.69
CA HIS C 243 -39.22 -26.74 14.14
C HIS C 243 -39.36 -26.30 12.69
N ILE C 244 -40.12 -27.05 11.90
CA ILE C 244 -40.31 -26.69 10.49
C ILE C 244 -41.05 -25.36 10.39
N ALA C 245 -42.08 -25.16 11.21
CA ALA C 245 -42.81 -23.90 11.19
C ALA C 245 -41.90 -22.73 11.57
N ILE C 246 -41.06 -22.91 12.59
CA ILE C 246 -40.16 -21.85 12.99
C ILE C 246 -39.15 -21.55 11.90
N GLU C 247 -38.57 -22.60 11.29
CA GLU C 247 -37.55 -22.40 10.27
C GLU C 247 -38.12 -21.76 9.01
N ARG C 248 -39.37 -22.07 8.67
CA ARG C 248 -40.01 -21.48 7.51
C ARG C 248 -40.30 -19.99 7.67
N ARG C 249 -40.12 -19.45 8.88
CA ARG C 249 -40.38 -18.04 9.17
C ARG C 249 -41.85 -17.70 8.97
N CYS C 250 -42.73 -18.56 9.51
CA CYS C 250 -44.17 -18.36 9.45
C CYS C 250 -44.67 -18.21 10.88
N LYS C 251 -44.81 -16.96 11.32
CA LYS C 251 -45.30 -16.70 12.68
C LYS C 251 -46.72 -17.19 12.86
N HIS C 252 -47.56 -17.03 11.82
CA HIS C 252 -48.96 -17.42 11.94
C HIS C 252 -49.09 -18.92 12.18
N TYR C 253 -48.32 -19.75 11.46
CA TYR C 253 -48.41 -21.19 11.67
C TYR C 253 -47.78 -21.64 12.98
N VAL C 254 -46.69 -21.01 13.45
CA VAL C 254 -46.19 -21.41 14.75
C VAL C 254 -47.19 -21.04 15.85
N GLU C 255 -47.85 -19.90 15.70
CA GLU C 255 -48.92 -19.54 16.64
C GLU C 255 -50.05 -20.56 16.60
N LEU C 256 -50.53 -20.88 15.40
CA LEU C 256 -51.67 -21.76 15.25
C LEU C 256 -51.32 -23.22 15.56
N LEU C 257 -50.04 -23.55 15.59
CA LEU C 257 -49.59 -24.90 15.93
C LEU C 257 -49.35 -25.08 17.42
N VAL C 258 -48.78 -24.08 18.10
CA VAL C 258 -48.51 -24.22 19.52
C VAL C 258 -49.77 -24.06 20.35
N ALA C 259 -50.84 -23.50 19.78
CA ALA C 259 -52.07 -23.26 20.55
C ALA C 259 -52.69 -24.55 21.05
N GLN C 260 -52.61 -25.63 20.26
CA GLN C 260 -53.24 -26.88 20.64
C GLN C 260 -52.38 -27.73 21.59
N GLY C 261 -51.17 -27.28 21.91
CA GLY C 261 -50.32 -28.04 22.79
C GLY C 261 -49.11 -28.66 22.11
N ALA C 262 -48.51 -27.92 21.18
CA ALA C 262 -47.26 -28.37 20.57
C ALA C 262 -46.15 -28.37 21.62
N ASP C 263 -45.36 -29.44 21.65
CA ASP C 263 -44.25 -29.51 22.59
C ASP C 263 -43.21 -28.47 22.23
N VAL C 264 -43.14 -27.39 23.03
CA VAL C 264 -42.30 -26.25 22.72
C VAL C 264 -40.88 -26.53 23.22
N HIS C 265 -40.67 -27.72 23.79
CA HIS C 265 -39.35 -28.12 24.27
C HIS C 265 -38.79 -29.34 23.54
N ALA C 266 -39.40 -29.73 22.42
CA ALA C 266 -38.91 -30.87 21.66
C ALA C 266 -37.51 -30.57 21.13
N GLN C 267 -36.61 -31.53 21.30
CA GLN C 267 -35.19 -31.34 20.97
C GLN C 267 -34.90 -31.97 19.61
N ALA C 268 -34.50 -31.15 18.65
CA ALA C 268 -34.09 -31.62 17.33
C ALA C 268 -32.61 -32.00 17.40
N ARG C 269 -32.36 -33.24 17.82
CA ARG C 269 -31.00 -33.72 18.06
C ARG C 269 -30.57 -34.75 17.03
N GLY C 270 -31.04 -34.62 15.79
CA GLY C 270 -30.61 -35.52 14.74
C GLY C 270 -29.21 -35.19 14.25
N ARG C 271 -28.70 -36.05 13.35
CA ARG C 271 -27.36 -35.86 12.84
C ARG C 271 -27.24 -34.63 11.94
N PHE C 272 -28.36 -34.16 11.38
CA PHE C 272 -28.32 -32.93 10.60
C PHE C 272 -28.21 -31.70 11.49
N PHE C 273 -28.77 -31.76 12.69
CA PHE C 273 -28.74 -30.65 13.64
C PHE C 273 -27.56 -30.82 14.60
N GLN C 274 -26.37 -30.91 14.04
CA GLN C 274 -25.15 -31.06 14.81
C GLN C 274 -24.11 -30.05 14.35
N PRO C 275 -23.16 -29.69 15.20
CA PRO C 275 -22.13 -28.74 14.78
C PRO C 275 -21.32 -29.28 13.62
N LYS C 276 -20.81 -28.35 12.79
CA LYS C 276 -20.11 -28.74 11.57
C LYS C 276 -18.87 -29.58 11.87
N ASP C 277 -18.36 -29.54 13.10
CA ASP C 277 -17.21 -30.35 13.48
C ASP C 277 -17.57 -31.80 13.77
N GLU C 278 -18.86 -32.13 13.82
CA GLU C 278 -19.31 -33.49 14.13
C GLU C 278 -20.26 -33.99 13.05
N GLY C 279 -19.98 -33.67 11.79
CA GLY C 279 -20.79 -34.14 10.69
C GLY C 279 -22.21 -33.58 10.71
N GLY C 280 -22.33 -32.27 10.53
CA GLY C 280 -23.63 -31.63 10.53
C GLY C 280 -23.56 -30.35 9.72
N TYR C 281 -24.74 -29.78 9.46
CA TYR C 281 -24.84 -28.58 8.66
C TYR C 281 -25.33 -27.36 9.43
N PHE C 282 -26.08 -27.55 10.51
CA PHE C 282 -26.65 -26.42 11.24
C PHE C 282 -26.92 -26.84 12.67
N TYR C 283 -26.21 -26.24 13.62
CA TYR C 283 -26.46 -26.43 15.03
C TYR C 283 -27.05 -25.14 15.59
N PHE C 284 -28.28 -25.22 16.10
CA PHE C 284 -28.98 -24.07 16.63
C PHE C 284 -29.32 -24.18 18.11
N GLY C 285 -28.85 -25.21 18.79
CA GLY C 285 -29.16 -25.41 20.19
C GLY C 285 -30.20 -26.45 20.48
N GLU C 286 -30.72 -27.15 19.46
CA GLU C 286 -31.62 -28.28 19.64
C GLU C 286 -32.86 -27.91 20.45
N LEU C 287 -33.46 -26.77 20.13
CA LEU C 287 -34.63 -26.33 20.89
C LEU C 287 -35.43 -25.33 20.06
N PRO C 288 -36.76 -25.38 20.10
CA PRO C 288 -37.55 -24.43 19.30
C PRO C 288 -37.26 -22.97 19.62
N LEU C 289 -37.11 -22.63 20.90
CA LEU C 289 -36.73 -21.27 21.25
C LEU C 289 -35.32 -20.94 20.76
N SER C 290 -34.39 -21.87 20.94
CA SER C 290 -33.04 -21.67 20.44
C SER C 290 -33.04 -21.57 18.91
N LEU C 291 -33.87 -22.38 18.25
CA LEU C 291 -33.96 -22.29 16.79
C LEU C 291 -34.50 -20.94 16.34
N ALA C 292 -35.54 -20.44 17.02
CA ALA C 292 -36.09 -19.13 16.67
C ALA C 292 -35.07 -18.03 16.93
N ALA C 293 -34.30 -18.14 18.01
CA ALA C 293 -33.30 -17.14 18.31
C ALA C 293 -32.10 -17.23 17.37
N CYS C 294 -31.87 -18.39 16.78
CA CYS C 294 -30.69 -18.60 15.94
C CYS C 294 -30.95 -18.31 14.47
N THR C 295 -32.16 -17.88 14.10
CA THR C 295 -32.45 -17.49 12.72
C THR C 295 -32.94 -16.05 12.63
N ASN C 296 -32.67 -15.23 13.64
CA ASN C 296 -33.02 -13.81 13.67
C ASN C 296 -34.53 -13.63 13.48
N GLN C 297 -35.27 -14.12 14.47
CA GLN C 297 -36.73 -14.06 14.49
C GLN C 297 -37.18 -13.50 15.83
N PRO C 298 -36.99 -12.20 16.06
CA PRO C 298 -37.38 -11.63 17.36
C PRO C 298 -38.86 -11.76 17.67
N HIS C 299 -39.73 -11.66 16.66
CA HIS C 299 -41.17 -11.75 16.91
C HIS C 299 -41.56 -13.16 17.37
N ILE C 300 -41.02 -14.18 16.72
CA ILE C 300 -41.33 -15.55 17.13
C ILE C 300 -40.76 -15.85 18.51
N VAL C 301 -39.58 -15.31 18.83
CA VAL C 301 -39.04 -15.47 20.17
C VAL C 301 -39.95 -14.81 21.20
N ASN C 302 -40.43 -13.61 20.89
CA ASN C 302 -41.34 -12.92 21.80
C ASN C 302 -42.63 -13.70 22.00
N TYR C 303 -43.16 -14.28 20.92
CA TYR C 303 -44.38 -15.07 21.04
C TYR C 303 -44.15 -16.33 21.86
N LEU C 304 -43.04 -17.03 21.62
CA LEU C 304 -42.76 -18.27 22.35
C LEU C 304 -42.54 -17.99 23.83
N THR C 305 -41.83 -16.90 24.15
CA THR C 305 -41.54 -16.59 25.54
C THR C 305 -42.75 -16.03 26.27
N GLU C 306 -43.68 -15.41 25.56
CA GLU C 306 -44.86 -14.77 26.15
C GLU C 306 -46.10 -15.13 25.33
N ASN C 307 -46.76 -16.21 25.71
CA ASN C 307 -48.03 -16.60 25.12
C ASN C 307 -48.89 -17.24 26.19
N PRO C 308 -50.21 -17.11 26.10
CA PRO C 308 -51.07 -17.73 27.11
C PRO C 308 -51.00 -19.26 27.15
N HIS C 309 -50.72 -19.90 26.01
CA HIS C 309 -50.86 -21.35 25.93
C HIS C 309 -49.73 -22.09 26.65
N LYS C 310 -48.49 -21.92 26.18
CA LYS C 310 -47.36 -22.64 26.75
C LYS C 310 -46.09 -21.89 26.45
N LYS C 311 -45.41 -21.41 27.50
CA LYS C 311 -44.22 -20.60 27.36
C LYS C 311 -42.98 -21.44 27.60
N ALA C 312 -41.99 -21.31 26.72
CA ALA C 312 -40.72 -22.02 26.85
C ALA C 312 -39.73 -21.13 27.60
N ASP C 313 -39.32 -21.56 28.78
CA ASP C 313 -38.39 -20.78 29.58
C ASP C 313 -37.03 -20.73 28.90
N MET C 314 -36.40 -19.55 28.92
CA MET C 314 -35.14 -19.34 28.22
C MET C 314 -33.97 -20.03 28.88
N ARG C 315 -34.12 -20.50 30.12
CA ARG C 315 -33.05 -21.15 30.84
C ARG C 315 -32.95 -22.64 30.57
N ARG C 316 -33.84 -23.19 29.74
CA ARG C 316 -33.80 -24.61 29.46
C ARG C 316 -32.57 -24.97 28.64
N GLN C 317 -31.98 -26.11 28.94
CA GLN C 317 -30.76 -26.58 28.29
C GLN C 317 -31.04 -27.81 27.44
N ASP C 318 -30.33 -27.92 26.34
CA ASP C 318 -30.47 -29.04 25.42
C ASP C 318 -29.68 -30.24 25.95
N SER C 319 -29.51 -31.25 25.10
CA SER C 319 -28.71 -32.42 25.49
C SER C 319 -27.27 -32.03 25.77
N ARG C 320 -26.71 -31.13 24.97
CA ARG C 320 -25.36 -30.64 25.20
C ARG C 320 -25.27 -29.73 26.43
N GLY C 321 -26.41 -29.31 26.97
CA GLY C 321 -26.42 -28.37 28.07
C GLY C 321 -26.40 -26.91 27.64
N ASN C 322 -26.23 -26.64 26.35
CA ASN C 322 -26.17 -25.27 25.86
C ASN C 322 -27.54 -24.62 26.00
N THR C 323 -27.57 -23.45 26.62
CA THR C 323 -28.80 -22.69 26.74
C THR C 323 -29.01 -21.90 25.46
N VAL C 324 -29.97 -20.97 25.48
CA VAL C 324 -30.23 -20.15 24.30
C VAL C 324 -29.02 -19.27 24.00
N LEU C 325 -28.42 -18.69 25.04
CA LEU C 325 -27.26 -17.83 24.83
C LEU C 325 -26.07 -18.62 24.30
N HIS C 326 -25.87 -19.84 24.80
CA HIS C 326 -24.78 -20.67 24.29
C HIS C 326 -24.96 -20.99 22.82
N ALA C 327 -26.18 -21.34 22.41
CA ALA C 327 -26.45 -21.61 21.01
C ALA C 327 -26.26 -20.36 20.15
N LEU C 328 -26.72 -19.21 20.64
CA LEU C 328 -26.56 -17.98 19.89
C LEU C 328 -25.10 -17.59 19.75
N VAL C 329 -24.28 -17.91 20.75
CA VAL C 329 -22.83 -17.75 20.62
C VAL C 329 -22.28 -18.73 19.58
N ALA C 330 -22.77 -19.97 19.60
CA ALA C 330 -22.27 -20.99 18.70
C ALA C 330 -22.50 -20.62 17.24
N ILE C 331 -23.69 -20.11 16.92
CA ILE C 331 -23.99 -19.77 15.53
C ILE C 331 -23.30 -18.49 15.11
N ALA C 332 -22.79 -17.70 16.05
CA ALA C 332 -22.22 -16.40 15.72
C ALA C 332 -20.98 -16.56 14.85
N ASP C 333 -20.80 -15.63 13.92
CA ASP C 333 -19.60 -15.52 13.11
C ASP C 333 -18.92 -14.19 13.41
N ASN C 334 -17.70 -14.05 12.89
CA ASN C 334 -16.96 -12.81 13.04
C ASN C 334 -17.38 -11.75 12.04
N THR C 335 -18.27 -12.08 11.11
CA THR C 335 -18.72 -11.11 10.13
C THR C 335 -19.58 -10.03 10.80
N ARG C 336 -19.54 -8.82 10.21
CA ARG C 336 -20.24 -7.69 10.81
C ARG C 336 -21.75 -7.90 10.81
N GLU C 337 -22.30 -8.41 9.71
CA GLU C 337 -23.76 -8.50 9.59
C GLU C 337 -24.33 -9.54 10.53
N ASN C 338 -23.64 -10.68 10.70
CA ASN C 338 -24.10 -11.70 11.63
C ASN C 338 -24.06 -11.21 13.06
N THR C 339 -22.91 -10.66 13.48
CA THR C 339 -22.78 -10.11 14.82
C THR C 339 -23.81 -9.03 15.08
N LYS C 340 -24.19 -8.28 14.04
CA LYS C 340 -25.13 -7.17 14.17
C LYS C 340 -26.41 -7.62 14.87
N PHE C 341 -26.99 -8.75 14.46
CA PHE C 341 -28.18 -9.22 15.14
C PHE C 341 -27.89 -10.23 16.23
N VAL C 342 -26.74 -10.91 16.19
CA VAL C 342 -26.42 -11.86 17.27
C VAL C 342 -26.31 -11.13 18.60
N THR C 343 -25.57 -10.02 18.63
CA THR C 343 -25.45 -9.25 19.87
C THR C 343 -26.78 -8.64 20.27
N LYS C 344 -27.54 -8.14 19.29
CA LYS C 344 -28.85 -7.54 19.58
C LYS C 344 -29.76 -8.55 20.26
N MET C 345 -29.87 -9.74 19.69
CA MET C 345 -30.79 -10.73 20.25
C MET C 345 -30.24 -11.35 21.53
N TYR C 346 -28.91 -11.41 21.68
CA TYR C 346 -28.33 -11.81 22.95
C TYR C 346 -28.75 -10.85 24.05
N ASP C 347 -28.63 -9.55 23.81
CA ASP C 347 -29.05 -8.56 24.79
C ASP C 347 -30.55 -8.66 25.06
N LEU C 348 -31.35 -8.84 23.99
CA LEU C 348 -32.79 -8.97 24.15
C LEU C 348 -33.14 -10.15 25.06
N LEU C 349 -32.56 -11.32 24.78
CA LEU C 349 -32.87 -12.50 25.56
C LEU C 349 -32.41 -12.35 27.01
N LEU C 350 -31.22 -11.80 27.22
CA LEU C 350 -30.73 -11.66 28.59
C LEU C 350 -31.60 -10.70 29.39
N LEU C 351 -31.97 -9.56 28.79
CA LEU C 351 -32.82 -8.60 29.49
C LEU C 351 -34.20 -9.18 29.75
N LYS C 352 -34.75 -9.93 28.79
CA LYS C 352 -36.05 -10.56 29.00
C LYS C 352 -36.00 -11.57 30.14
N CYS C 353 -34.96 -12.39 30.19
CA CYS C 353 -34.84 -13.36 31.27
C CYS C 353 -34.67 -12.66 32.61
N ALA C 354 -33.93 -11.55 32.64
CA ALA C 354 -33.79 -10.80 33.88
C ALA C 354 -35.14 -10.24 34.34
N ARG C 355 -35.89 -9.64 33.41
CA ARG C 355 -37.16 -9.03 33.80
C ARG C 355 -38.17 -10.07 34.26
N LEU C 356 -38.24 -11.22 33.56
CA LEU C 356 -39.15 -12.28 34.01
C LEU C 356 -38.65 -12.92 35.29
N PHE C 357 -37.37 -13.26 35.35
CA PHE C 357 -36.78 -13.99 36.48
C PHE C 357 -35.63 -13.19 37.05
N PRO C 358 -35.90 -12.22 37.93
CA PRO C 358 -34.81 -11.43 38.53
C PRO C 358 -33.98 -12.21 39.54
N ASP C 359 -34.45 -13.37 39.99
CA ASP C 359 -33.71 -14.13 41.00
C ASP C 359 -32.36 -14.61 40.47
N SER C 360 -32.33 -15.07 39.23
CA SER C 360 -31.13 -15.63 38.64
C SER C 360 -30.75 -14.87 37.37
N ASN C 361 -29.52 -15.08 36.91
CA ASN C 361 -29.01 -14.48 35.70
C ASN C 361 -28.84 -15.57 34.65
N LEU C 362 -29.34 -15.31 33.44
CA LEU C 362 -29.29 -16.31 32.38
C LEU C 362 -27.87 -16.63 31.94
N GLU C 363 -26.93 -15.71 32.14
CA GLU C 363 -25.55 -15.97 31.75
C GLU C 363 -24.84 -16.92 32.72
N ALA C 364 -25.34 -17.05 33.95
CA ALA C 364 -24.63 -17.80 34.99
C ALA C 364 -24.77 -19.31 34.85
N VAL C 365 -25.71 -19.79 34.06
CA VAL C 365 -25.92 -21.23 33.89
C VAL C 365 -24.85 -21.79 32.96
N LEU C 366 -24.30 -22.93 33.34
CA LEU C 366 -23.20 -23.55 32.61
C LEU C 366 -23.67 -24.83 31.92
N ASN C 367 -23.17 -25.05 30.70
CA ASN C 367 -23.49 -26.26 29.97
C ASN C 367 -22.75 -27.45 30.58
N ASN C 368 -22.95 -28.62 29.97
CA ASN C 368 -22.29 -29.82 30.47
C ASN C 368 -20.78 -29.79 30.29
N ASP C 369 -20.26 -28.87 29.47
CA ASP C 369 -18.82 -28.68 29.35
C ASP C 369 -18.26 -27.77 30.44
N GLY C 370 -19.11 -27.19 31.28
CA GLY C 370 -18.66 -26.31 32.34
C GLY C 370 -18.41 -24.87 31.94
N LEU C 371 -18.78 -24.48 30.73
CA LEU C 371 -18.48 -23.15 30.23
C LEU C 371 -19.69 -22.22 30.42
N SER C 372 -19.50 -20.97 30.03
CA SER C 372 -20.54 -19.95 30.04
C SER C 372 -20.51 -19.25 28.70
N PRO C 373 -21.56 -18.52 28.34
CA PRO C 373 -21.56 -17.86 27.02
C PRO C 373 -20.34 -16.99 26.78
N LEU C 374 -19.87 -16.27 27.80
CA LEU C 374 -18.65 -15.49 27.65
C LEU C 374 -17.45 -16.40 27.41
N MET C 375 -17.27 -17.41 28.26
CA MET C 375 -16.15 -18.33 28.07
C MET C 375 -16.30 -19.13 26.79
N MET C 376 -17.54 -19.52 26.45
CA MET C 376 -17.76 -20.26 25.21
C MET C 376 -17.40 -19.43 23.98
N ALA C 377 -17.71 -18.14 24.00
CA ALA C 377 -17.27 -17.27 22.92
C ALA C 377 -15.77 -17.04 22.97
N ALA C 378 -15.16 -17.15 24.16
CA ALA C 378 -13.73 -16.90 24.29
C ALA C 378 -12.92 -17.99 23.62
N LYS C 379 -13.24 -19.25 23.87
CA LYS C 379 -12.43 -20.35 23.38
C LYS C 379 -12.83 -20.80 21.98
N THR C 380 -13.95 -20.33 21.45
CA THR C 380 -14.35 -20.69 20.10
C THR C 380 -13.82 -19.71 19.06
N GLY C 381 -13.58 -18.46 19.43
CA GLY C 381 -13.01 -17.49 18.52
C GLY C 381 -14.04 -16.57 17.91
N LYS C 382 -15.04 -16.20 18.69
CA LYS C 382 -16.10 -15.28 18.25
C LYS C 382 -15.84 -13.95 18.94
N ILE C 383 -14.98 -13.12 18.34
CA ILE C 383 -14.66 -11.83 18.95
C ILE C 383 -15.87 -10.89 18.89
N GLY C 384 -16.71 -11.02 17.86
CA GLY C 384 -17.80 -10.08 17.68
C GLY C 384 -18.74 -10.03 18.87
N ILE C 385 -19.09 -11.20 19.40
CA ILE C 385 -19.92 -11.25 20.60
C ILE C 385 -19.09 -11.23 21.87
N PHE C 386 -17.82 -11.64 21.82
CA PHE C 386 -16.97 -11.58 23.00
C PHE C 386 -16.80 -10.15 23.48
N GLN C 387 -16.45 -9.24 22.56
CA GLN C 387 -16.28 -7.85 22.96
C GLN C 387 -17.59 -7.23 23.42
N HIS C 388 -18.70 -7.60 22.78
CA HIS C 388 -19.99 -7.06 23.19
C HIS C 388 -20.37 -7.50 24.59
N ILE C 389 -20.16 -8.78 24.91
CA ILE C 389 -20.44 -9.26 26.26
C ILE C 389 -19.52 -8.58 27.27
N ILE C 390 -18.24 -8.43 26.91
CA ILE C 390 -17.28 -7.85 27.84
C ILE C 390 -17.63 -6.39 28.15
N ARG C 391 -17.99 -5.62 27.12
CA ARG C 391 -18.16 -4.19 27.24
C ARG C 391 -19.62 -3.76 27.37
N ARG C 392 -20.55 -4.69 27.56
CA ARG C 392 -21.96 -4.34 27.60
C ARG C 392 -22.29 -3.51 28.83
N GLU C 393 -23.27 -2.62 28.69
CA GLU C 393 -23.76 -1.81 29.78
C GLU C 393 -25.26 -1.63 29.59
N VAL C 394 -26.01 -1.76 30.69
CA VAL C 394 -27.46 -1.63 30.66
C VAL C 394 -27.81 -0.30 31.32
N THR C 395 -28.28 0.65 30.51
CA THR C 395 -28.65 1.97 31.03
C THR C 395 -29.92 1.92 31.86
N ASP C 396 -30.81 0.96 31.56
CA ASP C 396 -32.06 0.84 32.30
C ASP C 396 -31.78 0.51 33.76
N GLU C 397 -32.46 1.22 34.66
CA GLU C 397 -32.28 1.00 36.09
C GLU C 397 -32.96 -0.28 36.57
N ASP C 398 -33.90 -0.83 35.81
CA ASP C 398 -34.61 -2.03 36.23
C ASP C 398 -33.65 -3.22 36.34
N THR C 399 -32.79 -3.39 35.36
CA THR C 399 -31.86 -4.53 35.29
C THR C 399 -30.45 -4.05 34.97
N ARG C 400 -29.99 -3.01 35.66
CA ARG C 400 -28.64 -2.51 35.44
C ARG C 400 -27.57 -3.40 36.05
N HIS C 401 -27.95 -4.34 36.92
CA HIS C 401 -26.96 -5.17 37.60
C HIS C 401 -26.19 -6.08 36.64
N LEU C 402 -26.78 -6.44 35.50
CA LEU C 402 -26.12 -7.31 34.54
C LEU C 402 -25.35 -6.49 33.49
N SER C 403 -24.52 -5.59 33.99
CA SER C 403 -23.60 -4.84 33.17
C SER C 403 -22.17 -5.17 33.60
N ARG C 404 -21.24 -5.08 32.64
CA ARG C 404 -19.84 -5.34 32.91
C ARG C 404 -18.98 -4.10 32.67
N LYS C 405 -19.58 -2.94 32.49
CA LYS C 405 -18.83 -1.70 32.28
C LYS C 405 -19.68 -0.54 32.79
N PHE C 406 -19.31 0.00 33.94
CA PHE C 406 -20.01 1.13 34.53
C PHE C 406 -19.16 2.40 34.39
N LYS C 407 -19.76 3.53 34.71
CA LYS C 407 -19.08 4.82 34.67
C LYS C 407 -18.89 5.29 36.12
N ASP C 408 -17.64 5.24 36.59
CA ASP C 408 -17.37 5.59 37.98
C ASP C 408 -17.56 7.08 38.22
N TRP C 409 -16.76 7.91 37.54
CA TRP C 409 -16.84 9.35 37.72
C TRP C 409 -16.33 10.02 36.45
N ALA C 410 -16.66 11.31 36.33
CA ALA C 410 -16.26 12.08 35.15
C ALA C 410 -16.14 13.54 35.57
N TYR C 411 -14.91 14.00 35.77
CA TYR C 411 -14.64 15.39 36.11
C TYR C 411 -13.96 16.03 34.90
N GLY C 412 -14.69 16.90 34.21
CA GLY C 412 -14.22 17.44 32.96
C GLY C 412 -14.15 16.37 31.89
N PRO C 413 -13.25 16.53 30.92
CA PRO C 413 -13.06 15.52 29.88
C PRO C 413 -12.11 14.41 30.27
N VAL C 414 -12.29 13.88 31.48
CA VAL C 414 -11.54 12.72 31.96
C VAL C 414 -12.59 11.71 32.43
N TYR C 415 -13.00 10.81 31.54
CA TYR C 415 -14.05 9.85 31.83
C TYR C 415 -13.44 8.57 32.36
N SER C 416 -13.91 8.13 33.52
CA SER C 416 -13.44 6.91 34.15
C SER C 416 -14.54 5.86 34.02
N SER C 417 -14.31 4.89 33.14
CA SER C 417 -15.19 3.75 32.99
C SER C 417 -14.51 2.52 33.57
N LEU C 418 -15.19 1.84 34.47
CA LEU C 418 -14.65 0.69 35.18
C LEU C 418 -15.32 -0.58 34.69
N TYR C 419 -14.51 -1.56 34.31
CA TYR C 419 -14.99 -2.83 33.80
C TYR C 419 -15.15 -3.83 34.94
N ASP C 420 -15.82 -4.94 34.64
CA ASP C 420 -16.02 -6.02 35.59
C ASP C 420 -15.19 -7.22 35.16
N LEU C 421 -14.42 -7.78 36.10
CA LEU C 421 -13.58 -8.95 35.85
C LEU C 421 -13.96 -10.09 36.78
N SER C 422 -15.26 -10.21 37.09
CA SER C 422 -15.72 -11.28 37.96
C SER C 422 -15.36 -12.66 37.41
N SER C 423 -15.26 -12.79 36.08
CA SER C 423 -14.82 -14.03 35.46
C SER C 423 -13.53 -13.90 34.68
N LEU C 424 -13.03 -12.69 34.47
CA LEU C 424 -11.78 -12.51 33.73
C LEU C 424 -10.55 -12.84 34.57
N ASP C 425 -10.61 -12.60 35.88
CA ASP C 425 -9.47 -12.88 36.76
C ASP C 425 -10.05 -13.32 38.11
N THR C 426 -10.15 -14.63 38.30
CA THR C 426 -10.71 -15.20 39.51
C THR C 426 -9.70 -16.01 40.33
N CYS C 427 -8.44 -16.05 39.91
CA CYS C 427 -7.37 -16.74 40.64
C CYS C 427 -7.69 -18.23 40.81
N GLY C 428 -7.96 -18.89 39.69
CA GLY C 428 -8.16 -20.33 39.69
C GLY C 428 -9.33 -20.79 40.53
N GLU C 429 -10.47 -20.12 40.41
CA GLU C 429 -11.65 -20.50 41.18
C GLU C 429 -12.84 -20.75 40.27
N GLU C 430 -12.95 -19.98 39.19
CA GLU C 430 -14.09 -20.06 38.29
C GLU C 430 -13.67 -20.13 36.83
N ALA C 431 -12.51 -20.73 36.56
CA ALA C 431 -12.02 -20.94 35.19
C ALA C 431 -11.95 -19.61 34.43
N SER C 432 -11.03 -18.78 34.88
CA SER C 432 -10.90 -17.41 34.37
C SER C 432 -10.83 -17.39 32.85
N VAL C 433 -11.47 -16.38 32.26
CA VAL C 433 -11.52 -16.26 30.80
C VAL C 433 -10.13 -16.04 30.23
N LEU C 434 -9.24 -15.39 30.99
CA LEU C 434 -7.91 -15.08 30.46
C LEU C 434 -7.13 -16.34 30.13
N GLU C 435 -7.12 -17.31 31.04
CA GLU C 435 -6.40 -18.55 30.80
C GLU C 435 -7.01 -19.31 29.62
N ILE C 436 -8.33 -19.35 29.54
CA ILE C 436 -8.99 -20.05 28.44
C ILE C 436 -8.64 -19.40 27.10
N LEU C 437 -8.63 -18.07 27.06
CA LEU C 437 -8.34 -17.37 25.81
C LEU C 437 -6.88 -17.54 25.41
N VAL C 438 -5.97 -17.50 26.38
CA VAL C 438 -4.55 -17.62 26.06
C VAL C 438 -4.21 -19.04 25.61
N TYR C 439 -4.78 -20.05 26.28
CA TYR C 439 -4.43 -21.45 26.01
C TYR C 439 -5.42 -22.12 25.07
N ASN C 440 -6.70 -22.15 25.45
CA ASN C 440 -7.68 -23.01 24.80
C ASN C 440 -8.24 -22.43 23.51
N SER C 441 -8.06 -21.13 23.25
CA SER C 441 -8.64 -20.54 22.06
C SER C 441 -7.90 -21.04 20.81
N LYS C 442 -8.59 -20.94 19.67
CA LYS C 442 -8.01 -21.35 18.40
C LYS C 442 -7.07 -20.27 17.90
N ILE C 443 -6.00 -20.70 17.22
CA ILE C 443 -4.81 -19.87 17.02
C ILE C 443 -5.12 -18.65 16.15
N GLU C 444 -6.02 -18.80 15.17
CA GLU C 444 -6.18 -17.77 14.16
C GLU C 444 -6.80 -16.48 14.69
N ASN C 445 -7.39 -16.49 15.88
CA ASN C 445 -8.08 -15.32 16.39
C ASN C 445 -7.64 -14.90 17.80
N ARG C 446 -6.66 -15.58 18.39
CA ARG C 446 -6.26 -15.26 19.76
C ARG C 446 -5.63 -13.87 19.84
N HIS C 447 -4.86 -13.49 18.81
CA HIS C 447 -4.05 -12.29 18.90
C HIS C 447 -4.90 -11.04 19.08
N GLU C 448 -6.01 -10.94 18.34
CA GLU C 448 -6.86 -9.76 18.44
C GLU C 448 -7.96 -9.89 19.50
N MET C 449 -8.22 -11.10 20.01
CA MET C 449 -9.05 -11.18 21.21
C MET C 449 -8.27 -10.90 22.48
N LEU C 450 -6.94 -10.92 22.41
CA LEU C 450 -6.11 -10.48 23.52
C LEU C 450 -5.95 -8.98 23.59
N ALA C 451 -6.55 -8.23 22.65
CA ALA C 451 -6.46 -6.78 22.60
C ALA C 451 -7.74 -6.10 23.08
N VAL C 452 -8.67 -6.84 23.69
CA VAL C 452 -9.90 -6.23 24.18
C VAL C 452 -9.59 -5.26 25.31
N GLU C 453 -10.47 -4.27 25.48
CA GLU C 453 -10.18 -3.11 26.32
C GLU C 453 -9.76 -3.46 27.74
N PRO C 454 -10.46 -4.32 28.50
CA PRO C 454 -10.03 -4.60 29.87
C PRO C 454 -9.12 -5.81 30.03
N ILE C 455 -8.65 -6.41 28.95
CA ILE C 455 -7.76 -7.55 29.01
C ILE C 455 -6.30 -7.14 28.87
N ASN C 456 -5.99 -6.28 27.91
CA ASN C 456 -4.62 -5.78 27.78
C ASN C 456 -4.21 -4.99 29.01
N GLU C 457 -5.12 -4.13 29.50
CA GLU C 457 -4.84 -3.37 30.71
C GLU C 457 -4.66 -4.30 31.91
N LEU C 458 -5.49 -5.33 32.01
CA LEU C 458 -5.35 -6.28 33.11
C LEU C 458 -4.01 -7.00 33.06
N LEU C 459 -3.60 -7.43 31.87
CA LEU C 459 -2.32 -8.12 31.73
C LEU C 459 -1.15 -7.19 32.09
N ARG C 460 -1.20 -5.95 31.62
CA ARG C 460 -0.12 -5.01 31.94
C ARG C 460 -0.09 -4.69 33.43
N ASP C 461 -1.27 -4.57 34.04
CA ASP C 461 -1.33 -4.31 35.47
C ASP C 461 -0.78 -5.47 36.27
N LYS C 462 -1.12 -6.71 35.89
CA LYS C 462 -0.56 -7.87 36.56
C LYS C 462 0.95 -7.93 36.39
N TRP C 463 1.43 -7.58 35.19
CA TRP C 463 2.87 -7.47 34.96
C TRP C 463 3.49 -6.51 35.96
N ARG C 464 3.10 -5.24 35.90
CA ARG C 464 3.68 -4.22 36.76
C ARG C 464 3.52 -4.56 38.23
N LYS C 465 2.51 -5.35 38.59
CA LYS C 465 2.29 -5.68 39.99
C LYS C 465 3.24 -6.78 40.46
N PHE C 466 3.26 -7.91 39.77
CA PHE C 466 4.17 -8.99 40.21
C PHE C 466 4.78 -9.69 39.00
N GLY C 467 4.13 -9.59 37.85
CA GLY C 467 4.62 -10.27 36.63
C GLY C 467 5.95 -9.73 36.14
N ALA C 468 6.12 -8.41 36.18
CA ALA C 468 7.36 -7.78 35.63
C ALA C 468 8.62 -8.21 36.38
N VAL C 469 8.64 -8.22 37.72
CA VAL C 469 9.93 -8.59 38.37
C VAL C 469 10.02 -10.07 38.73
N SER C 470 8.92 -10.82 38.62
CA SER C 470 9.02 -12.29 38.87
C SER C 470 9.89 -12.88 37.76
N PHE C 471 9.68 -12.42 36.52
CA PHE C 471 10.45 -12.87 35.34
C PHE C 471 11.92 -12.50 35.53
N TYR C 472 12.20 -11.29 36.02
CA TYR C 472 13.60 -10.83 36.25
C TYR C 472 14.26 -11.69 37.32
N ILE C 473 13.54 -12.02 38.39
CA ILE C 473 14.10 -12.88 39.49
C ILE C 473 14.45 -14.25 38.93
N ASN C 474 13.63 -14.79 38.03
CA ASN C 474 13.95 -16.10 37.41
C ASN C 474 15.26 -15.97 36.66
N VAL C 475 15.43 -14.87 35.91
CA VAL C 475 16.65 -14.63 35.11
C VAL C 475 17.89 -14.65 36.02
N VAL C 476 17.89 -13.89 37.12
CA VAL C 476 19.11 -13.82 37.92
C VAL C 476 19.39 -15.17 38.58
N SER C 477 18.34 -15.85 39.05
CA SER C 477 18.53 -17.16 39.68
C SER C 477 19.04 -18.17 38.67
N TYR C 478 18.49 -18.15 37.45
CA TYR C 478 18.94 -19.09 36.43
C TYR C 478 20.40 -18.86 36.05
N LEU C 479 20.79 -17.60 35.87
CA LEU C 479 22.19 -17.32 35.56
C LEU C 479 23.11 -17.70 36.71
N CYS C 480 22.71 -17.41 37.96
CA CYS C 480 23.54 -17.77 39.10
C CYS C 480 23.67 -19.29 39.23
N ALA C 481 22.56 -20.01 39.06
CA ALA C 481 22.61 -21.46 39.13
C ALA C 481 23.46 -22.03 38.03
N MET C 482 23.45 -21.41 36.85
CA MET C 482 24.27 -21.92 35.75
C MET C 482 25.75 -21.63 35.98
N VAL C 483 26.07 -20.49 36.60
CA VAL C 483 27.45 -20.23 37.00
C VAL C 483 27.91 -21.27 38.01
N ILE C 484 27.05 -21.60 38.98
CA ILE C 484 27.39 -22.64 39.95
C ILE C 484 27.57 -23.98 39.25
N PHE C 485 26.71 -24.27 38.29
CA PHE C 485 26.80 -25.51 37.52
C PHE C 485 28.15 -25.61 36.81
N THR C 486 28.54 -24.54 36.12
CA THR C 486 29.83 -24.55 35.41
C THR C 486 30.99 -24.71 36.38
N LEU C 487 30.95 -23.95 37.49
CA LEU C 487 32.05 -24.02 38.45
C LEU C 487 32.18 -25.42 39.05
N THR C 488 31.05 -26.06 39.35
CA THR C 488 31.10 -27.38 39.97
C THR C 488 31.49 -28.46 38.97
N ALA C 489 31.01 -28.37 37.73
CA ALA C 489 31.20 -29.44 36.76
C ALA C 489 32.34 -29.19 35.79
N TYR C 490 33.14 -28.14 35.97
CA TYR C 490 34.25 -27.91 35.05
C TYR C 490 35.39 -28.89 35.28
N TYR C 491 36.01 -28.84 36.46
CA TYR C 491 37.28 -29.55 36.68
C TYR C 491 37.14 -30.56 37.81
N GLN C 492 36.08 -31.36 37.75
CA GLN C 492 36.01 -32.55 38.59
C GLN C 492 37.10 -33.54 38.14
N PRO C 493 37.61 -34.37 39.05
CA PRO C 493 38.71 -35.27 38.67
C PRO C 493 38.32 -36.20 37.54
N LEU C 494 39.25 -36.40 36.61
CA LEU C 494 39.03 -37.26 35.46
C LEU C 494 39.68 -38.63 35.60
N GLU C 495 40.32 -38.90 36.74
CA GLU C 495 40.98 -40.18 36.98
C GLU C 495 40.20 -40.98 38.01
N GLY C 496 39.91 -42.23 37.69
CA GLY C 496 39.18 -43.10 38.59
C GLY C 496 37.74 -43.29 38.16
N THR C 497 37.20 -44.46 38.48
CA THR C 497 35.81 -44.79 38.17
C THR C 497 34.88 -44.14 39.20
N PRO C 498 33.85 -43.42 38.77
CA PRO C 498 32.93 -42.79 39.72
C PRO C 498 32.06 -43.83 40.40
N PRO C 499 31.53 -43.55 41.59
CA PRO C 499 31.65 -42.30 42.36
C PRO C 499 33.03 -42.12 43.01
N TYR C 500 33.37 -40.88 43.32
CA TYR C 500 34.65 -40.51 43.90
C TYR C 500 34.54 -40.38 45.41
N PRO C 501 35.63 -40.59 46.14
CA PRO C 501 35.60 -40.34 47.59
C PRO C 501 35.46 -38.86 47.88
N TYR C 502 34.66 -38.54 48.89
CA TYR C 502 34.37 -37.15 49.28
C TYR C 502 34.87 -36.93 50.70
N ARG C 503 36.05 -36.34 50.83
CA ARG C 503 36.64 -36.03 52.13
C ARG C 503 37.07 -34.58 52.24
N THR C 504 37.58 -33.99 51.18
CA THR C 504 38.06 -32.61 51.22
C THR C 504 36.89 -31.64 51.22
N THR C 505 37.13 -30.43 51.73
CA THR C 505 36.13 -29.37 51.65
C THR C 505 35.80 -29.03 50.20
N VAL C 506 36.76 -29.23 49.29
CA VAL C 506 36.47 -29.10 47.86
C VAL C 506 35.41 -30.11 47.44
N ASP C 507 35.49 -31.33 47.99
CA ASP C 507 34.45 -32.32 47.72
C ASP C 507 33.10 -31.88 48.28
N TYR C 508 33.11 -31.19 49.43
CA TYR C 508 31.87 -30.65 49.97
C TYR C 508 31.27 -29.59 49.04
N LEU C 509 32.12 -28.72 48.51
CA LEU C 509 31.65 -27.72 47.56
C LEU C 509 31.10 -28.38 46.30
N ARG C 510 31.77 -29.41 45.82
CA ARG C 510 31.29 -30.13 44.65
C ARG C 510 29.95 -30.82 44.92
N LEU C 511 29.80 -31.38 46.12
CA LEU C 511 28.52 -31.99 46.49
C LEU C 511 27.41 -30.95 46.54
N ALA C 512 27.70 -29.78 47.09
CA ALA C 512 26.69 -28.71 47.11
C ALA C 512 26.32 -28.28 45.70
N GLY C 513 27.31 -28.12 44.83
CA GLY C 513 27.02 -27.76 43.45
C GLY C 513 26.21 -28.83 42.74
N GLU C 514 26.55 -30.10 42.97
CA GLU C 514 25.84 -31.19 42.33
C GLU C 514 24.39 -31.28 42.80
N VAL C 515 24.17 -31.11 44.11
CA VAL C 515 22.79 -31.17 44.59
C VAL C 515 22.00 -29.96 44.12
N ILE C 516 22.64 -28.79 43.98
CA ILE C 516 21.96 -27.63 43.40
C ILE C 516 21.57 -27.93 41.96
N THR C 517 22.49 -28.51 41.20
CA THR C 517 22.22 -28.84 39.79
C THR C 517 21.08 -29.84 39.68
N LEU C 518 21.09 -30.88 40.51
CA LEU C 518 20.02 -31.87 40.48
C LEU C 518 18.69 -31.26 40.94
N PHE C 519 18.71 -30.34 41.90
CA PHE C 519 17.49 -29.66 42.29
C PHE C 519 16.91 -28.86 41.14
N THR C 520 17.76 -28.12 40.42
CA THR C 520 17.28 -27.37 39.27
C THR C 520 16.73 -28.30 38.19
N GLY C 521 17.44 -29.40 37.92
CA GLY C 521 16.97 -30.34 36.91
C GLY C 521 15.65 -30.98 37.26
N VAL C 522 15.49 -31.41 38.52
CA VAL C 522 14.24 -32.04 38.93
C VAL C 522 13.12 -31.02 38.99
N LEU C 523 13.42 -29.76 39.33
CA LEU C 523 12.38 -28.73 39.32
C LEU C 523 11.89 -28.49 37.90
N PHE C 524 12.82 -28.36 36.94
CA PHE C 524 12.42 -28.18 35.55
C PHE C 524 11.62 -29.37 35.06
N PHE C 525 12.07 -30.58 35.39
CA PHE C 525 11.36 -31.79 34.96
C PHE C 525 9.94 -31.85 35.55
N PHE C 526 9.80 -31.55 36.84
CA PHE C 526 8.50 -31.59 37.48
C PHE C 526 7.57 -30.54 36.89
N THR C 527 8.08 -29.33 36.67
CA THR C 527 7.25 -28.29 36.07
C THR C 527 6.79 -28.70 34.67
N ASN C 528 7.71 -29.24 33.85
CA ASN C 528 7.34 -29.65 32.51
C ASN C 528 6.32 -30.79 32.53
N ILE C 529 6.50 -31.76 33.43
CA ILE C 529 5.58 -32.88 33.52
C ILE C 529 4.20 -32.41 33.95
N LYS C 530 4.14 -31.54 34.96
CA LYS C 530 2.85 -31.03 35.42
C LYS C 530 2.16 -30.23 34.33
N ASP C 531 2.90 -29.39 33.60
CA ASP C 531 2.30 -28.61 32.53
C ASP C 531 1.79 -29.51 31.41
N LEU C 532 2.55 -30.54 31.05
CA LEU C 532 2.11 -31.46 30.00
C LEU C 532 0.92 -32.29 30.45
N PHE C 533 0.81 -32.57 31.75
CA PHE C 533 -0.35 -33.31 32.25
C PHE C 533 -1.60 -32.45 32.28
N MET C 534 -1.45 -31.19 32.70
CA MET C 534 -2.62 -30.32 32.82
C MET C 534 -3.23 -29.99 31.47
N LYS C 535 -2.39 -29.73 30.46
CA LYS C 535 -2.85 -29.33 29.15
C LYS C 535 -2.73 -30.47 28.16
N LYS C 536 -3.51 -30.38 27.08
CA LYS C 536 -3.46 -31.39 26.02
C LYS C 536 -2.19 -31.24 25.19
N CYS C 537 -1.90 -32.27 24.42
CA CYS C 537 -0.70 -32.26 23.60
C CYS C 537 -0.83 -31.25 22.46
N PRO C 538 0.11 -30.33 22.31
CA PRO C 538 0.03 -29.35 21.22
C PRO C 538 0.53 -29.91 19.90
N GLY C 539 0.17 -29.23 18.82
CA GLY C 539 0.56 -29.64 17.50
C GLY C 539 0.99 -28.51 16.59
N VAL C 540 0.42 -28.46 15.39
CA VAL C 540 0.76 -27.41 14.43
C VAL C 540 0.21 -26.08 14.93
N ASN C 541 0.96 -25.00 14.64
CA ASN C 541 0.66 -23.62 15.00
C ASN C 541 0.73 -23.36 16.49
N SER C 542 1.07 -24.37 17.30
CA SER C 542 1.26 -24.20 18.74
C SER C 542 2.63 -24.63 19.21
N LEU C 543 3.43 -25.29 18.36
CA LEU C 543 4.77 -25.70 18.76
C LEU C 543 5.71 -24.50 18.87
N PHE C 544 5.43 -23.42 18.14
CA PHE C 544 6.25 -22.22 18.16
C PHE C 544 5.96 -21.32 19.36
N ILE C 545 5.32 -21.88 20.39
CA ILE C 545 5.02 -21.17 21.64
C ILE C 545 5.86 -21.85 22.71
N ASP C 546 5.72 -21.43 23.97
CA ASP C 546 6.56 -21.87 25.07
C ASP C 546 6.64 -23.40 25.17
N GLY C 547 5.81 -24.12 24.41
CA GLY C 547 5.98 -25.56 24.30
C GLY C 547 7.33 -25.95 23.73
N SER C 548 7.86 -25.16 22.81
CA SER C 548 9.16 -25.45 22.22
C SER C 548 10.26 -25.43 23.27
N PHE C 549 10.45 -24.28 23.93
CA PHE C 549 11.45 -24.22 24.98
C PHE C 549 11.10 -25.11 26.15
N GLN C 550 9.82 -25.47 26.32
CA GLN C 550 9.47 -26.50 27.27
C GLN C 550 10.10 -27.84 26.89
N LEU C 551 10.06 -28.17 25.60
CA LEU C 551 10.71 -29.40 25.13
C LEU C 551 12.22 -29.33 25.34
N LEU C 552 12.82 -28.19 25.02
CA LEU C 552 14.26 -28.05 25.25
C LEU C 552 14.62 -28.18 26.72
N TYR C 553 13.83 -27.56 27.60
CA TYR C 553 14.06 -27.69 29.03
C TYR C 553 13.83 -29.12 29.50
N PHE C 554 12.87 -29.82 28.90
CA PHE C 554 12.64 -31.22 29.23
C PHE C 554 13.87 -32.06 28.86
N ILE C 555 14.44 -31.82 27.68
CA ILE C 555 15.63 -32.54 27.27
C ILE C 555 16.80 -32.22 28.21
N TYR C 556 16.94 -30.95 28.59
CA TYR C 556 17.99 -30.56 29.52
C TYR C 556 17.81 -31.25 30.88
N SER C 557 16.57 -31.32 31.37
CA SER C 557 16.31 -31.99 32.64
C SER C 557 16.59 -33.49 32.54
N VAL C 558 16.25 -34.09 31.40
CA VAL C 558 16.55 -35.51 31.19
C VAL C 558 18.06 -35.74 31.22
N LEU C 559 18.82 -34.86 30.55
CA LEU C 559 20.27 -34.98 30.55
C LEU C 559 20.84 -34.83 31.95
N VAL C 560 20.35 -33.85 32.71
CA VAL C 560 20.84 -33.66 34.07
C VAL C 560 20.48 -34.85 34.95
N ILE C 561 19.29 -35.43 34.76
CA ILE C 561 18.88 -36.58 35.56
C ILE C 561 19.76 -37.79 35.23
N VAL C 562 19.97 -38.06 33.95
CA VAL C 562 20.80 -39.20 33.56
C VAL C 562 22.27 -38.96 33.94
N SER C 563 22.67 -37.70 34.10
CA SER C 563 24.02 -37.41 34.58
C SER C 563 24.23 -37.97 35.98
N ALA C 564 23.22 -37.85 36.85
CA ALA C 564 23.33 -38.40 38.19
C ALA C 564 23.49 -39.92 38.16
N ALA C 565 22.71 -40.60 37.32
CA ALA C 565 22.82 -42.04 37.22
C ALA C 565 24.18 -42.46 36.66
N LEU C 566 24.66 -41.74 35.65
CA LEU C 566 25.97 -42.07 35.07
C LEU C 566 27.10 -41.74 36.03
N TYR C 567 26.90 -40.79 36.93
CA TYR C 567 27.90 -40.49 37.95
C TYR C 567 27.89 -41.55 39.05
N LEU C 568 26.70 -42.03 39.43
CA LEU C 568 26.61 -43.02 40.48
C LEU C 568 27.13 -44.38 40.01
N ALA C 569 26.67 -44.85 38.84
CA ALA C 569 27.03 -46.19 38.39
C ALA C 569 27.28 -46.26 36.88
N GLY C 570 27.63 -45.15 36.24
CA GLY C 570 27.88 -45.17 34.81
C GLY C 570 29.18 -45.88 34.47
N ILE C 571 29.24 -46.39 33.25
CA ILE C 571 30.41 -47.14 32.81
C ILE C 571 31.42 -46.22 32.12
N GLU C 572 31.03 -45.64 30.99
CA GLU C 572 31.96 -44.87 30.18
C GLU C 572 31.38 -43.60 29.55
N ALA C 573 30.17 -43.17 29.95
CA ALA C 573 29.53 -42.04 29.29
C ALA C 573 29.04 -40.98 30.28
N TYR C 574 29.68 -40.88 31.45
CA TYR C 574 29.23 -39.91 32.45
C TYR C 574 29.67 -38.49 32.14
N LEU C 575 30.80 -38.30 31.46
CA LEU C 575 31.25 -36.96 31.13
C LEU C 575 30.43 -36.37 29.98
N ALA C 576 30.14 -37.17 28.97
CA ALA C 576 29.52 -36.66 27.75
C ALA C 576 28.11 -36.13 28.02
N VAL C 577 27.34 -36.84 28.85
CA VAL C 577 25.98 -36.40 29.14
C VAL C 577 25.99 -35.05 29.85
N MET C 578 26.88 -34.89 30.84
CA MET C 578 26.96 -33.62 31.56
C MET C 578 27.42 -32.50 30.64
N VAL C 579 28.39 -32.79 29.77
CA VAL C 579 28.90 -31.75 28.86
C VAL C 579 27.80 -31.32 27.90
N PHE C 580 27.07 -32.27 27.32
CA PHE C 580 25.97 -31.91 26.43
C PHE C 580 24.85 -31.20 27.16
N ALA C 581 24.60 -31.56 28.43
CA ALA C 581 23.63 -30.82 29.23
C ALA C 581 24.06 -29.37 29.42
N LEU C 582 25.34 -29.16 29.69
CA LEU C 582 25.85 -27.78 29.81
C LEU C 582 25.66 -27.02 28.50
N VAL C 583 25.96 -27.67 27.37
CA VAL C 583 25.80 -27.03 26.07
C VAL C 583 24.34 -26.65 25.83
N LEU C 584 23.43 -27.60 26.05
CA LEU C 584 22.01 -27.34 25.82
C LEU C 584 21.50 -26.26 26.75
N GLY C 585 21.93 -26.27 28.01
CA GLY C 585 21.51 -25.24 28.93
C GLY C 585 21.99 -23.86 28.55
N TRP C 586 23.25 -23.74 28.12
CA TRP C 586 23.76 -22.45 27.72
C TRP C 586 23.17 -21.97 26.39
N MET C 587 22.65 -22.88 25.57
CA MET C 587 21.87 -22.40 24.43
C MET C 587 20.39 -22.23 24.77
N ASN C 588 19.99 -22.53 26.00
CA ASN C 588 18.64 -22.27 26.48
C ASN C 588 18.50 -20.91 27.17
N ALA C 589 19.55 -20.11 27.19
CA ALA C 589 19.45 -18.76 27.72
C ALA C 589 18.63 -17.85 26.82
N LEU C 590 18.29 -18.31 25.62
CA LEU C 590 17.50 -17.53 24.68
C LEU C 590 16.04 -17.40 25.09
N TYR C 591 15.55 -18.25 25.99
CA TYR C 591 14.16 -18.12 26.43
C TYR C 591 13.92 -16.82 27.16
N PHE C 592 14.84 -16.41 28.02
CA PHE C 592 14.69 -15.18 28.78
C PHE C 592 14.77 -13.94 27.92
N THR C 593 15.20 -14.08 26.66
CA THR C 593 15.13 -12.97 25.73
C THR C 593 13.69 -12.65 25.36
N ARG C 594 12.81 -13.66 25.36
CA ARG C 594 11.43 -13.46 24.95
C ARG C 594 10.71 -12.40 25.77
N GLY C 595 11.15 -12.16 27.01
CA GLY C 595 10.63 -11.03 27.75
C GLY C 595 10.97 -9.70 27.10
N LEU C 596 12.17 -9.60 26.55
CA LEU C 596 12.61 -8.39 25.85
C LEU C 596 12.14 -8.42 24.41
N LYS C 597 12.16 -7.24 23.78
CA LYS C 597 11.61 -7.11 22.42
C LYS C 597 12.58 -7.64 21.37
N LEU C 598 13.74 -6.97 21.23
CA LEU C 598 14.63 -7.27 20.12
C LEU C 598 15.25 -8.66 20.26
N THR C 599 15.83 -8.94 21.42
CA THR C 599 16.42 -10.25 21.64
C THR C 599 15.37 -11.35 21.65
N GLY C 600 14.16 -11.03 22.11
CA GLY C 600 13.08 -12.01 22.06
C GLY C 600 12.73 -12.40 20.64
N THR C 601 12.58 -11.41 19.75
CA THR C 601 12.33 -11.72 18.36
C THR C 601 13.52 -12.45 17.73
N TYR C 602 14.73 -12.01 18.06
CA TYR C 602 15.95 -12.71 17.63
C TYR C 602 15.84 -14.20 17.90
N SER C 603 15.71 -14.56 19.18
CA SER C 603 15.69 -15.98 19.56
C SER C 603 14.48 -16.71 18.99
N ILE C 604 13.32 -16.05 18.99
CA ILE C 604 12.09 -16.71 18.54
C ILE C 604 12.22 -17.12 17.07
N MET C 605 12.70 -16.20 16.22
CA MET C 605 12.77 -16.56 14.81
C MET C 605 14.07 -17.26 14.47
N ILE C 606 15.04 -17.31 15.38
CA ILE C 606 16.18 -18.21 15.22
C ILE C 606 15.74 -19.65 15.48
N GLN C 607 14.82 -19.85 16.43
CA GLN C 607 14.31 -21.19 16.70
C GLN C 607 13.66 -21.81 15.47
N LYS C 608 13.10 -20.98 14.59
CA LYS C 608 12.64 -21.49 13.29
C LYS C 608 13.81 -22.02 12.48
N ILE C 609 14.95 -21.35 12.56
CA ILE C 609 16.14 -21.80 11.84
C ILE C 609 16.64 -23.12 12.41
N LEU C 610 16.56 -23.26 13.74
CA LEU C 610 17.28 -24.34 14.41
C LEU C 610 16.47 -25.64 14.45
N PHE C 611 15.14 -25.55 14.47
CA PHE C 611 14.27 -26.73 14.40
C PHE C 611 13.32 -26.71 13.22
N LYS C 612 12.60 -25.60 12.98
CA LYS C 612 11.47 -25.63 12.06
C LYS C 612 11.89 -26.01 10.65
N ASP C 613 12.88 -25.31 10.10
CA ASP C 613 13.37 -25.60 8.76
C ASP C 613 14.65 -26.41 8.75
N LEU C 614 15.29 -26.60 9.91
CA LEU C 614 16.51 -27.40 9.96
C LEU C 614 16.24 -28.85 9.58
N PHE C 615 15.04 -29.36 9.89
CA PHE C 615 14.70 -30.72 9.47
C PHE C 615 14.69 -30.83 7.95
N ARG C 616 14.01 -29.90 7.28
CA ARG C 616 13.93 -29.94 5.81
C ARG C 616 15.29 -29.70 5.18
N PHE C 617 16.03 -28.71 5.70
CA PHE C 617 17.36 -28.41 5.17
C PHE C 617 18.28 -29.61 5.32
N LEU C 618 18.26 -30.23 6.51
CA LEU C 618 19.09 -31.41 6.74
C LEU C 618 18.67 -32.58 5.85
N LEU C 619 17.37 -32.75 5.64
CA LEU C 619 16.89 -33.83 4.79
C LEU C 619 17.38 -33.65 3.36
N VAL C 620 17.25 -32.44 2.81
CA VAL C 620 17.70 -32.19 1.45
C VAL C 620 19.22 -32.36 1.35
N TYR C 621 19.95 -31.83 2.33
CA TYR C 621 21.41 -31.92 2.32
C TYR C 621 21.86 -33.37 2.38
N LEU C 622 21.26 -34.16 3.27
CA LEU C 622 21.65 -35.57 3.38
C LEU C 622 21.25 -36.34 2.13
N LEU C 623 20.11 -36.00 1.51
CA LEU C 623 19.73 -36.66 0.26
C LEU C 623 20.79 -36.44 -0.81
N PHE C 624 21.14 -35.17 -1.05
CA PHE C 624 22.16 -34.87 -2.06
C PHE C 624 23.50 -35.50 -1.71
N MET C 625 23.89 -35.41 -0.44
CA MET C 625 25.19 -35.94 -0.02
C MET C 625 25.25 -37.45 -0.20
N ILE C 626 24.21 -38.17 0.25
CA ILE C 626 24.23 -39.63 0.13
C ILE C 626 24.20 -40.03 -1.33
N GLY C 627 23.41 -39.35 -2.16
CA GLY C 627 23.40 -39.69 -3.58
C GLY C 627 24.76 -39.53 -4.22
N TYR C 628 25.37 -38.35 -4.03
CA TYR C 628 26.64 -38.09 -4.69
C TYR C 628 27.75 -38.99 -4.14
N ALA C 629 27.82 -39.14 -2.82
CA ALA C 629 28.86 -39.98 -2.23
C ALA C 629 28.69 -41.43 -2.64
N SER C 630 27.46 -41.94 -2.64
CA SER C 630 27.24 -43.32 -3.06
C SER C 630 27.65 -43.53 -4.50
N ALA C 631 27.29 -42.59 -5.39
CA ALA C 631 27.68 -42.72 -6.78
C ALA C 631 29.20 -42.71 -6.93
N LEU C 632 29.87 -41.76 -6.26
CA LEU C 632 31.32 -41.65 -6.39
C LEU C 632 32.02 -42.90 -5.86
N VAL C 633 31.61 -43.38 -4.68
CA VAL C 633 32.24 -44.56 -4.11
C VAL C 633 31.96 -45.79 -4.96
N SER C 634 30.75 -45.87 -5.53
CA SER C 634 30.39 -47.00 -6.38
C SER C 634 31.27 -47.05 -7.62
N LEU C 635 31.52 -45.90 -8.24
CA LEU C 635 32.34 -45.95 -9.46
C LEU C 635 33.80 -46.25 -9.13
N LEU C 636 34.33 -45.68 -8.05
CA LEU C 636 35.72 -45.91 -7.68
C LEU C 636 35.94 -47.36 -7.30
N ASN C 637 37.18 -47.81 -7.48
CA ASN C 637 37.61 -49.16 -7.17
C ASN C 637 38.86 -49.12 -6.30
N PRO C 638 39.06 -50.14 -5.45
CA PRO C 638 40.24 -50.20 -4.59
C PRO C 638 41.52 -50.47 -5.37
N ASP C 662 35.34 -54.05 1.09
CA ASP C 662 35.55 -52.70 0.60
C ASP C 662 34.78 -51.68 1.44
N SER C 663 34.38 -52.09 2.64
CA SER C 663 33.61 -51.21 3.51
C SER C 663 34.46 -50.03 4.00
N GLU C 664 35.73 -50.28 4.30
CA GLU C 664 36.59 -49.21 4.81
C GLU C 664 36.80 -48.12 3.77
N THR C 665 36.98 -48.50 2.51
CA THR C 665 37.14 -47.52 1.44
C THR C 665 35.92 -46.62 1.31
N PHE C 666 34.73 -47.19 1.53
CA PHE C 666 33.52 -46.38 1.50
C PHE C 666 33.59 -45.25 2.53
N SER C 667 33.96 -45.58 3.76
CA SER C 667 34.05 -44.56 4.81
C SER C 667 35.17 -43.55 4.51
N THR C 668 36.31 -44.03 4.01
CA THR C 668 37.40 -43.11 3.70
C THR C 668 36.99 -42.10 2.65
N PHE C 669 36.37 -42.58 1.56
CA PHE C 669 35.91 -41.66 0.52
C PHE C 669 34.77 -40.78 1.01
N LEU C 670 33.93 -41.30 1.91
CA LEU C 670 32.86 -40.48 2.48
C LEU C 670 33.42 -39.28 3.23
N LEU C 671 34.35 -39.53 4.17
CA LEU C 671 34.97 -38.42 4.87
C LEU C 671 35.77 -37.52 3.93
N ASP C 672 36.39 -38.09 2.90
CA ASP C 672 37.07 -37.26 1.91
C ASP C 672 36.09 -36.34 1.20
N LEU C 673 34.83 -36.77 1.06
CA LEU C 673 33.83 -35.91 0.44
C LEU C 673 33.62 -34.62 1.25
N PHE C 674 33.43 -34.75 2.57
CA PHE C 674 33.30 -33.55 3.39
C PHE C 674 34.60 -32.76 3.46
N LYS C 675 35.75 -33.45 3.43
CA LYS C 675 37.02 -32.73 3.41
C LYS C 675 37.14 -31.84 2.19
N LEU C 676 36.79 -32.37 1.01
CA LEU C 676 36.76 -31.55 -0.20
C LEU C 676 35.65 -30.51 -0.14
N THR C 677 34.57 -30.80 0.57
CA THR C 677 33.50 -29.82 0.73
C THR C 677 34.00 -28.58 1.47
N ILE C 678 34.80 -28.79 2.52
CA ILE C 678 35.36 -27.65 3.26
C ILE C 678 36.26 -26.82 2.36
N GLY C 679 37.11 -27.48 1.57
CA GLY C 679 37.98 -26.79 0.65
C GLY C 679 39.39 -27.36 0.62
N MET C 680 39.82 -27.94 1.74
CA MET C 680 41.13 -28.58 1.85
C MET C 680 41.02 -30.00 1.29
N GLY C 681 41.71 -30.24 0.19
CA GLY C 681 41.63 -31.54 -0.45
C GLY C 681 42.95 -31.92 -1.08
N ASP C 682 42.95 -33.09 -1.71
CA ASP C 682 44.14 -33.66 -2.33
C ASP C 682 43.89 -33.88 -3.82
N LEU C 683 44.87 -33.51 -4.64
CA LEU C 683 44.73 -33.66 -6.09
C LEU C 683 44.97 -35.10 -6.52
N GLU C 684 45.87 -35.81 -5.83
CA GLU C 684 46.24 -37.15 -6.26
C GLU C 684 45.05 -38.11 -6.20
N MET C 685 44.27 -38.05 -5.13
CA MET C 685 43.13 -38.96 -5.01
C MET C 685 41.95 -38.49 -5.85
N LEU C 686 41.96 -37.23 -6.29
CA LEU C 686 40.90 -36.74 -7.16
C LEU C 686 40.90 -37.48 -8.50
N SER C 687 42.08 -37.70 -9.07
CA SER C 687 42.24 -38.47 -10.30
C SER C 687 42.84 -39.84 -10.04
N SER C 688 42.56 -40.42 -8.86
CA SER C 688 43.18 -41.68 -8.48
C SER C 688 42.76 -42.82 -9.40
N THR C 689 41.47 -42.90 -9.75
CA THR C 689 40.94 -44.01 -10.53
C THR C 689 40.24 -43.47 -11.78
N LYS C 690 41.02 -43.22 -12.83
CA LYS C 690 40.53 -42.93 -14.18
C LYS C 690 39.51 -41.79 -14.23
N TYR C 691 38.84 -41.67 -15.37
CA TYR C 691 37.70 -40.77 -15.60
C TYR C 691 37.90 -39.37 -14.98
N PRO C 692 39.02 -38.70 -15.28
CA PRO C 692 39.32 -37.45 -14.57
C PRO C 692 38.30 -36.34 -14.80
N VAL C 693 37.89 -36.17 -16.06
CA VAL C 693 37.04 -35.04 -16.42
C VAL C 693 35.68 -35.16 -15.74
N VAL C 694 35.10 -36.36 -15.73
CA VAL C 694 33.74 -36.51 -15.21
C VAL C 694 33.73 -36.32 -13.69
N PHE C 695 34.72 -36.85 -12.98
CA PHE C 695 34.78 -36.59 -11.54
C PHE C 695 35.07 -35.13 -11.24
N ILE C 696 35.91 -34.48 -12.04
CA ILE C 696 36.15 -33.05 -11.82
C ILE C 696 34.84 -32.27 -11.97
N ILE C 697 34.09 -32.56 -13.03
CA ILE C 697 32.82 -31.88 -13.26
C ILE C 697 31.83 -32.19 -12.14
N LEU C 698 31.77 -33.46 -11.73
CA LEU C 698 30.80 -33.85 -10.71
C LEU C 698 31.13 -33.24 -9.36
N LEU C 699 32.41 -33.15 -9.00
CA LEU C 699 32.79 -32.50 -7.76
C LEU C 699 32.49 -31.01 -7.82
N VAL C 700 32.72 -30.38 -8.98
CA VAL C 700 32.35 -28.97 -9.12
C VAL C 700 30.86 -28.79 -8.93
N THR C 701 30.06 -29.69 -9.52
CA THR C 701 28.61 -29.60 -9.36
C THR C 701 28.19 -29.84 -7.91
N TYR C 702 28.88 -30.75 -7.22
CA TYR C 702 28.57 -30.99 -5.81
C TYR C 702 28.83 -29.74 -4.97
N ILE C 703 29.97 -29.09 -5.19
CA ILE C 703 30.26 -27.86 -4.47
C ILE C 703 29.25 -26.78 -4.82
N ILE C 704 28.90 -26.67 -6.10
CA ILE C 704 27.93 -25.67 -6.53
C ILE C 704 26.58 -25.92 -5.88
N LEU C 705 26.16 -27.18 -5.81
CA LEU C 705 24.87 -27.50 -5.22
C LEU C 705 24.87 -27.31 -3.71
N THR C 706 26.00 -27.55 -3.05
CA THR C 706 26.08 -27.22 -1.63
C THR C 706 25.93 -25.71 -1.41
N PHE C 707 26.62 -24.92 -2.23
CA PHE C 707 26.46 -23.47 -2.16
C PHE C 707 25.03 -23.06 -2.47
N VAL C 708 24.39 -23.75 -3.41
CA VAL C 708 23.01 -23.45 -3.78
C VAL C 708 22.07 -23.79 -2.63
N LEU C 709 22.34 -24.88 -1.90
CA LEU C 709 21.52 -25.21 -0.74
C LEU C 709 21.69 -24.16 0.35
N LEU C 710 22.92 -23.68 0.57
CA LEU C 710 23.13 -22.61 1.53
C LEU C 710 22.35 -21.36 1.14
N LEU C 711 22.42 -20.97 -0.13
CA LEU C 711 21.72 -19.79 -0.58
C LEU C 711 20.21 -20.00 -0.61
N ASN C 712 19.75 -21.23 -0.81
CA ASN C 712 18.33 -21.52 -0.71
C ASN C 712 17.85 -21.37 0.73
N MET C 713 18.67 -21.80 1.69
CA MET C 713 18.38 -21.51 3.09
C MET C 713 18.26 -20.01 3.32
N LEU C 714 19.22 -19.24 2.79
CA LEU C 714 19.18 -17.79 2.95
C LEU C 714 17.93 -17.20 2.34
N ILE C 715 17.58 -17.63 1.12
CA ILE C 715 16.42 -17.06 0.42
C ILE C 715 15.12 -17.47 1.09
N ALA C 716 15.04 -18.70 1.58
CA ALA C 716 13.85 -19.13 2.30
C ALA C 716 13.67 -18.31 3.58
N LEU C 717 14.76 -18.03 4.28
CA LEU C 717 14.65 -17.19 5.47
C LEU C 717 14.30 -15.75 5.12
N MET C 718 14.76 -15.26 3.97
CA MET C 718 14.68 -13.84 3.63
C MET C 718 13.61 -13.60 2.57
N GLY C 719 12.63 -12.78 2.92
CA GLY C 719 11.59 -12.40 1.97
C GLY C 719 10.31 -13.19 1.97
N GLU C 720 10.40 -14.52 1.97
CA GLU C 720 9.20 -15.35 1.93
C GLU C 720 8.33 -15.11 3.16
N THR C 721 8.95 -14.95 4.32
CA THR C 721 8.22 -14.81 5.58
C THR C 721 8.15 -13.37 6.06
N VAL C 722 8.46 -12.39 5.21
CA VAL C 722 8.34 -10.99 5.60
C VAL C 722 6.90 -10.67 6.00
N GLY C 723 5.94 -11.04 5.13
CA GLY C 723 4.54 -10.78 5.44
C GLY C 723 4.10 -11.52 6.69
N GLN C 724 4.70 -12.67 6.97
CA GLN C 724 4.38 -13.42 8.16
C GLN C 724 5.10 -12.87 9.39
N VAL C 725 6.43 -12.77 9.34
CA VAL C 725 7.21 -12.38 10.52
C VAL C 725 6.91 -10.94 10.92
N SER C 726 6.94 -10.01 9.95
CA SER C 726 6.83 -8.59 10.27
C SER C 726 5.55 -8.26 11.03
N LYS C 727 4.50 -9.07 10.85
CA LYS C 727 3.24 -8.88 11.56
C LYS C 727 3.08 -9.81 12.75
N GLU C 728 3.66 -11.02 12.68
CA GLU C 728 3.40 -12.02 13.72
C GLU C 728 4.40 -11.94 14.86
N SER C 729 5.49 -11.17 14.69
CA SER C 729 6.48 -11.08 15.76
C SER C 729 5.89 -10.44 17.00
N LYS C 730 5.15 -9.33 16.83
CA LYS C 730 4.51 -8.69 17.96
C LYS C 730 3.46 -9.60 18.58
N HIS C 731 2.69 -10.31 17.76
CA HIS C 731 1.67 -11.20 18.28
C HIS C 731 2.27 -12.33 19.10
N ILE C 732 3.36 -12.93 18.61
CA ILE C 732 3.96 -14.04 19.34
C ILE C 732 4.65 -13.54 20.60
N TRP C 733 5.24 -12.33 20.55
CA TRP C 733 5.72 -11.71 21.78
C TRP C 733 4.59 -11.61 22.80
N LYS C 734 3.44 -11.09 22.36
CA LYS C 734 2.34 -10.87 23.27
C LYS C 734 1.83 -12.18 23.86
N LEU C 735 1.72 -13.21 23.03
CA LEU C 735 1.29 -14.51 23.51
C LEU C 735 2.28 -15.09 24.52
N GLN C 736 3.58 -15.03 24.22
CA GLN C 736 4.57 -15.57 25.13
C GLN C 736 4.63 -14.79 26.44
N TRP C 737 4.55 -13.47 26.38
CA TRP C 737 4.57 -12.64 27.57
C TRP C 737 3.34 -12.90 28.43
N ALA C 738 2.16 -13.01 27.80
CA ALA C 738 0.94 -13.29 28.54
C ALA C 738 0.99 -14.67 29.18
N THR C 739 1.48 -15.68 28.46
CA THR C 739 1.55 -17.01 29.06
C THR C 739 2.62 -17.09 30.14
N THR C 740 3.70 -16.31 30.03
CA THR C 740 4.66 -16.23 31.12
C THR C 740 4.02 -15.63 32.37
N ILE C 741 3.27 -14.55 32.21
CA ILE C 741 2.58 -13.96 33.36
C ILE C 741 1.60 -14.95 33.96
N LEU C 742 0.84 -15.64 33.12
CA LEU C 742 -0.17 -16.57 33.62
C LEU C 742 0.46 -17.75 34.34
N ASP C 743 1.57 -18.28 33.81
CA ASP C 743 2.27 -19.37 34.49
C ASP C 743 2.84 -18.90 35.83
N ILE C 744 3.41 -17.70 35.85
CA ILE C 744 3.94 -17.15 37.11
C ILE C 744 2.81 -17.00 38.12
N GLU C 745 1.63 -16.56 37.67
CA GLU C 745 0.48 -16.50 38.56
C GLU C 745 0.10 -17.88 39.08
N ARG C 746 -0.05 -18.85 38.17
CA ARG C 746 -0.51 -20.18 38.53
C ARG C 746 0.45 -20.89 39.48
N SER C 747 1.74 -20.56 39.43
CA SER C 747 2.69 -21.19 40.35
C SER C 747 2.38 -20.82 41.80
N PHE C 748 1.93 -19.58 42.03
CA PHE C 748 1.60 -19.16 43.38
C PHE C 748 0.36 -19.90 43.89
N PRO C 749 0.23 -20.07 45.21
CA PRO C 749 -0.98 -20.69 45.76
C PRO C 749 -2.21 -19.80 45.61
N VAL C 750 -3.36 -20.28 46.09
CA VAL C 750 -4.61 -19.55 45.87
C VAL C 750 -4.61 -18.24 46.65
N PHE C 751 -4.22 -18.28 47.93
CA PHE C 751 -4.31 -17.07 48.76
C PHE C 751 -3.30 -16.01 48.33
N LEU C 752 -2.11 -16.44 47.88
CA LEU C 752 -1.13 -15.47 47.39
C LEU C 752 -1.64 -14.76 46.15
N ARG C 753 -2.28 -15.50 45.24
CA ARG C 753 -2.89 -14.86 44.07
C ARG C 753 -4.03 -13.95 44.50
N LYS C 754 -4.80 -14.36 45.51
CA LYS C 754 -5.89 -13.53 46.01
C LYS C 754 -5.37 -12.20 46.54
N ALA C 755 -4.28 -12.23 47.30
CA ALA C 755 -3.68 -10.99 47.81
C ALA C 755 -3.16 -10.13 46.67
N PHE C 756 -2.48 -10.74 45.70
CA PHE C 756 -1.93 -10.00 44.56
C PHE C 756 -2.88 -10.00 43.37
N ARG C 757 -4.12 -9.58 43.58
CA ARG C 757 -5.11 -9.52 42.52
C ARG C 757 -5.28 -8.09 42.05
N SER C 758 -5.59 -7.94 40.76
CA SER C 758 -5.75 -6.61 40.18
C SER C 758 -7.18 -6.14 40.33
N GLY C 759 -7.37 -4.83 40.21
CA GLY C 759 -8.67 -4.22 40.30
C GLY C 759 -9.03 -3.85 41.74
N GLU C 760 -10.00 -2.94 41.85
CA GLU C 760 -10.47 -2.48 43.14
C GLU C 760 -11.61 -3.38 43.62
N MET C 761 -12.15 -3.09 44.79
CA MET C 761 -13.22 -3.87 45.39
C MET C 761 -14.43 -2.97 45.57
N VAL C 762 -14.75 -2.21 44.52
CA VAL C 762 -15.76 -1.17 44.60
C VAL C 762 -17.15 -1.78 44.52
N THR C 763 -18.10 -1.17 45.23
CA THR C 763 -19.51 -1.53 45.14
C THR C 763 -20.14 -0.74 43.99
N VAL C 764 -21.08 -1.37 43.28
CA VAL C 764 -21.69 -0.75 42.12
C VAL C 764 -23.08 -0.20 42.43
N GLY C 765 -23.93 -1.00 43.05
CA GLY C 765 -25.27 -0.53 43.36
C GLY C 765 -26.03 -1.59 44.14
N LYS C 766 -27.25 -1.22 44.52
CA LYS C 766 -28.10 -2.12 45.27
C LYS C 766 -28.57 -3.28 44.41
N SER C 767 -28.68 -4.45 45.02
CA SER C 767 -29.15 -5.65 44.33
C SER C 767 -30.68 -5.63 44.27
N SER C 768 -31.27 -6.76 43.89
CA SER C 768 -32.73 -6.86 43.85
C SER C 768 -33.34 -6.69 45.23
N ASP C 769 -32.62 -7.11 46.28
CA ASP C 769 -33.08 -6.99 47.65
C ASP C 769 -32.50 -5.77 48.36
N GLY C 770 -31.82 -4.89 47.62
CA GLY C 770 -31.22 -3.70 48.20
C GLY C 770 -29.81 -3.87 48.71
N THR C 771 -29.28 -5.09 48.72
CA THR C 771 -27.92 -5.32 49.15
C THR C 771 -26.93 -4.77 48.13
N PRO C 772 -25.77 -4.29 48.58
CA PRO C 772 -24.77 -3.79 47.63
C PRO C 772 -24.23 -4.89 46.74
N ASP C 773 -23.82 -4.51 45.53
CA ASP C 773 -23.34 -5.49 44.56
C ASP C 773 -21.98 -6.04 44.96
N ARG C 774 -21.00 -5.17 45.20
CA ARG C 774 -19.69 -5.54 45.75
C ARG C 774 -18.98 -6.54 44.83
N ARG C 775 -18.66 -6.07 43.62
CA ARG C 775 -17.97 -6.88 42.63
C ARG C 775 -16.57 -6.31 42.39
N TRP C 776 -15.60 -7.20 42.16
CA TRP C 776 -14.22 -6.80 41.94
C TRP C 776 -14.08 -6.23 40.53
N CYS C 777 -14.29 -4.92 40.43
CA CYS C 777 -14.24 -4.23 39.14
C CYS C 777 -12.80 -3.85 38.80
N PHE C 778 -12.62 -3.15 37.69
CA PHE C 778 -11.31 -2.71 37.24
C PHE C 778 -11.48 -1.40 36.49
N ARG C 779 -10.82 -0.35 36.97
CA ARG C 779 -11.02 0.99 36.45
C ARG C 779 -9.96 1.34 35.41
N VAL C 780 -10.41 1.84 34.26
CA VAL C 780 -9.53 2.38 33.23
C VAL C 780 -9.99 3.79 32.89
N ASP C 781 -9.05 4.71 32.74
CA ASP C 781 -9.35 6.11 32.54
C ASP C 781 -9.03 6.53 31.12
N GLU C 782 -9.90 7.33 30.54
CA GLU C 782 -9.74 7.83 29.18
C GLU C 782 -10.08 9.31 29.14
N VAL C 783 -9.64 9.97 28.09
CA VAL C 783 -9.97 11.38 27.84
C VAL C 783 -10.69 11.47 26.51
N ASN C 784 -11.85 12.14 26.52
CA ASN C 784 -12.68 12.26 25.33
C ASN C 784 -13.21 13.68 25.26
N TRP C 785 -12.78 14.42 24.24
CA TRP C 785 -13.22 15.79 24.04
C TRP C 785 -14.43 15.89 23.11
N SER C 786 -14.98 14.76 22.67
CA SER C 786 -16.07 14.80 21.71
C SER C 786 -17.41 15.06 22.38
N HIS C 787 -17.85 14.15 23.25
CA HIS C 787 -19.15 14.28 23.88
C HIS C 787 -19.03 15.09 25.17
N TRP C 788 -19.94 16.04 25.34
CA TRP C 788 -19.93 16.91 26.51
C TRP C 788 -21.17 16.73 27.36
N LEU D 146 -27.59 14.41 -66.20
CA LEU D 146 -28.77 14.78 -66.99
C LEU D 146 -29.23 13.62 -67.87
N LYS D 147 -29.10 13.80 -69.19
CA LYS D 147 -29.50 12.77 -70.13
C LYS D 147 -28.48 11.65 -70.26
N VAL D 148 -27.27 11.84 -69.76
CA VAL D 148 -26.23 10.81 -69.75
C VAL D 148 -25.72 10.68 -68.32
N PHE D 149 -25.80 9.47 -67.78
CA PHE D 149 -25.40 9.20 -66.40
C PHE D 149 -24.20 8.27 -66.42
N ASN D 150 -23.15 8.65 -65.69
CA ASN D 150 -21.94 7.87 -65.56
C ASN D 150 -21.74 7.46 -64.11
N ARG D 151 -20.79 6.55 -63.90
CA ARG D 151 -20.49 6.09 -62.55
C ARG D 151 -20.04 7.20 -61.60
N PRO D 152 -19.06 8.04 -61.95
CA PRO D 152 -18.59 9.04 -60.97
C PRO D 152 -19.65 10.06 -60.60
N ILE D 153 -20.41 10.55 -61.58
CA ILE D 153 -21.44 11.56 -61.28
C ILE D 153 -22.56 10.93 -60.47
N LEU D 154 -22.92 9.67 -60.77
CA LEU D 154 -23.94 8.99 -59.98
C LEU D 154 -23.49 8.84 -58.53
N PHE D 155 -22.24 8.43 -58.32
CA PHE D 155 -21.74 8.30 -56.96
C PHE D 155 -21.67 9.65 -56.26
N ASP D 156 -21.29 10.70 -56.98
CA ASP D 156 -21.23 12.03 -56.38
C ASP D 156 -22.61 12.52 -55.96
N ILE D 157 -23.62 12.33 -56.82
CA ILE D 157 -24.96 12.81 -56.48
C ILE D 157 -25.56 11.99 -55.34
N VAL D 158 -25.33 10.68 -55.35
CA VAL D 158 -25.90 9.85 -54.29
C VAL D 158 -25.16 10.05 -52.97
N SER D 159 -23.89 10.45 -53.01
CA SER D 159 -23.15 10.70 -51.78
C SER D 159 -23.75 11.87 -51.00
N ARG D 160 -24.17 12.91 -51.71
CA ARG D 160 -24.79 14.07 -51.08
C ARG D 160 -26.26 13.85 -50.75
N GLY D 161 -26.86 12.76 -51.22
CA GLY D 161 -28.27 12.54 -50.99
C GLY D 161 -29.19 13.39 -51.84
N SER D 162 -28.70 13.89 -52.97
CA SER D 162 -29.51 14.72 -53.86
C SER D 162 -30.52 13.84 -54.56
N THR D 163 -31.77 13.90 -54.11
CA THR D 163 -32.82 13.07 -54.69
C THR D 163 -33.41 13.64 -55.96
N ALA D 164 -33.16 14.92 -56.25
CA ALA D 164 -33.76 15.56 -57.43
C ALA D 164 -32.94 15.37 -58.69
N ASP D 165 -31.71 14.86 -58.58
CA ASP D 165 -30.83 14.68 -59.73
C ASP D 165 -31.02 13.35 -60.42
N LEU D 166 -31.83 12.45 -59.88
CA LEU D 166 -32.04 11.12 -60.42
C LEU D 166 -33.32 11.00 -61.23
N ASP D 167 -34.01 12.12 -61.50
CA ASP D 167 -35.28 12.06 -62.20
C ASP D 167 -35.14 11.44 -63.58
N GLY D 168 -34.09 11.80 -64.31
CA GLY D 168 -33.82 11.18 -65.59
C GLY D 168 -33.07 9.87 -65.51
N LEU D 169 -32.73 9.41 -64.31
CA LEU D 169 -31.98 8.16 -64.19
C LEU D 169 -32.82 6.97 -64.62
N LEU D 170 -34.09 6.93 -64.20
CA LEU D 170 -34.95 5.80 -64.55
C LEU D 170 -35.16 5.66 -66.05
N PRO D 171 -35.53 6.71 -66.81
CA PRO D 171 -35.65 6.51 -68.26
C PRO D 171 -34.34 6.11 -68.92
N PHE D 172 -33.22 6.66 -68.47
CA PHE D 172 -31.94 6.42 -69.12
C PHE D 172 -31.65 4.92 -69.22
N LEU D 173 -31.85 4.21 -68.11
CA LEU D 173 -31.69 2.75 -68.15
C LEU D 173 -32.69 2.12 -69.12
N LEU D 174 -33.97 2.48 -68.97
CA LEU D 174 -35.01 1.83 -69.76
C LEU D 174 -34.83 2.11 -71.25
N THR D 175 -34.38 3.33 -71.59
CA THR D 175 -34.11 3.65 -72.98
C THR D 175 -32.96 2.81 -73.53
N HIS D 176 -31.95 2.54 -72.70
CA HIS D 176 -30.74 1.87 -73.15
C HIS D 176 -30.69 0.41 -72.75
N LYS D 177 -31.76 -0.12 -72.14
CA LYS D 177 -31.88 -1.54 -71.80
C LYS D 177 -30.71 -2.00 -70.93
N LYS D 178 -30.25 -1.13 -70.04
CA LYS D 178 -29.18 -1.45 -69.11
C LYS D 178 -29.76 -1.68 -67.72
N ARG D 179 -28.89 -2.06 -66.80
CA ARG D 179 -29.28 -2.26 -65.41
C ARG D 179 -28.29 -1.57 -64.48
N LEU D 180 -28.79 -1.19 -63.30
CA LEU D 180 -27.96 -0.45 -62.35
C LEU D 180 -26.84 -1.30 -61.80
N THR D 181 -26.96 -2.62 -61.83
CA THR D 181 -25.94 -3.52 -61.29
C THR D 181 -24.89 -3.89 -62.33
N ASP D 182 -24.93 -3.31 -63.52
CA ASP D 182 -23.93 -3.60 -64.54
C ASP D 182 -22.56 -3.12 -64.08
N GLU D 183 -21.52 -3.76 -64.63
CA GLU D 183 -20.16 -3.49 -64.18
C GLU D 183 -19.74 -2.04 -64.42
N GLU D 184 -20.34 -1.39 -65.44
CA GLU D 184 -20.02 0.01 -65.71
C GLU D 184 -20.48 0.93 -64.59
N PHE D 185 -21.43 0.48 -63.76
CA PHE D 185 -22.03 1.33 -62.73
C PHE D 185 -21.56 0.97 -61.33
N ARG D 186 -20.56 0.09 -61.20
CA ARG D 186 -20.03 -0.31 -59.90
C ARG D 186 -18.57 0.09 -59.78
N GLU D 187 -18.13 0.25 -58.53
CA GLU D 187 -16.73 0.57 -58.28
C GLU D 187 -15.83 -0.52 -58.84
N PRO D 188 -14.73 -0.17 -59.50
CA PRO D 188 -13.87 -1.19 -60.10
C PRO D 188 -12.98 -1.90 -59.09
N SER D 189 -12.53 -1.17 -58.08
CA SER D 189 -11.63 -1.76 -57.09
C SER D 189 -12.36 -2.70 -56.14
N THR D 190 -13.55 -2.31 -55.71
CA THR D 190 -14.28 -3.05 -54.68
C THR D 190 -15.47 -3.82 -55.21
N GLY D 191 -16.13 -3.34 -56.26
CA GLY D 191 -17.40 -3.89 -56.67
C GLY D 191 -18.59 -3.30 -55.94
N LYS D 192 -18.37 -2.29 -55.10
CA LYS D 192 -19.46 -1.64 -54.38
C LYS D 192 -20.43 -1.00 -55.36
N THR D 193 -21.72 -1.21 -55.13
CA THR D 193 -22.75 -0.60 -55.94
C THR D 193 -23.22 0.71 -55.30
N CYS D 194 -24.29 1.29 -55.85
CA CYS D 194 -24.74 2.59 -55.38
C CYS D 194 -25.32 2.50 -53.96
N LEU D 195 -25.98 1.39 -53.64
CA LEU D 195 -26.61 1.25 -52.33
C LEU D 195 -25.62 1.26 -51.17
N PRO D 196 -24.52 0.49 -51.20
CA PRO D 196 -23.54 0.62 -50.11
C PRO D 196 -22.93 2.00 -50.01
N LYS D 197 -22.72 2.67 -51.15
CA LYS D 197 -22.19 4.03 -51.11
C LYS D 197 -23.18 4.99 -50.45
N ALA D 198 -24.46 4.85 -50.75
CA ALA D 198 -25.47 5.68 -50.11
C ALA D 198 -25.55 5.40 -48.61
N LEU D 199 -25.48 4.12 -48.23
CA LEU D 199 -25.60 3.78 -46.82
C LEU D 199 -24.36 4.20 -46.02
N LEU D 200 -23.18 4.20 -46.66
CA LEU D 200 -21.98 4.64 -45.96
C LEU D 200 -22.04 6.14 -45.66
N ASN D 201 -22.53 6.94 -46.60
CA ASN D 201 -22.60 8.39 -46.44
C ASN D 201 -24.02 8.76 -46.01
N LEU D 202 -24.24 8.74 -44.70
CA LEU D 202 -25.54 9.04 -44.12
C LEU D 202 -25.53 10.44 -43.52
N SER D 203 -26.52 11.24 -43.89
CA SER D 203 -26.73 12.55 -43.27
C SER D 203 -27.72 12.39 -42.12
N ASN D 204 -27.29 12.79 -40.93
CA ASN D 204 -28.04 12.68 -39.67
C ASN D 204 -28.82 11.37 -39.55
N GLY D 205 -28.22 10.28 -40.03
CA GLY D 205 -28.82 8.96 -39.92
C GLY D 205 -29.86 8.62 -40.96
N ARG D 206 -30.10 9.49 -41.95
CA ARG D 206 -31.13 9.24 -42.95
C ARG D 206 -30.65 9.75 -44.30
N ASN D 207 -30.58 8.85 -45.28
CA ASN D 207 -30.29 9.21 -46.66
C ASN D 207 -31.57 9.00 -47.46
N ASP D 208 -32.20 10.12 -47.86
CA ASP D 208 -33.53 10.05 -48.45
C ASP D 208 -33.54 9.39 -49.83
N THR D 209 -32.39 9.24 -50.48
CA THR D 209 -32.36 8.72 -51.83
C THR D 209 -32.44 7.20 -51.89
N ILE D 210 -32.25 6.50 -50.76
CA ILE D 210 -32.25 5.05 -50.78
C ILE D 210 -33.61 4.47 -51.17
N PRO D 211 -34.74 4.89 -50.59
CA PRO D 211 -36.03 4.32 -51.03
C PRO D 211 -36.32 4.55 -52.50
N VAL D 212 -36.00 5.74 -53.01
CA VAL D 212 -36.24 6.03 -54.42
C VAL D 212 -35.31 5.21 -55.30
N LEU D 213 -34.07 5.01 -54.86
CA LEU D 213 -33.14 4.17 -55.59
C LEU D 213 -33.64 2.74 -55.67
N LEU D 214 -34.16 2.21 -54.55
CA LEU D 214 -34.72 0.86 -54.55
C LEU D 214 -35.95 0.78 -55.45
N ASP D 215 -36.78 1.84 -55.46
CA ASP D 215 -37.92 1.86 -56.36
C ASP D 215 -37.47 1.82 -57.81
N ILE D 216 -36.44 2.59 -58.16
CA ILE D 216 -35.91 2.55 -59.52
C ILE D 216 -35.41 1.14 -59.85
N ALA D 217 -34.72 0.51 -58.90
CA ALA D 217 -34.20 -0.83 -59.13
C ALA D 217 -35.34 -1.83 -59.37
N GLU D 218 -36.42 -1.73 -58.58
CA GLU D 218 -37.50 -2.70 -58.73
C GLU D 218 -38.30 -2.44 -60.00
N ARG D 219 -38.37 -1.20 -60.47
CA ARG D 219 -38.93 -0.97 -61.80
C ARG D 219 -38.00 -1.50 -62.89
N THR D 220 -36.69 -1.46 -62.66
CA THR D 220 -35.76 -1.96 -63.66
C THR D 220 -35.86 -3.47 -63.83
N GLY D 221 -36.19 -4.19 -62.77
CA GLY D 221 -36.28 -5.64 -62.83
C GLY D 221 -35.13 -6.39 -62.22
N ASN D 222 -34.31 -5.73 -61.39
CA ASN D 222 -33.18 -6.38 -60.72
C ASN D 222 -33.17 -6.00 -59.25
N MET D 223 -34.35 -5.98 -58.63
CA MET D 223 -34.48 -5.54 -57.25
C MET D 223 -33.68 -6.45 -56.32
N ARG D 224 -33.92 -7.76 -56.42
CA ARG D 224 -33.19 -8.72 -55.62
C ARG D 224 -31.70 -8.70 -55.96
N GLU D 225 -31.37 -8.59 -57.24
CA GLU D 225 -29.98 -8.47 -57.65
C GLU D 225 -29.31 -7.23 -57.06
N PHE D 226 -30.08 -6.19 -56.78
CA PHE D 226 -29.53 -4.93 -56.29
C PHE D 226 -29.43 -4.87 -54.78
N ILE D 227 -30.32 -5.54 -54.05
CA ILE D 227 -30.33 -5.42 -52.60
C ILE D 227 -29.01 -5.90 -52.01
N ASN D 228 -28.61 -7.11 -52.37
CA ASN D 228 -27.43 -7.75 -51.79
C ASN D 228 -26.34 -7.80 -52.86
N SER D 229 -25.54 -6.73 -52.93
CA SER D 229 -24.41 -6.67 -53.83
C SER D 229 -23.13 -6.82 -53.01
N PRO D 230 -22.47 -7.98 -53.06
CA PRO D 230 -21.31 -8.19 -52.20
C PRO D 230 -20.07 -7.51 -52.75
N PHE D 231 -19.25 -7.01 -51.85
CA PHE D 231 -17.97 -6.43 -52.25
C PHE D 231 -17.07 -7.52 -52.79
N ARG D 232 -16.25 -7.17 -53.78
CA ARG D 232 -15.43 -8.14 -54.48
C ARG D 232 -13.95 -8.07 -54.14
N ASP D 233 -13.48 -6.98 -53.53
CA ASP D 233 -12.07 -6.88 -53.19
C ASP D 233 -11.74 -7.84 -52.04
N ILE D 234 -10.49 -8.30 -52.02
CA ILE D 234 -10.07 -9.27 -51.02
C ILE D 234 -10.13 -8.69 -49.61
N TYR D 235 -10.11 -7.37 -49.49
CA TYR D 235 -10.07 -6.71 -48.18
C TYR D 235 -11.46 -6.47 -47.60
N TYR D 236 -12.53 -6.67 -48.39
CA TYR D 236 -13.88 -6.47 -47.88
C TYR D 236 -14.86 -7.51 -48.44
N ARG D 237 -14.39 -8.71 -48.76
CA ARG D 237 -15.23 -9.69 -49.43
C ARG D 237 -16.44 -10.07 -48.60
N GLY D 238 -17.56 -10.29 -49.28
CA GLY D 238 -18.77 -10.81 -48.67
C GLY D 238 -19.70 -9.75 -48.11
N GLN D 239 -19.17 -8.62 -47.65
CA GLN D 239 -20.00 -7.61 -47.01
C GLN D 239 -21.06 -7.09 -47.98
N THR D 240 -22.29 -7.01 -47.50
CA THR D 240 -23.41 -6.50 -48.28
C THR D 240 -23.97 -5.25 -47.63
N ALA D 241 -24.97 -4.65 -48.28
CA ALA D 241 -25.59 -3.44 -47.75
C ALA D 241 -26.27 -3.71 -46.41
N LEU D 242 -26.73 -4.94 -46.19
CA LEU D 242 -27.35 -5.28 -44.92
C LEU D 242 -26.35 -5.15 -43.77
N HIS D 243 -25.11 -5.59 -43.99
CA HIS D 243 -24.08 -5.44 -42.96
C HIS D 243 -23.81 -3.98 -42.66
N ILE D 244 -23.75 -3.14 -43.70
CA ILE D 244 -23.52 -1.72 -43.49
C ILE D 244 -24.67 -1.09 -42.70
N ALA D 245 -25.91 -1.46 -43.05
CA ALA D 245 -27.05 -0.93 -42.33
C ALA D 245 -27.04 -1.36 -40.87
N ILE D 246 -26.70 -2.63 -40.60
CA ILE D 246 -26.64 -3.11 -39.23
C ILE D 246 -25.54 -2.39 -38.45
N GLU D 247 -24.37 -2.24 -39.05
CA GLU D 247 -23.26 -1.58 -38.37
C GLU D 247 -23.55 -0.10 -38.12
N ARG D 248 -24.30 0.54 -39.01
CA ARG D 248 -24.66 1.94 -38.83
C ARG D 248 -25.68 2.15 -37.72
N ARG D 249 -26.24 1.07 -37.18
CA ARG D 249 -27.23 1.15 -36.10
C ARG D 249 -28.47 1.94 -36.54
N CYS D 250 -28.93 1.67 -37.76
CA CYS D 250 -30.13 2.29 -38.30
C CYS D 250 -31.19 1.19 -38.45
N LYS D 251 -32.08 1.09 -37.47
CA LYS D 251 -33.08 0.04 -37.49
C LYS D 251 -34.06 0.21 -38.65
N HIS D 252 -34.46 1.44 -38.93
CA HIS D 252 -35.43 1.67 -39.99
C HIS D 252 -34.88 1.24 -41.35
N TYR D 253 -33.60 1.52 -41.60
CA TYR D 253 -33.04 1.20 -42.91
C TYR D 253 -32.88 -0.30 -43.10
N VAL D 254 -32.47 -1.02 -42.06
CA VAL D 254 -32.36 -2.48 -42.19
C VAL D 254 -33.75 -3.10 -42.31
N GLU D 255 -34.74 -2.55 -41.60
CA GLU D 255 -36.12 -3.01 -41.77
C GLU D 255 -36.57 -2.85 -43.21
N LEU D 256 -36.34 -1.66 -43.78
CA LEU D 256 -36.78 -1.39 -45.14
C LEU D 256 -35.96 -2.17 -46.18
N LEU D 257 -34.72 -2.54 -45.84
CA LEU D 257 -33.88 -3.28 -46.78
C LEU D 257 -34.19 -4.77 -46.79
N VAL D 258 -34.51 -5.35 -45.63
CA VAL D 258 -34.84 -6.77 -45.60
C VAL D 258 -36.25 -7.03 -46.10
N ALA D 259 -37.09 -6.00 -46.20
CA ALA D 259 -38.48 -6.19 -46.61
C ALA D 259 -38.56 -6.74 -48.04
N GLN D 260 -37.72 -6.25 -48.93
CA GLN D 260 -37.74 -6.66 -50.33
C GLN D 260 -36.86 -7.88 -50.61
N GLY D 261 -36.31 -8.51 -49.57
CA GLY D 261 -35.60 -9.76 -49.77
C GLY D 261 -34.10 -9.70 -49.60
N ALA D 262 -33.62 -8.92 -48.63
CA ALA D 262 -32.20 -8.91 -48.31
C ALA D 262 -31.80 -10.23 -47.69
N ASP D 263 -30.69 -10.80 -48.16
CA ASP D 263 -30.19 -12.05 -47.62
C ASP D 263 -29.66 -11.82 -46.22
N VAL D 264 -30.31 -12.44 -45.22
CA VAL D 264 -29.95 -12.25 -43.82
C VAL D 264 -28.90 -13.27 -43.42
N HIS D 265 -28.34 -13.99 -44.39
CA HIS D 265 -27.30 -14.98 -44.12
C HIS D 265 -26.03 -14.72 -44.94
N ALA D 266 -25.91 -13.56 -45.58
CA ALA D 266 -24.71 -13.25 -46.34
C ALA D 266 -23.52 -13.10 -45.40
N GLN D 267 -22.46 -13.85 -45.69
CA GLN D 267 -21.32 -13.93 -44.79
C GLN D 267 -20.27 -12.92 -45.21
N ALA D 268 -19.96 -11.99 -44.30
CA ALA D 268 -18.90 -10.99 -44.52
C ALA D 268 -17.58 -11.63 -44.12
N ARG D 269 -17.03 -12.43 -45.03
CA ARG D 269 -15.81 -13.19 -44.76
C ARG D 269 -14.58 -12.58 -45.42
N GLY D 270 -14.55 -11.25 -45.56
CA GLY D 270 -13.38 -10.59 -46.11
C GLY D 270 -12.24 -10.54 -45.13
N ARG D 271 -11.09 -10.07 -45.61
CA ARG D 271 -9.91 -10.01 -44.76
C ARG D 271 -10.01 -8.94 -43.70
N PHE D 272 -10.91 -7.97 -43.86
CA PHE D 272 -11.13 -7.00 -42.79
C PHE D 272 -11.93 -7.61 -41.64
N PHE D 273 -12.81 -8.56 -41.95
CA PHE D 273 -13.63 -9.22 -40.94
C PHE D 273 -12.99 -10.54 -40.50
N GLN D 274 -11.81 -10.42 -39.92
CA GLN D 274 -11.05 -11.56 -39.43
C GLN D 274 -10.56 -11.26 -38.01
N PRO D 275 -10.28 -12.29 -37.22
CA PRO D 275 -9.77 -12.05 -35.86
C PRO D 275 -8.46 -11.29 -35.89
N LYS D 276 -8.23 -10.51 -34.83
CA LYS D 276 -7.06 -9.65 -34.78
C LYS D 276 -5.75 -10.44 -34.88
N ASP D 277 -5.77 -11.71 -34.48
CA ASP D 277 -4.59 -12.55 -34.57
C ASP D 277 -4.36 -13.11 -35.98
N GLU D 278 -5.31 -12.90 -36.89
CA GLU D 278 -5.19 -13.40 -38.26
C GLU D 278 -5.21 -12.26 -39.28
N GLY D 279 -4.66 -11.12 -38.91
CA GLY D 279 -4.60 -9.98 -39.81
C GLY D 279 -5.96 -9.39 -40.12
N GLY D 280 -6.61 -8.84 -39.11
CA GLY D 280 -7.92 -8.25 -39.28
C GLY D 280 -8.18 -7.22 -38.20
N TYR D 281 -9.35 -6.60 -38.27
CA TYR D 281 -9.71 -5.54 -37.34
C TYR D 281 -10.92 -5.87 -36.49
N PHE D 282 -11.90 -6.61 -37.02
CA PHE D 282 -13.15 -6.84 -36.30
C PHE D 282 -13.74 -8.15 -36.78
N TYR D 283 -13.81 -9.15 -35.90
CA TYR D 283 -14.47 -10.41 -36.18
C TYR D 283 -15.77 -10.46 -35.38
N PHE D 284 -16.90 -10.33 -36.08
CA PHE D 284 -18.20 -10.32 -35.44
C PHE D 284 -18.97 -11.63 -35.62
N GLY D 285 -18.40 -12.59 -36.33
CA GLY D 285 -19.07 -13.86 -36.57
C GLY D 285 -19.48 -14.10 -38.01
N GLU D 286 -19.15 -13.19 -38.93
CA GLU D 286 -19.36 -13.40 -40.37
C GLU D 286 -20.82 -13.66 -40.70
N LEU D 287 -21.73 -12.93 -40.07
CA LEU D 287 -23.15 -13.15 -40.28
C LEU D 287 -23.90 -11.91 -39.82
N PRO D 288 -24.95 -11.49 -40.54
CA PRO D 288 -25.69 -10.28 -40.13
C PRO D 288 -26.25 -10.36 -38.73
N LEU D 289 -26.78 -11.51 -38.32
CA LEU D 289 -27.32 -11.63 -36.97
C LEU D 289 -26.20 -11.62 -35.94
N SER D 290 -25.09 -12.29 -36.24
CA SER D 290 -23.93 -12.24 -35.34
C SER D 290 -23.40 -10.83 -35.24
N LEU D 291 -23.36 -10.09 -36.36
CA LEU D 291 -22.91 -8.71 -36.33
C LEU D 291 -23.84 -7.86 -35.49
N ALA D 292 -25.16 -8.05 -35.62
CA ALA D 292 -26.10 -7.29 -34.82
C ALA D 292 -25.94 -7.59 -33.34
N ALA D 293 -25.73 -8.86 -32.98
CA ALA D 293 -25.57 -9.21 -31.58
C ALA D 293 -24.21 -8.79 -31.04
N CYS D 294 -23.24 -8.57 -31.92
CA CYS D 294 -21.88 -8.24 -31.51
C CYS D 294 -21.62 -6.74 -31.43
N THR D 295 -22.62 -5.91 -31.72
CA THR D 295 -22.48 -4.46 -31.56
C THR D 295 -23.51 -3.90 -30.58
N ASN D 296 -24.10 -4.76 -29.74
CA ASN D 296 -25.04 -4.37 -28.70
C ASN D 296 -26.24 -3.62 -29.29
N GLN D 297 -26.99 -4.34 -30.11
CA GLN D 297 -28.23 -3.86 -30.71
C GLN D 297 -29.31 -4.89 -30.47
N PRO D 298 -29.87 -4.93 -29.25
CA PRO D 298 -30.92 -5.92 -28.97
C PRO D 298 -32.16 -5.75 -29.83
N HIS D 299 -32.52 -4.52 -30.19
CA HIS D 299 -33.68 -4.31 -31.03
C HIS D 299 -33.47 -4.86 -32.44
N ILE D 300 -32.26 -4.70 -32.98
CA ILE D 300 -31.96 -5.24 -34.30
C ILE D 300 -32.03 -6.76 -34.27
N VAL D 301 -31.52 -7.38 -33.20
CA VAL D 301 -31.59 -8.83 -33.06
C VAL D 301 -33.05 -9.28 -32.97
N ASN D 302 -33.86 -8.54 -32.20
CA ASN D 302 -35.27 -8.90 -32.07
C ASN D 302 -35.99 -8.80 -33.40
N TYR D 303 -35.68 -7.78 -34.20
CA TYR D 303 -36.32 -7.65 -35.50
C TYR D 303 -35.85 -8.74 -36.46
N LEU D 304 -34.55 -9.02 -36.48
CA LEU D 304 -34.02 -10.03 -37.39
C LEU D 304 -34.55 -11.42 -37.06
N THR D 305 -34.63 -11.75 -35.78
CA THR D 305 -35.08 -13.08 -35.38
C THR D 305 -36.59 -13.25 -35.48
N GLU D 306 -37.35 -12.16 -35.35
CA GLU D 306 -38.81 -12.20 -35.36
C GLU D 306 -39.33 -11.13 -36.33
N ASN D 307 -39.52 -11.51 -37.59
CA ASN D 307 -40.13 -10.65 -38.59
C ASN D 307 -40.93 -11.50 -39.57
N PRO D 308 -42.00 -10.95 -40.14
CA PRO D 308 -42.78 -11.74 -41.11
C PRO D 308 -42.05 -12.00 -42.41
N HIS D 309 -41.05 -11.19 -42.76
CA HIS D 309 -40.45 -11.26 -44.08
C HIS D 309 -39.49 -12.45 -44.20
N LYS D 310 -38.41 -12.42 -43.42
CA LYS D 310 -37.41 -13.48 -43.49
C LYS D 310 -36.65 -13.52 -42.18
N LYS D 311 -36.73 -14.64 -41.46
CA LYS D 311 -36.12 -14.79 -40.16
C LYS D 311 -34.81 -15.54 -40.29
N ALA D 312 -33.75 -15.01 -39.69
CA ALA D 312 -32.44 -15.65 -39.67
C ALA D 312 -32.32 -16.46 -38.39
N ASP D 313 -32.27 -17.78 -38.52
CA ASP D 313 -32.20 -18.64 -37.35
C ASP D 313 -30.86 -18.46 -36.64
N MET D 314 -30.92 -18.39 -35.31
CA MET D 314 -29.74 -18.14 -34.50
C MET D 314 -28.80 -19.35 -34.45
N ARG D 315 -29.24 -20.50 -34.91
CA ARG D 315 -28.42 -21.71 -34.90
C ARG D 315 -27.52 -21.82 -36.11
N ARG D 316 -27.58 -20.87 -37.04
CA ARG D 316 -26.75 -20.93 -38.23
C ARG D 316 -25.29 -20.67 -37.88
N GLN D 317 -24.40 -21.35 -38.60
CA GLN D 317 -22.97 -21.24 -38.38
C GLN D 317 -22.30 -20.58 -39.58
N ASP D 318 -21.26 -19.82 -39.31
CA ASP D 318 -20.51 -19.12 -40.35
C ASP D 318 -19.51 -20.07 -41.01
N SER D 319 -18.58 -19.51 -41.78
CA SER D 319 -17.55 -20.33 -42.41
C SER D 319 -16.66 -20.99 -41.36
N ARG D 320 -16.31 -20.26 -40.30
CA ARG D 320 -15.51 -20.84 -39.23
C ARG D 320 -16.28 -21.84 -38.38
N GLY D 321 -17.60 -21.92 -38.56
CA GLY D 321 -18.44 -22.75 -37.72
C GLY D 321 -18.95 -22.08 -36.46
N ASN D 322 -18.47 -20.88 -36.17
CA ASN D 322 -18.91 -20.17 -34.97
C ASN D 322 -20.37 -19.74 -35.12
N THR D 323 -21.17 -20.04 -34.10
CA THR D 323 -22.56 -19.59 -34.08
C THR D 323 -22.60 -18.18 -33.49
N VAL D 324 -23.81 -17.71 -33.18
CA VAL D 324 -23.95 -16.38 -32.60
C VAL D 324 -23.28 -16.32 -31.23
N LEU D 325 -23.48 -17.37 -30.42
CA LEU D 325 -22.86 -17.40 -29.10
C LEU D 325 -21.34 -17.47 -29.19
N HIS D 326 -20.82 -18.25 -30.14
CA HIS D 326 -19.37 -18.32 -30.31
C HIS D 326 -18.80 -16.96 -30.69
N ALA D 327 -19.45 -16.26 -31.61
CA ALA D 327 -18.99 -14.93 -31.99
C ALA D 327 -19.07 -13.95 -30.84
N LEU D 328 -20.16 -14.02 -30.06
CA LEU D 328 -20.32 -13.13 -28.93
C LEU D 328 -19.27 -13.40 -27.86
N VAL D 329 -18.86 -14.66 -27.71
CA VAL D 329 -17.73 -14.98 -26.84
C VAL D 329 -16.44 -14.42 -27.42
N ALA D 330 -16.27 -14.53 -28.74
CA ALA D 330 -15.04 -14.08 -29.38
C ALA D 330 -14.84 -12.58 -29.19
N ILE D 331 -15.90 -11.79 -29.35
CA ILE D 331 -15.77 -10.34 -29.18
C ILE D 331 -15.72 -9.92 -27.73
N ALA D 332 -16.03 -10.82 -26.80
CA ALA D 332 -16.07 -10.45 -25.40
C ALA D 332 -14.69 -10.07 -24.90
N ASP D 333 -14.65 -9.11 -23.98
CA ASP D 333 -13.41 -8.70 -23.33
C ASP D 333 -13.56 -8.89 -21.82
N ASN D 334 -12.43 -8.80 -21.13
CA ASN D 334 -12.46 -8.94 -19.67
C ASN D 334 -12.90 -7.66 -18.97
N THR D 335 -13.08 -6.57 -19.69
CA THR D 335 -13.53 -5.33 -19.08
C THR D 335 -14.97 -5.46 -18.59
N ARG D 336 -15.28 -4.71 -17.53
CA ARG D 336 -16.60 -4.82 -16.92
C ARG D 336 -17.70 -4.37 -17.86
N GLU D 337 -17.48 -3.26 -18.58
CA GLU D 337 -18.55 -2.70 -19.40
C GLU D 337 -18.87 -3.58 -20.59
N ASN D 338 -17.86 -4.19 -21.21
CA ASN D 338 -18.11 -5.09 -22.33
C ASN D 338 -18.86 -6.33 -21.88
N THR D 339 -18.37 -6.98 -20.83
CA THR D 339 -19.05 -8.15 -20.28
C THR D 339 -20.48 -7.82 -19.87
N LYS D 340 -20.71 -6.58 -19.42
CA LYS D 340 -22.03 -6.18 -18.96
C LYS D 340 -23.11 -6.46 -19.99
N PHE D 341 -22.85 -6.13 -21.26
CA PHE D 341 -23.85 -6.44 -22.27
C PHE D 341 -23.57 -7.73 -23.00
N VAL D 342 -22.33 -8.24 -22.98
CA VAL D 342 -22.06 -9.53 -23.64
C VAL D 342 -22.86 -10.64 -22.95
N THR D 343 -22.83 -10.66 -21.61
CA THR D 343 -23.61 -11.68 -20.89
C THR D 343 -25.10 -11.49 -21.12
N LYS D 344 -25.56 -10.24 -21.12
CA LYS D 344 -26.98 -9.97 -21.33
C LYS D 344 -27.43 -10.48 -22.70
N MET D 345 -26.65 -10.18 -23.74
CA MET D 345 -27.01 -10.63 -25.08
C MET D 345 -26.91 -12.15 -25.20
N TYR D 346 -25.92 -12.76 -24.54
CA TYR D 346 -25.80 -14.21 -24.55
C TYR D 346 -27.04 -14.85 -23.94
N ASP D 347 -27.46 -14.36 -22.78
CA ASP D 347 -28.66 -14.91 -22.13
C ASP D 347 -29.90 -14.68 -23.00
N LEU D 348 -30.02 -13.49 -23.57
CA LEU D 348 -31.18 -13.18 -24.42
C LEU D 348 -31.24 -14.14 -25.60
N LEU D 349 -30.12 -14.32 -26.30
CA LEU D 349 -30.10 -15.19 -27.47
C LEU D 349 -30.38 -16.63 -27.08
N LEU D 350 -29.79 -17.11 -25.99
CA LEU D 350 -30.00 -18.50 -25.60
C LEU D 350 -31.46 -18.75 -25.23
N LEU D 351 -32.06 -17.84 -24.45
CA LEU D 351 -33.46 -18.01 -24.08
C LEU D 351 -34.38 -17.91 -25.30
N LYS D 352 -34.08 -17.00 -26.22
CA LYS D 352 -34.90 -16.88 -27.42
C LYS D 352 -34.82 -18.14 -28.27
N CYS D 353 -33.62 -18.71 -28.41
CA CYS D 353 -33.48 -19.94 -29.18
C CYS D 353 -34.20 -21.10 -28.50
N ALA D 354 -34.14 -21.15 -27.16
CA ALA D 354 -34.84 -22.20 -26.44
C ALA D 354 -36.35 -22.10 -26.64
N ARG D 355 -36.89 -20.88 -26.54
CA ARG D 355 -38.32 -20.70 -26.71
C ARG D 355 -38.73 -21.01 -28.15
N LEU D 356 -37.92 -20.62 -29.13
CA LEU D 356 -38.24 -20.91 -30.52
C LEU D 356 -38.03 -22.37 -30.87
N PHE D 357 -36.97 -22.98 -30.33
CA PHE D 357 -36.60 -24.36 -30.64
C PHE D 357 -36.38 -25.12 -29.34
N PRO D 358 -37.46 -25.53 -28.67
CA PRO D 358 -37.28 -26.28 -27.41
C PRO D 358 -36.63 -27.64 -27.59
N ASP D 359 -36.62 -28.19 -28.80
CA ASP D 359 -36.05 -29.52 -29.02
C ASP D 359 -34.55 -29.53 -28.76
N SER D 360 -33.85 -28.49 -29.22
CA SER D 360 -32.40 -28.43 -29.11
C SER D 360 -31.97 -27.24 -28.25
N ASN D 361 -30.70 -27.26 -27.85
CA ASN D 361 -30.08 -26.20 -27.08
C ASN D 361 -29.03 -25.51 -27.94
N LEU D 362 -29.06 -24.17 -27.95
CA LEU D 362 -28.15 -23.42 -28.82
C LEU D 362 -26.70 -23.60 -28.38
N GLU D 363 -26.45 -23.80 -27.09
CA GLU D 363 -25.09 -23.96 -26.61
C GLU D 363 -24.46 -25.28 -27.03
N ALA D 364 -25.27 -26.31 -27.29
CA ALA D 364 -24.76 -27.64 -27.56
C ALA D 364 -24.11 -27.78 -28.93
N VAL D 365 -24.23 -26.80 -29.79
CA VAL D 365 -23.66 -26.89 -31.14
C VAL D 365 -22.15 -26.74 -31.05
N LEU D 366 -21.43 -27.45 -31.91
CA LEU D 366 -19.98 -27.43 -31.94
C LEU D 366 -19.53 -26.78 -33.24
N ASN D 367 -18.56 -25.86 -33.14
CA ASN D 367 -18.01 -25.23 -34.33
C ASN D 367 -17.07 -26.21 -35.05
N ASN D 368 -16.44 -25.72 -36.12
CA ASN D 368 -15.52 -26.56 -36.88
C ASN D 368 -14.27 -26.94 -36.09
N ASP D 369 -14.00 -26.27 -34.97
CA ASP D 369 -12.89 -26.61 -34.11
C ASP D 369 -13.28 -27.58 -32.99
N GLY D 370 -14.54 -28.01 -32.95
CA GLY D 370 -15.00 -28.90 -31.90
C GLY D 370 -15.31 -28.23 -30.58
N LEU D 371 -15.38 -26.91 -30.56
CA LEU D 371 -15.57 -26.16 -29.33
C LEU D 371 -17.04 -25.84 -29.09
N SER D 372 -17.34 -25.33 -27.92
CA SER D 372 -18.64 -24.80 -27.53
C SER D 372 -18.38 -23.42 -26.93
N PRO D 373 -19.42 -22.58 -26.81
CA PRO D 373 -19.20 -21.24 -26.24
C PRO D 373 -18.51 -21.27 -24.88
N LEU D 374 -18.86 -22.24 -24.03
CA LEU D 374 -18.20 -22.35 -22.74
C LEU D 374 -16.73 -22.72 -22.89
N MET D 375 -16.43 -23.75 -23.69
CA MET D 375 -15.04 -24.14 -23.88
C MET D 375 -14.27 -23.08 -24.65
N MET D 376 -14.92 -22.42 -25.61
CA MET D 376 -14.24 -21.35 -26.35
C MET D 376 -13.87 -20.21 -25.42
N ALA D 377 -14.79 -19.81 -24.54
CA ALA D 377 -14.46 -18.79 -23.55
C ALA D 377 -13.38 -19.27 -22.58
N ALA D 378 -13.37 -20.56 -22.27
CA ALA D 378 -12.38 -21.09 -21.35
C ALA D 378 -10.98 -21.02 -21.94
N LYS D 379 -10.81 -21.50 -23.18
CA LYS D 379 -9.47 -21.53 -23.75
C LYS D 379 -9.07 -20.23 -24.40
N THR D 380 -10.00 -19.30 -24.63
CA THR D 380 -9.62 -17.99 -25.15
C THR D 380 -9.20 -17.04 -24.06
N GLY D 381 -9.76 -17.17 -22.86
CA GLY D 381 -9.36 -16.35 -21.74
C GLY D 381 -10.34 -15.23 -21.42
N LYS D 382 -11.63 -15.53 -21.47
CA LYS D 382 -12.69 -14.57 -21.18
C LYS D 382 -13.35 -14.99 -19.87
N ILE D 383 -12.81 -14.51 -18.75
CA ILE D 383 -13.38 -14.84 -17.45
C ILE D 383 -14.78 -14.26 -17.31
N GLY D 384 -15.00 -13.07 -17.88
CA GLY D 384 -16.26 -12.38 -17.66
C GLY D 384 -17.47 -13.19 -18.10
N ILE D 385 -17.40 -13.81 -19.27
CA ILE D 385 -18.49 -14.65 -19.72
C ILE D 385 -18.34 -16.10 -19.28
N PHE D 386 -17.11 -16.54 -18.98
CA PHE D 386 -16.93 -17.90 -18.48
C PHE D 386 -17.65 -18.10 -17.15
N GLN D 387 -17.44 -17.17 -16.21
CA GLN D 387 -18.10 -17.29 -14.91
C GLN D 387 -19.60 -17.16 -15.05
N HIS D 388 -20.07 -16.28 -15.94
CA HIS D 388 -21.51 -16.12 -16.13
C HIS D 388 -22.14 -17.39 -16.69
N ILE D 389 -21.47 -18.02 -17.67
CA ILE D 389 -22.00 -19.26 -18.23
C ILE D 389 -22.00 -20.35 -17.18
N ILE D 390 -20.93 -20.45 -16.39
CA ILE D 390 -20.83 -21.50 -15.38
C ILE D 390 -21.91 -21.35 -14.32
N ARG D 391 -22.13 -20.13 -13.85
CA ARG D 391 -23.00 -19.88 -12.70
C ARG D 391 -24.40 -19.39 -13.10
N ARG D 392 -24.76 -19.46 -14.38
CA ARG D 392 -26.06 -18.95 -14.79
C ARG D 392 -27.19 -19.82 -14.24
N GLU D 393 -28.31 -19.15 -13.94
CA GLU D 393 -29.51 -19.84 -13.49
C GLU D 393 -30.72 -19.15 -14.11
N VAL D 394 -31.65 -19.95 -14.61
CA VAL D 394 -32.86 -19.44 -15.25
C VAL D 394 -34.02 -19.68 -14.29
N THR D 395 -34.49 -18.61 -13.65
CA THR D 395 -35.59 -18.73 -12.72
C THR D 395 -36.92 -18.97 -13.42
N ASP D 396 -37.01 -18.60 -14.70
CA ASP D 396 -38.24 -18.81 -15.46
C ASP D 396 -38.49 -20.31 -15.64
N GLU D 397 -39.75 -20.71 -15.41
CA GLU D 397 -40.10 -22.12 -15.43
C GLU D 397 -40.20 -22.70 -16.84
N ASP D 398 -40.38 -21.86 -17.86
CA ASP D 398 -40.56 -22.36 -19.22
C ASP D 398 -39.27 -23.01 -19.73
N THR D 399 -38.12 -22.38 -19.47
CA THR D 399 -36.84 -22.85 -19.98
C THR D 399 -35.81 -22.89 -18.85
N ARG D 400 -36.19 -23.46 -17.71
CA ARG D 400 -35.26 -23.58 -16.60
C ARG D 400 -34.23 -24.68 -16.81
N HIS D 401 -34.42 -25.55 -17.80
CA HIS D 401 -33.53 -26.68 -17.99
C HIS D 401 -32.13 -26.26 -18.40
N LEU D 402 -31.97 -25.11 -19.05
CA LEU D 402 -30.65 -24.65 -19.47
C LEU D 402 -29.99 -23.74 -18.43
N SER D 403 -29.93 -24.23 -17.20
CA SER D 403 -29.20 -23.57 -16.14
C SER D 403 -28.20 -24.54 -15.54
N ARG D 404 -27.06 -24.00 -15.10
CA ARG D 404 -25.98 -24.80 -14.57
C ARG D 404 -25.81 -24.62 -13.06
N LYS D 405 -26.78 -24.04 -12.37
CA LYS D 405 -26.68 -23.85 -10.93
C LYS D 405 -28.09 -23.82 -10.36
N PHE D 406 -28.47 -24.88 -9.66
CA PHE D 406 -29.76 -24.98 -9.02
C PHE D 406 -29.59 -24.83 -7.51
N LYS D 407 -30.71 -24.64 -6.81
CA LYS D 407 -30.72 -24.61 -5.35
C LYS D 407 -31.39 -25.89 -4.86
N ASP D 408 -30.59 -26.80 -4.29
CA ASP D 408 -31.10 -28.09 -3.87
C ASP D 408 -32.06 -27.94 -2.69
N TRP D 409 -31.57 -27.40 -1.58
CA TRP D 409 -32.38 -27.27 -0.39
C TRP D 409 -31.82 -26.16 0.48
N ALA D 410 -32.63 -25.71 1.43
CA ALA D 410 -32.23 -24.69 2.38
C ALA D 410 -32.88 -24.98 3.73
N TYR D 411 -32.09 -24.83 4.79
CA TYR D 411 -32.57 -25.03 6.17
C TYR D 411 -31.97 -23.90 7.00
N GLY D 412 -32.73 -22.81 7.14
CA GLY D 412 -32.23 -21.64 7.80
C GLY D 412 -31.08 -21.04 7.02
N PRO D 413 -30.17 -20.38 7.71
CA PRO D 413 -29.00 -19.81 7.01
C PRO D 413 -28.01 -20.86 6.56
N VAL D 414 -28.48 -21.90 5.88
CA VAL D 414 -27.61 -22.88 5.25
C VAL D 414 -28.17 -23.18 3.86
N TYR D 415 -27.59 -22.56 2.85
CA TYR D 415 -28.07 -22.67 1.48
C TYR D 415 -27.17 -23.60 0.69
N SER D 416 -27.77 -24.62 0.09
CA SER D 416 -27.05 -25.61 -0.70
C SER D 416 -27.40 -25.38 -2.16
N SER D 417 -26.43 -24.86 -2.92
CA SER D 417 -26.57 -24.69 -4.35
C SER D 417 -25.67 -25.70 -5.06
N LEU D 418 -26.26 -26.42 -6.01
CA LEU D 418 -25.54 -27.46 -6.74
C LEU D 418 -25.29 -27.00 -8.17
N TYR D 419 -24.03 -27.05 -8.58
CA TYR D 419 -23.60 -26.63 -9.91
C TYR D 419 -23.65 -27.79 -10.89
N ASP D 420 -23.42 -27.48 -12.15
CA ASP D 420 -23.41 -28.47 -13.21
C ASP D 420 -21.99 -28.70 -13.69
N LEU D 421 -21.58 -29.96 -13.77
CA LEU D 421 -20.30 -30.36 -14.34
C LEU D 421 -20.50 -31.30 -15.53
N SER D 422 -21.60 -31.14 -16.25
CA SER D 422 -21.87 -32.00 -17.41
C SER D 422 -20.76 -31.89 -18.45
N SER D 423 -20.13 -30.72 -18.55
CA SER D 423 -19.00 -30.54 -19.45
C SER D 423 -17.70 -30.19 -18.74
N LEU D 424 -17.75 -29.87 -17.44
CA LEU D 424 -16.53 -29.57 -16.71
C LEU D 424 -15.74 -30.82 -16.36
N ASP D 425 -16.43 -31.96 -16.22
CA ASP D 425 -15.75 -33.22 -15.94
C ASP D 425 -16.56 -34.35 -16.57
N THR D 426 -16.02 -34.92 -17.65
CA THR D 426 -16.69 -35.98 -18.38
C THR D 426 -15.84 -37.24 -18.53
N CYS D 427 -14.67 -37.28 -17.91
CA CYS D 427 -13.79 -38.46 -17.93
C CYS D 427 -13.40 -38.84 -19.36
N GLY D 428 -12.80 -37.89 -20.08
CA GLY D 428 -12.27 -38.17 -21.40
C GLY D 428 -13.31 -38.59 -22.42
N GLU D 429 -14.45 -37.93 -22.44
CA GLU D 429 -15.53 -38.25 -23.36
C GLU D 429 -15.99 -37.08 -24.20
N GLU D 430 -16.02 -35.86 -23.64
CA GLU D 430 -16.52 -34.70 -24.37
C GLU D 430 -15.61 -33.49 -24.18
N ALA D 431 -14.30 -33.71 -24.07
CA ALA D 431 -13.31 -32.64 -23.99
C ALA D 431 -13.61 -31.70 -22.81
N SER D 432 -13.44 -32.27 -21.62
CA SER D 432 -13.78 -31.58 -20.38
C SER D 432 -13.13 -30.21 -20.31
N VAL D 433 -13.89 -29.23 -19.79
CA VAL D 433 -13.42 -27.86 -19.71
C VAL D 433 -12.22 -27.74 -18.79
N LEU D 434 -12.10 -28.61 -17.80
CA LEU D 434 -11.01 -28.51 -16.84
C LEU D 434 -9.66 -28.72 -17.52
N GLU D 435 -9.55 -29.76 -18.35
CA GLU D 435 -8.30 -30.03 -19.05
C GLU D 435 -7.96 -28.89 -19.99
N ILE D 436 -8.94 -28.37 -20.71
CA ILE D 436 -8.72 -27.25 -21.63
C ILE D 436 -8.24 -26.03 -20.87
N LEU D 437 -8.85 -25.72 -19.73
CA LEU D 437 -8.47 -24.57 -18.93
C LEU D 437 -7.05 -24.72 -18.37
N VAL D 438 -6.71 -25.91 -17.88
CA VAL D 438 -5.39 -26.09 -17.27
C VAL D 438 -4.30 -26.08 -18.35
N TYR D 439 -4.56 -26.69 -19.50
CA TYR D 439 -3.55 -26.83 -20.55
C TYR D 439 -3.63 -25.75 -21.61
N ASN D 440 -4.79 -25.64 -22.28
CA ASN D 440 -4.90 -24.86 -23.50
C ASN D 440 -5.19 -23.38 -23.27
N SER D 441 -5.53 -22.97 -22.05
CA SER D 441 -5.83 -21.57 -21.80
C SER D 441 -4.55 -20.74 -21.85
N LYS D 442 -4.73 -19.43 -22.04
CA LYS D 442 -3.60 -18.52 -22.14
C LYS D 442 -3.05 -18.22 -20.75
N ILE D 443 -1.76 -17.84 -20.71
CA ILE D 443 -1.02 -17.82 -19.46
C ILE D 443 -1.59 -16.80 -18.47
N GLU D 444 -1.93 -15.60 -18.96
CA GLU D 444 -2.23 -14.49 -18.05
C GLU D 444 -3.46 -14.76 -17.20
N ASN D 445 -4.53 -15.26 -17.79
CA ASN D 445 -5.82 -15.36 -17.12
C ASN D 445 -6.08 -16.72 -16.50
N ARG D 446 -5.19 -17.69 -16.70
CA ARG D 446 -5.46 -19.07 -16.27
C ARG D 446 -5.57 -19.17 -14.75
N HIS D 447 -4.68 -18.48 -14.03
CA HIS D 447 -4.63 -18.63 -12.58
C HIS D 447 -5.93 -18.17 -11.93
N GLU D 448 -6.49 -17.06 -12.39
CA GLU D 448 -7.72 -16.55 -11.80
C GLU D 448 -8.96 -17.12 -12.46
N MET D 449 -8.85 -17.74 -13.64
CA MET D 449 -9.99 -18.41 -14.22
C MET D 449 -10.11 -19.85 -13.73
N LEU D 450 -9.08 -20.37 -13.07
CA LEU D 450 -9.16 -21.65 -12.38
C LEU D 450 -9.76 -21.53 -10.98
N ALA D 451 -10.17 -20.33 -10.58
CA ALA D 451 -10.70 -20.08 -9.25
C ALA D 451 -12.22 -19.92 -9.23
N VAL D 452 -12.90 -20.32 -10.31
CA VAL D 452 -14.35 -20.21 -10.35
C VAL D 452 -14.97 -21.15 -9.32
N GLU D 453 -16.21 -20.82 -8.92
CA GLU D 453 -16.82 -21.46 -7.75
C GLU D 453 -16.83 -22.99 -7.81
N PRO D 454 -17.23 -23.64 -8.90
CA PRO D 454 -17.23 -25.11 -8.91
C PRO D 454 -15.96 -25.75 -9.47
N ILE D 455 -14.92 -24.97 -9.78
CA ILE D 455 -13.67 -25.52 -10.27
C ILE D 455 -12.72 -25.86 -9.14
N ASN D 456 -12.53 -24.93 -8.20
CA ASN D 456 -11.66 -25.20 -7.05
C ASN D 456 -12.23 -26.34 -6.21
N GLU D 457 -13.53 -26.33 -5.97
CA GLU D 457 -14.15 -27.41 -5.21
C GLU D 457 -14.02 -28.74 -5.92
N LEU D 458 -14.19 -28.74 -7.25
CA LEU D 458 -14.04 -29.99 -8.00
C LEU D 458 -12.61 -30.51 -7.93
N LEU D 459 -11.62 -29.62 -8.05
CA LEU D 459 -10.23 -30.06 -7.97
C LEU D 459 -9.90 -30.60 -6.58
N ARG D 460 -10.37 -29.92 -5.53
CA ARG D 460 -10.11 -30.41 -4.17
C ARG D 460 -10.83 -31.73 -3.91
N ASP D 461 -12.03 -31.90 -4.46
CA ASP D 461 -12.74 -33.16 -4.30
C ASP D 461 -12.00 -34.29 -5.02
N LYS D 462 -11.49 -34.02 -6.22
CA LYS D 462 -10.68 -35.02 -6.92
C LYS D 462 -9.44 -35.37 -6.11
N TRP D 463 -8.81 -34.36 -5.51
CA TRP D 463 -7.68 -34.60 -4.63
C TRP D 463 -8.07 -35.56 -3.51
N ARG D 464 -9.00 -35.14 -2.66
CA ARG D 464 -9.39 -35.94 -1.50
C ARG D 464 -9.91 -37.31 -1.90
N LYS D 465 -10.39 -37.43 -3.14
CA LYS D 465 -10.97 -38.72 -3.61
C LYS D 465 -9.85 -39.64 -4.11
N PHE D 466 -9.29 -39.39 -5.29
CA PHE D 466 -8.20 -40.31 -5.73
C PHE D 466 -6.89 -39.53 -5.87
N GLY D 467 -6.96 -38.21 -6.04
CA GLY D 467 -5.77 -37.37 -6.24
C GLY D 467 -4.83 -37.28 -5.06
N ALA D 468 -5.37 -37.17 -3.84
CA ALA D 468 -4.53 -36.94 -2.64
C ALA D 468 -3.55 -38.09 -2.37
N VAL D 469 -3.97 -39.36 -2.43
CA VAL D 469 -2.98 -40.41 -2.08
C VAL D 469 -2.38 -41.08 -3.32
N SER D 470 -2.86 -40.77 -4.52
CA SER D 470 -2.21 -41.37 -5.71
C SER D 470 -0.81 -40.77 -5.83
N PHE D 471 -0.69 -39.48 -5.57
CA PHE D 471 0.59 -38.73 -5.61
C PHE D 471 1.54 -39.31 -4.57
N TYR D 472 1.03 -39.62 -3.36
CA TYR D 472 1.90 -40.19 -2.30
C TYR D 472 2.44 -41.57 -2.70
N ILE D 473 1.59 -42.44 -3.26
CA ILE D 473 2.05 -43.80 -3.69
C ILE D 473 3.23 -43.61 -4.65
N ASN D 474 3.03 -42.78 -5.67
CA ASN D 474 4.08 -42.41 -6.61
C ASN D 474 5.36 -42.06 -5.87
N VAL D 475 5.26 -41.28 -4.80
CA VAL D 475 6.45 -40.87 -4.05
C VAL D 475 7.18 -42.08 -3.50
N VAL D 476 6.44 -42.98 -2.84
CA VAL D 476 7.08 -44.10 -2.17
C VAL D 476 7.65 -45.08 -3.19
N SER D 477 6.93 -45.32 -4.30
CA SER D 477 7.46 -46.19 -5.34
C SER D 477 8.72 -45.60 -5.96
N TYR D 478 8.73 -44.30 -6.20
CA TYR D 478 9.91 -43.65 -6.77
C TYR D 478 11.10 -43.78 -5.82
N LEU D 479 10.88 -43.55 -4.53
CA LEU D 479 11.98 -43.68 -3.57
C LEU D 479 12.48 -45.12 -3.47
N CYS D 480 11.56 -46.09 -3.47
CA CYS D 480 11.99 -47.49 -3.40
C CYS D 480 12.77 -47.90 -4.63
N ALA D 481 12.28 -47.54 -5.82
CA ALA D 481 13.03 -47.84 -7.03
C ALA D 481 14.37 -47.13 -7.03
N MET D 482 14.45 -45.95 -6.43
CA MET D 482 15.70 -45.20 -6.46
C MET D 482 16.72 -45.81 -5.50
N VAL D 483 16.28 -46.27 -4.33
CA VAL D 483 17.22 -46.94 -3.44
C VAL D 483 17.66 -48.27 -4.04
N ILE D 484 16.76 -48.97 -4.76
CA ILE D 484 17.18 -50.16 -5.49
C ILE D 484 18.23 -49.80 -6.53
N PHE D 485 18.04 -48.67 -7.22
CA PHE D 485 19.03 -48.20 -8.19
C PHE D 485 20.38 -47.96 -7.53
N THR D 486 20.38 -47.31 -6.36
CA THR D 486 21.64 -47.04 -5.68
C THR D 486 22.32 -48.32 -5.22
N LEU D 487 21.55 -49.28 -4.70
CA LEU D 487 22.14 -50.54 -4.27
C LEU D 487 22.72 -51.30 -5.45
N THR D 488 22.01 -51.31 -6.59
CA THR D 488 22.58 -51.93 -7.79
C THR D 488 23.83 -51.21 -8.24
N ALA D 489 23.85 -49.88 -8.10
CA ALA D 489 25.02 -49.10 -8.46
C ALA D 489 26.23 -49.48 -7.61
N TYR D 490 26.04 -49.59 -6.30
CA TYR D 490 27.16 -49.82 -5.40
C TYR D 490 27.70 -51.24 -5.52
N TYR D 491 26.85 -52.21 -5.83
CA TYR D 491 27.24 -53.60 -5.85
C TYR D 491 27.78 -54.06 -7.20
N GLN D 492 27.87 -53.17 -8.18
CA GLN D 492 28.44 -53.55 -9.47
C GLN D 492 29.94 -53.78 -9.33
N PRO D 493 30.45 -54.93 -9.76
CA PRO D 493 31.89 -55.19 -9.63
C PRO D 493 32.69 -54.35 -10.61
N LEU D 494 33.84 -53.85 -10.15
CA LEU D 494 34.68 -52.99 -10.96
C LEU D 494 35.69 -53.75 -11.80
N GLU D 495 35.79 -55.07 -11.64
CA GLU D 495 36.72 -55.90 -12.39
C GLU D 495 35.94 -56.78 -13.34
N GLY D 496 36.27 -56.70 -14.63
CA GLY D 496 35.59 -57.50 -15.64
C GLY D 496 34.92 -56.66 -16.70
N THR D 497 34.75 -57.23 -17.90
CA THR D 497 34.07 -56.53 -18.99
C THR D 497 32.64 -57.01 -19.09
N PRO D 498 31.66 -56.11 -19.07
CA PRO D 498 30.25 -56.54 -19.17
C PRO D 498 29.93 -57.00 -20.57
N PRO D 499 28.92 -57.88 -20.73
CA PRO D 499 28.13 -58.51 -19.67
C PRO D 499 28.94 -59.47 -18.78
N TYR D 500 28.62 -59.47 -17.49
CA TYR D 500 29.31 -60.30 -16.53
C TYR D 500 28.69 -61.70 -16.49
N PRO D 501 29.41 -62.69 -15.96
CA PRO D 501 28.81 -64.01 -15.73
C PRO D 501 27.96 -63.98 -14.46
N TYR D 502 26.68 -64.32 -14.60
CA TYR D 502 25.73 -64.31 -13.48
C TYR D 502 25.56 -65.73 -12.98
N ARG D 503 26.19 -66.04 -11.86
CA ARG D 503 26.08 -67.36 -11.25
C ARG D 503 25.68 -67.33 -9.78
N THR D 504 26.16 -66.35 -9.03
CA THR D 504 25.86 -66.29 -7.60
C THR D 504 24.54 -65.59 -7.34
N THR D 505 24.06 -65.70 -6.10
CA THR D 505 22.83 -65.02 -5.72
C THR D 505 22.99 -63.50 -5.75
N VAL D 506 24.20 -63.01 -5.44
CA VAL D 506 24.46 -61.58 -5.55
C VAL D 506 24.33 -61.12 -6.99
N ASP D 507 24.83 -61.94 -7.93
CA ASP D 507 24.66 -61.62 -9.35
C ASP D 507 23.18 -61.62 -9.73
N TYR D 508 22.40 -62.55 -9.19
CA TYR D 508 20.97 -62.58 -9.47
C TYR D 508 20.28 -61.32 -8.96
N LEU D 509 20.64 -60.88 -7.75
CA LEU D 509 20.07 -59.65 -7.21
C LEU D 509 20.48 -58.45 -8.05
N ARG D 510 21.73 -58.40 -8.49
CA ARG D 510 22.18 -57.31 -9.35
C ARG D 510 21.43 -57.28 -10.67
N LEU D 511 21.20 -58.46 -11.26
CA LEU D 511 20.44 -58.54 -12.50
C LEU D 511 19.00 -58.09 -12.28
N ALA D 512 18.39 -58.48 -11.17
CA ALA D 512 17.03 -58.04 -10.86
C ALA D 512 16.97 -56.52 -10.71
N GLY D 513 17.95 -55.94 -10.02
CA GLY D 513 18.00 -54.49 -9.90
C GLY D 513 18.18 -53.81 -11.24
N GLU D 514 19.04 -54.37 -12.10
CA GLU D 514 19.26 -53.78 -13.42
C GLU D 514 17.98 -53.83 -14.26
N VAL D 515 17.29 -54.97 -14.24
CA VAL D 515 16.09 -55.08 -15.08
C VAL D 515 14.96 -54.21 -14.54
N ILE D 516 14.85 -54.08 -13.20
CA ILE D 516 13.82 -53.21 -12.67
C ILE D 516 14.14 -51.75 -12.98
N THR D 517 15.43 -51.39 -12.95
CA THR D 517 15.83 -50.04 -13.37
C THR D 517 15.47 -49.79 -14.82
N LEU D 518 15.75 -50.75 -15.71
CA LEU D 518 15.41 -50.59 -17.11
C LEU D 518 13.91 -50.48 -17.31
N PHE D 519 13.13 -51.27 -16.55
CA PHE D 519 11.68 -51.18 -16.65
C PHE D 519 11.18 -49.81 -16.23
N THR D 520 11.70 -49.28 -15.11
CA THR D 520 11.30 -47.94 -14.69
C THR D 520 11.70 -46.89 -15.71
N GLY D 521 12.91 -47.00 -16.26
CA GLY D 521 13.36 -46.04 -17.24
C GLY D 521 12.52 -46.05 -18.51
N VAL D 522 12.18 -47.25 -19.01
CA VAL D 522 11.37 -47.33 -20.21
C VAL D 522 9.95 -46.88 -19.93
N LEU D 523 9.43 -47.12 -18.72
CA LEU D 523 8.11 -46.61 -18.37
C LEU D 523 8.09 -45.08 -18.36
N PHE D 524 9.12 -44.47 -17.75
CA PHE D 524 9.22 -43.02 -17.75
C PHE D 524 9.34 -42.48 -19.17
N PHE D 525 10.15 -43.15 -20.01
CA PHE D 525 10.31 -42.73 -21.40
C PHE D 525 8.99 -42.79 -22.15
N PHE D 526 8.25 -43.90 -21.99
CA PHE D 526 6.97 -44.04 -22.69
C PHE D 526 5.98 -42.99 -22.24
N THR D 527 5.91 -42.74 -20.92
CA THR D 527 5.00 -41.73 -20.41
C THR D 527 5.36 -40.35 -20.94
N ASN D 528 6.65 -40.01 -20.96
CA ASN D 528 7.07 -38.71 -21.46
C ASN D 528 6.80 -38.58 -22.95
N ILE D 529 7.01 -39.65 -23.71
CA ILE D 529 6.74 -39.60 -25.15
C ILE D 529 5.25 -39.40 -25.41
N LYS D 530 4.39 -40.12 -24.68
CA LYS D 530 2.95 -39.92 -24.84
C LYS D 530 2.54 -38.51 -24.44
N ASP D 531 3.14 -37.99 -23.36
CA ASP D 531 2.83 -36.63 -22.92
C ASP D 531 3.22 -35.61 -23.98
N LEU D 532 4.39 -35.78 -24.59
CA LEU D 532 4.84 -34.83 -25.61
C LEU D 532 4.05 -34.99 -26.90
N PHE D 533 3.53 -36.18 -27.18
CA PHE D 533 2.73 -36.37 -28.38
C PHE D 533 1.31 -35.81 -28.21
N MET D 534 0.73 -35.96 -27.02
CA MET D 534 -0.64 -35.50 -26.80
C MET D 534 -0.75 -33.98 -26.92
N LYS D 535 0.20 -33.25 -26.35
CA LYS D 535 0.18 -31.80 -26.32
C LYS D 535 1.38 -31.23 -27.07
N LYS D 536 1.17 -30.10 -27.73
CA LYS D 536 2.24 -29.44 -28.46
C LYS D 536 3.32 -28.95 -27.50
N CYS D 537 4.54 -28.84 -28.00
CA CYS D 537 5.67 -28.44 -27.18
C CYS D 537 5.52 -26.99 -26.74
N PRO D 538 5.53 -26.71 -25.44
CA PRO D 538 5.38 -25.32 -24.98
C PRO D 538 6.71 -24.58 -25.00
N GLY D 539 6.62 -23.27 -24.75
CA GLY D 539 7.80 -22.42 -24.73
C GLY D 539 7.90 -21.58 -23.48
N VAL D 540 7.95 -20.26 -23.65
CA VAL D 540 8.04 -19.35 -22.51
C VAL D 540 6.71 -19.34 -21.76
N ASN D 541 6.79 -19.09 -20.45
CA ASN D 541 5.67 -18.96 -19.52
C ASN D 541 4.95 -20.27 -19.27
N SER D 542 5.35 -21.37 -19.91
CA SER D 542 4.78 -22.67 -19.65
C SER D 542 5.82 -23.76 -19.39
N LEU D 543 7.10 -23.50 -19.68
CA LEU D 543 8.13 -24.50 -19.40
C LEU D 543 8.36 -24.65 -17.90
N PHE D 544 8.23 -23.56 -17.15
CA PHE D 544 8.49 -23.61 -15.71
C PHE D 544 7.36 -24.28 -14.94
N ILE D 545 6.19 -24.47 -15.55
CA ILE D 545 5.09 -25.14 -14.87
C ILE D 545 5.46 -26.60 -14.62
N ASP D 546 5.63 -27.38 -15.70
CA ASP D 546 6.18 -28.72 -15.60
C ASP D 546 7.23 -29.03 -16.64
N GLY D 547 7.28 -28.31 -17.77
CA GLY D 547 8.02 -28.77 -18.93
C GLY D 547 9.49 -29.05 -18.64
N SER D 548 10.11 -28.20 -17.82
CA SER D 548 11.49 -28.46 -17.42
C SER D 548 11.62 -29.81 -16.73
N PHE D 549 10.64 -30.17 -15.90
CA PHE D 549 10.79 -31.38 -15.10
C PHE D 549 10.68 -32.64 -15.95
N GLN D 550 9.71 -32.73 -16.86
CA GLN D 550 9.75 -33.89 -17.73
C GLN D 550 10.88 -33.78 -18.76
N LEU D 551 11.44 -32.60 -18.98
CA LEU D 551 12.68 -32.53 -19.75
C LEU D 551 13.81 -33.25 -19.04
N LEU D 552 13.99 -32.98 -17.75
CA LEU D 552 15.01 -33.70 -16.97
C LEU D 552 14.69 -35.20 -16.88
N TYR D 553 13.41 -35.56 -16.76
CA TYR D 553 13.07 -36.99 -16.74
C TYR D 553 13.31 -37.65 -18.09
N PHE D 554 13.09 -36.93 -19.19
CA PHE D 554 13.46 -37.43 -20.50
C PHE D 554 14.97 -37.66 -20.60
N ILE D 555 15.75 -36.71 -20.07
CA ILE D 555 17.20 -36.90 -20.04
C ILE D 555 17.57 -38.12 -19.21
N TYR D 556 16.87 -38.32 -18.09
CA TYR D 556 17.09 -39.50 -17.25
C TYR D 556 16.83 -40.79 -18.01
N SER D 557 15.70 -40.84 -18.71
CA SER D 557 15.38 -42.05 -19.49
C SER D 557 16.39 -42.27 -20.60
N VAL D 558 16.82 -41.19 -21.26
CA VAL D 558 17.83 -41.31 -22.31
C VAL D 558 19.14 -41.83 -21.73
N LEU D 559 19.52 -41.35 -20.55
CA LEU D 559 20.73 -41.82 -19.90
C LEU D 559 20.64 -43.31 -19.58
N VAL D 560 19.49 -43.75 -19.05
CA VAL D 560 19.33 -45.17 -18.76
C VAL D 560 19.40 -46.01 -20.03
N ILE D 561 18.75 -45.53 -21.10
CA ILE D 561 18.75 -46.27 -22.36
C ILE D 561 20.15 -46.39 -22.93
N VAL D 562 20.90 -45.29 -22.93
CA VAL D 562 22.25 -45.33 -23.49
C VAL D 562 23.17 -46.14 -22.59
N SER D 563 22.94 -46.13 -21.27
CA SER D 563 23.72 -46.99 -20.38
C SER D 563 23.47 -48.46 -20.71
N ALA D 564 22.21 -48.82 -20.95
CA ALA D 564 21.92 -50.20 -21.36
C ALA D 564 22.57 -50.53 -22.69
N ALA D 565 22.57 -49.58 -23.63
CA ALA D 565 23.19 -49.81 -24.93
C ALA D 565 24.68 -50.06 -24.79
N LEU D 566 25.37 -49.27 -23.97
CA LEU D 566 26.79 -49.52 -23.72
C LEU D 566 27.00 -50.84 -22.99
N TYR D 567 26.14 -51.15 -22.01
CA TYR D 567 26.25 -52.41 -21.29
C TYR D 567 26.13 -53.61 -22.21
N LEU D 568 25.34 -53.47 -23.28
CA LEU D 568 25.19 -54.57 -24.23
C LEU D 568 26.53 -54.91 -24.88
N ALA D 569 27.28 -53.91 -25.31
CA ALA D 569 28.54 -54.13 -26.02
C ALA D 569 29.74 -53.51 -25.33
N GLY D 570 29.65 -52.22 -24.96
CA GLY D 570 30.83 -51.55 -24.44
C GLY D 570 31.20 -52.05 -23.06
N ILE D 571 32.49 -51.93 -22.73
CA ILE D 571 33.00 -52.33 -21.43
C ILE D 571 33.36 -51.08 -20.62
N GLU D 572 33.72 -50.02 -21.32
CA GLU D 572 34.13 -48.77 -20.70
C GLU D 572 32.99 -47.74 -20.75
N ALA D 573 33.08 -46.76 -19.86
CA ALA D 573 32.19 -45.61 -19.74
C ALA D 573 30.78 -45.99 -19.26
N TYR D 574 30.49 -47.28 -19.07
CA TYR D 574 29.21 -47.65 -18.46
C TYR D 574 29.06 -47.06 -17.06
N LEU D 575 30.11 -47.19 -16.25
CA LEU D 575 30.04 -46.68 -14.89
C LEU D 575 29.82 -45.17 -14.89
N ALA D 576 30.50 -44.45 -15.78
CA ALA D 576 30.38 -43.00 -15.81
C ALA D 576 28.96 -42.56 -16.15
N VAL D 577 28.38 -43.14 -17.21
CA VAL D 577 27.06 -42.71 -17.64
C VAL D 577 25.99 -43.12 -16.63
N MET D 578 26.12 -44.34 -16.07
CA MET D 578 25.16 -44.77 -15.06
C MET D 578 25.25 -43.92 -13.80
N VAL D 579 26.47 -43.57 -13.38
CA VAL D 579 26.65 -42.72 -12.21
C VAL D 579 26.08 -41.34 -12.46
N PHE D 580 26.27 -40.80 -13.67
CA PHE D 580 25.69 -39.49 -13.97
C PHE D 580 24.16 -39.56 -14.02
N ALA D 581 23.61 -40.70 -14.46
CA ALA D 581 22.17 -40.88 -14.39
C ALA D 581 21.69 -40.88 -12.94
N LEU D 582 22.44 -41.54 -12.06
CA LEU D 582 22.11 -41.49 -10.63
C LEU D 582 22.21 -40.07 -10.09
N VAL D 583 23.23 -39.33 -10.53
CA VAL D 583 23.38 -37.93 -10.12
C VAL D 583 22.16 -37.12 -10.49
N LEU D 584 21.73 -37.23 -11.75
CA LEU D 584 20.52 -36.54 -12.19
C LEU D 584 19.28 -37.09 -11.50
N GLY D 585 19.35 -38.31 -10.98
CA GLY D 585 18.18 -38.92 -10.38
C GLY D 585 17.75 -38.26 -9.09
N TRP D 586 18.67 -38.13 -8.14
CA TRP D 586 18.34 -37.63 -6.81
C TRP D 586 18.14 -36.13 -6.77
N MET D 587 18.46 -35.41 -7.85
CA MET D 587 18.02 -34.03 -7.99
C MET D 587 16.64 -33.94 -8.62
N ASN D 588 16.11 -35.03 -9.16
CA ASN D 588 14.75 -35.10 -9.65
C ASN D 588 13.75 -35.46 -8.55
N ALA D 589 14.23 -35.77 -7.35
CA ALA D 589 13.35 -35.95 -6.20
C ALA D 589 12.66 -34.66 -5.80
N LEU D 590 13.14 -33.52 -6.32
CA LEU D 590 12.47 -32.24 -6.12
C LEU D 590 11.13 -32.16 -6.83
N TYR D 591 10.84 -33.11 -7.73
CA TYR D 591 9.53 -33.16 -8.37
C TYR D 591 8.44 -33.37 -7.33
N PHE D 592 8.69 -34.24 -6.36
CA PHE D 592 7.69 -34.59 -5.35
C PHE D 592 7.76 -33.65 -4.15
N THR D 593 7.66 -32.36 -4.43
CA THR D 593 7.61 -31.33 -3.40
C THR D 593 6.35 -30.48 -3.45
N ARG D 594 5.53 -30.63 -4.50
CA ARG D 594 4.28 -29.88 -4.61
C ARG D 594 3.27 -30.28 -3.55
N GLY D 595 3.41 -31.48 -2.97
CA GLY D 595 2.49 -31.89 -1.92
C GLY D 595 2.59 -31.05 -0.66
N LEU D 596 3.81 -30.60 -0.34
CA LEU D 596 4.03 -29.77 0.84
C LEU D 596 4.06 -28.30 0.44
N LYS D 597 3.55 -27.44 1.32
CA LYS D 597 3.39 -26.03 1.00
C LYS D 597 4.73 -25.37 0.70
N LEU D 598 5.74 -25.63 1.53
CA LEU D 598 6.99 -24.89 1.41
C LEU D 598 7.97 -25.61 0.49
N THR D 599 8.06 -26.94 0.58
CA THR D 599 9.04 -27.68 -0.21
C THR D 599 8.84 -27.49 -1.71
N GLY D 600 7.61 -27.27 -2.17
CA GLY D 600 7.40 -27.00 -3.58
C GLY D 600 8.16 -25.78 -4.05
N THR D 601 8.03 -24.67 -3.32
CA THR D 601 8.82 -23.48 -3.64
C THR D 601 10.31 -23.73 -3.43
N TYR D 602 10.66 -24.46 -2.37
CA TYR D 602 12.06 -24.78 -2.12
C TYR D 602 12.70 -25.43 -3.34
N SER D 603 11.97 -26.33 -3.99
CA SER D 603 12.45 -26.95 -5.22
C SER D 603 12.35 -26.02 -6.42
N ILE D 604 11.32 -25.18 -6.47
CA ILE D 604 11.12 -24.30 -7.63
C ILE D 604 12.26 -23.30 -7.76
N MET D 605 12.65 -22.67 -6.65
CA MET D 605 13.78 -21.74 -6.74
C MET D 605 15.08 -22.47 -7.04
N ILE D 606 15.26 -23.69 -6.55
CA ILE D 606 16.47 -24.44 -6.89
C ILE D 606 16.52 -24.69 -8.39
N GLN D 607 15.39 -25.10 -8.98
CA GLN D 607 15.33 -25.30 -10.42
C GLN D 607 15.56 -23.99 -11.19
N LYS D 608 15.01 -22.88 -10.69
CA LYS D 608 15.24 -21.60 -11.34
C LYS D 608 16.71 -21.23 -11.32
N ILE D 609 17.38 -21.45 -10.19
CA ILE D 609 18.81 -21.18 -10.11
C ILE D 609 19.57 -22.10 -11.06
N LEU D 610 19.11 -23.34 -11.19
CA LEU D 610 19.80 -24.33 -12.01
C LEU D 610 19.65 -24.07 -13.50
N PHE D 611 18.50 -23.57 -13.94
CA PHE D 611 18.30 -23.42 -15.38
C PHE D 611 17.80 -22.04 -15.80
N LYS D 612 16.95 -21.40 -15.00
CA LYS D 612 16.30 -20.17 -15.46
C LYS D 612 17.31 -19.04 -15.64
N ASP D 613 18.14 -18.79 -14.63
CA ASP D 613 19.13 -17.73 -14.70
C ASP D 613 20.56 -18.25 -14.80
N LEU D 614 20.75 -19.56 -14.73
CA LEU D 614 22.11 -20.12 -14.80
C LEU D 614 22.74 -19.86 -16.17
N PHE D 615 21.94 -19.97 -17.24
CA PHE D 615 22.48 -19.78 -18.58
C PHE D 615 23.04 -18.38 -18.76
N ARG D 616 22.32 -17.36 -18.29
CA ARG D 616 22.79 -15.98 -18.41
C ARG D 616 24.07 -15.76 -17.63
N PHE D 617 24.10 -16.23 -16.38
CA PHE D 617 25.27 -16.04 -15.55
C PHE D 617 26.49 -16.73 -16.15
N LEU D 618 26.31 -17.97 -16.60
CA LEU D 618 27.44 -18.71 -17.18
C LEU D 618 27.86 -18.11 -18.52
N LEU D 619 26.95 -17.53 -19.29
CA LEU D 619 27.35 -16.85 -20.51
C LEU D 619 28.24 -15.65 -20.19
N VAL D 620 27.81 -14.79 -19.26
CA VAL D 620 28.61 -13.63 -18.90
C VAL D 620 29.93 -14.06 -18.26
N TYR D 621 29.87 -15.08 -17.41
CA TYR D 621 31.03 -15.57 -16.69
C TYR D 621 32.05 -16.18 -17.64
N LEU D 622 31.59 -16.94 -18.64
CA LEU D 622 32.49 -17.49 -19.65
C LEU D 622 33.07 -16.39 -20.52
N LEU D 623 32.26 -15.37 -20.84
CA LEU D 623 32.79 -14.24 -21.61
C LEU D 623 33.94 -13.56 -20.86
N PHE D 624 33.73 -13.26 -19.58
CA PHE D 624 34.78 -12.64 -18.78
C PHE D 624 35.99 -13.55 -18.65
N MET D 625 35.76 -14.85 -18.43
CA MET D 625 36.88 -15.77 -18.29
C MET D 625 37.70 -15.88 -19.57
N ILE D 626 37.04 -16.00 -20.72
CA ILE D 626 37.80 -16.13 -21.96
C ILE D 626 38.54 -14.83 -22.26
N GLY D 627 37.90 -13.68 -22.02
CA GLY D 627 38.58 -12.42 -22.23
C GLY D 627 39.82 -12.28 -21.38
N TYR D 628 39.69 -12.56 -20.08
CA TYR D 628 40.83 -12.41 -19.18
C TYR D 628 41.88 -13.47 -19.41
N ALA D 629 41.48 -14.68 -19.80
CA ALA D 629 42.45 -15.73 -20.10
C ALA D 629 43.29 -15.37 -21.31
N SER D 630 42.63 -14.91 -22.39
CA SER D 630 43.37 -14.45 -23.55
C SER D 630 44.26 -13.26 -23.18
N ALA D 631 43.76 -12.38 -22.31
CA ALA D 631 44.53 -11.22 -21.88
C ALA D 631 45.82 -11.64 -21.20
N LEU D 632 45.72 -12.50 -20.19
CA LEU D 632 46.91 -12.93 -19.46
C LEU D 632 47.85 -13.75 -20.34
N VAL D 633 47.32 -14.65 -21.15
CA VAL D 633 48.18 -15.50 -21.97
C VAL D 633 48.92 -14.67 -23.01
N SER D 634 48.25 -13.66 -23.58
CA SER D 634 48.91 -12.82 -24.57
C SER D 634 50.04 -11.99 -23.98
N LEU D 635 50.10 -11.86 -22.65
CA LEU D 635 51.17 -11.13 -21.98
C LEU D 635 52.29 -12.05 -21.51
N LEU D 636 52.19 -13.35 -21.73
CA LEU D 636 53.17 -14.31 -21.23
C LEU D 636 54.10 -14.74 -22.36
N ASN D 637 55.40 -14.74 -22.07
CA ASN D 637 56.42 -15.16 -23.02
C ASN D 637 57.10 -16.44 -22.54
N PRO D 638 57.33 -17.41 -23.43
CA PRO D 638 57.96 -18.68 -23.07
C PRO D 638 59.48 -18.62 -23.11
N ASP D 662 52.98 -23.84 -28.83
CA ASP D 662 52.80 -23.17 -27.54
C ASP D 662 51.41 -23.45 -26.98
N SER D 663 50.71 -24.42 -27.57
CA SER D 663 49.36 -24.75 -27.12
C SER D 663 49.37 -25.44 -25.76
N GLU D 664 50.44 -26.17 -25.45
CA GLU D 664 50.49 -26.90 -24.19
C GLU D 664 50.47 -25.96 -22.99
N THR D 665 51.24 -24.87 -23.05
CA THR D 665 51.28 -23.94 -21.93
C THR D 665 49.95 -23.21 -21.75
N PHE D 666 49.17 -23.08 -22.83
CA PHE D 666 47.90 -22.36 -22.74
C PHE D 666 46.95 -23.06 -21.76
N SER D 667 46.84 -24.39 -21.85
CA SER D 667 45.97 -25.12 -20.94
C SER D 667 46.45 -25.01 -19.50
N THR D 668 47.75 -25.13 -19.28
CA THR D 668 48.29 -25.02 -17.94
C THR D 668 47.99 -23.65 -17.33
N PHE D 669 48.18 -22.59 -18.11
CA PHE D 669 47.86 -21.25 -17.62
C PHE D 669 46.36 -21.07 -17.41
N LEU D 670 45.54 -21.70 -18.25
CA LEU D 670 44.09 -21.62 -18.06
C LEU D 670 43.68 -22.24 -16.73
N LEU D 671 44.17 -23.46 -16.44
CA LEU D 671 43.86 -24.07 -15.16
C LEU D 671 44.47 -23.31 -13.99
N ASP D 672 45.64 -22.69 -14.20
CA ASP D 672 46.19 -21.83 -13.16
C ASP D 672 45.29 -20.64 -12.88
N LEU D 673 44.59 -20.15 -13.91
CA LEU D 673 43.62 -19.08 -13.70
C LEU D 673 42.50 -19.51 -12.75
N PHE D 674 41.97 -20.71 -12.95
CA PHE D 674 40.96 -21.24 -12.02
C PHE D 674 41.55 -21.44 -10.63
N LYS D 675 42.78 -21.94 -10.55
CA LYS D 675 43.41 -22.16 -9.26
C LYS D 675 43.53 -20.85 -8.49
N LEU D 676 43.98 -19.78 -9.16
CA LEU D 676 44.02 -18.46 -8.53
C LEU D 676 42.63 -17.92 -8.25
N THR D 677 41.64 -18.30 -9.05
CA THR D 677 40.25 -17.91 -8.77
C THR D 677 39.80 -18.48 -7.43
N ILE D 678 40.12 -19.73 -7.16
CA ILE D 678 39.76 -20.34 -5.88
C ILE D 678 40.45 -19.60 -4.74
N GLY D 679 41.73 -19.30 -4.89
CA GLY D 679 42.45 -18.56 -3.87
C GLY D 679 43.85 -19.10 -3.64
N MET D 680 44.03 -20.40 -3.79
CA MET D 680 45.34 -21.04 -3.65
C MET D 680 46.13 -20.83 -4.93
N GLY D 681 47.29 -20.20 -4.81
CA GLY D 681 48.09 -19.91 -5.99
C GLY D 681 49.56 -19.77 -5.63
N ASP D 682 50.36 -19.50 -6.65
CA ASP D 682 51.80 -19.36 -6.51
C ASP D 682 52.23 -17.96 -6.88
N LEU D 683 53.03 -17.33 -6.02
CA LEU D 683 53.52 -15.98 -6.29
C LEU D 683 54.64 -15.99 -7.31
N GLU D 684 55.38 -17.10 -7.41
CA GLU D 684 56.52 -17.15 -8.31
C GLU D 684 56.10 -16.99 -9.76
N MET D 685 55.02 -17.67 -10.17
CA MET D 685 54.56 -17.58 -11.54
C MET D 685 53.86 -16.25 -11.85
N LEU D 686 53.46 -15.51 -10.82
CA LEU D 686 52.80 -14.23 -11.04
C LEU D 686 53.72 -13.23 -11.72
N SER D 687 54.98 -13.15 -11.25
CA SER D 687 55.95 -12.22 -11.80
C SER D 687 57.06 -12.92 -12.58
N SER D 688 56.81 -14.15 -13.03
CA SER D 688 57.84 -14.91 -13.72
C SER D 688 58.06 -14.42 -15.14
N THR D 689 57.05 -13.79 -15.75
CA THR D 689 57.07 -13.43 -17.16
C THR D 689 56.89 -11.94 -17.36
N LYS D 690 57.60 -11.14 -16.55
CA LYS D 690 57.65 -9.69 -16.70
C LYS D 690 56.29 -9.03 -16.45
N TYR D 691 56.27 -7.70 -16.47
CA TYR D 691 55.05 -6.91 -16.30
C TYR D 691 54.28 -7.29 -15.03
N PRO D 692 54.87 -7.08 -13.85
CA PRO D 692 54.20 -7.56 -12.63
C PRO D 692 53.08 -6.64 -12.16
N VAL D 693 53.22 -5.33 -12.36
CA VAL D 693 52.23 -4.39 -11.83
C VAL D 693 50.89 -4.57 -12.53
N VAL D 694 50.91 -4.64 -13.87
CA VAL D 694 49.67 -4.85 -14.61
C VAL D 694 49.08 -6.21 -14.30
N PHE D 695 49.94 -7.24 -14.12
CA PHE D 695 49.45 -8.55 -13.73
C PHE D 695 48.69 -8.48 -12.42
N ILE D 696 49.29 -7.84 -11.41
CA ILE D 696 48.66 -7.74 -10.10
C ILE D 696 47.35 -6.98 -10.19
N ILE D 697 47.34 -5.85 -10.90
CA ILE D 697 46.13 -5.05 -11.02
C ILE D 697 45.02 -5.84 -11.71
N LEU D 698 45.35 -6.51 -12.82
CA LEU D 698 44.33 -7.24 -13.56
C LEU D 698 43.82 -8.44 -12.77
N LEU D 699 44.70 -9.13 -12.05
CA LEU D 699 44.25 -10.25 -11.23
C LEU D 699 43.38 -9.79 -10.08
N VAL D 700 43.68 -8.62 -9.49
CA VAL D 700 42.84 -8.09 -8.43
C VAL D 700 41.46 -7.74 -8.98
N THR D 701 41.42 -7.07 -10.14
CA THR D 701 40.14 -6.76 -10.77
C THR D 701 39.39 -8.03 -11.15
N TYR D 702 40.13 -9.10 -11.47
CA TYR D 702 39.51 -10.39 -11.73
C TYR D 702 38.71 -10.88 -10.53
N ILE D 703 39.32 -10.86 -9.34
CA ILE D 703 38.63 -11.32 -8.14
C ILE D 703 37.48 -10.37 -7.80
N ILE D 704 37.68 -9.07 -7.99
CA ILE D 704 36.61 -8.11 -7.74
C ILE D 704 35.42 -8.41 -8.64
N LEU D 705 35.68 -8.69 -9.92
CA LEU D 705 34.60 -8.96 -10.86
C LEU D 705 33.90 -10.29 -10.54
N THR D 706 34.67 -11.27 -10.07
CA THR D 706 34.06 -12.52 -9.65
C THR D 706 33.09 -12.30 -8.48
N PHE D 707 33.53 -11.51 -7.49
CA PHE D 707 32.67 -11.18 -6.36
C PHE D 707 31.45 -10.40 -6.82
N VAL D 708 31.64 -9.48 -7.77
CA VAL D 708 30.53 -8.69 -8.29
C VAL D 708 29.53 -9.58 -9.02
N LEU D 709 30.02 -10.58 -9.74
CA LEU D 709 29.12 -11.52 -10.43
C LEU D 709 28.32 -12.35 -9.43
N LEU D 710 28.98 -12.82 -8.37
CA LEU D 710 28.24 -13.51 -7.32
C LEU D 710 27.16 -12.61 -6.72
N LEU D 711 27.51 -11.35 -6.46
CA LEU D 711 26.52 -10.40 -5.96
C LEU D 711 25.43 -10.15 -6.99
N ASN D 712 25.76 -10.26 -8.28
CA ASN D 712 24.78 -10.06 -9.33
C ASN D 712 23.73 -11.17 -9.29
N MET D 713 24.16 -12.41 -9.04
CA MET D 713 23.18 -13.44 -8.69
C MET D 713 22.40 -13.07 -7.44
N LEU D 714 23.11 -12.69 -6.37
CA LEU D 714 22.46 -12.59 -5.06
C LEU D 714 21.39 -11.52 -5.02
N ILE D 715 21.63 -10.39 -5.70
CA ILE D 715 20.68 -9.27 -5.65
C ILE D 715 19.34 -9.69 -6.23
N ALA D 716 19.34 -10.35 -7.38
CA ALA D 716 18.10 -10.81 -7.98
C ALA D 716 17.54 -12.02 -7.24
N LEU D 717 18.41 -12.80 -6.59
CA LEU D 717 17.95 -13.99 -5.89
C LEU D 717 17.15 -13.62 -4.65
N MET D 718 17.68 -12.71 -3.83
CA MET D 718 17.05 -12.42 -2.55
C MET D 718 15.82 -11.55 -2.70
N GLY D 719 15.89 -10.52 -3.54
CA GLY D 719 14.81 -9.55 -3.62
C GLY D 719 13.78 -9.77 -4.72
N GLU D 720 14.23 -9.87 -5.97
CA GLU D 720 13.31 -9.98 -7.09
C GLU D 720 12.67 -11.37 -7.18
N THR D 721 13.48 -12.41 -6.95
CA THR D 721 12.94 -13.76 -6.98
C THR D 721 11.87 -13.95 -5.92
N VAL D 722 12.10 -13.42 -4.72
CA VAL D 722 11.06 -13.47 -3.68
C VAL D 722 9.86 -12.62 -4.06
N GLY D 723 10.10 -11.49 -4.74
CA GLY D 723 8.98 -10.69 -5.22
C GLY D 723 8.08 -11.48 -6.15
N GLN D 724 8.67 -12.32 -7.01
CA GLN D 724 7.86 -13.23 -7.81
C GLN D 724 7.27 -14.35 -6.96
N VAL D 725 7.99 -14.80 -5.93
CA VAL D 725 7.51 -15.88 -5.08
C VAL D 725 6.23 -15.47 -4.37
N SER D 726 6.06 -14.17 -4.09
CA SER D 726 4.91 -13.71 -3.33
C SER D 726 3.60 -14.16 -3.95
N LYS D 727 3.44 -14.00 -5.27
CA LYS D 727 2.20 -14.34 -5.95
C LYS D 727 2.38 -15.36 -7.07
N GLU D 728 3.38 -15.18 -7.94
CA GLU D 728 3.54 -16.09 -9.07
C GLU D 728 3.88 -17.49 -8.60
N SER D 729 4.61 -17.63 -7.48
CA SER D 729 4.91 -18.95 -6.97
C SER D 729 3.66 -19.66 -6.46
N LYS D 730 2.76 -18.92 -5.80
CA LYS D 730 1.49 -19.51 -5.40
C LYS D 730 0.68 -19.95 -6.62
N HIS D 731 0.64 -19.11 -7.66
CA HIS D 731 -0.09 -19.47 -8.87
C HIS D 731 0.51 -20.70 -9.54
N ILE D 732 1.85 -20.77 -9.61
CA ILE D 732 2.49 -21.90 -10.28
C ILE D 732 2.35 -23.16 -9.43
N TRP D 733 2.29 -23.02 -8.11
CA TRP D 733 1.95 -24.16 -7.27
C TRP D 733 0.56 -24.68 -7.62
N LYS D 734 -0.41 -23.76 -7.74
CA LYS D 734 -1.77 -24.20 -8.04
C LYS D 734 -1.83 -24.92 -9.38
N LEU D 735 -1.15 -24.36 -10.39
CA LEU D 735 -1.10 -25.03 -11.70
C LEU D 735 -0.38 -26.37 -11.62
N GLN D 736 0.73 -26.42 -10.86
CA GLN D 736 1.52 -27.64 -10.76
C GLN D 736 0.74 -28.75 -10.07
N TRP D 737 -0.07 -28.40 -9.08
CA TRP D 737 -0.88 -29.40 -8.37
C TRP D 737 -2.06 -29.84 -9.23
N ALA D 738 -2.72 -28.88 -9.90
CA ALA D 738 -3.85 -29.22 -10.75
C ALA D 738 -3.43 -30.10 -11.92
N THR D 739 -2.28 -29.82 -12.53
CA THR D 739 -1.84 -30.64 -13.66
C THR D 739 -1.46 -32.04 -13.23
N THR D 740 -0.89 -32.22 -12.03
CA THR D 740 -0.65 -33.57 -11.53
C THR D 740 -1.96 -34.31 -11.29
N ILE D 741 -2.95 -33.62 -10.71
CA ILE D 741 -4.25 -34.27 -10.52
C ILE D 741 -4.83 -34.71 -11.86
N LEU D 742 -4.77 -33.83 -12.86
CA LEU D 742 -5.37 -34.16 -14.15
C LEU D 742 -4.61 -35.27 -14.86
N ASP D 743 -3.28 -35.27 -14.77
CA ASP D 743 -2.50 -36.35 -15.37
C ASP D 743 -2.78 -37.68 -14.70
N ILE D 744 -2.88 -37.67 -13.37
CA ILE D 744 -3.22 -38.90 -12.64
C ILE D 744 -4.60 -39.40 -13.07
N GLU D 745 -5.55 -38.50 -13.23
CA GLU D 745 -6.87 -38.89 -13.72
C GLU D 745 -6.78 -39.47 -15.13
N ARG D 746 -6.02 -38.82 -16.01
CA ARG D 746 -5.93 -39.24 -17.40
C ARG D 746 -5.29 -40.62 -17.55
N SER D 747 -4.28 -40.94 -16.74
CA SER D 747 -3.63 -42.23 -16.87
C SER D 747 -4.57 -43.39 -16.54
N PHE D 748 -5.60 -43.14 -15.74
CA PHE D 748 -6.57 -44.18 -15.43
C PHE D 748 -7.43 -44.50 -16.66
N PRO D 749 -7.94 -45.72 -16.76
CA PRO D 749 -8.86 -46.06 -17.85
C PRO D 749 -10.20 -45.37 -17.67
N VAL D 750 -11.03 -45.50 -18.71
CA VAL D 750 -12.31 -44.77 -18.72
C VAL D 750 -13.23 -45.25 -17.62
N PHE D 751 -13.36 -46.57 -17.44
CA PHE D 751 -14.31 -47.09 -16.47
C PHE D 751 -13.85 -46.79 -15.05
N LEU D 752 -12.55 -46.81 -14.79
CA LEU D 752 -12.06 -46.48 -13.46
C LEU D 752 -12.35 -45.02 -13.12
N ARG D 753 -12.16 -44.12 -14.10
CA ARG D 753 -12.52 -42.73 -13.89
C ARG D 753 -14.02 -42.59 -13.67
N LYS D 754 -14.82 -43.38 -14.38
CA LYS D 754 -16.27 -43.36 -14.17
C LYS D 754 -16.62 -43.78 -12.76
N ALA D 755 -15.93 -44.78 -12.23
CA ALA D 755 -16.15 -45.18 -10.83
C ALA D 755 -15.74 -44.07 -9.88
N PHE D 756 -14.61 -43.42 -10.13
CA PHE D 756 -14.14 -42.31 -9.30
C PHE D 756 -14.62 -40.98 -9.86
N ARG D 757 -15.91 -40.84 -10.06
CA ARG D 757 -16.50 -39.66 -10.68
C ARG D 757 -17.03 -38.74 -9.60
N SER D 758 -16.54 -37.50 -9.60
CA SER D 758 -16.97 -36.53 -8.60
C SER D 758 -18.39 -36.05 -8.89
N GLY D 759 -19.07 -35.60 -7.84
CA GLY D 759 -20.42 -35.10 -7.96
C GLY D 759 -21.46 -36.20 -7.78
N GLU D 760 -22.68 -35.76 -7.47
CA GLU D 760 -23.78 -36.67 -7.24
C GLU D 760 -24.45 -37.02 -8.58
N MET D 761 -25.60 -37.69 -8.51
CA MET D 761 -26.35 -38.09 -9.68
C MET D 761 -27.75 -37.49 -9.59
N VAL D 762 -27.81 -36.20 -9.24
CA VAL D 762 -29.07 -35.56 -8.89
C VAL D 762 -29.92 -35.35 -10.14
N THR D 763 -31.20 -35.72 -10.05
CA THR D 763 -32.17 -35.37 -11.07
C THR D 763 -32.71 -33.98 -10.79
N VAL D 764 -32.97 -33.22 -11.85
CA VAL D 764 -33.34 -31.81 -11.70
C VAL D 764 -34.85 -31.62 -11.81
N GLY D 765 -35.45 -32.11 -12.88
CA GLY D 765 -36.87 -31.92 -13.08
C GLY D 765 -37.33 -32.56 -14.37
N LYS D 766 -38.55 -32.23 -14.75
CA LYS D 766 -39.13 -32.78 -15.98
C LYS D 766 -38.56 -32.05 -17.19
N SER D 767 -38.28 -32.81 -18.25
CA SER D 767 -37.79 -32.25 -19.49
C SER D 767 -38.97 -31.73 -20.30
N SER D 768 -38.73 -31.42 -21.59
CA SER D 768 -39.81 -30.99 -22.46
C SER D 768 -40.87 -32.07 -22.61
N ASP D 769 -40.44 -33.33 -22.69
CA ASP D 769 -41.35 -34.45 -22.77
C ASP D 769 -41.73 -35.02 -21.41
N GLY D 770 -41.30 -34.37 -20.33
CA GLY D 770 -41.60 -34.81 -18.98
C GLY D 770 -40.59 -35.77 -18.38
N THR D 771 -39.60 -36.20 -19.14
CA THR D 771 -38.59 -37.10 -18.61
C THR D 771 -37.69 -36.34 -17.62
N PRO D 772 -37.15 -37.04 -16.61
CA PRO D 772 -36.22 -36.40 -15.68
C PRO D 772 -34.92 -36.02 -16.38
N ASP D 773 -34.30 -34.95 -15.88
CA ASP D 773 -33.03 -34.50 -16.42
C ASP D 773 -31.93 -35.55 -16.20
N ARG D 774 -31.76 -35.98 -14.95
CA ARG D 774 -30.74 -36.95 -14.57
C ARG D 774 -29.35 -36.50 -15.03
N ARG D 775 -28.92 -35.41 -14.42
CA ARG D 775 -27.69 -34.71 -14.79
C ARG D 775 -26.69 -34.76 -13.65
N TRP D 776 -25.44 -35.07 -13.97
CA TRP D 776 -24.41 -35.22 -12.96
C TRP D 776 -23.99 -33.87 -12.40
N CYS D 777 -24.68 -33.42 -11.36
CA CYS D 777 -24.43 -32.12 -10.76
C CYS D 777 -23.35 -32.23 -9.68
N PHE D 778 -23.09 -31.11 -8.99
CA PHE D 778 -22.08 -31.06 -7.94
C PHE D 778 -22.54 -30.06 -6.90
N ARG D 779 -22.74 -30.54 -5.67
CA ARG D 779 -23.32 -29.72 -4.61
C ARG D 779 -22.24 -29.06 -3.78
N VAL D 780 -22.37 -27.75 -3.60
CA VAL D 780 -21.51 -26.98 -2.69
C VAL D 780 -22.41 -26.21 -1.73
N ASP D 781 -22.04 -26.23 -0.46
CA ASP D 781 -22.86 -25.62 0.59
C ASP D 781 -22.25 -24.29 1.03
N GLU D 782 -23.11 -23.32 1.27
CA GLU D 782 -22.70 -22.00 1.74
C GLU D 782 -23.59 -21.58 2.91
N VAL D 783 -23.13 -20.58 3.64
CA VAL D 783 -23.85 -20.02 4.77
C VAL D 783 -23.99 -18.52 4.54
N ASN D 784 -25.24 -18.05 4.46
CA ASN D 784 -25.52 -16.65 4.19
C ASN D 784 -26.57 -16.16 5.18
N TRP D 785 -26.19 -15.20 6.02
CA TRP D 785 -27.11 -14.62 7.00
C TRP D 785 -27.77 -13.34 6.50
N SER D 786 -27.48 -12.90 5.28
CA SER D 786 -27.94 -11.60 4.81
C SER D 786 -29.36 -11.68 4.24
N HIS D 787 -29.56 -12.48 3.21
CA HIS D 787 -30.86 -12.55 2.55
C HIS D 787 -31.75 -13.57 3.22
N TRP D 788 -33.03 -13.23 3.36
CA TRP D 788 -33.99 -14.10 4.03
C TRP D 788 -35.14 -14.47 3.10
N MET E 1 2.43 41.28 -42.17
CA MET E 1 2.18 40.41 -41.02
C MET E 1 2.15 41.21 -39.73
N ALA E 2 2.91 40.75 -38.73
CA ALA E 2 2.98 41.40 -37.43
C ALA E 2 4.18 42.34 -37.41
N ALA E 3 3.93 43.61 -37.13
CA ALA E 3 4.99 44.60 -37.11
C ALA E 3 5.96 44.34 -35.96
N ILE E 4 7.25 44.50 -36.23
CA ILE E 4 8.30 44.30 -35.23
C ILE E 4 8.64 45.66 -34.62
N ARG E 5 8.83 45.68 -33.30
CA ARG E 5 9.14 46.90 -32.58
C ARG E 5 10.65 47.04 -32.43
N LYS E 6 11.17 48.19 -32.82
CA LYS E 6 12.61 48.46 -32.76
C LYS E 6 12.83 49.80 -32.07
N LYS E 7 13.84 49.84 -31.21
CA LYS E 7 14.05 50.96 -30.29
C LYS E 7 15.12 51.90 -30.84
N LEU E 8 14.76 53.17 -31.00
CA LEU E 8 15.70 54.21 -31.40
C LEU E 8 15.80 55.24 -30.28
N VAL E 9 17.04 55.60 -29.93
CA VAL E 9 17.30 56.67 -28.97
C VAL E 9 18.13 57.73 -29.65
N ILE E 10 17.71 58.98 -29.52
CA ILE E 10 18.36 60.11 -30.17
C ILE E 10 19.18 60.87 -29.13
N VAL E 11 20.47 61.02 -29.38
CA VAL E 11 21.39 61.70 -28.48
C VAL E 11 22.06 62.83 -29.25
N GLY E 12 22.14 63.99 -28.62
CA GLY E 12 22.77 65.15 -29.23
C GLY E 12 22.85 66.30 -28.25
N ASP E 13 23.61 67.31 -28.65
CA ASP E 13 23.82 68.48 -27.80
C ASP E 13 22.53 69.29 -27.68
N GLY E 14 22.48 70.11 -26.64
CA GLY E 14 21.31 70.95 -26.42
C GLY E 14 21.16 72.03 -27.47
N ALA E 15 19.91 72.46 -27.65
CA ALA E 15 19.54 73.50 -28.61
C ALA E 15 19.95 73.13 -30.04
N CYS E 16 19.93 71.84 -30.35
CA CYS E 16 20.26 71.38 -31.69
C CYS E 16 19.03 71.10 -32.55
N GLY E 17 17.87 70.96 -31.94
CA GLY E 17 16.65 70.68 -32.67
C GLY E 17 16.30 69.23 -32.84
N LYS E 18 16.82 68.35 -31.98
CA LYS E 18 16.49 66.93 -32.08
C LYS E 18 14.99 66.72 -31.85
N THR E 19 14.45 67.30 -30.78
CA THR E 19 13.03 67.16 -30.50
C THR E 19 12.19 67.72 -31.64
N CYS E 20 12.66 68.80 -32.27
CA CYS E 20 11.98 69.31 -33.45
C CYS E 20 11.97 68.28 -34.57
N LEU E 21 13.09 67.59 -34.77
CA LEU E 21 13.15 66.56 -35.81
C LEU E 21 12.16 65.44 -35.52
N LEU E 22 12.12 64.95 -34.28
CA LEU E 22 11.18 63.90 -33.94
C LEU E 22 9.73 64.36 -34.11
N ILE E 23 9.41 65.58 -33.68
CA ILE E 23 8.03 66.03 -33.75
C ILE E 23 7.61 66.27 -35.20
N VAL E 24 8.53 66.73 -36.04
CA VAL E 24 8.15 66.96 -37.44
C VAL E 24 8.07 65.65 -38.19
N PHE E 25 8.79 64.61 -37.76
CA PHE E 25 8.52 63.29 -38.31
C PHE E 25 7.20 62.74 -37.80
N SER E 26 6.82 63.08 -36.56
CA SER E 26 5.59 62.57 -35.98
C SER E 26 4.36 63.14 -36.68
N LYS E 27 4.21 64.47 -36.64
CA LYS E 27 3.00 65.11 -37.14
C LYS E 27 3.14 65.67 -38.54
N ASP E 28 4.29 65.47 -39.19
CA ASP E 28 4.53 65.96 -40.55
C ASP E 28 4.37 67.47 -40.66
N GLN E 29 4.61 68.18 -39.55
CA GLN E 29 4.47 69.64 -39.52
C GLN E 29 5.38 70.19 -38.43
N PHE E 30 6.18 71.19 -38.76
CA PHE E 30 7.07 71.80 -37.79
C PHE E 30 6.29 72.73 -36.87
N PRO E 31 6.30 72.51 -35.55
CA PRO E 31 5.63 73.44 -34.63
C PRO E 31 6.51 74.64 -34.34
N GLU E 32 6.09 75.80 -34.83
CA GLU E 32 6.83 77.04 -34.66
C GLU E 32 6.39 77.85 -33.45
N VAL E 33 5.40 77.36 -32.69
CA VAL E 33 4.88 78.08 -31.54
C VAL E 33 5.32 77.44 -30.23
N TYR E 34 5.44 76.11 -30.19
CA TYR E 34 5.86 75.41 -28.99
C TYR E 34 6.77 74.25 -29.38
N VAL E 35 7.88 74.12 -28.67
CA VAL E 35 8.82 73.02 -28.89
C VAL E 35 9.15 72.40 -27.53
N PRO E 36 8.64 71.20 -27.23
CA PRO E 36 8.99 70.54 -25.97
C PRO E 36 10.48 70.23 -25.91
N THR E 37 11.01 70.16 -24.69
CA THR E 37 12.43 69.85 -24.51
C THR E 37 12.77 68.46 -25.01
N VAL E 38 11.89 67.48 -24.79
CA VAL E 38 12.10 66.11 -25.22
C VAL E 38 10.79 65.56 -25.77
N PHE E 39 10.89 64.71 -26.79
CA PHE E 39 9.74 64.02 -27.37
C PHE E 39 9.86 62.54 -26.99
N GLU E 40 8.96 62.09 -26.13
CA GLU E 40 9.03 60.75 -25.56
C GLU E 40 7.68 60.05 -25.70
N ASN E 41 7.73 58.72 -25.54
CA ASN E 41 6.54 57.87 -25.59
C ASN E 41 5.84 58.00 -26.94
N TYR E 42 6.58 57.70 -28.01
CA TYR E 42 6.02 57.68 -29.35
C TYR E 42 6.50 56.44 -30.10
N VAL E 43 5.61 55.88 -30.91
CA VAL E 43 5.90 54.78 -31.81
C VAL E 43 5.45 55.17 -33.20
N ALA E 44 6.32 54.99 -34.19
CA ALA E 44 6.04 55.37 -35.57
C ALA E 44 5.97 54.12 -36.45
N ASP E 45 4.92 54.05 -37.26
CA ASP E 45 4.70 52.91 -38.15
C ASP E 45 5.34 53.20 -39.50
N ILE E 46 6.35 52.40 -39.87
CA ILE E 46 7.05 52.59 -41.13
C ILE E 46 7.24 51.25 -41.82
N GLU E 47 7.58 51.30 -43.10
CA GLU E 47 7.93 50.13 -43.89
C GLU E 47 9.18 50.43 -44.70
N VAL E 48 10.14 49.51 -44.68
CA VAL E 48 11.40 49.67 -45.40
C VAL E 48 11.47 48.76 -46.63
N ASP E 49 11.35 47.44 -46.43
CA ASP E 49 11.33 46.50 -47.54
C ASP E 49 10.48 45.29 -47.12
N GLY E 50 9.19 45.34 -47.48
CA GLY E 50 8.30 44.23 -47.18
C GLY E 50 8.11 43.93 -45.71
N LYS E 51 8.46 44.87 -44.83
CA LYS E 51 8.36 44.67 -43.39
C LYS E 51 7.69 45.88 -42.77
N GLN E 52 6.95 45.65 -41.69
CA GLN E 52 6.30 46.71 -40.93
C GLN E 52 7.01 46.85 -39.59
N VAL E 53 7.55 48.04 -39.33
CA VAL E 53 8.35 48.31 -38.15
C VAL E 53 7.71 49.42 -37.35
N GLU E 54 7.50 49.17 -36.06
CA GLU E 54 7.13 50.20 -35.10
C GLU E 54 8.40 50.70 -34.43
N LEU E 55 8.79 51.93 -34.77
CA LEU E 55 10.00 52.52 -34.22
C LEU E 55 9.63 53.27 -32.96
N ALA E 56 10.18 52.82 -31.82
CA ALA E 56 9.93 53.43 -30.53
C ALA E 56 10.98 54.51 -30.30
N LEU E 57 10.54 55.76 -30.25
CA LEU E 57 11.44 56.90 -30.21
C LEU E 57 11.64 57.38 -28.78
N TRP E 58 12.90 57.48 -28.35
CA TRP E 58 13.25 58.14 -27.11
C TRP E 58 14.22 59.29 -27.40
N ASP E 59 14.02 60.40 -26.69
CA ASP E 59 14.83 61.59 -26.83
C ASP E 59 15.45 61.94 -25.48
N THR E 60 16.67 62.48 -25.53
CA THR E 60 17.42 62.83 -24.32
C THR E 60 17.88 64.28 -24.39
N ALA E 61 18.20 64.82 -23.23
CA ALA E 61 18.69 66.19 -23.12
C ALA E 61 19.59 66.30 -21.90
N GLY E 62 20.19 67.47 -21.74
CA GLY E 62 21.07 67.73 -20.60
C GLY E 62 20.98 69.15 -20.07
N GLN E 63 19.87 69.84 -20.38
CA GLN E 63 19.75 71.25 -20.03
C GLN E 63 19.70 71.45 -18.52
N GLU E 64 18.84 70.72 -17.81
CA GLU E 64 18.93 70.62 -16.36
C GLU E 64 18.16 69.40 -15.90
N ASP E 65 18.73 68.68 -14.93
CA ASP E 65 18.14 67.53 -14.25
C ASP E 65 17.93 66.34 -15.19
N TYR E 66 18.24 66.48 -16.47
CA TYR E 66 18.17 65.37 -17.41
C TYR E 66 19.50 64.65 -17.57
N ASP E 67 20.61 65.25 -17.13
CA ASP E 67 21.92 64.62 -17.26
C ASP E 67 21.99 63.33 -16.45
N ARG E 68 21.43 63.35 -15.23
CA ARG E 68 21.42 62.15 -14.40
C ARG E 68 20.48 61.08 -14.92
N LEU E 69 19.43 61.47 -15.64
CA LEU E 69 18.50 60.51 -16.22
C LEU E 69 18.92 60.05 -17.61
N ARG E 70 19.96 60.64 -18.18
CA ARG E 70 20.46 60.17 -19.48
C ARG E 70 20.89 58.70 -19.46
N PRO E 71 21.62 58.19 -18.46
CA PRO E 71 21.99 56.77 -18.50
C PRO E 71 20.81 55.82 -18.43
N LEU E 72 19.65 56.27 -17.98
CA LEU E 72 18.51 55.37 -17.83
C LEU E 72 17.86 55.02 -19.17
N SER E 73 18.11 55.81 -20.21
CA SER E 73 17.54 55.55 -21.53
C SER E 73 18.47 54.73 -22.43
N TYR E 74 19.71 54.51 -22.02
CA TYR E 74 20.69 53.75 -22.79
C TYR E 74 20.48 52.23 -22.78
N PRO E 75 20.02 51.61 -21.68
CA PRO E 75 19.93 50.14 -21.67
C PRO E 75 19.02 49.60 -22.75
N ASP E 76 19.34 48.37 -23.19
CA ASP E 76 18.63 47.54 -24.17
C ASP E 76 17.99 48.36 -25.29
N THR E 77 18.75 49.27 -25.88
CA THR E 77 18.31 49.98 -27.06
C THR E 77 18.72 49.23 -28.32
N ASP E 78 18.02 49.50 -29.42
CA ASP E 78 18.27 48.80 -30.67
C ASP E 78 19.10 49.61 -31.65
N VAL E 79 19.05 50.94 -31.59
CA VAL E 79 19.81 51.79 -32.50
C VAL E 79 19.88 53.22 -31.93
N ILE E 80 21.01 53.89 -32.14
CA ILE E 80 21.24 55.22 -31.60
C ILE E 80 21.47 56.19 -32.75
N LEU E 81 20.77 57.32 -32.69
CA LEU E 81 20.96 58.43 -33.63
C LEU E 81 21.75 59.52 -32.93
N MET E 82 23.01 59.70 -33.33
CA MET E 82 23.88 60.73 -32.79
C MET E 82 23.81 61.94 -33.71
N CYS E 83 23.28 63.05 -33.18
CA CYS E 83 23.03 64.23 -34.00
C CYS E 83 23.95 65.37 -33.58
N PHE E 84 24.36 66.17 -34.56
CA PHE E 84 25.10 67.39 -34.31
C PHE E 84 24.58 68.49 -35.23
N SER E 85 25.01 69.72 -34.95
CA SER E 85 24.50 70.90 -35.64
C SER E 85 25.46 71.28 -36.76
N ILE E 86 24.94 71.35 -37.99
CA ILE E 86 25.74 71.79 -39.12
C ILE E 86 26.08 73.26 -38.99
N ASP E 87 25.12 74.07 -38.56
CA ASP E 87 25.32 75.51 -38.40
C ASP E 87 26.04 75.87 -37.10
N SER E 88 26.62 74.90 -36.41
CA SER E 88 27.35 75.16 -35.17
C SER E 88 28.58 74.27 -35.15
N PRO E 89 29.73 74.80 -35.54
CA PRO E 89 30.97 74.01 -35.49
C PRO E 89 31.32 73.51 -34.10
N ASP E 90 30.90 74.22 -33.05
CA ASP E 90 31.21 73.80 -31.70
C ASP E 90 30.63 72.43 -31.37
N SER E 91 29.66 71.96 -32.16
CA SER E 91 29.04 70.66 -31.94
C SER E 91 29.74 69.54 -32.68
N LEU E 92 30.86 69.80 -33.38
CA LEU E 92 31.51 68.68 -34.07
C LEU E 92 32.67 68.10 -33.27
N GLU E 93 33.43 68.93 -32.56
CA GLU E 93 34.59 68.42 -31.84
C GLU E 93 34.20 67.63 -30.60
N ASN E 94 33.01 67.84 -30.06
CA ASN E 94 32.55 67.09 -28.89
C ASN E 94 31.94 65.74 -29.26
N ILE E 95 31.82 65.43 -30.55
CA ILE E 95 31.32 64.12 -30.96
C ILE E 95 32.21 62.99 -30.46
N PRO E 96 33.54 63.02 -30.61
CA PRO E 96 34.37 61.95 -30.05
C PRO E 96 34.86 62.20 -28.63
N GLU E 97 34.55 63.35 -28.03
CA GLU E 97 35.11 63.66 -26.71
C GLU E 97 34.35 62.97 -25.60
N LYS E 98 33.07 63.28 -25.44
CA LYS E 98 32.33 62.78 -24.28
C LYS E 98 31.06 62.00 -24.64
N TRP E 99 30.39 62.31 -25.75
CA TRP E 99 29.25 61.50 -26.16
C TRP E 99 29.67 60.07 -26.49
N THR E 100 30.68 59.92 -27.34
CA THR E 100 31.09 58.60 -27.81
C THR E 100 31.52 57.67 -26.68
N PRO E 101 32.39 58.07 -25.74
CA PRO E 101 32.76 57.12 -24.68
C PRO E 101 31.59 56.61 -23.86
N GLU E 102 30.63 57.49 -23.50
CA GLU E 102 29.55 57.03 -22.65
C GLU E 102 28.52 56.22 -23.43
N VAL E 103 28.27 56.56 -24.70
CA VAL E 103 27.35 55.73 -25.48
C VAL E 103 27.98 54.36 -25.73
N LYS E 104 29.30 54.30 -25.90
CA LYS E 104 29.96 53.02 -26.10
C LYS E 104 29.94 52.20 -24.81
N HIS E 105 30.21 52.82 -23.67
CA HIS E 105 30.27 52.08 -22.41
C HIS E 105 28.89 51.62 -21.96
N PHE E 106 27.90 52.51 -22.01
CA PHE E 106 26.58 52.17 -21.48
C PHE E 106 25.89 51.14 -22.36
N CYS E 107 25.87 51.37 -23.67
CA CYS E 107 25.19 50.49 -24.63
C CYS E 107 26.15 50.14 -25.75
N PRO E 108 27.04 49.18 -25.52
CA PRO E 108 27.95 48.75 -26.59
C PRO E 108 27.25 47.84 -27.60
N ASN E 109 27.89 47.71 -28.76
CA ASN E 109 27.43 46.82 -29.82
C ASN E 109 26.01 47.16 -30.27
N VAL E 110 25.80 48.42 -30.63
CA VAL E 110 24.52 48.86 -31.18
C VAL E 110 24.82 49.71 -32.42
N PRO E 111 23.89 49.72 -33.38
CA PRO E 111 24.08 50.57 -34.57
C PRO E 111 24.12 52.05 -34.23
N ILE E 112 25.08 52.77 -34.84
CA ILE E 112 25.23 54.21 -34.71
C ILE E 112 24.88 54.83 -36.06
N ILE E 113 23.97 55.80 -36.04
CA ILE E 113 23.66 56.59 -37.23
C ILE E 113 23.93 58.05 -36.90
N LEU E 114 24.88 58.65 -37.60
CA LEU E 114 25.26 60.03 -37.36
C LEU E 114 24.48 60.94 -38.29
N VAL E 115 23.96 62.04 -37.76
CA VAL E 115 23.18 62.98 -38.55
C VAL E 115 23.57 64.41 -38.22
N GLY E 116 23.46 65.28 -39.22
CA GLY E 116 23.63 66.70 -39.02
C GLY E 116 22.33 67.45 -39.27
N ASN E 117 21.79 68.09 -38.25
CA ASN E 117 20.49 68.74 -38.36
C ASN E 117 20.63 70.18 -38.81
N LYS E 118 19.51 70.74 -39.28
CA LYS E 118 19.45 72.08 -39.84
C LYS E 118 20.42 72.23 -41.02
N LYS E 119 20.15 71.44 -42.06
CA LYS E 119 21.02 71.43 -43.23
C LYS E 119 20.93 72.73 -44.02
N ASP E 120 19.82 73.46 -43.90
CA ASP E 120 19.69 74.72 -44.62
C ASP E 120 20.48 75.83 -43.96
N LEU E 121 20.58 75.80 -42.63
CA LEU E 121 21.15 76.93 -41.89
C LEU E 121 22.62 77.16 -42.19
N ARG E 122 23.31 76.20 -42.81
CA ARG E 122 24.69 76.45 -43.21
C ARG E 122 24.78 77.52 -44.29
N ASN E 123 23.74 77.69 -45.09
CA ASN E 123 23.73 78.71 -46.14
C ASN E 123 23.11 80.02 -45.68
N ASP E 124 22.64 80.11 -44.43
CA ASP E 124 22.04 81.33 -43.94
C ASP E 124 23.10 82.42 -43.80
N GLU E 125 22.73 83.64 -44.23
CA GLU E 125 23.67 84.76 -44.18
C GLU E 125 24.03 85.11 -42.74
N HIS E 126 23.04 85.11 -41.84
CA HIS E 126 23.30 85.49 -40.46
C HIS E 126 24.26 84.52 -39.77
N THR E 127 24.03 83.21 -39.96
CA THR E 127 24.91 82.22 -39.35
C THR E 127 26.32 82.31 -39.92
N ARG E 128 26.44 82.50 -41.24
CA ARG E 128 27.75 82.63 -41.85
C ARG E 128 28.48 83.87 -41.32
N ARG E 129 27.78 84.99 -41.20
CA ARG E 129 28.39 86.20 -40.66
C ARG E 129 28.82 86.00 -39.21
N GLU E 130 27.99 85.36 -38.40
CA GLU E 130 28.35 85.11 -37.01
C GLU E 130 29.57 84.21 -36.91
N LEU E 131 29.64 83.18 -37.75
CA LEU E 131 30.78 82.28 -37.74
C LEU E 131 32.05 82.99 -38.20
N ALA E 132 31.96 83.82 -39.24
CA ALA E 132 33.12 84.53 -39.74
C ALA E 132 33.56 85.66 -38.80
N LYS E 133 32.66 86.11 -37.92
CA LYS E 133 33.06 87.12 -36.94
C LYS E 133 34.16 86.60 -36.03
N MET E 134 34.08 85.33 -35.63
CA MET E 134 35.09 84.69 -34.81
C MET E 134 35.97 83.72 -35.60
N LYS E 135 36.04 83.90 -36.92
CA LYS E 135 36.89 83.10 -37.80
C LYS E 135 36.52 81.61 -37.75
N GLN E 136 35.29 81.33 -38.14
CA GLN E 136 34.80 79.97 -38.26
C GLN E 136 33.94 79.84 -39.52
N GLU E 137 33.78 78.61 -39.98
CA GLU E 137 33.05 78.31 -41.20
C GLU E 137 32.02 77.22 -40.93
N PRO E 138 30.95 77.18 -41.71
CA PRO E 138 29.94 76.12 -41.53
C PRO E 138 30.53 74.74 -41.80
N VAL E 139 29.95 73.74 -41.13
CA VAL E 139 30.46 72.37 -41.22
C VAL E 139 30.36 71.89 -42.66
N LYS E 140 31.51 71.62 -43.27
CA LYS E 140 31.58 71.13 -44.64
C LYS E 140 31.23 69.65 -44.69
N PRO E 141 30.80 69.16 -45.86
CA PRO E 141 30.54 67.71 -45.98
C PRO E 141 31.77 66.85 -45.72
N GLU E 142 32.97 67.39 -45.97
CA GLU E 142 34.18 66.65 -45.64
C GLU E 142 34.29 66.41 -44.13
N GLU E 143 33.82 67.38 -43.34
CA GLU E 143 33.79 67.17 -41.89
C GLU E 143 32.86 66.02 -41.52
N GLY E 144 31.70 65.93 -42.20
CA GLY E 144 30.82 64.80 -41.96
C GLY E 144 31.42 63.48 -42.38
N ARG E 145 32.14 63.47 -43.51
CA ARG E 145 32.86 62.27 -43.93
C ARG E 145 33.88 61.85 -42.87
N ASP E 146 34.63 62.81 -42.33
CA ASP E 146 35.60 62.51 -41.29
C ASP E 146 34.91 62.00 -40.03
N MET E 147 33.77 62.59 -39.68
CA MET E 147 33.02 62.14 -38.51
C MET E 147 32.56 60.70 -38.68
N ALA E 148 32.05 60.36 -39.86
CA ALA E 148 31.66 58.98 -40.12
C ALA E 148 32.86 58.05 -40.09
N ASN E 149 34.01 58.53 -40.58
CA ASN E 149 35.18 57.67 -40.70
C ASN E 149 35.80 57.36 -39.33
N ARG E 150 35.97 58.37 -38.47
CA ARG E 150 36.74 58.14 -37.25
C ARG E 150 35.95 57.37 -36.20
N ILE E 151 34.62 57.51 -36.15
CA ILE E 151 33.82 56.79 -35.17
C ILE E 151 33.26 55.50 -35.73
N GLY E 152 33.54 55.18 -36.99
CA GLY E 152 32.96 54.00 -37.61
C GLY E 152 31.46 54.07 -37.71
N ALA E 153 30.92 55.24 -38.02
CA ALA E 153 29.48 55.41 -38.12
C ALA E 153 28.93 54.58 -39.26
N PHE E 154 27.78 53.93 -39.02
CA PHE E 154 27.15 53.12 -40.06
C PHE E 154 26.69 53.99 -41.23
N GLY E 155 26.16 55.17 -40.93
CA GLY E 155 25.75 56.10 -41.97
C GLY E 155 25.58 57.52 -41.49
N TYR E 156 25.97 58.49 -42.32
CA TYR E 156 25.84 59.89 -41.99
C TYR E 156 25.16 60.65 -43.12
N MET E 157 24.32 61.61 -42.75
CA MET E 157 23.66 62.47 -43.73
C MET E 157 23.16 63.72 -43.00
N GLU E 158 22.56 64.63 -43.77
CA GLU E 158 22.11 65.92 -43.27
C GLU E 158 20.60 66.03 -43.42
N CYS E 159 19.94 66.49 -42.37
CA CYS E 159 18.50 66.69 -42.36
C CYS E 159 18.17 68.12 -41.93
N SER E 160 17.02 68.62 -42.38
CA SER E 160 16.59 69.97 -42.03
C SER E 160 15.08 69.91 -41.77
N ALA E 161 14.70 70.00 -40.50
CA ALA E 161 13.29 69.96 -40.15
C ALA E 161 12.52 71.17 -40.66
N LYS E 162 13.22 72.26 -41.01
CA LYS E 162 12.55 73.43 -41.54
C LYS E 162 11.90 73.14 -42.89
N THR E 163 12.60 72.39 -43.75
CA THR E 163 12.08 72.06 -45.08
C THR E 163 11.72 70.60 -45.25
N LYS E 164 11.95 69.75 -44.24
CA LYS E 164 11.54 68.35 -44.26
C LYS E 164 12.16 67.59 -45.44
N ASP E 165 13.49 67.50 -45.42
CA ASP E 165 14.23 66.82 -46.48
C ASP E 165 14.96 65.62 -45.89
N GLY E 166 14.65 64.43 -46.39
CA GLY E 166 15.39 63.23 -46.06
C GLY E 166 15.12 62.66 -44.68
N VAL E 167 14.15 63.19 -43.93
CA VAL E 167 13.87 62.66 -42.60
C VAL E 167 13.35 61.23 -42.69
N ARG E 168 12.42 60.97 -43.62
CA ARG E 168 11.93 59.62 -43.82
C ARG E 168 13.05 58.70 -44.29
N GLU E 169 13.89 59.19 -45.20
CA GLU E 169 15.05 58.41 -45.63
C GLU E 169 16.00 58.14 -44.47
N VAL E 170 16.22 59.14 -43.62
CA VAL E 170 17.12 58.97 -42.48
C VAL E 170 16.61 57.90 -41.53
N PHE E 171 15.31 57.96 -41.20
CA PHE E 171 14.76 56.96 -40.30
C PHE E 171 14.71 55.57 -40.94
N GLU E 172 14.42 55.49 -42.24
CA GLU E 172 14.47 54.20 -42.91
C GLU E 172 15.87 53.62 -42.87
N MET E 173 16.89 54.45 -43.07
CA MET E 173 18.27 53.99 -43.05
C MET E 173 18.66 53.52 -41.65
N ALA E 174 18.23 54.27 -40.63
CA ALA E 174 18.52 53.91 -39.24
C ALA E 174 17.85 52.59 -38.86
N THR E 175 16.59 52.42 -39.26
CA THR E 175 15.92 51.15 -38.97
C THR E 175 16.53 50.00 -39.76
N ARG E 176 17.02 50.26 -40.97
CA ARG E 176 17.76 49.24 -41.69
C ARG E 176 19.03 48.85 -40.95
N ALA E 177 19.69 49.83 -40.33
CA ALA E 177 20.80 49.52 -39.44
C ALA E 177 20.34 48.65 -38.26
N ALA E 178 19.17 48.98 -37.71
CA ALA E 178 18.67 48.24 -36.56
C ALA E 178 18.21 46.83 -36.94
N LEU E 179 18.03 46.58 -38.24
CA LEU E 179 17.48 45.30 -38.67
C LEU E 179 18.39 44.13 -38.31
N GLN E 180 19.69 44.24 -38.61
CA GLN E 180 20.61 43.13 -38.34
C GLN E 180 20.94 43.11 -36.85
N ALA E 181 20.78 41.93 -36.23
CA ALA E 181 21.09 41.75 -34.82
C ALA E 181 22.55 41.34 -34.68
N ARG E 182 23.42 42.36 -34.68
CA ARG E 182 24.87 42.22 -34.59
C ARG E 182 25.41 41.04 -35.40
N MET F 1 -1.16 46.42 36.62
CA MET F 1 -1.37 45.28 35.74
C MET F 1 -2.26 44.23 36.38
N ALA F 2 -1.80 42.98 36.40
CA ALA F 2 -2.55 41.88 36.99
C ALA F 2 -2.04 41.64 38.41
N ALA F 3 -2.94 41.70 39.38
CA ALA F 3 -2.56 41.51 40.77
C ALA F 3 -2.09 40.08 41.02
N ILE F 4 -1.05 39.93 41.83
CA ILE F 4 -0.51 38.63 42.18
C ILE F 4 -1.11 38.20 43.52
N ARG F 5 -1.42 36.92 43.65
CA ARG F 5 -2.06 36.39 44.86
C ARG F 5 -1.00 35.80 45.79
N LYS F 6 -1.04 36.21 47.05
CA LYS F 6 -0.13 35.70 48.06
C LYS F 6 -0.92 35.23 49.27
N LYS F 7 -0.53 34.09 49.82
CA LYS F 7 -1.26 33.44 50.90
C LYS F 7 -0.61 33.77 52.23
N LEU F 8 -1.34 34.43 53.12
CA LEU F 8 -0.88 34.73 54.47
C LEU F 8 -1.71 33.93 55.47
N VAL F 9 -1.02 33.22 56.36
CA VAL F 9 -1.67 32.48 57.43
C VAL F 9 -1.19 33.03 58.76
N ILE F 10 -2.13 33.27 59.67
CA ILE F 10 -1.84 33.89 60.96
C ILE F 10 -1.93 32.81 62.04
N VAL F 11 -0.85 32.63 62.79
CA VAL F 11 -0.78 31.64 63.86
C VAL F 11 -0.48 32.33 65.17
N GLY F 12 -1.28 32.03 66.18
CA GLY F 12 -1.09 32.61 67.50
C GLY F 12 -1.89 31.84 68.52
N ASP F 13 -1.59 32.09 69.79
CA ASP F 13 -2.26 31.41 70.87
C ASP F 13 -3.70 31.91 71.03
N GLY F 14 -4.44 31.27 71.93
CA GLY F 14 -5.83 31.62 72.12
C GLY F 14 -6.00 32.99 72.76
N ALA F 15 -7.11 33.64 72.42
CA ALA F 15 -7.50 34.93 72.99
C ALA F 15 -6.44 36.00 72.75
N CYS F 16 -5.72 35.92 71.65
CA CYS F 16 -4.74 36.95 71.29
C CYS F 16 -5.32 38.01 70.36
N GLY F 17 -6.54 37.84 69.88
CA GLY F 17 -7.14 38.83 69.02
C GLY F 17 -6.65 38.83 67.59
N LYS F 18 -6.11 37.71 67.10
CA LYS F 18 -5.68 37.63 65.72
C LYS F 18 -6.86 37.82 64.77
N THR F 19 -7.99 37.18 65.06
CA THR F 19 -9.18 37.38 64.26
C THR F 19 -9.66 38.82 64.34
N CYS F 20 -9.55 39.44 65.51
CA CYS F 20 -9.88 40.85 65.65
C CYS F 20 -9.00 41.70 64.75
N LEU F 21 -7.71 41.39 64.69
CA LEU F 21 -6.81 42.09 63.79
C LEU F 21 -7.23 41.91 62.34
N LEU F 22 -7.62 40.68 61.97
CA LEU F 22 -8.06 40.44 60.60
C LEU F 22 -9.29 41.28 60.25
N ILE F 23 -10.28 41.32 61.14
CA ILE F 23 -11.47 42.11 60.87
C ILE F 23 -11.14 43.59 60.80
N VAL F 24 -10.29 44.07 61.70
CA VAL F 24 -10.02 45.50 61.73
C VAL F 24 -9.19 45.92 60.51
N PHE F 25 -8.41 45.00 59.95
CA PHE F 25 -7.76 45.33 58.68
C PHE F 25 -8.72 45.19 57.51
N SER F 26 -9.70 44.30 57.61
CA SER F 26 -10.64 44.08 56.51
C SER F 26 -11.61 45.25 56.37
N LYS F 27 -12.42 45.49 57.38
CA LYS F 27 -13.48 46.49 57.32
C LYS F 27 -13.10 47.81 57.96
N ASP F 28 -11.87 47.95 58.45
CA ASP F 28 -11.39 49.19 59.07
C ASP F 28 -12.25 49.59 60.27
N GLN F 29 -12.84 48.60 60.95
CA GLN F 29 -13.70 48.85 62.10
C GLN F 29 -13.59 47.66 63.04
N PHE F 30 -13.26 47.93 64.30
CA PHE F 30 -13.15 46.85 65.28
C PHE F 30 -14.54 46.36 65.68
N PRO F 31 -14.84 45.08 65.54
CA PRO F 31 -16.14 44.55 65.99
C PRO F 31 -16.14 44.33 67.50
N GLU F 32 -16.87 45.17 68.21
CA GLU F 32 -16.95 45.11 69.66
C GLU F 32 -18.16 44.33 70.17
N VAL F 33 -18.98 43.79 69.28
CA VAL F 33 -20.19 43.08 69.66
C VAL F 33 -20.09 41.59 69.34
N TYR F 34 -19.45 41.24 68.22
CA TYR F 34 -19.29 39.85 67.80
C TYR F 34 -17.93 39.67 67.19
N VAL F 35 -17.14 38.74 67.73
CA VAL F 35 -15.83 38.39 67.22
C VAL F 35 -15.85 36.91 66.84
N PRO F 36 -15.99 36.58 65.56
CA PRO F 36 -15.86 35.18 65.14
C PRO F 36 -14.52 34.61 65.57
N THR F 37 -14.53 33.31 65.86
CA THR F 37 -13.31 32.66 66.33
C THR F 37 -12.24 32.61 65.24
N VAL F 38 -12.65 32.49 63.98
CA VAL F 38 -11.73 32.43 62.85
C VAL F 38 -12.30 33.26 61.70
N PHE F 39 -11.42 33.97 61.01
CA PHE F 39 -11.77 34.71 59.81
C PHE F 39 -11.15 33.97 58.61
N GLU F 40 -12.00 33.54 57.69
CA GLU F 40 -11.56 32.66 56.61
C GLU F 40 -12.15 33.11 55.29
N ASN F 41 -11.48 32.72 54.21
CA ASN F 41 -11.91 32.99 52.84
C ASN F 41 -12.07 34.49 52.60
N TYR F 42 -10.98 35.23 52.81
CA TYR F 42 -10.96 36.65 52.53
C TYR F 42 -9.72 36.99 51.71
N VAL F 43 -9.88 37.90 50.75
CA VAL F 43 -8.79 38.41 49.94
C VAL F 43 -8.81 39.94 50.03
N ALA F 44 -7.64 40.52 50.28
CA ALA F 44 -7.50 41.96 50.46
C ALA F 44 -6.53 42.53 49.44
N ASP F 45 -6.89 43.67 48.87
CA ASP F 45 -6.06 44.33 47.87
C ASP F 45 -5.07 45.25 48.58
N ILE F 46 -3.78 45.06 48.30
CA ILE F 46 -2.72 45.86 48.92
C ILE F 46 -1.74 46.28 47.84
N GLU F 47 -1.09 47.43 48.06
CA GLU F 47 -0.05 47.93 47.17
C GLU F 47 1.15 48.33 48.01
N VAL F 48 2.34 47.89 47.61
CA VAL F 48 3.57 48.19 48.32
C VAL F 48 4.46 49.16 47.53
N ASP F 49 4.89 48.77 46.33
CA ASP F 49 5.66 49.65 45.45
C ASP F 49 5.35 49.25 44.01
N GLY F 50 4.37 49.94 43.41
CA GLY F 50 4.03 49.69 42.02
C GLY F 50 3.50 48.30 41.73
N LYS F 51 3.02 47.58 42.75
CA LYS F 51 2.47 46.25 42.56
C LYS F 51 1.13 46.14 43.26
N GLN F 52 0.26 45.30 42.71
CA GLN F 52 -1.05 45.01 43.29
C GLN F 52 -1.06 43.55 43.74
N VAL F 53 -1.30 43.33 45.04
CA VAL F 53 -1.26 41.99 45.61
C VAL F 53 -2.61 41.71 46.26
N GLU F 54 -3.21 40.58 45.90
CA GLU F 54 -4.37 40.06 46.60
C GLU F 54 -3.87 39.09 47.66
N LEU F 55 -4.04 39.48 48.92
CA LEU F 55 -3.56 38.71 50.05
C LEU F 55 -4.71 37.87 50.56
N ALA F 56 -4.53 36.55 50.54
CA ALA F 56 -5.55 35.60 51.00
C ALA F 56 -5.27 35.24 52.45
N LEU F 57 -6.22 35.56 53.33
CA LEU F 57 -6.03 35.45 54.76
C LEU F 57 -6.54 34.10 55.28
N TRP F 58 -5.71 33.43 56.07
CA TRP F 58 -6.09 32.19 56.74
C TRP F 58 -5.85 32.34 58.24
N ASP F 59 -6.79 31.85 59.04
CA ASP F 59 -6.73 31.96 60.49
C ASP F 59 -6.79 30.57 61.10
N THR F 60 -5.91 30.31 62.05
CA THR F 60 -5.85 29.02 62.75
C THR F 60 -6.11 29.22 64.23
N ALA F 61 -6.91 28.33 64.80
CA ALA F 61 -7.26 28.37 66.22
C ALA F 61 -6.99 27.00 66.83
N GLY F 62 -7.18 26.91 68.15
CA GLY F 62 -7.00 25.66 68.86
C GLY F 62 -7.95 25.45 70.01
N GLN F 63 -9.02 26.25 70.07
CA GLN F 63 -9.92 26.22 71.22
C GLN F 63 -10.68 24.91 71.31
N GLU F 64 -11.30 24.47 70.20
CA GLU F 64 -11.77 23.09 70.08
C GLU F 64 -11.94 22.76 68.60
N ASP F 65 -11.57 21.54 68.24
CA ASP F 65 -11.78 20.99 66.91
C ASP F 65 -11.00 21.76 65.83
N TYR F 66 -10.19 22.73 66.25
CA TYR F 66 -9.37 23.48 65.32
C TYR F 66 -7.90 23.08 65.36
N ASP F 67 -7.45 22.50 66.47
CA ASP F 67 -6.06 22.06 66.57
C ASP F 67 -5.77 20.95 65.56
N ARG F 68 -6.72 20.04 65.36
CA ARG F 68 -6.51 18.96 64.40
C ARG F 68 -6.54 19.47 62.96
N LEU F 69 -7.27 20.55 62.70
CA LEU F 69 -7.35 21.13 61.37
C LEU F 69 -6.26 22.18 61.11
N ARG F 70 -5.49 22.54 62.13
CA ARG F 70 -4.37 23.47 61.91
C ARG F 70 -3.38 22.98 60.86
N PRO F 71 -2.94 21.71 60.85
CA PRO F 71 -2.01 21.29 59.80
C PRO F 71 -2.59 21.35 58.40
N LEU F 72 -3.91 21.38 58.25
CA LEU F 72 -4.52 21.41 56.93
C LEU F 72 -4.33 22.74 56.23
N SER F 73 -4.10 23.81 56.98
CA SER F 73 -3.89 25.14 56.39
C SER F 73 -2.44 25.48 56.16
N TYR F 74 -1.50 24.61 56.57
CA TYR F 74 -0.08 24.91 56.39
C TYR F 74 0.39 24.74 54.95
N PRO F 75 0.10 23.66 54.24
CA PRO F 75 0.74 23.46 52.93
C PRO F 75 0.36 24.53 51.92
N ASP F 76 1.28 24.81 51.02
CA ASP F 76 1.14 25.83 49.97
C ASP F 76 0.94 27.23 50.56
N THR F 77 1.53 27.47 51.73
CA THR F 77 1.50 28.82 52.30
C THR F 77 2.61 29.67 51.71
N ASP F 78 2.42 30.98 51.74
CA ASP F 78 3.39 31.93 51.21
C ASP F 78 4.03 32.81 52.27
N VAL F 79 3.31 33.13 53.34
CA VAL F 79 3.83 33.99 54.39
C VAL F 79 3.01 33.75 55.65
N ILE F 80 3.70 33.79 56.81
CA ILE F 80 3.10 33.47 58.10
C ILE F 80 3.24 34.70 59.00
N LEU F 81 2.17 35.02 59.71
CA LEU F 81 2.21 36.01 60.79
C LEU F 81 2.16 35.24 62.11
N MET F 82 3.32 35.11 62.73
CA MET F 82 3.45 34.39 64.00
C MET F 82 3.34 35.42 65.12
N CYS F 83 2.19 35.44 65.79
CA CYS F 83 1.83 36.54 66.67
C CYS F 83 1.76 36.06 68.12
N PHE F 84 1.92 37.03 69.03
CA PHE F 84 1.81 36.81 70.46
C PHE F 84 1.18 38.04 71.09
N SER F 85 1.00 37.98 72.41
CA SER F 85 0.30 39.03 73.16
C SER F 85 1.30 39.88 73.93
N ILE F 86 1.24 41.19 73.72
CA ILE F 86 2.10 42.12 74.46
C ILE F 86 1.67 42.20 75.92
N ASP F 87 0.35 42.20 76.17
CA ASP F 87 -0.19 42.29 77.52
C ASP F 87 -0.23 40.96 78.25
N SER F 88 0.47 39.94 77.75
CA SER F 88 0.47 38.60 78.36
C SER F 88 1.88 38.02 78.27
N PRO F 89 2.65 38.06 79.37
CA PRO F 89 4.00 37.49 79.32
C PRO F 89 4.02 36.02 78.95
N ASP F 90 3.02 35.24 79.39
CA ASP F 90 3.01 33.81 79.09
C ASP F 90 2.89 33.54 77.60
N SER F 91 2.60 34.57 76.81
CA SER F 91 2.54 34.44 75.36
C SER F 91 3.89 34.55 74.69
N LEU F 92 4.99 34.73 75.43
CA LEU F 92 6.30 34.78 74.79
C LEU F 92 7.14 33.54 75.06
N GLU F 93 7.00 32.89 76.23
CA GLU F 93 7.76 31.67 76.46
C GLU F 93 7.20 30.47 75.71
N ASN F 94 5.97 30.56 75.17
CA ASN F 94 5.41 29.50 74.35
C ASN F 94 5.73 29.66 72.87
N ILE F 95 6.45 30.72 72.51
CA ILE F 95 6.78 30.95 71.10
C ILE F 95 7.76 29.93 70.53
N PRO F 96 8.94 29.70 71.13
CA PRO F 96 9.96 28.93 70.42
C PRO F 96 9.85 27.41 70.48
N GLU F 97 9.21 26.85 71.51
CA GLU F 97 9.36 25.41 71.71
C GLU F 97 8.23 24.59 71.09
N LYS F 98 7.07 25.18 70.83
CA LYS F 98 5.94 24.40 70.33
C LYS F 98 5.38 24.96 69.02
N TRP F 99 5.29 26.29 68.87
CA TRP F 99 4.90 26.85 67.59
C TRP F 99 6.00 26.66 66.55
N THR F 100 7.23 27.02 66.89
CA THR F 100 8.33 27.00 65.94
C THR F 100 8.59 25.61 65.34
N PRO F 101 8.69 24.54 66.13
CA PRO F 101 8.97 23.24 65.50
C PRO F 101 7.91 22.81 64.50
N GLU F 102 6.62 23.02 64.80
CA GLU F 102 5.59 22.53 63.89
C GLU F 102 5.49 23.42 62.67
N VAL F 103 5.67 24.74 62.83
CA VAL F 103 5.60 25.61 61.66
C VAL F 103 6.80 25.36 60.76
N LYS F 104 7.96 25.04 61.34
CA LYS F 104 9.14 24.75 60.52
C LYS F 104 9.01 23.40 59.82
N HIS F 105 8.49 22.39 60.52
CA HIS F 105 8.38 21.06 59.92
C HIS F 105 7.30 21.03 58.85
N PHE F 106 6.13 21.59 59.14
CA PHE F 106 5.02 21.52 58.18
C PHE F 106 5.30 22.38 56.95
N CYS F 107 5.72 23.62 57.15
CA CYS F 107 5.95 24.57 56.06
C CYS F 107 7.32 25.22 56.22
N PRO F 108 8.38 24.54 55.82
CA PRO F 108 9.71 25.12 55.90
C PRO F 108 9.97 26.10 54.77
N ASN F 109 11.09 26.82 54.89
CA ASN F 109 11.56 27.76 53.86
C ASN F 109 10.51 28.84 53.56
N VAL F 110 10.00 29.45 54.63
CA VAL F 110 9.07 30.57 54.49
C VAL F 110 9.49 31.68 55.43
N PRO F 111 9.24 32.93 55.04
CA PRO F 111 9.55 34.05 55.93
C PRO F 111 8.67 34.03 57.17
N ILE F 112 9.26 34.49 58.28
CA ILE F 112 8.57 34.57 59.56
C ILE F 112 8.42 36.03 59.94
N ILE F 113 7.18 36.44 60.21
CA ILE F 113 6.89 37.80 60.67
C ILE F 113 6.19 37.64 62.01
N LEU F 114 6.97 37.63 63.09
CA LEU F 114 6.42 37.53 64.44
C LEU F 114 6.06 38.92 64.94
N VAL F 115 4.82 39.06 65.42
CA VAL F 115 4.32 40.36 65.86
C VAL F 115 3.70 40.24 67.24
N GLY F 116 3.58 41.37 67.92
CA GLY F 116 2.91 41.44 69.20
C GLY F 116 1.67 42.31 69.12
N ASN F 117 0.54 41.79 69.56
CA ASN F 117 -0.73 42.48 69.39
C ASN F 117 -1.17 43.19 70.67
N LYS F 118 -2.10 44.13 70.52
CA LYS F 118 -2.61 44.96 71.60
C LYS F 118 -1.48 45.72 72.29
N LYS F 119 -0.83 46.59 71.51
CA LYS F 119 0.26 47.40 72.04
C LYS F 119 -0.21 48.43 73.06
N ASP F 120 -1.47 48.83 73.02
CA ASP F 120 -1.97 49.82 73.97
C ASP F 120 -2.18 49.22 75.36
N LEU F 121 -2.32 47.90 75.45
CA LEU F 121 -2.65 47.27 76.73
C LEU F 121 -1.44 47.09 77.63
N ARG F 122 -0.22 47.27 77.13
CA ARG F 122 0.95 47.12 77.99
C ARG F 122 1.01 48.21 79.05
N ASN F 123 0.45 49.39 78.75
CA ASN F 123 0.41 50.50 79.71
C ASN F 123 -0.89 50.54 80.49
N ASP F 124 -1.80 49.60 80.27
CA ASP F 124 -3.07 49.59 80.98
C ASP F 124 -2.85 49.32 82.47
N GLU F 125 -3.57 50.07 83.31
CA GLU F 125 -3.41 49.93 84.75
C GLU F 125 -3.86 48.55 85.23
N HIS F 126 -4.97 48.04 84.70
CA HIS F 126 -5.50 46.77 85.17
C HIS F 126 -4.55 45.62 84.84
N THR F 127 -4.05 45.57 83.59
CA THR F 127 -3.13 44.52 83.20
C THR F 127 -1.83 44.60 83.99
N ARG F 128 -1.32 45.82 84.18
CA ARG F 128 -0.08 45.98 84.95
C ARG F 128 -0.27 45.52 86.39
N ARG F 129 -1.39 45.88 87.01
CA ARG F 129 -1.65 45.46 88.38
C ARG F 129 -1.79 43.95 88.47
N GLU F 130 -2.51 43.33 87.53
CA GLU F 130 -2.66 41.88 87.55
C GLU F 130 -1.32 41.18 87.35
N LEU F 131 -0.49 41.70 86.45
CA LEU F 131 0.82 41.10 86.24
C LEU F 131 1.72 41.25 87.45
N ALA F 132 1.72 42.44 88.08
CA ALA F 132 2.55 42.67 89.25
C ALA F 132 2.03 41.95 90.49
N LYS F 133 0.77 41.50 90.47
CA LYS F 133 0.26 40.69 91.57
C LYS F 133 1.05 39.39 91.71
N MET F 134 1.43 38.79 90.57
CA MET F 134 2.23 37.56 90.57
C MET F 134 3.66 37.82 90.11
N LYS F 135 4.15 39.05 90.26
CA LYS F 135 5.53 39.43 89.94
C LYS F 135 5.83 39.20 88.45
N GLN F 136 5.08 39.89 87.61
CA GLN F 136 5.31 39.89 86.17
C GLN F 136 5.16 41.31 85.63
N GLU F 137 5.79 41.56 84.49
CA GLU F 137 5.79 42.86 83.86
C GLU F 137 5.38 42.75 82.39
N PRO F 138 4.84 43.83 81.83
CA PRO F 138 4.49 43.83 80.41
C PRO F 138 5.68 43.39 79.54
N VAL F 139 5.36 42.80 78.39
CA VAL F 139 6.39 42.40 77.45
C VAL F 139 7.12 43.63 76.94
N LYS F 140 8.39 43.75 77.28
CA LYS F 140 9.21 44.89 76.86
C LYS F 140 9.62 44.75 75.41
N PRO F 141 9.95 45.87 74.75
CA PRO F 141 10.46 45.78 73.37
C PRO F 141 11.74 44.98 73.26
N GLU F 142 12.54 44.92 74.33
CA GLU F 142 13.73 44.07 74.33
C GLU F 142 13.35 42.61 74.18
N GLU F 143 12.22 42.21 74.76
CA GLU F 143 11.74 40.85 74.57
C GLU F 143 11.40 40.58 73.11
N GLY F 144 10.79 41.56 72.44
CA GLY F 144 10.53 41.41 71.01
C GLY F 144 11.80 41.35 70.19
N ARG F 145 12.80 42.16 70.55
CA ARG F 145 14.10 42.08 69.89
C ARG F 145 14.72 40.69 70.04
N ASP F 146 14.67 40.14 71.27
CA ASP F 146 15.21 38.81 71.49
C ASP F 146 14.43 37.75 70.71
N MET F 147 13.10 37.89 70.65
CA MET F 147 12.29 36.94 69.90
C MET F 147 12.65 36.98 68.42
N ALA F 148 12.79 38.18 67.86
CA ALA F 148 13.19 38.28 66.46
C ALA F 148 14.60 37.74 66.24
N ASN F 149 15.49 37.91 67.22
CA ASN F 149 16.87 37.47 67.06
C ASN F 149 16.98 35.94 67.07
N ARG F 150 16.33 35.28 68.04
CA ARG F 150 16.56 33.85 68.19
C ARG F 150 15.85 33.01 67.14
N ILE F 151 14.73 33.49 66.59
CA ILE F 151 14.01 32.73 65.57
C ILE F 151 14.32 33.23 64.16
N GLY F 152 15.13 34.28 64.02
CA GLY F 152 15.43 34.81 62.70
C GLY F 152 14.21 35.36 61.98
N ALA F 153 13.34 36.05 62.70
CA ALA F 153 12.14 36.61 62.08
C ALA F 153 12.50 37.72 61.10
N PHE F 154 11.69 37.84 60.04
CA PHE F 154 11.92 38.89 59.06
C PHE F 154 11.77 40.27 59.67
N GLY F 155 10.75 40.45 60.51
CA GLY F 155 10.54 41.71 61.18
C GLY F 155 9.50 41.63 62.28
N TYR F 156 9.61 42.48 63.30
CA TYR F 156 8.67 42.49 64.41
C TYR F 156 8.23 43.92 64.70
N MET F 157 6.94 44.09 64.95
CA MET F 157 6.40 45.39 65.31
C MET F 157 5.15 45.18 66.16
N GLU F 158 4.78 46.23 66.89
CA GLU F 158 3.64 46.19 67.79
C GLU F 158 2.43 46.82 67.12
N CYS F 159 1.29 46.11 67.16
CA CYS F 159 0.05 46.59 66.59
C CYS F 159 -1.07 46.44 67.61
N SER F 160 -2.00 47.39 67.62
CA SER F 160 -3.15 47.35 68.51
C SER F 160 -4.40 47.62 67.68
N ALA F 161 -5.25 46.59 67.55
CA ALA F 161 -6.47 46.74 66.77
C ALA F 161 -7.41 47.78 67.36
N LYS F 162 -7.26 48.11 68.64
CA LYS F 162 -8.14 49.10 69.27
C LYS F 162 -7.89 50.50 68.72
N THR F 163 -6.61 50.89 68.59
CA THR F 163 -6.26 52.24 68.16
C THR F 163 -5.80 52.31 66.71
N LYS F 164 -5.79 51.19 65.99
CA LYS F 164 -5.55 51.16 64.55
C LYS F 164 -4.16 51.72 64.20
N ASP F 165 -3.13 51.09 64.75
CA ASP F 165 -1.75 51.54 64.57
C ASP F 165 -0.98 50.49 63.78
N GLY F 166 -0.40 50.90 62.65
CA GLY F 166 0.56 50.10 61.94
C GLY F 166 0.05 48.81 61.33
N VAL F 167 -1.27 48.59 61.33
CA VAL F 167 -1.79 47.35 60.74
C VAL F 167 -1.54 47.33 59.23
N ARG F 168 -1.78 48.46 58.55
CA ARG F 168 -1.46 48.54 57.13
C ARG F 168 0.04 48.38 56.90
N GLU F 169 0.86 48.99 57.75
CA GLU F 169 2.31 48.82 57.64
C GLU F 169 2.71 47.38 57.92
N VAL F 170 2.06 46.74 58.90
CA VAL F 170 2.38 45.36 59.23
C VAL F 170 2.09 44.44 58.03
N PHE F 171 0.92 44.61 57.41
CA PHE F 171 0.59 43.77 56.27
C PHE F 171 1.42 44.12 55.05
N GLU F 172 1.82 45.39 54.90
CA GLU F 172 2.74 45.74 53.83
C GLU F 172 4.08 45.04 54.01
N MET F 173 4.59 45.00 55.24
CA MET F 173 5.83 44.28 55.51
C MET F 173 5.67 42.79 55.26
N ALA F 174 4.52 42.23 55.65
CA ALA F 174 4.28 40.80 55.41
C ALA F 174 4.25 40.49 53.93
N THR F 175 3.55 41.31 53.14
CA THR F 175 3.51 41.10 51.70
C THR F 175 4.90 41.27 51.08
N ARG F 176 5.65 42.26 51.55
CA ARG F 176 7.01 42.45 51.04
C ARG F 176 7.88 41.22 51.32
N ALA F 177 7.76 40.67 52.53
CA ALA F 177 8.49 39.44 52.84
C ALA F 177 8.03 38.29 51.95
N ALA F 178 6.74 38.24 51.64
CA ALA F 178 6.24 37.19 50.75
C ALA F 178 6.72 37.39 49.32
N LEU F 179 7.13 38.62 48.97
CA LEU F 179 7.48 38.91 47.59
C LEU F 179 8.68 38.09 47.11
N GLN F 180 9.73 37.99 47.92
CA GLN F 180 10.90 37.22 47.51
C GLN F 180 10.59 35.73 47.60
N ALA F 181 10.75 35.03 46.48
CA ALA F 181 10.52 33.58 46.44
C ALA F 181 11.82 32.86 46.82
N ARG F 182 12.09 32.85 48.12
CA ARG F 182 13.27 32.23 48.73
C ARG F 182 14.54 32.43 47.91
N MET G 1 -36.83 -23.98 39.51
CA MET G 1 -36.06 -23.42 38.41
C MET G 1 -36.57 -23.93 37.07
N ALA G 2 -35.64 -24.37 36.22
CA ALA G 2 -35.97 -24.87 34.89
C ALA G 2 -36.00 -26.39 34.93
N ALA G 3 -37.14 -26.98 34.53
CA ALA G 3 -37.29 -28.42 34.55
C ALA G 3 -36.34 -29.08 33.56
N ILE G 4 -35.74 -30.19 33.96
CA ILE G 4 -34.83 -30.95 33.11
C ILE G 4 -35.62 -32.08 32.45
N ARG G 5 -35.34 -32.33 31.17
CA ARG G 5 -36.05 -33.33 30.40
C ARG G 5 -35.29 -34.66 30.44
N LYS G 6 -36.01 -35.74 30.75
CA LYS G 6 -35.43 -37.07 30.81
C LYS G 6 -36.30 -38.03 30.02
N LYS G 7 -35.65 -38.90 29.25
CA LYS G 7 -36.33 -39.81 28.34
C LYS G 7 -36.53 -41.16 29.00
N LEU G 8 -37.78 -41.54 29.23
CA LEU G 8 -38.14 -42.84 29.77
C LEU G 8 -38.72 -43.68 28.64
N VAL G 9 -38.29 -44.93 28.55
CA VAL G 9 -38.84 -45.86 27.58
C VAL G 9 -39.27 -47.13 28.31
N ILE G 10 -40.46 -47.62 27.99
CA ILE G 10 -41.02 -48.82 28.62
C ILE G 10 -41.01 -49.94 27.59
N VAL G 11 -40.38 -51.06 27.95
CA VAL G 11 -40.30 -52.22 27.07
C VAL G 11 -40.87 -53.42 27.81
N GLY G 12 -41.70 -54.19 27.10
CA GLY G 12 -42.32 -55.37 27.68
C GLY G 12 -43.05 -56.15 26.61
N ASP G 13 -43.45 -57.36 26.98
CA ASP G 13 -44.14 -58.24 26.03
C ASP G 13 -45.57 -57.76 25.78
N GLY G 14 -46.20 -58.38 24.79
CA GLY G 14 -47.54 -57.98 24.42
C GLY G 14 -48.57 -58.29 25.49
N ALA G 15 -49.66 -57.53 25.47
CA ALA G 15 -50.80 -57.71 26.38
C ALA G 15 -50.37 -57.57 27.84
N CYS G 16 -49.35 -56.77 28.12
CA CYS G 16 -48.89 -56.56 29.48
C CYS G 16 -49.46 -55.30 30.10
N GLY G 17 -50.26 -54.52 29.37
CA GLY G 17 -50.84 -53.32 29.93
C GLY G 17 -49.86 -52.20 30.17
N LYS G 18 -48.74 -52.19 29.44
CA LYS G 18 -47.79 -51.08 29.57
C LYS G 18 -48.45 -49.76 29.18
N THR G 19 -49.21 -49.76 28.08
CA THR G 19 -49.93 -48.56 27.67
C THR G 19 -50.94 -48.17 28.73
N CYS G 20 -51.57 -49.15 29.37
CA CYS G 20 -52.47 -48.85 30.49
C CYS G 20 -51.72 -48.15 31.62
N LEU G 21 -50.51 -48.61 31.92
CA LEU G 21 -49.70 -47.97 32.96
C LEU G 21 -49.43 -46.51 32.60
N LEU G 22 -48.96 -46.26 31.38
CA LEU G 22 -48.66 -44.88 30.99
C LEU G 22 -49.90 -44.01 30.99
N ILE G 23 -51.03 -44.52 30.46
CA ILE G 23 -52.22 -43.69 30.38
C ILE G 23 -52.80 -43.40 31.76
N VAL G 24 -52.72 -44.37 32.68
CA VAL G 24 -53.26 -44.14 34.01
C VAL G 24 -52.33 -43.25 34.82
N PHE G 25 -51.04 -43.23 34.50
CA PHE G 25 -50.17 -42.23 35.10
C PHE G 25 -50.41 -40.86 34.50
N SER G 26 -50.81 -40.80 33.24
CA SER G 26 -51.05 -39.51 32.57
C SER G 26 -52.33 -38.86 33.08
N LYS G 27 -53.46 -39.51 32.89
CA LYS G 27 -54.76 -38.92 33.18
C LYS G 27 -55.32 -39.31 34.54
N ASP G 28 -54.58 -40.12 35.32
CA ASP G 28 -55.02 -40.55 36.65
C ASP G 28 -56.37 -41.28 36.60
N GLN G 29 -56.65 -41.93 35.48
CA GLN G 29 -57.92 -42.66 35.31
C GLN G 29 -57.69 -43.80 34.34
N PHE G 30 -58.12 -45.00 34.72
CA PHE G 30 -57.94 -46.17 33.86
C PHE G 30 -59.02 -46.18 32.78
N PRO G 31 -58.67 -46.16 31.50
CA PRO G 31 -59.67 -46.25 30.43
C PRO G 31 -60.09 -47.69 30.20
N GLU G 32 -61.33 -48.00 30.57
CA GLU G 32 -61.88 -49.35 30.44
C GLU G 32 -62.66 -49.55 29.15
N VAL G 33 -62.75 -48.53 28.30
CA VAL G 33 -63.53 -48.60 27.07
C VAL G 33 -62.63 -48.68 25.84
N TYR G 34 -61.49 -47.99 25.86
CA TYR G 34 -60.57 -48.00 24.72
C TYR G 34 -59.15 -47.82 25.22
N VAL G 35 -58.26 -48.70 24.77
CA VAL G 35 -56.85 -48.65 25.15
C VAL G 35 -56.00 -48.63 23.90
N PRO G 36 -55.29 -47.53 23.62
CA PRO G 36 -54.41 -47.51 22.45
C PRO G 36 -53.30 -48.54 22.57
N THR G 37 -52.82 -49.01 21.42
CA THR G 37 -51.73 -49.99 21.44
C THR G 37 -50.42 -49.37 21.93
N VAL G 38 -50.19 -48.09 21.67
CA VAL G 38 -49.00 -47.37 22.11
C VAL G 38 -49.40 -45.98 22.56
N PHE G 39 -48.80 -45.53 23.67
CA PHE G 39 -49.01 -44.19 24.19
C PHE G 39 -47.65 -43.48 24.23
N GLU G 40 -47.45 -42.54 23.30
CA GLU G 40 -46.17 -41.86 23.16
C GLU G 40 -46.43 -40.36 23.00
N ASN G 41 -45.35 -39.63 22.74
CA ASN G 41 -45.41 -38.17 22.58
C ASN G 41 -46.07 -37.50 23.79
N TYR G 42 -45.71 -37.97 24.97
CA TYR G 42 -46.22 -37.42 26.22
C TYR G 42 -45.07 -36.99 27.11
N VAL G 43 -45.25 -35.85 27.77
CA VAL G 43 -44.31 -35.34 28.76
C VAL G 43 -45.06 -35.12 30.07
N ALA G 44 -44.49 -35.59 31.17
CA ALA G 44 -45.12 -35.52 32.48
C ALA G 44 -44.22 -34.76 33.45
N ASP G 45 -44.83 -33.89 34.25
CA ASP G 45 -44.09 -33.10 35.23
C ASP G 45 -44.03 -33.88 36.54
N ILE G 46 -42.80 -34.11 37.03
CA ILE G 46 -42.59 -34.88 38.25
C ILE G 46 -41.60 -34.14 39.13
N GLU G 47 -41.79 -34.24 40.44
CA GLU G 47 -40.87 -33.68 41.42
C GLU G 47 -40.44 -34.78 42.39
N VAL G 48 -39.14 -34.92 42.60
CA VAL G 48 -38.58 -35.93 43.50
C VAL G 48 -38.04 -35.30 44.78
N ASP G 49 -37.03 -34.43 44.66
CA ASP G 49 -36.48 -33.70 45.81
C ASP G 49 -35.97 -32.35 45.30
N GLY G 50 -36.83 -31.33 45.38
CA GLY G 50 -36.44 -29.99 44.99
C GLY G 50 -36.10 -29.81 43.53
N LYS G 51 -36.50 -30.74 42.66
CA LYS G 51 -36.22 -30.65 41.24
C LYS G 51 -37.50 -30.90 40.46
N GLN G 52 -37.56 -30.29 39.27
CA GLN G 52 -38.69 -30.47 38.36
C GLN G 52 -38.18 -31.16 37.10
N VAL G 53 -38.76 -32.32 36.79
CA VAL G 53 -38.33 -33.14 35.67
C VAL G 53 -39.51 -33.37 34.74
N GLU G 54 -39.31 -33.07 33.46
CA GLU G 54 -40.26 -33.44 32.41
C GLU G 54 -39.83 -34.80 31.85
N LEU G 55 -40.66 -35.81 32.09
CA LEU G 55 -40.41 -37.17 31.64
C LEU G 55 -41.08 -37.36 30.29
N ALA G 56 -40.27 -37.63 29.27
CA ALA G 56 -40.77 -37.93 27.92
C ALA G 56 -40.95 -39.44 27.82
N LEU G 57 -42.20 -39.87 27.69
CA LEU G 57 -42.54 -41.28 27.75
C LEU G 57 -42.54 -41.90 26.36
N TRP G 58 -41.90 -43.05 26.22
CA TRP G 58 -41.86 -43.81 24.99
C TRP G 58 -42.40 -45.21 25.23
N ASP G 59 -43.30 -45.66 24.37
CA ASP G 59 -43.94 -46.95 24.49
C ASP G 59 -43.65 -47.77 23.26
N THR G 60 -43.37 -49.06 23.45
CA THR G 60 -43.00 -49.94 22.37
C THR G 60 -43.99 -51.10 22.26
N ALA G 61 -44.01 -51.73 21.10
CA ALA G 61 -44.88 -52.86 20.84
C ALA G 61 -44.27 -53.71 19.72
N GLY G 62 -44.81 -54.91 19.55
CA GLY G 62 -44.35 -55.79 18.50
C GLY G 62 -45.45 -56.63 17.89
N GLN G 63 -46.70 -56.22 18.07
CA GLN G 63 -47.82 -57.00 17.57
C GLN G 63 -47.81 -57.08 16.05
N GLU G 64 -47.56 -55.97 15.37
CA GLU G 64 -47.44 -55.95 13.92
C GLU G 64 -46.78 -54.65 13.50
N ASP G 65 -45.79 -54.74 12.60
CA ASP G 65 -45.14 -53.58 11.98
C ASP G 65 -44.46 -52.68 13.01
N TYR G 66 -44.45 -53.08 14.27
CA TYR G 66 -43.80 -52.30 15.31
C TYR G 66 -42.50 -52.91 15.81
N ASP G 67 -42.31 -54.22 15.60
CA ASP G 67 -41.05 -54.85 15.98
C ASP G 67 -39.88 -54.27 15.20
N ARG G 68 -40.09 -53.96 13.93
CA ARG G 68 -39.04 -53.34 13.13
C ARG G 68 -38.76 -51.91 13.56
N LEU G 69 -39.77 -51.22 14.11
CA LEU G 69 -39.59 -49.87 14.62
C LEU G 69 -39.11 -49.82 16.06
N ARG G 70 -39.05 -50.97 16.74
CA ARG G 70 -38.52 -51.00 18.11
C ARG G 70 -37.10 -50.44 18.21
N PRO G 71 -36.15 -50.81 17.36
CA PRO G 71 -34.78 -50.26 17.52
C PRO G 71 -34.71 -48.75 17.34
N LEU G 72 -35.69 -48.13 16.69
CA LEU G 72 -35.60 -46.70 16.42
C LEU G 72 -35.86 -45.85 17.66
N SER G 73 -36.36 -46.45 18.74
CA SER G 73 -36.63 -45.71 19.97
C SER G 73 -35.54 -45.86 21.02
N TYR G 74 -34.71 -46.91 20.92
CA TYR G 74 -33.65 -47.12 21.91
C TYR G 74 -32.64 -45.98 21.97
N PRO G 75 -32.12 -45.44 20.86
CA PRO G 75 -31.07 -44.42 20.98
C PRO G 75 -31.55 -43.17 21.69
N ASP G 76 -30.62 -42.50 22.36
CA ASP G 76 -30.86 -41.26 23.10
C ASP G 76 -31.83 -41.44 24.25
N THR G 77 -31.90 -42.64 24.82
CA THR G 77 -32.76 -42.88 25.96
C THR G 77 -32.04 -42.51 27.26
N ASP G 78 -32.84 -42.31 28.31
CA ASP G 78 -32.31 -41.98 29.62
C ASP G 78 -32.61 -43.01 30.69
N VAL G 79 -33.72 -43.75 30.59
CA VAL G 79 -34.04 -44.80 31.54
C VAL G 79 -34.96 -45.80 30.85
N ILE G 80 -34.81 -47.08 31.21
CA ILE G 80 -35.57 -48.17 30.62
C ILE G 80 -36.31 -48.91 31.72
N LEU G 81 -37.61 -49.12 31.52
CA LEU G 81 -38.44 -49.90 32.43
C LEU G 81 -38.84 -51.19 31.74
N MET G 82 -38.38 -52.32 32.29
CA MET G 82 -38.72 -53.64 31.78
C MET G 82 -39.96 -54.13 32.50
N CYS G 83 -41.04 -54.35 31.76
CA CYS G 83 -42.33 -54.73 32.32
C CYS G 83 -42.57 -56.21 32.13
N PHE G 84 -43.13 -56.86 33.14
CA PHE G 84 -43.55 -58.25 33.00
C PHE G 84 -44.81 -58.50 33.79
N SER G 85 -45.53 -59.55 33.38
CA SER G 85 -46.83 -59.88 33.95
C SER G 85 -46.66 -60.74 35.19
N ILE G 86 -47.25 -60.28 36.29
CA ILE G 86 -47.28 -61.10 37.50
C ILE G 86 -48.24 -62.28 37.31
N ASP G 87 -49.36 -62.06 36.63
CA ASP G 87 -50.36 -63.09 36.39
C ASP G 87 -50.01 -64.00 35.21
N SER G 88 -48.82 -63.88 34.65
CA SER G 88 -48.37 -64.75 33.56
C SER G 88 -46.90 -65.05 33.78
N PRO G 89 -46.58 -66.23 34.33
CA PRO G 89 -45.16 -66.58 34.52
C PRO G 89 -44.35 -66.58 33.24
N ASP G 90 -44.97 -66.89 32.10
CA ASP G 90 -44.26 -66.90 30.83
C ASP G 90 -43.66 -65.53 30.50
N SER G 91 -44.17 -64.46 31.10
CA SER G 91 -43.64 -63.13 30.91
C SER G 91 -42.35 -62.87 31.66
N LEU G 92 -41.84 -63.85 32.41
CA LEU G 92 -40.63 -63.67 33.19
C LEU G 92 -39.38 -64.23 32.50
N GLU G 93 -39.40 -65.51 32.15
CA GLU G 93 -38.22 -66.14 31.55
C GLU G 93 -37.79 -65.47 30.26
N ASN G 94 -38.70 -64.79 29.56
CA ASN G 94 -38.34 -64.11 28.32
C ASN G 94 -37.61 -62.79 28.55
N ILE G 95 -37.67 -62.22 29.76
CA ILE G 95 -36.91 -61.01 30.03
C ILE G 95 -35.40 -61.20 29.88
N PRO G 96 -34.78 -62.25 30.46
CA PRO G 96 -33.34 -62.43 30.26
C PRO G 96 -32.98 -63.11 28.94
N GLU G 97 -33.94 -63.64 28.20
CA GLU G 97 -33.62 -64.35 26.96
C GLU G 97 -33.29 -63.38 25.83
N LYS G 98 -34.24 -62.54 25.44
CA LYS G 98 -34.05 -61.68 24.28
C LYS G 98 -34.23 -60.20 24.56
N TRP G 99 -34.97 -59.82 25.60
CA TRP G 99 -35.09 -58.40 25.95
C TRP G 99 -33.75 -57.84 26.42
N THR G 100 -33.12 -58.51 27.37
CA THR G 100 -31.87 -58.01 27.95
C THR G 100 -30.75 -57.85 26.93
N PRO G 101 -30.47 -58.83 26.05
CA PRO G 101 -29.40 -58.60 25.08
C PRO G 101 -29.63 -57.41 24.17
N GLU G 102 -30.85 -57.19 23.69
CA GLU G 102 -31.06 -56.08 22.76
C GLU G 102 -31.04 -54.75 23.49
N VAL G 103 -31.59 -54.70 24.70
CA VAL G 103 -31.56 -53.43 25.43
C VAL G 103 -30.12 -53.10 25.84
N LYS G 104 -29.29 -54.11 26.09
CA LYS G 104 -27.90 -53.85 26.44
C LYS G 104 -27.11 -53.43 25.21
N HIS G 105 -27.32 -54.09 24.07
CA HIS G 105 -26.53 -53.81 22.87
C HIS G 105 -26.91 -52.46 22.28
N PHE G 106 -28.21 -52.19 22.14
CA PHE G 106 -28.65 -50.95 21.49
C PHE G 106 -28.31 -49.74 22.33
N CYS G 107 -28.65 -49.76 23.61
CA CYS G 107 -28.44 -48.64 24.53
C CYS G 107 -27.74 -49.14 25.78
N PRO G 108 -26.41 -49.27 25.75
CA PRO G 108 -25.68 -49.70 26.93
C PRO G 108 -25.49 -48.55 27.92
N ASN G 109 -25.05 -48.90 29.13
CA ASN G 109 -24.76 -47.96 30.21
C ASN G 109 -25.99 -47.10 30.52
N VAL G 110 -27.03 -47.78 30.99
CA VAL G 110 -28.33 -47.15 31.23
C VAL G 110 -28.93 -47.68 32.52
N PRO G 111 -29.82 -46.91 33.14
CA PRO G 111 -30.58 -47.44 34.29
C PRO G 111 -31.78 -48.25 33.84
N ILE G 112 -31.96 -49.41 34.49
CA ILE G 112 -33.05 -50.33 34.20
C ILE G 112 -33.86 -50.52 35.48
N ILE G 113 -35.19 -50.38 35.36
CA ILE G 113 -36.11 -50.59 36.46
C ILE G 113 -37.07 -51.71 36.07
N LEU G 114 -37.18 -52.72 36.92
CA LEU G 114 -38.04 -53.87 36.63
C LEU G 114 -39.39 -53.69 37.33
N VAL G 115 -40.47 -53.81 36.56
CA VAL G 115 -41.81 -53.61 37.07
C VAL G 115 -42.68 -54.81 36.74
N GLY G 116 -43.41 -55.28 37.75
CA GLY G 116 -44.43 -56.30 37.57
C GLY G 116 -45.81 -55.64 37.57
N ASN G 117 -46.62 -56.00 36.58
CA ASN G 117 -47.87 -55.29 36.32
C ASN G 117 -49.07 -56.05 36.86
N LYS G 118 -50.10 -55.31 37.28
CA LYS G 118 -51.34 -55.86 37.82
C LYS G 118 -51.04 -56.81 38.99
N LYS G 119 -50.49 -56.24 40.05
CA LYS G 119 -50.08 -57.05 41.21
C LYS G 119 -51.26 -57.72 41.89
N ASP G 120 -52.47 -57.19 41.73
CA ASP G 120 -53.65 -57.81 42.35
C ASP G 120 -54.02 -59.12 41.65
N LEU G 121 -53.76 -59.23 40.35
CA LEU G 121 -54.20 -60.40 39.59
C LEU G 121 -53.53 -61.69 40.04
N ARG G 122 -52.43 -61.61 40.80
CA ARG G 122 -51.85 -62.83 41.35
C ARG G 122 -52.79 -63.50 42.35
N ASN G 123 -53.65 -62.72 42.99
CA ASN G 123 -54.62 -63.26 43.94
C ASN G 123 -55.98 -63.53 43.32
N ASP G 124 -56.17 -63.23 42.04
CA ASP G 124 -57.45 -63.47 41.39
C ASP G 124 -57.71 -64.97 41.25
N GLU G 125 -58.95 -65.37 41.54
CA GLU G 125 -59.29 -66.79 41.50
C GLU G 125 -59.19 -67.35 40.10
N HIS G 126 -59.64 -66.59 39.09
CA HIS G 126 -59.64 -67.08 37.72
C HIS G 126 -58.22 -67.32 37.21
N THR G 127 -57.32 -66.35 37.44
CA THR G 127 -55.94 -66.52 36.99
C THR G 127 -55.25 -67.65 37.73
N ARG G 128 -55.49 -67.78 39.03
CA ARG G 128 -54.89 -68.87 39.80
C ARG G 128 -55.37 -70.22 39.30
N ARG G 129 -56.68 -70.34 39.03
CA ARG G 129 -57.21 -71.59 38.50
C ARG G 129 -56.64 -71.91 37.13
N GLU G 130 -56.54 -70.90 36.26
CA GLU G 130 -55.96 -71.13 34.93
C GLU G 130 -54.51 -71.57 35.02
N LEU G 131 -53.74 -70.95 35.93
CA LEU G 131 -52.34 -71.33 36.09
C LEU G 131 -52.22 -72.74 36.66
N ALA G 132 -53.05 -73.09 37.64
CA ALA G 132 -52.99 -74.42 38.23
C ALA G 132 -53.51 -75.49 37.29
N LYS G 133 -54.31 -75.13 36.29
CA LYS G 133 -54.77 -76.10 35.31
C LYS G 133 -53.59 -76.71 34.55
N MET G 134 -52.60 -75.88 34.21
CA MET G 134 -51.40 -76.34 33.53
C MET G 134 -50.20 -76.45 34.49
N LYS G 135 -50.47 -76.52 35.80
CA LYS G 135 -49.45 -76.73 36.83
C LYS G 135 -48.45 -75.57 36.89
N GLN G 136 -48.99 -74.35 37.05
CA GLN G 136 -48.17 -73.18 37.32
C GLN G 136 -48.79 -72.38 38.46
N GLU G 137 -47.98 -71.50 39.04
CA GLU G 137 -48.39 -70.68 40.17
C GLU G 137 -48.09 -69.22 39.89
N PRO G 138 -48.82 -68.30 40.53
CA PRO G 138 -48.54 -66.87 40.32
C PRO G 138 -47.13 -66.51 40.76
N VAL G 139 -46.56 -65.52 40.06
CA VAL G 139 -45.18 -65.13 40.30
C VAL G 139 -45.05 -64.52 41.68
N LYS G 140 -44.22 -65.13 42.52
CA LYS G 140 -43.96 -64.63 43.86
C LYS G 140 -43.01 -63.44 43.83
N PRO G 141 -43.06 -62.57 44.84
CA PRO G 141 -42.10 -61.46 44.90
C PRO G 141 -40.65 -61.92 44.94
N GLU G 142 -40.38 -63.10 45.50
CA GLU G 142 -39.01 -63.62 45.53
C GLU G 142 -38.51 -63.88 44.11
N GLU G 143 -39.40 -64.30 43.21
CA GLU G 143 -39.01 -64.47 41.82
C GLU G 143 -38.56 -63.16 41.20
N GLY G 144 -39.27 -62.07 41.50
CA GLY G 144 -38.85 -60.76 41.03
C GLY G 144 -37.54 -60.29 41.65
N ARG G 145 -37.37 -60.56 42.95
CA ARG G 145 -36.07 -60.35 43.59
C ARG G 145 -34.96 -61.03 42.81
N ASP G 146 -35.13 -62.32 42.50
CA ASP G 146 -34.10 -63.06 41.77
C ASP G 146 -33.90 -62.49 40.37
N MET G 147 -35.00 -62.10 39.71
CA MET G 147 -34.89 -61.54 38.36
C MET G 147 -34.09 -60.24 38.37
N ALA G 148 -34.36 -59.36 39.33
CA ALA G 148 -33.58 -58.14 39.46
C ALA G 148 -32.13 -58.46 39.82
N ASN G 149 -31.92 -59.50 40.62
CA ASN G 149 -30.56 -59.85 41.04
C ASN G 149 -29.71 -60.32 39.87
N ARG G 150 -30.24 -61.21 39.03
CA ARG G 150 -29.41 -61.79 37.98
C ARG G 150 -29.21 -60.85 36.79
N ILE G 151 -30.07 -59.84 36.62
CA ILE G 151 -29.91 -58.88 35.53
C ILE G 151 -29.24 -57.59 36.00
N GLY G 152 -28.93 -57.47 37.28
CA GLY G 152 -28.35 -56.23 37.79
C GLY G 152 -29.28 -55.05 37.69
N ALA G 153 -30.58 -55.28 37.87
CA ALA G 153 -31.53 -54.19 37.78
C ALA G 153 -31.34 -53.21 38.93
N PHE G 154 -31.54 -51.93 38.65
CA PHE G 154 -31.40 -50.91 39.69
C PHE G 154 -32.46 -51.09 40.77
N GLY G 155 -33.67 -51.49 40.39
CA GLY G 155 -34.70 -51.82 41.36
C GLY G 155 -35.91 -52.45 40.70
N TYR G 156 -36.51 -53.45 41.35
CA TYR G 156 -37.73 -54.09 40.87
C TYR G 156 -38.82 -53.92 41.91
N MET G 157 -40.03 -53.63 41.44
CA MET G 157 -41.22 -53.76 42.27
C MET G 157 -42.44 -53.93 41.38
N GLU G 158 -43.61 -54.02 42.01
CA GLU G 158 -44.84 -54.35 41.32
C GLU G 158 -45.87 -53.23 41.52
N CYS G 159 -46.59 -52.92 40.44
CA CYS G 159 -47.65 -51.93 40.46
C CYS G 159 -48.85 -52.48 39.71
N SER G 160 -50.03 -51.99 40.08
CA SER G 160 -51.29 -52.41 39.47
C SER G 160 -52.05 -51.17 39.03
N ALA G 161 -52.18 -50.99 37.71
CA ALA G 161 -52.90 -49.83 37.18
C ALA G 161 -54.40 -49.88 37.49
N LYS G 162 -54.94 -51.08 37.76
CA LYS G 162 -56.36 -51.18 38.08
C LYS G 162 -56.69 -50.46 39.38
N THR G 163 -55.84 -50.59 40.39
CA THR G 163 -56.05 -49.95 41.68
C THR G 163 -55.20 -48.71 41.88
N LYS G 164 -54.30 -48.41 40.94
CA LYS G 164 -53.45 -47.22 40.98
C LYS G 164 -52.60 -47.19 42.26
N ASP G 165 -51.75 -48.20 42.39
CA ASP G 165 -50.86 -48.33 43.54
C ASP G 165 -49.40 -48.27 43.11
N GLY G 166 -48.64 -47.38 43.74
CA GLY G 166 -47.21 -47.28 43.52
C GLY G 166 -46.79 -46.74 42.16
N VAL G 167 -47.73 -46.34 41.31
CA VAL G 167 -47.37 -45.89 39.97
C VAL G 167 -46.57 -44.59 40.05
N ARG G 168 -47.05 -43.64 40.86
CA ARG G 168 -46.31 -42.40 41.07
C ARG G 168 -44.96 -42.68 41.72
N GLU G 169 -44.95 -43.59 42.70
CA GLU G 169 -43.70 -43.99 43.32
C GLU G 169 -42.77 -44.66 42.30
N VAL G 170 -43.33 -45.50 41.43
CA VAL G 170 -42.49 -46.20 40.46
C VAL G 170 -41.83 -45.23 39.50
N PHE G 171 -42.60 -44.27 38.97
CA PHE G 171 -42.00 -43.33 38.03
C PHE G 171 -41.10 -42.31 38.72
N GLU G 172 -41.39 -41.94 39.98
CA GLU G 172 -40.46 -41.09 40.72
C GLU G 172 -39.14 -41.81 40.95
N MET G 173 -39.20 -43.10 41.27
CA MET G 173 -38.00 -43.92 41.39
C MET G 173 -37.26 -44.00 40.06
N ALA G 174 -37.99 -44.14 38.96
CA ALA G 174 -37.36 -44.19 37.65
C ALA G 174 -36.65 -42.87 37.33
N THR G 175 -37.29 -41.74 37.66
CA THR G 175 -36.64 -40.45 37.45
C THR G 175 -35.41 -40.31 38.33
N ARG G 176 -35.47 -40.81 39.57
CA ARG G 176 -34.29 -40.81 40.43
C ARG G 176 -33.17 -41.63 39.82
N ALA G 177 -33.50 -42.78 39.24
CA ALA G 177 -32.50 -43.59 38.55
C ALA G 177 -31.91 -42.85 37.36
N ALA G 178 -32.75 -42.13 36.62
CA ALA G 178 -32.25 -41.39 35.46
C ALA G 178 -31.49 -40.14 35.86
N LEU G 179 -31.59 -39.74 37.13
CA LEU G 179 -31.00 -38.47 37.55
C LEU G 179 -29.48 -38.48 37.42
N GLN G 180 -28.82 -39.55 37.88
CA GLN G 180 -27.37 -39.60 37.81
C GLN G 180 -26.93 -39.94 36.38
N ALA G 181 -25.94 -39.22 35.89
CA ALA G 181 -25.42 -39.41 34.53
C ALA G 181 -24.22 -40.36 34.57
N ARG G 182 -24.54 -41.65 34.71
CA ARG G 182 -23.57 -42.75 34.78
C ARG G 182 -22.32 -42.41 35.59
N MET H 1 -33.26 -29.00 -39.20
CA MET H 1 -32.58 -28.09 -38.28
C MET H 1 -32.21 -26.79 -38.99
N ALA H 2 -30.93 -26.42 -38.91
CA ALA H 2 -30.43 -25.20 -39.52
C ALA H 2 -29.76 -25.55 -40.84
N ALA H 3 -30.20 -24.92 -41.92
CA ALA H 3 -29.65 -25.19 -43.24
C ALA H 3 -28.20 -24.73 -43.33
N ILE H 4 -27.40 -25.48 -44.07
CA ILE H 4 -25.99 -25.16 -44.28
C ILE H 4 -25.84 -24.51 -45.64
N ARG H 5 -25.02 -23.47 -45.72
CA ARG H 5 -24.82 -22.72 -46.96
C ARG H 5 -23.60 -23.27 -47.71
N LYS H 6 -23.79 -23.57 -48.99
CA LYS H 6 -22.73 -24.12 -49.82
C LYS H 6 -22.62 -23.30 -51.11
N LYS H 7 -21.38 -23.02 -51.50
CA LYS H 7 -21.09 -22.11 -52.62
C LYS H 7 -20.88 -22.92 -53.89
N LEU H 8 -21.69 -22.64 -54.91
CA LEU H 8 -21.53 -23.25 -56.23
C LEU H 8 -21.18 -22.15 -57.23
N VAL H 9 -20.19 -22.42 -58.08
CA VAL H 9 -19.82 -21.54 -59.17
C VAL H 9 -19.91 -22.32 -60.47
N ILE H 10 -20.55 -21.73 -61.47
CA ILE H 10 -20.74 -22.37 -62.77
C ILE H 10 -19.85 -21.65 -63.77
N VAL H 11 -18.93 -22.39 -64.38
CA VAL H 11 -17.99 -21.85 -65.35
C VAL H 11 -18.19 -22.58 -66.68
N GLY H 12 -18.29 -21.81 -67.76
CA GLY H 12 -18.48 -22.38 -69.08
C GLY H 12 -18.24 -21.33 -70.14
N ASP H 13 -18.14 -21.81 -71.38
CA ASP H 13 -17.88 -20.93 -72.50
C ASP H 13 -19.14 -20.11 -72.83
N GLY H 14 -18.97 -19.16 -73.75
CA GLY H 14 -20.07 -18.28 -74.10
C GLY H 14 -21.20 -19.01 -74.79
N ALA H 15 -22.41 -18.50 -74.60
CA ALA H 15 -23.62 -18.98 -75.26
C ALA H 15 -23.89 -20.46 -74.97
N CYS H 16 -23.50 -20.93 -73.79
CA CYS H 16 -23.78 -22.30 -73.38
C CYS H 16 -25.04 -22.40 -72.53
N GLY H 17 -25.70 -21.30 -72.24
CA GLY H 17 -26.92 -21.35 -71.45
C GLY H 17 -26.73 -21.68 -69.99
N LYS H 18 -25.55 -21.41 -69.42
CA LYS H 18 -25.35 -21.60 -67.99
C LYS H 18 -26.32 -20.73 -67.20
N THR H 19 -26.50 -19.48 -67.62
CA THR H 19 -27.49 -18.62 -67.02
C THR H 19 -28.90 -19.19 -67.22
N CYS H 20 -29.16 -19.76 -68.39
CA CYS H 20 -30.44 -20.40 -68.62
C CYS H 20 -30.65 -21.57 -67.68
N LEU H 21 -29.60 -22.37 -67.45
CA LEU H 21 -29.70 -23.47 -66.51
C LEU H 21 -30.02 -22.96 -65.10
N LEU H 22 -29.31 -21.92 -64.66
CA LEU H 22 -29.53 -21.39 -63.32
C LEU H 22 -30.95 -20.84 -63.18
N ILE H 23 -31.42 -20.10 -64.19
CA ILE H 23 -32.75 -19.48 -64.08
C ILE H 23 -33.84 -20.54 -64.16
N VAL H 24 -33.66 -21.59 -64.96
CA VAL H 24 -34.68 -22.61 -65.07
C VAL H 24 -34.70 -23.47 -63.81
N PHE H 25 -33.57 -23.58 -63.12
CA PHE H 25 -33.60 -24.22 -61.81
C PHE H 25 -34.21 -23.30 -60.75
N SER H 26 -34.05 -21.99 -60.92
CA SER H 26 -34.56 -21.04 -59.93
C SER H 26 -36.08 -20.94 -59.99
N LYS H 27 -36.61 -20.49 -61.13
CA LYS H 27 -38.04 -20.20 -61.25
C LYS H 27 -38.83 -21.32 -61.89
N ASP H 28 -38.19 -22.43 -62.25
CA ASP H 28 -38.85 -23.59 -62.87
C ASP H 28 -39.54 -23.22 -64.18
N GLN H 29 -39.10 -22.16 -64.83
CA GLN H 29 -39.67 -21.71 -66.10
C GLN H 29 -38.56 -21.13 -66.95
N PHE H 30 -38.52 -21.52 -68.22
CA PHE H 30 -37.50 -21.02 -69.13
C PHE H 30 -37.90 -19.65 -69.67
N PRO H 31 -37.10 -18.61 -69.45
CA PRO H 31 -37.41 -17.29 -70.00
C PRO H 31 -37.06 -17.21 -71.48
N GLU H 32 -38.07 -17.18 -72.33
CA GLU H 32 -37.88 -17.14 -73.77
C GLU H 32 -37.87 -15.74 -74.35
N VAL H 33 -38.00 -14.71 -73.52
CA VAL H 33 -38.06 -13.32 -73.97
C VAL H 33 -36.80 -12.55 -73.58
N TYR H 34 -36.24 -12.85 -72.42
CA TYR H 34 -35.05 -12.17 -71.92
C TYR H 34 -34.17 -13.16 -71.16
N VAL H 35 -32.89 -13.17 -71.48
CA VAL H 35 -31.92 -14.02 -70.79
C VAL H 35 -30.74 -13.15 -70.36
N PRO H 36 -30.58 -12.89 -69.06
CA PRO H 36 -29.41 -12.13 -68.61
C PRO H 36 -28.11 -12.87 -68.90
N THR H 37 -27.03 -12.11 -69.04
CA THR H 37 -25.74 -12.72 -69.30
C THR H 37 -25.22 -13.51 -68.11
N VAL H 38 -25.56 -13.09 -66.90
CA VAL H 38 -25.12 -13.76 -65.68
C VAL H 38 -26.27 -13.79 -64.68
N PHE H 39 -26.41 -14.91 -63.97
CA PHE H 39 -27.40 -15.07 -62.92
C PHE H 39 -26.66 -15.35 -61.61
N GLU H 40 -26.63 -14.36 -60.73
CA GLU H 40 -25.88 -14.44 -59.48
C GLU H 40 -26.73 -13.89 -58.34
N ASN H 41 -26.16 -13.91 -57.14
CA ASN H 41 -26.84 -13.44 -55.93
C ASN H 41 -28.16 -14.17 -55.70
N TYR H 42 -28.13 -15.49 -55.88
CA TYR H 42 -29.30 -16.32 -55.64
C TYR H 42 -28.94 -17.46 -54.70
N VAL H 43 -29.88 -17.81 -53.82
CA VAL H 43 -29.74 -18.93 -52.90
C VAL H 43 -30.95 -19.84 -53.09
N ALA H 44 -30.70 -21.12 -53.25
CA ALA H 44 -31.75 -22.10 -53.50
C ALA H 44 -31.77 -23.16 -52.40
N ASP H 45 -32.96 -23.51 -51.95
CA ASP H 45 -33.13 -24.50 -50.89
C ASP H 45 -33.21 -25.89 -51.52
N ILE H 46 -32.34 -26.80 -51.07
CA ILE H 46 -32.28 -28.15 -51.59
C ILE H 46 -32.17 -29.14 -50.43
N GLU H 47 -32.79 -30.31 -50.60
CA GLU H 47 -32.69 -31.39 -49.64
C GLU H 47 -32.26 -32.65 -50.37
N VAL H 48 -31.25 -33.33 -49.83
CA VAL H 48 -30.72 -34.55 -50.42
C VAL H 48 -31.04 -35.78 -49.56
N ASP H 49 -30.53 -35.82 -48.33
CA ASP H 49 -30.85 -36.91 -47.40
C ASP H 49 -30.91 -36.31 -46.00
N GLY H 50 -32.10 -35.89 -45.60
CA GLY H 50 -32.30 -35.38 -44.25
C GLY H 50 -31.55 -34.11 -43.92
N LYS H 51 -31.04 -33.40 -44.92
CA LYS H 51 -30.32 -32.15 -44.71
C LYS H 51 -30.91 -31.06 -45.56
N GLN H 52 -30.83 -29.83 -45.06
CA GLN H 52 -31.28 -28.64 -45.78
C GLN H 52 -30.07 -27.79 -46.13
N VAL H 53 -29.87 -27.54 -47.43
CA VAL H 53 -28.72 -26.81 -47.92
C VAL H 53 -29.21 -25.61 -48.71
N GLU H 54 -28.69 -24.44 -48.37
CA GLU H 54 -28.86 -23.24 -49.17
C GLU H 54 -27.68 -23.13 -50.11
N LEU H 55 -27.93 -23.35 -51.40
CA LEU H 55 -26.90 -23.33 -52.43
C LEU H 55 -26.83 -21.93 -53.00
N ALA H 56 -25.68 -21.28 -52.84
CA ALA H 56 -25.44 -19.93 -53.35
C ALA H 56 -24.83 -20.05 -54.73
N LEU H 57 -25.57 -19.60 -55.74
CA LEU H 57 -25.18 -19.78 -57.13
C LEU H 57 -24.43 -18.57 -57.65
N TRP H 58 -23.28 -18.80 -58.26
CA TRP H 58 -22.49 -17.74 -58.90
C TRP H 58 -22.23 -18.13 -60.35
N ASP H 59 -22.29 -17.14 -61.23
CA ASP H 59 -22.14 -17.35 -62.67
C ASP H 59 -20.99 -16.49 -63.18
N THR H 60 -20.20 -17.07 -64.08
CA THR H 60 -19.07 -16.37 -64.69
C THR H 60 -19.25 -16.34 -66.20
N ALA H 61 -18.91 -15.19 -66.80
CA ALA H 61 -19.03 -14.99 -68.24
C ALA H 61 -17.69 -14.50 -68.78
N GLY H 62 -17.63 -14.36 -70.09
CA GLY H 62 -16.41 -13.88 -70.74
C GLY H 62 -16.67 -13.01 -71.95
N GLN H 63 -17.92 -12.58 -72.14
CA GLN H 63 -18.25 -11.81 -73.34
C GLN H 63 -17.57 -10.44 -73.33
N GLU H 64 -17.59 -9.74 -72.21
CA GLU H 64 -16.97 -8.43 -72.12
C GLU H 64 -16.84 -8.03 -70.65
N ASP H 65 -15.65 -7.59 -70.26
CA ASP H 65 -15.37 -7.06 -68.92
C ASP H 65 -15.61 -8.10 -67.83
N TYR H 66 -15.93 -9.34 -68.22
CA TYR H 66 -16.16 -10.40 -67.25
C TYR H 66 -14.98 -11.35 -67.13
N ASP H 67 -14.13 -11.43 -68.15
CA ASP H 67 -12.96 -12.30 -68.09
C ASP H 67 -12.01 -11.85 -66.99
N ARG H 68 -11.84 -10.54 -66.83
CA ARG H 68 -10.96 -10.02 -65.78
C ARG H 68 -11.56 -10.22 -64.39
N LEU H 69 -12.89 -10.21 -64.27
CA LEU H 69 -13.55 -10.38 -62.99
C LEU H 69 -13.85 -11.84 -62.66
N ARG H 70 -13.59 -12.76 -63.59
CA ARG H 70 -13.76 -14.18 -63.28
C ARG H 70 -12.93 -14.64 -62.09
N PRO H 71 -11.65 -14.30 -61.96
CA PRO H 71 -10.89 -14.76 -60.77
C PRO H 71 -11.44 -14.23 -59.46
N LEU H 72 -12.22 -13.14 -59.48
CA LEU H 72 -12.76 -12.58 -58.24
C LEU H 72 -13.82 -13.49 -57.61
N SER H 73 -14.36 -14.43 -58.37
CA SER H 73 -15.38 -15.34 -57.86
C SER H 73 -14.83 -16.69 -57.41
N TYR H 74 -13.63 -17.05 -57.86
CA TYR H 74 -13.06 -18.35 -57.52
C TYR H 74 -12.84 -18.55 -56.01
N PRO H 75 -12.26 -17.62 -55.27
CA PRO H 75 -11.92 -17.92 -53.87
C PRO H 75 -13.13 -18.22 -53.01
N ASP H 76 -12.91 -19.06 -52.00
CA ASP H 76 -13.94 -19.49 -51.06
C ASP H 76 -15.10 -20.18 -51.76
N THR H 77 -14.81 -20.99 -52.77
CA THR H 77 -15.82 -21.79 -53.44
C THR H 77 -15.90 -23.17 -52.82
N ASP H 78 -17.08 -23.79 -52.92
CA ASP H 78 -17.31 -25.13 -52.39
C ASP H 78 -17.51 -26.18 -53.48
N VAL H 79 -18.04 -25.80 -54.63
CA VAL H 79 -18.25 -26.75 -55.73
C VAL H 79 -18.29 -25.97 -57.03
N ILE H 80 -17.76 -26.58 -58.09
CA ILE H 80 -17.66 -25.97 -59.40
C ILE H 80 -18.43 -26.83 -60.39
N LEU H 81 -19.00 -26.20 -61.40
CA LEU H 81 -19.67 -26.88 -62.50
C LEU H 81 -19.03 -26.44 -63.81
N MET H 82 -18.32 -27.36 -64.45
CA MET H 82 -17.70 -27.10 -65.76
C MET H 82 -18.73 -27.44 -66.82
N CYS H 83 -19.34 -26.42 -67.40
CA CYS H 83 -20.40 -26.60 -68.38
C CYS H 83 -19.84 -26.55 -69.80
N PHE H 84 -20.37 -27.40 -70.67
CA PHE H 84 -20.00 -27.32 -72.08
C PHE H 84 -21.19 -27.73 -72.95
N SER H 85 -21.12 -27.32 -74.21
CA SER H 85 -22.22 -27.48 -75.15
C SER H 85 -22.12 -28.81 -75.88
N ILE H 86 -23.18 -29.61 -75.78
CA ILE H 86 -23.24 -30.85 -76.53
C ILE H 86 -23.41 -30.57 -78.03
N ASP H 87 -24.25 -29.59 -78.37
CA ASP H 87 -24.57 -29.30 -79.75
C ASP H 87 -23.40 -28.70 -80.53
N SER H 88 -22.38 -28.18 -79.84
CA SER H 88 -21.20 -27.62 -80.49
C SER H 88 -19.97 -28.36 -79.96
N PRO H 89 -19.42 -29.29 -80.74
CA PRO H 89 -18.29 -30.10 -80.23
C PRO H 89 -17.08 -29.28 -79.81
N ASP H 90 -16.83 -28.14 -80.45
CA ASP H 90 -15.62 -27.37 -80.17
C ASP H 90 -15.56 -26.91 -78.71
N SER H 91 -16.69 -26.94 -78.01
CA SER H 91 -16.73 -26.58 -76.60
C SER H 91 -16.03 -27.58 -75.70
N LEU H 92 -15.73 -28.79 -76.16
CA LEU H 92 -15.11 -29.78 -75.27
C LEU H 92 -13.61 -29.64 -75.17
N GLU H 93 -12.91 -29.45 -76.30
CA GLU H 93 -11.46 -29.28 -76.25
C GLU H 93 -11.04 -28.07 -75.45
N ASN H 94 -11.94 -27.09 -75.30
CA ASN H 94 -11.68 -25.93 -74.46
C ASN H 94 -11.61 -26.30 -72.99
N ILE H 95 -12.39 -27.29 -72.55
CA ILE H 95 -12.51 -27.64 -71.14
C ILE H 95 -11.18 -28.00 -70.49
N PRO H 96 -10.35 -28.90 -71.07
CA PRO H 96 -9.10 -29.26 -70.38
C PRO H 96 -7.98 -28.27 -70.63
N GLU H 97 -8.01 -27.61 -71.79
CA GLU H 97 -6.88 -26.78 -72.20
C GLU H 97 -6.81 -25.47 -71.41
N LYS H 98 -7.95 -24.81 -71.18
CA LYS H 98 -7.94 -23.50 -70.55
C LYS H 98 -8.69 -23.46 -69.24
N TRP H 99 -9.91 -24.00 -69.19
CA TRP H 99 -10.71 -23.94 -67.97
C TRP H 99 -10.03 -24.70 -66.83
N THR H 100 -9.65 -25.95 -67.09
CA THR H 100 -9.13 -26.81 -66.03
C THR H 100 -7.88 -26.26 -65.36
N PRO H 101 -6.84 -25.81 -66.08
CA PRO H 101 -5.66 -25.29 -65.38
C PRO H 101 -5.96 -24.10 -64.48
N GLU H 102 -6.80 -23.16 -64.91
CA GLU H 102 -7.02 -21.98 -64.09
C GLU H 102 -7.95 -22.28 -62.92
N VAL H 103 -8.93 -23.17 -63.11
CA VAL H 103 -9.76 -23.54 -61.95
C VAL H 103 -8.93 -24.33 -60.94
N LYS H 104 -8.00 -25.16 -61.42
CA LYS H 104 -7.14 -25.90 -60.50
C LYS H 104 -6.19 -24.95 -59.76
N HIS H 105 -5.62 -23.97 -60.45
CA HIS H 105 -4.66 -23.08 -59.82
C HIS H 105 -5.35 -22.13 -58.84
N PHE H 106 -6.46 -21.52 -59.26
CA PHE H 106 -7.10 -20.52 -58.41
C PHE H 106 -7.76 -21.15 -57.19
N CYS H 107 -8.53 -22.22 -57.40
CA CYS H 107 -9.29 -22.88 -56.33
C CYS H 107 -9.03 -24.38 -56.38
N PRO H 108 -7.89 -24.83 -55.87
CA PRO H 108 -7.59 -26.26 -55.86
C PRO H 108 -8.38 -26.99 -54.79
N ASN H 109 -8.38 -28.33 -54.91
CA ASN H 109 -9.01 -29.22 -53.91
C ASN H 109 -10.49 -28.94 -53.78
N VAL H 110 -11.20 -28.98 -54.90
CA VAL H 110 -12.66 -28.83 -54.91
C VAL H 110 -13.26 -29.93 -55.78
N PRO H 111 -14.47 -30.40 -55.49
CA PRO H 111 -15.10 -31.39 -56.37
C PRO H 111 -15.41 -30.81 -57.73
N ILE H 112 -15.32 -31.67 -58.75
CA ILE H 112 -15.57 -31.27 -60.14
C ILE H 112 -16.75 -32.09 -60.65
N ILE H 113 -17.76 -31.40 -61.16
CA ILE H 113 -18.94 -32.05 -61.77
C ILE H 113 -19.13 -31.41 -63.14
N LEU H 114 -18.55 -32.02 -64.16
CA LEU H 114 -18.73 -31.53 -65.52
C LEU H 114 -20.13 -31.85 -66.03
N VAL H 115 -20.66 -30.97 -66.85
CA VAL H 115 -22.01 -31.13 -67.40
C VAL H 115 -22.00 -30.73 -68.87
N GLY H 116 -22.75 -31.49 -69.67
CA GLY H 116 -23.04 -31.13 -71.05
C GLY H 116 -24.50 -30.72 -71.17
N ASN H 117 -24.74 -29.62 -71.85
CA ASN H 117 -26.04 -28.98 -71.83
C ASN H 117 -26.77 -29.12 -73.17
N LYS H 118 -28.10 -29.02 -73.11
CA LYS H 118 -28.99 -29.11 -74.26
C LYS H 118 -28.74 -30.41 -75.05
N LYS H 119 -29.03 -31.52 -74.37
CA LYS H 119 -28.89 -32.83 -75.00
C LYS H 119 -29.87 -33.03 -76.15
N ASP H 120 -31.09 -32.49 -76.06
CA ASP H 120 -32.08 -32.69 -77.10
C ASP H 120 -31.62 -32.12 -78.44
N LEU H 121 -30.68 -31.16 -78.43
CA LEU H 121 -30.15 -30.62 -79.67
C LEU H 121 -29.39 -31.66 -80.49
N ARG H 122 -29.04 -32.80 -79.88
CA ARG H 122 -28.49 -33.90 -80.68
C ARG H 122 -29.50 -34.39 -81.70
N ASN H 123 -30.77 -34.45 -81.32
CA ASN H 123 -31.82 -34.89 -82.22
C ASN H 123 -32.31 -33.80 -83.15
N ASP H 124 -31.86 -32.57 -82.97
CA ASP H 124 -32.30 -31.47 -83.83
C ASP H 124 -31.67 -31.62 -85.23
N GLU H 125 -32.52 -31.55 -86.25
CA GLU H 125 -32.04 -31.74 -87.62
C GLU H 125 -31.12 -30.59 -88.05
N HIS H 126 -31.44 -29.35 -87.65
CA HIS H 126 -30.66 -28.21 -88.08
C HIS H 126 -29.22 -28.28 -87.56
N THR H 127 -29.06 -28.61 -86.28
CA THR H 127 -27.72 -28.70 -85.71
C THR H 127 -26.93 -29.84 -86.35
N ARG H 128 -27.57 -30.98 -86.59
CA ARG H 128 -26.90 -32.10 -87.23
C ARG H 128 -26.45 -31.74 -88.64
N ARG H 129 -27.31 -31.05 -89.39
CA ARG H 129 -26.95 -30.63 -90.75
C ARG H 129 -25.81 -29.63 -90.72
N GLU H 130 -25.85 -28.68 -89.78
CA GLU H 130 -24.77 -27.70 -89.68
C GLU H 130 -23.45 -28.37 -89.33
N LEU H 131 -23.48 -29.35 -88.43
CA LEU H 131 -22.26 -30.06 -88.07
C LEU H 131 -21.74 -30.89 -89.22
N ALA H 132 -22.62 -31.57 -89.95
CA ALA H 132 -22.21 -32.37 -91.09
C ALA H 132 -21.72 -31.52 -92.26
N LYS H 133 -22.14 -30.26 -92.34
CA LYS H 133 -21.64 -29.37 -93.38
C LYS H 133 -20.14 -29.17 -93.25
N MET H 134 -19.64 -29.05 -92.02
CA MET H 134 -18.22 -28.92 -91.74
C MET H 134 -17.58 -30.23 -91.31
N LYS H 135 -18.29 -31.36 -91.47
CA LYS H 135 -17.78 -32.70 -91.19
C LYS H 135 -17.47 -32.89 -89.70
N GLN H 136 -18.47 -32.63 -88.86
CA GLN H 136 -18.41 -32.97 -87.45
C GLN H 136 -19.72 -33.60 -87.02
N GLU H 137 -19.71 -34.22 -85.84
CA GLU H 137 -20.85 -34.93 -85.30
C GLU H 137 -21.13 -34.45 -83.88
N PRO H 138 -22.37 -34.57 -83.42
CA PRO H 138 -22.70 -34.15 -82.05
C PRO H 138 -21.94 -34.99 -81.03
N VAL H 139 -21.68 -34.37 -79.87
CA VAL H 139 -20.89 -35.02 -78.83
C VAL H 139 -21.63 -36.26 -78.34
N LYS H 140 -21.03 -37.43 -78.54
CA LYS H 140 -21.62 -38.67 -78.10
C LYS H 140 -21.47 -38.83 -76.59
N PRO H 141 -22.33 -39.64 -75.96
CA PRO H 141 -22.17 -39.90 -74.52
C PRO H 141 -20.83 -40.54 -74.17
N GLU H 142 -20.23 -41.30 -75.09
CA GLU H 142 -18.90 -41.85 -74.84
C GLU H 142 -17.87 -40.75 -74.70
N GLU H 143 -18.01 -39.67 -75.48
CA GLU H 143 -17.13 -38.53 -75.32
C GLU H 143 -17.28 -37.90 -73.94
N GLY H 144 -18.50 -37.83 -73.43
CA GLY H 144 -18.70 -37.33 -72.09
C GLY H 144 -18.11 -38.24 -71.03
N ARG H 145 -18.23 -39.55 -71.23
CA ARG H 145 -17.56 -40.50 -70.33
C ARG H 145 -16.06 -40.28 -70.31
N ASP H 146 -15.46 -40.10 -71.49
CA ASP H 146 -14.02 -39.84 -71.57
C ASP H 146 -13.67 -38.52 -70.89
N MET H 147 -14.51 -37.50 -71.07
CA MET H 147 -14.26 -36.21 -70.44
C MET H 147 -14.29 -36.32 -68.93
N ALA H 148 -15.26 -37.05 -68.39
CA ALA H 148 -15.29 -37.30 -66.95
C ALA H 148 -14.08 -38.10 -66.51
N ASN H 149 -13.62 -39.02 -67.36
CA ASN H 149 -12.50 -39.88 -66.99
C ASN H 149 -11.19 -39.10 -66.89
N ARG H 150 -10.89 -38.27 -67.89
CA ARG H 150 -9.57 -37.65 -67.91
C ARG H 150 -9.43 -36.52 -66.88
N ILE H 151 -10.51 -35.79 -66.59
CA ILE H 151 -10.41 -34.70 -65.62
C ILE H 151 -10.69 -35.15 -64.21
N GLY H 152 -11.05 -36.41 -64.00
CA GLY H 152 -11.35 -36.89 -62.66
C GLY H 152 -12.57 -36.27 -62.03
N ALA H 153 -13.59 -35.96 -62.83
CA ALA H 153 -14.81 -35.37 -62.30
C ALA H 153 -15.58 -36.38 -61.46
N PHE H 154 -16.26 -35.88 -60.43
CA PHE H 154 -17.05 -36.75 -59.57
C PHE H 154 -18.18 -37.41 -60.36
N GLY H 155 -18.86 -36.64 -61.21
CA GLY H 155 -19.95 -37.19 -61.99
C GLY H 155 -20.34 -36.33 -63.17
N TYR H 156 -20.53 -36.95 -64.34
CA TYR H 156 -20.95 -36.26 -65.54
C TYR H 156 -22.34 -36.71 -65.95
N MET H 157 -23.13 -35.77 -66.46
CA MET H 157 -24.47 -36.07 -66.97
C MET H 157 -24.84 -34.99 -67.97
N GLU H 158 -25.99 -35.16 -68.61
CA GLU H 158 -26.46 -34.26 -69.66
C GLU H 158 -27.66 -33.48 -69.16
N CYS H 159 -27.56 -32.15 -69.22
CA CYS H 159 -28.63 -31.25 -68.80
C CYS H 159 -29.50 -30.86 -69.99
N SER H 160 -30.75 -30.52 -69.70
CA SER H 160 -31.70 -30.10 -70.73
C SER H 160 -32.64 -29.07 -70.09
N ALA H 161 -32.30 -27.79 -70.24
CA ALA H 161 -33.10 -26.73 -69.64
C ALA H 161 -34.40 -26.50 -70.43
N LYS H 162 -34.38 -26.76 -71.73
CA LYS H 162 -35.58 -26.53 -72.55
C LYS H 162 -36.72 -27.45 -72.15
N THR H 163 -36.42 -28.72 -71.91
CA THR H 163 -37.44 -29.72 -71.58
C THR H 163 -37.42 -30.12 -70.11
N LYS H 164 -36.63 -29.44 -69.28
CA LYS H 164 -36.63 -29.63 -67.83
C LYS H 164 -36.30 -31.07 -67.44
N ASP H 165 -35.15 -31.56 -67.92
CA ASP H 165 -34.71 -32.92 -67.64
C ASP H 165 -33.35 -32.89 -66.96
N GLY H 166 -33.25 -33.54 -65.81
CA GLY H 166 -31.98 -33.77 -65.14
C GLY H 166 -31.44 -32.63 -64.32
N VAL H 167 -32.13 -31.48 -64.27
CA VAL H 167 -31.60 -30.34 -63.55
C VAL H 167 -31.55 -30.62 -62.04
N ARG H 168 -32.65 -31.16 -61.51
CA ARG H 168 -32.71 -31.45 -60.08
C ARG H 168 -31.69 -32.52 -59.69
N GLU H 169 -31.56 -33.56 -60.50
CA GLU H 169 -30.58 -34.61 -60.21
C GLU H 169 -29.16 -34.07 -60.29
N VAL H 170 -28.89 -33.23 -61.29
CA VAL H 170 -27.54 -32.68 -61.45
C VAL H 170 -27.18 -31.82 -60.25
N PHE H 171 -28.11 -30.96 -59.81
CA PHE H 171 -27.79 -30.09 -58.69
C PHE H 171 -27.76 -30.86 -57.36
N GLU H 172 -28.56 -31.92 -57.23
CA GLU H 172 -28.45 -32.79 -56.07
C GLU H 172 -27.08 -33.46 -56.02
N MET H 173 -26.58 -33.90 -57.17
CA MET H 173 -25.24 -34.49 -57.23
C MET H 173 -24.19 -33.44 -56.86
N ALA H 174 -24.35 -32.21 -57.35
CA ALA H 174 -23.40 -31.15 -57.02
C ALA H 174 -23.39 -30.87 -55.52
N THR H 175 -24.57 -30.78 -54.91
CA THR H 175 -24.63 -30.54 -53.47
C THR H 175 -24.04 -31.72 -52.70
N ARG H 176 -24.31 -32.95 -53.14
CA ARG H 176 -23.74 -34.12 -52.48
C ARG H 176 -22.21 -34.08 -52.55
N ALA H 177 -21.67 -33.69 -53.71
CA ALA H 177 -20.22 -33.52 -53.82
C ALA H 177 -19.72 -32.44 -52.87
N ALA H 178 -20.49 -31.36 -52.72
CA ALA H 178 -20.08 -30.28 -51.85
C ALA H 178 -20.20 -30.65 -50.37
N LEU H 179 -20.93 -31.72 -50.05
CA LEU H 179 -21.15 -32.08 -48.65
C LEU H 179 -19.84 -32.43 -47.96
N GLN H 180 -19.05 -33.33 -48.54
CA GLN H 180 -17.82 -33.76 -47.89
C GLN H 180 -16.80 -32.63 -47.90
N ALA H 181 -16.11 -32.44 -46.77
CA ALA H 181 -15.08 -31.42 -46.64
C ALA H 181 -13.71 -32.06 -46.90
N ARG H 182 -13.42 -32.26 -48.19
CA ARG H 182 -12.19 -32.87 -48.69
C ARG H 182 -11.72 -34.06 -47.84
#